data_9DVF
#
_entry.id   9DVF
#
_entity_poly.entity_id   1
_entity_poly.type   'polypeptide(L)'
_entity_poly.pdbx_seq_one_letter_code
;HGTELIKRGFARMQKGGVIMDVTTPEQARIAEEAGAVAVMALQAVPADIRKAGGVARMADPEIVQQIIETVTIPVMAKAR
IGHFVEAEILEALGVDMVDESEVLTPADPFYHIDKTQFTVPFVCGARNLGEALRRINEGAAMIRTKGEAGTGDVSQAVKH
MKQIQGEIRALAGKTKEELIMVAREIEAPIELVVETAKMQRLPVVNFAAGGVATPADAALMMRLGADGVFVGSGIFKAEN
PEKMAKAVVEAVNNYDNPVKLAEISKGVGAGMKGISADMIPAQEALQERGW
;
_entity_poly.pdbx_strand_id   A,B,C,D,E,F,G,H,I,J,K,L
#
# COMPACT_ATOMS: atom_id res chain seq x y z
N HIS A 1 -7.03 25.00 -53.66
CA HIS A 1 -7.64 25.37 -52.39
C HIS A 1 -7.28 26.80 -52.00
N GLY A 2 -8.10 27.40 -51.14
CA GLY A 2 -7.86 28.74 -50.66
C GLY A 2 -6.52 28.87 -49.95
N THR A 3 -5.77 29.93 -50.28
CA THR A 3 -4.49 30.16 -49.63
C THR A 3 -4.69 30.47 -48.15
N GLU A 4 -3.69 30.08 -47.35
CA GLU A 4 -3.79 30.28 -45.90
C GLU A 4 -3.98 31.75 -45.56
N LEU A 5 -3.44 32.65 -46.39
CA LEU A 5 -3.60 34.08 -46.14
C LEU A 5 -5.07 34.50 -46.24
N ILE A 6 -5.77 34.03 -47.26
CA ILE A 6 -7.17 34.42 -47.44
C ILE A 6 -8.03 33.80 -46.35
N LYS A 7 -7.77 32.56 -45.94
CA LYS A 7 -8.47 31.96 -44.76
C LYS A 7 -8.10 32.76 -43.49
N ARG A 8 -6.88 33.33 -43.41
CA ARG A 8 -6.38 34.16 -42.27
C ARG A 8 -6.67 35.62 -42.65
N GLY A 9 -7.60 35.86 -43.57
CA GLY A 9 -8.10 37.20 -43.97
C GLY A 9 -9.62 37.23 -43.94
N PHE A 10 -10.25 36.08 -43.66
CA PHE A 10 -11.71 36.01 -43.47
C PHE A 10 -11.89 35.99 -41.96
N ALA A 11 -10.92 35.41 -41.24
CA ALA A 11 -10.97 35.40 -39.76
C ALA A 11 -10.70 36.81 -39.20
N ARG A 12 -9.98 37.74 -39.87
CA ARG A 12 -9.63 39.05 -39.34
C ARG A 12 -10.77 40.05 -39.50
N MET A 13 -11.66 39.85 -40.46
CA MET A 13 -12.80 40.74 -40.61
C MET A 13 -13.75 40.68 -39.42
N GLN A 14 -13.69 39.61 -38.63
CA GLN A 14 -14.60 39.41 -37.51
C GLN A 14 -14.13 40.09 -36.23
N LYS A 15 -13.03 40.85 -36.28
CA LYS A 15 -12.50 41.46 -35.08
C LYS A 15 -13.48 42.49 -34.51
N GLY A 16 -13.58 42.52 -33.18
CA GLY A 16 -14.39 43.51 -32.51
C GLY A 16 -15.88 43.38 -32.72
N GLY A 17 -16.41 42.17 -32.79
CA GLY A 17 -17.82 41.94 -32.99
C GLY A 17 -18.39 40.89 -32.07
N VAL A 18 -19.62 40.49 -32.37
CA VAL A 18 -20.34 39.47 -31.62
C VAL A 18 -20.92 38.46 -32.61
N ILE A 19 -20.81 37.18 -32.27
CA ILE A 19 -21.39 36.10 -33.06
C ILE A 19 -22.44 35.42 -32.20
N MET A 20 -23.67 35.36 -32.69
CA MET A 20 -24.81 34.87 -31.93
C MET A 20 -25.30 33.56 -32.53
N ASP A 21 -25.46 32.54 -31.69
CA ASP A 21 -25.95 31.25 -32.15
C ASP A 21 -27.47 31.26 -32.27
N VAL A 22 -27.98 30.87 -33.42
CA VAL A 22 -29.41 30.90 -33.71
C VAL A 22 -29.85 29.54 -34.24
N THR A 23 -31.14 29.24 -34.09
CA THR A 23 -31.69 27.96 -34.49
C THR A 23 -32.78 28.08 -35.55
N THR A 24 -33.44 29.23 -35.67
CA THR A 24 -34.56 29.42 -36.58
C THR A 24 -34.32 30.69 -37.38
N PRO A 25 -34.98 30.82 -38.53
CA PRO A 25 -34.82 32.06 -39.31
C PRO A 25 -35.17 33.32 -38.54
N GLU A 26 -36.18 33.27 -37.68
CA GLU A 26 -36.57 34.46 -36.93
C GLU A 26 -35.46 34.88 -35.96
N GLN A 27 -34.85 33.92 -35.28
CA GLN A 27 -33.72 34.25 -34.41
C GLN A 27 -32.57 34.81 -35.23
N ALA A 28 -32.34 34.27 -36.43
CA ALA A 28 -31.30 34.82 -37.30
C ALA A 28 -31.60 36.25 -37.69
N ARG A 29 -32.88 36.57 -37.95
CA ARG A 29 -33.25 37.95 -38.27
C ARG A 29 -33.04 38.85 -37.06
N ILE A 30 -33.33 38.35 -35.86
CA ILE A 30 -33.16 39.16 -34.66
C ILE A 30 -31.71 39.58 -34.51
N ALA A 31 -30.78 38.62 -34.66
CA ALA A 31 -29.37 38.91 -34.43
C ALA A 31 -28.86 39.97 -35.39
N GLU A 32 -29.26 39.90 -36.65
CA GLU A 32 -28.77 40.84 -37.64
C GLU A 32 -29.20 42.27 -37.30
N GLU A 33 -30.43 42.43 -36.82
CA GLU A 33 -30.91 43.78 -36.48
C GLU A 33 -30.14 44.36 -35.31
N ALA A 34 -29.71 43.52 -34.37
CA ALA A 34 -28.94 43.98 -33.22
C ALA A 34 -27.54 44.44 -33.60
N GLY A 35 -27.09 44.16 -34.82
CA GLY A 35 -25.78 44.57 -35.26
C GLY A 35 -24.69 43.52 -35.15
N ALA A 36 -25.05 42.24 -35.14
CA ALA A 36 -24.05 41.19 -35.03
C ALA A 36 -23.25 41.08 -36.32
N VAL A 37 -22.11 40.39 -36.24
CA VAL A 37 -21.25 40.24 -37.41
C VAL A 37 -21.42 38.88 -38.09
N ALA A 38 -22.01 37.90 -37.40
CA ALA A 38 -22.23 36.58 -38.00
C ALA A 38 -23.18 35.80 -37.10
N VAL A 39 -23.70 34.71 -37.65
CA VAL A 39 -24.60 33.81 -36.93
C VAL A 39 -24.07 32.40 -37.09
N MET A 40 -24.42 31.54 -36.15
CA MET A 40 -23.94 30.16 -36.14
C MET A 40 -25.16 29.24 -36.09
N ALA A 41 -25.55 28.70 -37.24
CA ALA A 41 -26.73 27.86 -37.31
C ALA A 41 -26.46 26.50 -36.66
N LEU A 42 -27.34 26.09 -35.75
CA LEU A 42 -27.24 24.79 -35.12
C LEU A 42 -28.63 24.32 -34.73
N GLN A 43 -28.75 23.03 -34.45
CA GLN A 43 -30.06 22.45 -34.18
C GLN A 43 -30.62 22.92 -32.84
N ALA A 44 -29.75 23.16 -31.87
CA ALA A 44 -30.18 23.56 -30.53
C ALA A 44 -29.00 24.19 -29.81
N VAL A 45 -29.29 25.22 -29.00
CA VAL A 45 -28.25 25.96 -28.30
C VAL A 45 -27.56 25.03 -27.31
N PRO A 46 -26.31 25.30 -26.94
CA PRO A 46 -25.59 24.36 -26.05
C PRO A 46 -26.31 24.08 -24.75
N ALA A 47 -27.13 25.02 -24.27
CA ALA A 47 -27.88 24.77 -23.05
C ALA A 47 -28.85 23.60 -23.21
N ASP A 48 -29.52 23.52 -24.37
CA ASP A 48 -30.44 22.43 -24.62
C ASP A 48 -29.71 21.10 -24.83
N ILE A 49 -28.51 21.15 -25.39
CA ILE A 49 -27.78 19.93 -25.68
C ILE A 49 -27.46 19.16 -24.40
N ARG A 50 -27.06 19.88 -23.35
CA ARG A 50 -26.88 19.23 -22.05
C ARG A 50 -28.18 18.63 -21.55
N LYS A 51 -29.29 19.36 -21.70
CA LYS A 51 -30.56 18.88 -21.17
C LYS A 51 -31.07 17.67 -21.96
N ALA A 52 -31.01 17.74 -23.29
CA ALA A 52 -31.55 16.65 -24.11
C ALA A 52 -30.67 15.41 -24.09
N GLY A 53 -29.35 15.58 -24.01
CA GLY A 53 -28.50 14.41 -24.02
C GLY A 53 -28.51 13.73 -25.37
N GLY A 54 -28.21 12.43 -25.35
CA GLY A 54 -28.18 11.67 -26.58
C GLY A 54 -26.96 12.00 -27.42
N VAL A 55 -27.10 11.78 -28.73
CA VAL A 55 -26.05 12.04 -29.70
C VAL A 55 -26.45 13.27 -30.49
N ALA A 56 -25.54 14.26 -30.54
CA ALA A 56 -25.78 15.47 -31.31
C ALA A 56 -24.98 15.40 -32.60
N ARG A 57 -25.55 15.92 -33.68
CA ARG A 57 -24.95 15.82 -35.01
C ARG A 57 -25.03 17.18 -35.71
N MET A 58 -24.59 17.19 -36.96
CA MET A 58 -24.70 18.38 -37.79
C MET A 58 -26.17 18.72 -38.00
N ALA A 59 -26.47 20.02 -38.07
CA ALA A 59 -27.83 20.47 -38.28
C ALA A 59 -28.39 19.89 -39.58
N ASP A 60 -29.72 19.89 -39.67
CA ASP A 60 -30.36 19.47 -40.90
C ASP A 60 -29.97 20.41 -42.03
N PRO A 61 -29.60 19.88 -43.21
CA PRO A 61 -29.26 20.79 -44.32
C PRO A 61 -30.38 21.74 -44.70
N GLU A 62 -31.63 21.39 -44.41
CA GLU A 62 -32.74 22.29 -44.73
C GLU A 62 -32.66 23.57 -43.91
N ILE A 63 -32.31 23.45 -42.62
CA ILE A 63 -32.26 24.63 -41.77
C ILE A 63 -31.17 25.59 -42.22
N VAL A 64 -29.94 25.07 -42.41
CA VAL A 64 -28.82 25.93 -42.74
C VAL A 64 -29.07 26.65 -44.06
N GLN A 65 -29.88 26.05 -44.94
CA GLN A 65 -30.22 26.70 -46.19
C GLN A 65 -31.21 27.84 -45.96
N GLN A 66 -32.11 27.68 -44.98
CA GLN A 66 -33.11 28.72 -44.73
C GLN A 66 -32.48 29.93 -44.03
N ILE A 67 -31.60 29.70 -43.07
CA ILE A 67 -30.94 30.80 -42.38
C ILE A 67 -30.13 31.64 -43.37
N ILE A 68 -29.39 30.97 -44.26
CA ILE A 68 -28.53 31.67 -45.21
C ILE A 68 -29.36 32.62 -46.05
N GLU A 69 -30.55 32.17 -46.47
CA GLU A 69 -31.42 33.01 -47.29
C GLU A 69 -32.05 34.14 -46.50
N THR A 70 -31.93 34.14 -45.17
CA THR A 70 -32.60 35.11 -44.33
C THR A 70 -31.70 36.28 -43.92
N VAL A 71 -30.38 36.05 -43.80
CA VAL A 71 -29.45 37.05 -43.31
C VAL A 71 -28.46 37.40 -44.39
N THR A 72 -27.83 38.57 -44.25
CA THR A 72 -26.79 39.03 -45.16
C THR A 72 -25.39 38.82 -44.59
N ILE A 73 -25.24 38.76 -43.28
CA ILE A 73 -23.95 38.52 -42.64
C ILE A 73 -23.54 37.07 -42.89
N PRO A 74 -22.25 36.74 -42.81
CA PRO A 74 -21.82 35.35 -43.05
C PRO A 74 -22.49 34.38 -42.09
N VAL A 75 -22.73 33.17 -42.56
CA VAL A 75 -23.35 32.10 -41.78
C VAL A 75 -22.32 31.03 -41.54
N MET A 76 -22.19 30.59 -40.30
CA MET A 76 -21.33 29.49 -39.93
C MET A 76 -22.16 28.27 -39.57
N ALA A 77 -21.47 27.17 -39.29
CA ALA A 77 -22.10 25.90 -38.97
C ALA A 77 -21.16 25.10 -38.08
N LYS A 78 -21.69 24.05 -37.47
CA LYS A 78 -20.89 23.18 -36.63
C LYS A 78 -20.79 21.78 -37.24
N ALA A 79 -19.67 21.11 -36.97
CA ALA A 79 -19.43 19.75 -37.39
C ALA A 79 -18.79 18.97 -36.26
N ARG A 80 -18.98 17.66 -36.26
CA ARG A 80 -18.39 16.83 -35.21
C ARG A 80 -16.89 16.72 -35.41
N ILE A 81 -16.19 16.42 -34.32
CA ILE A 81 -14.73 16.32 -34.38
C ILE A 81 -14.35 15.11 -35.21
N GLY A 82 -13.50 15.33 -36.22
CA GLY A 82 -12.97 14.25 -37.02
C GLY A 82 -13.89 13.75 -38.11
N HIS A 83 -15.03 14.39 -38.32
CA HIS A 83 -16.00 13.96 -39.34
C HIS A 83 -15.78 14.79 -40.60
N PHE A 84 -14.79 14.37 -41.38
CA PHE A 84 -14.38 15.16 -42.54
C PHE A 84 -15.42 15.13 -43.65
N VAL A 85 -16.43 14.26 -43.54
CA VAL A 85 -17.48 14.23 -44.56
C VAL A 85 -18.59 15.21 -44.23
N GLU A 86 -18.87 15.41 -42.95
CA GLU A 86 -19.85 16.44 -42.57
C GLU A 86 -19.36 17.83 -42.97
N ALA A 87 -18.08 18.11 -42.74
CA ALA A 87 -17.51 19.39 -43.16
C ALA A 87 -17.55 19.54 -44.67
N GLU A 88 -17.65 18.44 -45.41
CA GLU A 88 -17.76 18.51 -46.86
C GLU A 88 -19.17 18.92 -47.28
N ILE A 89 -20.19 18.44 -46.57
CA ILE A 89 -21.56 18.76 -46.94
C ILE A 89 -21.86 20.22 -46.63
N LEU A 90 -21.40 20.72 -45.48
CA LEU A 90 -21.62 22.13 -45.15
C LEU A 90 -20.98 23.05 -46.17
N GLU A 91 -19.73 22.77 -46.55
CA GLU A 91 -19.04 23.61 -47.51
C GLU A 91 -19.82 23.70 -48.82
N ALA A 92 -20.40 22.58 -49.27
CA ALA A 92 -21.18 22.60 -50.50
C ALA A 92 -22.44 23.44 -50.37
N LEU A 93 -22.96 23.61 -49.16
CA LEU A 93 -24.16 24.40 -48.93
C LEU A 93 -23.91 25.90 -49.04
N GLY A 94 -22.68 26.36 -48.83
CA GLY A 94 -22.37 27.76 -48.94
C GLY A 94 -22.02 28.46 -47.65
N VAL A 95 -21.78 27.72 -46.56
CA VAL A 95 -21.37 28.36 -45.32
C VAL A 95 -20.00 28.97 -45.52
N ASP A 96 -19.72 30.05 -44.77
CA ASP A 96 -18.46 30.77 -44.92
C ASP A 96 -17.39 30.31 -43.94
N MET A 97 -17.76 29.53 -42.92
CA MET A 97 -16.81 29.07 -41.93
C MET A 97 -17.41 27.88 -41.19
N VAL A 98 -16.64 26.83 -41.01
CA VAL A 98 -17.09 25.61 -40.36
C VAL A 98 -16.39 25.51 -39.01
N ASP A 99 -17.17 25.25 -37.96
CA ASP A 99 -16.67 25.27 -36.59
C ASP A 99 -16.59 23.84 -36.06
N GLU A 100 -15.38 23.34 -35.88
CA GLU A 100 -15.17 22.02 -35.29
C GLU A 100 -15.49 22.11 -33.81
N SER A 101 -16.74 21.84 -33.47
CA SER A 101 -17.27 22.06 -32.13
C SER A 101 -16.99 20.86 -31.24
N GLU A 102 -16.59 21.13 -30.00
CA GLU A 102 -16.50 20.08 -29.00
C GLU A 102 -17.84 19.85 -28.31
N VAL A 103 -18.82 20.74 -28.55
CA VAL A 103 -20.15 20.54 -27.98
C VAL A 103 -20.80 19.29 -28.55
N LEU A 104 -20.68 19.09 -29.86
CA LEU A 104 -21.24 17.91 -30.52
C LEU A 104 -20.44 16.67 -30.18
N THR A 105 -21.02 15.52 -30.42
CA THR A 105 -20.40 14.26 -30.07
C THR A 105 -19.20 13.99 -30.98
N PRO A 106 -18.01 13.74 -30.45
CA PRO A 106 -16.87 13.42 -31.31
C PRO A 106 -17.13 12.18 -32.16
N ALA A 107 -16.68 12.23 -33.42
CA ALA A 107 -16.81 11.10 -34.32
C ALA A 107 -15.52 10.30 -34.45
N ASP A 108 -14.38 10.93 -34.19
CA ASP A 108 -13.08 10.27 -34.29
C ASP A 108 -12.33 10.47 -32.98
N PRO A 109 -12.10 9.43 -32.18
CA PRO A 109 -11.52 9.64 -30.84
C PRO A 109 -10.02 9.84 -30.82
N PHE A 110 -9.35 9.92 -31.98
CA PHE A 110 -7.91 10.11 -32.03
C PHE A 110 -7.49 11.34 -32.82
N TYR A 111 -8.13 11.62 -33.95
CA TYR A 111 -7.66 12.63 -34.89
C TYR A 111 -8.72 13.70 -35.12
N HIS A 112 -8.28 14.88 -35.52
CA HIS A 112 -9.16 15.93 -35.99
C HIS A 112 -9.17 15.94 -37.52
N ILE A 113 -10.00 16.81 -38.10
CA ILE A 113 -10.03 16.92 -39.55
C ILE A 113 -8.67 17.39 -40.04
N ASP A 114 -8.35 17.08 -41.29
CA ASP A 114 -7.18 17.63 -41.96
C ASP A 114 -7.64 18.89 -42.69
N LYS A 115 -7.57 20.02 -41.98
CA LYS A 115 -8.23 21.24 -42.42
C LYS A 115 -7.51 21.95 -43.57
N THR A 116 -6.33 21.48 -43.98
CA THR A 116 -5.61 22.14 -45.06
C THR A 116 -6.12 21.73 -46.44
N GLN A 117 -6.91 20.67 -46.52
CA GLN A 117 -7.42 20.16 -47.79
C GLN A 117 -8.68 20.87 -48.26
N PHE A 118 -9.27 21.72 -47.43
CA PHE A 118 -10.55 22.35 -47.71
C PHE A 118 -10.33 23.82 -48.08
N THR A 119 -11.40 24.47 -48.53
CA THR A 119 -11.33 25.88 -48.87
C THR A 119 -11.97 26.77 -47.81
N VAL A 120 -13.04 26.33 -47.17
CA VAL A 120 -13.70 27.20 -46.18
C VAL A 120 -12.83 27.24 -44.92
N PRO A 121 -12.59 28.41 -44.34
CA PRO A 121 -11.80 28.45 -43.10
C PRO A 121 -12.52 27.82 -41.93
N PHE A 122 -11.74 27.36 -40.96
CA PHE A 122 -12.24 26.64 -39.79
C PHE A 122 -12.00 27.46 -38.54
N VAL A 123 -12.63 27.04 -37.45
CA VAL A 123 -12.37 27.57 -36.11
C VAL A 123 -12.37 26.40 -35.14
N CYS A 124 -11.42 26.40 -34.21
CA CYS A 124 -11.24 25.26 -33.31
C CYS A 124 -11.03 25.73 -31.88
N GLY A 125 -11.31 24.84 -30.94
CA GLY A 125 -11.18 25.18 -29.53
C GLY A 125 -9.74 25.06 -29.04
N ALA A 126 -9.51 25.56 -27.82
CA ALA A 126 -8.19 25.54 -27.23
C ALA A 126 -8.30 25.88 -25.75
N ARG A 127 -7.63 25.08 -24.92
CA ARG A 127 -7.57 25.34 -23.48
C ARG A 127 -6.28 26.00 -23.03
N ASN A 128 -5.18 25.81 -23.75
CA ASN A 128 -3.89 26.37 -23.37
C ASN A 128 -3.11 26.69 -24.63
N LEU A 129 -1.84 27.05 -24.45
CA LEU A 129 -1.02 27.42 -25.60
C LEU A 129 -0.65 26.21 -26.45
N GLY A 130 -0.47 25.05 -25.80
CA GLY A 130 -0.14 23.86 -26.56
C GLY A 130 -1.22 23.49 -27.56
N GLU A 131 -2.48 23.55 -27.13
CA GLU A 131 -3.58 23.18 -28.02
C GLU A 131 -3.76 24.20 -29.13
N ALA A 132 -3.56 25.48 -28.82
CA ALA A 132 -3.72 26.51 -29.84
C ALA A 132 -2.72 26.33 -30.97
N LEU A 133 -1.49 25.94 -30.65
CA LEU A 133 -0.44 25.82 -31.66
C LEU A 133 -0.60 24.57 -32.51
N ARG A 134 -1.06 23.47 -31.91
CA ARG A 134 -1.29 22.26 -32.70
C ARG A 134 -2.41 22.49 -33.71
N ARG A 135 -3.49 23.15 -33.29
CA ARG A 135 -4.61 23.39 -34.19
C ARG A 135 -4.20 24.24 -35.39
N ILE A 136 -3.39 25.29 -35.13
CA ILE A 136 -2.96 26.14 -36.23
C ILE A 136 -2.07 25.37 -37.19
N ASN A 137 -1.36 24.37 -36.68
CA ASN A 137 -0.52 23.53 -37.54
C ASN A 137 -1.37 22.77 -38.56
N GLU A 138 -2.54 22.30 -38.13
CA GLU A 138 -3.44 21.55 -39.02
C GLU A 138 -4.19 22.44 -39.99
N GLY A 139 -4.15 23.76 -39.81
CA GLY A 139 -4.80 24.69 -40.72
C GLY A 139 -5.93 25.51 -40.16
N ALA A 140 -6.13 25.51 -38.84
CA ALA A 140 -7.19 26.31 -38.24
C ALA A 140 -6.96 27.78 -38.54
N ALA A 141 -8.02 28.47 -38.95
CA ALA A 141 -7.95 29.89 -39.28
C ALA A 141 -8.48 30.78 -38.17
N MET A 142 -8.72 30.24 -36.98
CA MET A 142 -9.20 31.01 -35.84
C MET A 142 -9.22 30.09 -34.64
N ILE A 143 -9.14 30.68 -33.45
CA ILE A 143 -9.16 29.92 -32.21
C ILE A 143 -10.14 30.56 -31.25
N ARG A 144 -10.87 29.73 -30.51
CA ARG A 144 -11.77 30.20 -29.46
C ARG A 144 -11.60 29.31 -28.23
N THR A 145 -11.57 29.95 -27.06
CA THR A 145 -11.41 29.20 -25.84
C THR A 145 -12.59 28.27 -25.62
N LYS A 146 -12.32 27.08 -25.08
CA LYS A 146 -13.39 26.10 -24.89
C LYS A 146 -14.40 26.58 -23.86
N GLY A 147 -13.94 27.01 -22.69
CA GLY A 147 -14.84 27.37 -21.63
C GLY A 147 -15.69 26.19 -21.19
N GLU A 148 -16.92 26.45 -20.75
CA GLU A 148 -17.87 25.42 -20.35
C GLU A 148 -19.22 25.80 -20.96
N ALA A 149 -19.49 25.29 -22.16
CA ALA A 149 -20.65 25.73 -22.92
C ALA A 149 -21.94 25.38 -22.22
N GLY A 150 -22.88 26.33 -22.21
CA GLY A 150 -24.21 26.10 -21.71
C GLY A 150 -24.38 26.30 -20.21
N THR A 151 -23.35 26.76 -19.50
CA THR A 151 -23.44 26.92 -18.06
C THR A 151 -23.72 28.36 -17.63
N GLY A 152 -23.41 29.35 -18.46
CA GLY A 152 -23.59 30.72 -18.06
C GLY A 152 -22.63 31.20 -17.01
N ASP A 153 -21.51 30.49 -16.82
CA ASP A 153 -20.49 30.83 -15.84
C ASP A 153 -19.23 31.23 -16.60
N VAL A 154 -18.76 32.46 -16.37
CA VAL A 154 -17.61 32.98 -17.09
C VAL A 154 -16.33 32.65 -16.35
N SER A 155 -16.43 31.77 -15.35
CA SER A 155 -15.23 31.37 -14.61
C SER A 155 -14.28 30.56 -15.48
N GLN A 156 -14.83 29.65 -16.29
CA GLN A 156 -13.97 28.77 -17.08
C GLN A 156 -13.36 29.49 -18.28
N ALA A 157 -14.12 30.37 -18.92
CA ALA A 157 -13.57 31.10 -20.07
C ALA A 157 -12.42 32.00 -19.66
N VAL A 158 -12.53 32.66 -18.50
CA VAL A 158 -11.44 33.50 -18.01
C VAL A 158 -10.22 32.66 -17.68
N LYS A 159 -10.43 31.49 -17.09
CA LYS A 159 -9.32 30.61 -16.76
C LYS A 159 -8.52 30.25 -18.01
N HIS A 160 -9.22 29.80 -19.06
CA HIS A 160 -8.52 29.39 -20.27
C HIS A 160 -7.90 30.58 -21.00
N MET A 161 -8.49 31.77 -20.85
CA MET A 161 -7.95 32.93 -21.53
C MET A 161 -6.69 33.44 -20.86
N LYS A 162 -6.54 33.19 -19.55
CA LYS A 162 -5.32 33.59 -18.86
C LYS A 162 -4.24 32.52 -19.00
N GLN A 163 -4.64 31.29 -19.32
CA GLN A 163 -3.65 30.24 -19.60
C GLN A 163 -2.97 30.49 -20.94
N ILE A 164 -3.76 30.80 -21.97
CA ILE A 164 -3.19 31.06 -23.29
C ILE A 164 -2.37 32.35 -23.28
N GLN A 165 -2.95 33.42 -22.73
CA GLN A 165 -2.27 34.70 -22.74
C GLN A 165 -1.17 34.78 -21.68
N GLY A 166 -1.32 34.03 -20.59
CA GLY A 166 -0.26 34.01 -19.59
C GLY A 166 1.01 33.37 -20.11
N GLU A 167 0.88 32.29 -20.89
CA GLU A 167 2.05 31.61 -21.41
C GLU A 167 2.76 32.44 -22.47
N ILE A 168 2.00 33.12 -23.33
CA ILE A 168 2.60 33.89 -24.42
C ILE A 168 3.44 35.04 -23.87
N ARG A 169 3.13 35.49 -22.65
CA ARG A 169 3.91 36.59 -22.07
C ARG A 169 5.22 36.09 -21.48
N ALA A 170 5.25 34.85 -20.99
CA ALA A 170 6.49 34.29 -20.48
C ALA A 170 7.52 34.07 -21.58
N LEU A 171 7.08 33.80 -22.81
CA LEU A 171 8.00 33.52 -23.90
C LEU A 171 8.85 34.73 -24.29
N ALA A 172 8.50 35.92 -23.84
CA ALA A 172 9.30 37.10 -24.15
C ALA A 172 10.60 37.06 -23.37
N GLY A 173 11.71 37.33 -24.05
CA GLY A 173 13.02 37.35 -23.42
C GLY A 173 13.78 36.03 -23.45
N LYS A 174 13.10 34.92 -23.68
CA LYS A 174 13.77 33.63 -23.69
C LYS A 174 14.72 33.51 -24.86
N THR A 175 15.74 32.68 -24.71
CA THR A 175 16.71 32.44 -25.77
C THR A 175 16.33 31.20 -26.58
N LYS A 176 16.92 31.11 -27.78
CA LYS A 176 16.55 30.03 -28.69
C LYS A 176 16.68 28.67 -28.03
N GLU A 177 17.77 28.43 -27.29
CA GLU A 177 17.97 27.14 -26.65
C GLU A 177 16.83 26.84 -25.68
N GLU A 178 16.11 27.87 -25.23
CA GLU A 178 15.04 27.66 -24.25
C GLU A 178 13.68 27.54 -24.93
N LEU A 179 13.46 28.28 -26.01
CA LEU A 179 12.21 28.15 -26.75
C LEU A 179 12.07 26.75 -27.34
N ILE A 180 13.18 26.06 -27.58
CA ILE A 180 13.12 24.66 -28.02
C ILE A 180 12.66 23.76 -26.88
N MET A 181 13.10 24.05 -25.65
CA MET A 181 12.65 23.26 -24.51
C MET A 181 11.17 23.44 -24.25
N VAL A 182 10.65 24.66 -24.40
CA VAL A 182 9.23 24.88 -24.18
C VAL A 182 8.40 24.09 -25.19
N ALA A 183 8.82 24.11 -26.46
CA ALA A 183 8.06 23.41 -27.50
C ALA A 183 7.93 21.93 -27.17
N ARG A 184 8.90 21.38 -26.44
CA ARG A 184 8.78 19.99 -25.99
C ARG A 184 7.74 19.85 -24.88
N GLU A 185 7.79 20.73 -23.89
CA GLU A 185 6.88 20.60 -22.75
C GLU A 185 5.42 20.75 -23.17
N ILE A 186 5.14 21.74 -24.02
CA ILE A 186 3.79 21.96 -24.53
C ILE A 186 3.50 21.16 -25.78
N GLU A 187 4.48 20.43 -26.30
CA GLU A 187 4.28 19.50 -27.41
C GLU A 187 3.77 20.24 -28.65
N ALA A 188 4.38 21.38 -28.93
CA ALA A 188 3.99 22.20 -30.07
C ALA A 188 5.12 22.29 -31.08
N PRO A 189 4.81 22.58 -32.35
CA PRO A 189 5.87 22.77 -33.33
C PRO A 189 6.81 23.91 -32.93
N ILE A 190 8.11 23.72 -33.17
CA ILE A 190 9.08 24.73 -32.78
C ILE A 190 9.00 25.94 -33.70
N GLU A 191 8.53 25.77 -34.93
CA GLU A 191 8.40 26.92 -35.82
C GLU A 191 7.37 27.90 -35.31
N LEU A 192 6.26 27.39 -34.75
CA LEU A 192 5.22 28.29 -34.25
C LEU A 192 5.61 28.95 -32.94
N VAL A 193 6.25 28.19 -32.04
CA VAL A 193 6.60 28.74 -30.72
C VAL A 193 7.55 29.92 -30.88
N VAL A 194 8.29 29.98 -31.99
CA VAL A 194 9.16 31.12 -32.24
C VAL A 194 8.37 32.24 -32.91
N GLU A 195 7.40 31.91 -33.76
CA GLU A 195 6.55 32.93 -34.36
C GLU A 195 5.67 33.60 -33.30
N THR A 196 5.13 32.80 -32.37
CA THR A 196 4.35 33.35 -31.28
C THR A 196 5.20 34.25 -30.39
N ALA A 197 6.40 33.81 -30.04
CA ALA A 197 7.23 34.57 -29.11
C ALA A 197 7.65 35.90 -29.72
N LYS A 198 7.77 35.97 -31.05
CA LYS A 198 8.14 37.22 -31.68
C LYS A 198 6.95 38.17 -31.76
N MET A 199 5.74 37.64 -31.88
CA MET A 199 4.55 38.47 -32.01
C MET A 199 3.86 38.75 -30.69
N GLN A 200 4.07 37.91 -29.68
CA GLN A 200 3.43 38.05 -28.38
C GLN A 200 1.91 37.93 -28.47
N ARG A 201 1.43 37.19 -29.47
CA ARG A 201 0.02 36.88 -29.59
C ARG A 201 -0.12 35.68 -30.52
N LEU A 202 -1.26 35.00 -30.43
CA LEU A 202 -1.52 33.90 -31.35
C LEU A 202 -1.51 34.44 -32.78
N PRO A 203 -0.81 33.77 -33.71
CA PRO A 203 -0.73 34.28 -35.08
C PRO A 203 -2.06 34.32 -35.82
N VAL A 204 -3.15 33.88 -35.20
CA VAL A 204 -4.48 33.92 -35.80
C VAL A 204 -5.44 34.57 -34.82
N VAL A 205 -6.57 35.07 -35.35
CA VAL A 205 -7.55 35.75 -34.52
C VAL A 205 -8.04 34.81 -33.43
N ASN A 206 -8.29 35.36 -32.24
CA ASN A 206 -8.68 34.58 -31.07
C ASN A 206 -9.95 35.18 -30.49
N PHE A 207 -10.97 34.35 -30.28
CA PHE A 207 -12.25 34.77 -29.73
C PHE A 207 -12.46 34.15 -28.34
N ALA A 208 -13.55 34.54 -27.70
CA ALA A 208 -13.94 34.00 -26.40
C ALA A 208 -15.31 33.35 -26.50
N ALA A 209 -15.45 32.17 -25.92
CA ALA A 209 -16.69 31.41 -26.02
C ALA A 209 -16.92 30.62 -24.75
N GLY A 210 -18.19 30.51 -24.35
CA GLY A 210 -18.56 29.73 -23.20
C GLY A 210 -18.68 30.54 -21.93
N GLY A 211 -19.90 30.68 -21.41
CA GLY A 211 -20.12 31.37 -20.17
C GLY A 211 -20.44 32.85 -20.28
N VAL A 212 -20.40 33.42 -21.49
CA VAL A 212 -20.79 34.82 -21.64
C VAL A 212 -22.32 34.92 -21.54
N ALA A 213 -22.80 35.62 -20.51
CA ALA A 213 -24.22 35.64 -20.21
C ALA A 213 -24.78 37.03 -19.92
N THR A 214 -23.95 38.05 -19.76
CA THR A 214 -24.41 39.39 -19.45
C THR A 214 -23.53 40.41 -20.16
N PRO A 215 -23.99 41.65 -20.31
CA PRO A 215 -23.13 42.67 -20.92
C PRO A 215 -21.85 42.91 -20.15
N ALA A 216 -21.81 42.59 -18.86
CA ALA A 216 -20.57 42.73 -18.10
C ALA A 216 -19.56 41.65 -18.49
N ASP A 217 -20.02 40.40 -18.62
CA ASP A 217 -19.11 39.31 -18.97
C ASP A 217 -18.58 39.49 -20.39
N ALA A 218 -19.38 40.05 -21.29
CA ALA A 218 -18.92 40.29 -22.65
C ALA A 218 -17.76 41.27 -22.67
N ALA A 219 -17.86 42.35 -21.88
CA ALA A 219 -16.81 43.36 -21.88
C ALA A 219 -15.62 42.92 -21.04
N LEU A 220 -15.81 41.93 -20.16
CA LEU A 220 -14.69 41.41 -19.40
C LEU A 220 -13.71 40.66 -20.31
N MET A 221 -14.25 39.83 -21.21
CA MET A 221 -13.38 39.07 -22.11
C MET A 221 -12.62 39.99 -23.05
N MET A 222 -13.26 41.07 -23.50
CA MET A 222 -12.58 42.01 -24.38
C MET A 222 -11.50 42.79 -23.62
N ARG A 223 -11.64 42.90 -22.29
CA ARG A 223 -10.60 43.56 -21.50
C ARG A 223 -9.46 42.61 -21.14
N LEU A 224 -9.64 41.30 -21.33
CA LEU A 224 -8.54 40.36 -21.13
C LEU A 224 -7.72 40.15 -22.39
N GLY A 225 -8.11 40.75 -23.52
CA GLY A 225 -7.36 40.64 -24.75
C GLY A 225 -8.05 39.93 -25.89
N ALA A 226 -9.32 39.57 -25.75
CA ALA A 226 -10.03 38.89 -26.82
C ALA A 226 -10.28 39.85 -27.99
N ASP A 227 -10.49 39.27 -29.17
CA ASP A 227 -10.85 40.05 -30.35
C ASP A 227 -12.35 40.06 -30.60
N GLY A 228 -13.13 39.38 -29.78
CA GLY A 228 -14.56 39.25 -30.00
C GLY A 228 -15.13 38.32 -28.95
N VAL A 229 -16.37 37.90 -29.18
CA VAL A 229 -17.06 37.02 -28.25
C VAL A 229 -18.07 36.17 -28.98
N PHE A 230 -18.15 34.90 -28.61
CA PHE A 230 -19.17 33.96 -29.06
C PHE A 230 -20.24 33.84 -27.98
N VAL A 231 -21.46 34.27 -28.29
CA VAL A 231 -22.55 34.26 -27.32
C VAL A 231 -23.62 33.30 -27.82
N GLY A 232 -23.92 32.28 -27.02
CA GLY A 232 -24.86 31.25 -27.40
C GLY A 232 -26.14 31.27 -26.59
N SER A 233 -26.21 30.39 -25.58
CA SER A 233 -27.41 30.28 -24.76
C SER A 233 -27.71 31.56 -23.98
N GLY A 234 -26.72 32.44 -23.83
CA GLY A 234 -26.88 33.57 -22.95
C GLY A 234 -28.01 34.51 -23.35
N ILE A 235 -28.19 34.71 -24.66
CA ILE A 235 -29.11 35.74 -25.15
C ILE A 235 -30.53 35.21 -25.24
N PHE A 236 -30.70 34.08 -25.94
CA PHE A 236 -32.04 33.57 -26.24
C PHE A 236 -32.62 32.71 -25.13
N LYS A 237 -31.85 32.39 -24.10
CA LYS A 237 -32.39 31.78 -22.89
C LYS A 237 -32.61 32.80 -21.78
N ALA A 238 -32.42 34.09 -22.06
CA ALA A 238 -32.64 35.13 -21.07
C ALA A 238 -34.10 35.54 -21.05
N GLU A 239 -34.41 36.49 -20.17
CA GLU A 239 -35.79 36.97 -20.04
C GLU A 239 -36.28 37.62 -21.32
N ASN A 240 -35.45 38.48 -21.93
CA ASN A 240 -35.81 39.23 -23.12
C ASN A 240 -34.68 39.13 -24.13
N PRO A 241 -34.74 38.18 -25.06
CA PRO A 241 -33.64 38.06 -26.04
C PRO A 241 -33.39 39.32 -26.84
N GLU A 242 -34.43 40.07 -27.19
CA GLU A 242 -34.24 41.25 -28.03
C GLU A 242 -33.42 42.32 -27.31
N LYS A 243 -33.71 42.56 -26.04
CA LYS A 243 -32.99 43.59 -25.31
C LYS A 243 -31.58 43.16 -24.95
N MET A 244 -31.41 41.90 -24.55
CA MET A 244 -30.09 41.40 -24.22
C MET A 244 -29.17 41.44 -25.43
N ALA A 245 -29.71 41.20 -26.62
CA ALA A 245 -28.89 41.17 -27.83
C ALA A 245 -28.23 42.51 -28.08
N LYS A 246 -29.02 43.58 -28.09
CA LYS A 246 -28.45 44.91 -28.36
C LYS A 246 -27.49 45.33 -27.26
N ALA A 247 -27.75 44.91 -26.02
CA ALA A 247 -26.86 45.26 -24.92
C ALA A 247 -25.49 44.63 -25.10
N VAL A 248 -25.45 43.32 -25.39
CA VAL A 248 -24.17 42.65 -25.52
C VAL A 248 -23.37 43.22 -26.68
N VAL A 249 -24.03 43.47 -27.81
CA VAL A 249 -23.34 44.05 -28.96
C VAL A 249 -22.76 45.42 -28.61
N GLU A 250 -23.51 46.20 -27.84
CA GLU A 250 -23.03 47.52 -27.45
C GLU A 250 -21.97 47.44 -26.36
N ALA A 251 -22.02 46.41 -25.53
CA ALA A 251 -21.00 46.25 -24.49
C ALA A 251 -19.61 46.07 -25.09
N VAL A 252 -19.50 45.25 -26.15
CA VAL A 252 -18.19 45.01 -26.75
C VAL A 252 -17.64 46.27 -27.39
N ASN A 253 -18.50 47.18 -27.82
CA ASN A 253 -18.03 48.40 -28.47
C ASN A 253 -17.63 49.48 -27.46
N ASN A 254 -17.99 49.33 -26.19
CA ASN A 254 -17.62 50.28 -25.15
C ASN A 254 -17.04 49.56 -23.94
N TYR A 255 -16.24 48.52 -24.17
CA TYR A 255 -15.73 47.71 -23.07
C TYR A 255 -14.80 48.49 -22.16
N ASP A 256 -14.29 49.65 -22.59
CA ASP A 256 -13.32 50.42 -21.83
C ASP A 256 -13.89 51.71 -21.26
N ASN A 257 -15.20 51.91 -21.30
CA ASN A 257 -15.83 53.13 -20.78
C ASN A 257 -16.77 52.78 -19.64
N PRO A 258 -16.32 52.90 -18.38
CA PRO A 258 -17.20 52.49 -17.26
C PRO A 258 -18.53 53.22 -17.21
N VAL A 259 -18.54 54.51 -17.55
CA VAL A 259 -19.78 55.28 -17.44
C VAL A 259 -20.85 54.70 -18.36
N LYS A 260 -20.47 54.40 -19.60
CA LYS A 260 -21.43 53.89 -20.57
C LYS A 260 -21.93 52.50 -20.19
N LEU A 261 -21.04 51.64 -19.70
CA LEU A 261 -21.43 50.28 -19.37
C LEU A 261 -22.57 50.24 -18.36
N ALA A 262 -22.59 51.20 -17.43
CA ALA A 262 -23.70 51.27 -16.48
C ALA A 262 -25.01 51.55 -17.22
N GLU A 263 -24.98 52.42 -18.21
CA GLU A 263 -26.18 52.75 -18.97
C GLU A 263 -26.71 51.53 -19.73
N ILE A 264 -25.79 50.75 -20.31
CA ILE A 264 -26.21 49.59 -21.09
C ILE A 264 -26.91 48.56 -20.22
N SER A 265 -26.35 48.30 -19.03
CA SER A 265 -26.86 47.24 -18.18
C SER A 265 -28.23 47.56 -17.57
N LYS A 266 -28.71 48.78 -17.70
CA LYS A 266 -29.98 49.18 -17.10
C LYS A 266 -31.13 48.79 -18.02
N GLY A 267 -32.09 48.03 -17.48
CA GLY A 267 -33.25 47.63 -18.24
C GLY A 267 -33.05 46.44 -19.15
N VAL A 268 -31.89 45.79 -19.08
CA VAL A 268 -31.64 44.65 -19.97
C VAL A 268 -32.52 43.47 -19.60
N GLY A 269 -32.61 43.12 -18.32
CA GLY A 269 -33.39 42.00 -17.86
C GLY A 269 -32.53 40.91 -17.23
N ALA A 270 -33.21 39.94 -16.63
CA ALA A 270 -32.54 38.86 -15.94
C ALA A 270 -31.82 37.95 -16.94
N GLY A 271 -30.62 37.52 -16.57
CA GLY A 271 -29.85 36.61 -17.39
C GLY A 271 -30.28 35.17 -17.20
N MET A 272 -29.68 34.30 -18.00
CA MET A 272 -29.98 32.87 -17.92
C MET A 272 -29.56 32.31 -16.57
N LYS A 273 -30.41 31.42 -16.03
CA LYS A 273 -30.06 30.71 -14.81
C LYS A 273 -29.02 29.65 -15.15
N GLY A 274 -27.78 29.91 -14.76
CA GLY A 274 -26.69 29.05 -15.13
C GLY A 274 -26.52 27.86 -14.20
N ILE A 275 -25.38 27.20 -14.35
CA ILE A 275 -24.97 26.10 -13.48
C ILE A 275 -23.53 26.36 -13.06
N SER A 276 -23.25 26.23 -11.77
CA SER A 276 -21.89 26.46 -11.28
C SER A 276 -20.92 25.51 -11.97
N ALA A 277 -19.90 26.08 -12.61
CA ALA A 277 -18.98 25.27 -13.41
C ALA A 277 -18.22 24.26 -12.56
N ASP A 278 -17.95 24.61 -11.29
CA ASP A 278 -17.24 23.68 -10.42
C ASP A 278 -18.10 22.50 -10.00
N MET A 279 -19.40 22.53 -10.29
CA MET A 279 -20.30 21.44 -9.94
C MET A 279 -20.31 20.32 -10.97
N ILE A 280 -19.76 20.55 -12.16
CA ILE A 280 -19.86 19.61 -13.27
C ILE A 280 -18.76 18.55 -13.11
N PRO A 281 -19.08 17.27 -13.11
CA PRO A 281 -18.02 16.25 -13.07
C PRO A 281 -17.15 16.31 -14.32
N ALA A 282 -15.90 15.86 -14.16
CA ALA A 282 -14.94 15.94 -15.27
C ALA A 282 -15.42 15.13 -16.47
N GLN A 283 -15.94 13.93 -16.26
CA GLN A 283 -16.42 13.12 -17.37
C GLN A 283 -17.56 13.79 -18.13
N GLU A 284 -18.31 14.67 -17.48
CA GLU A 284 -19.39 15.40 -18.12
C GLU A 284 -18.94 16.73 -18.72
N ALA A 285 -17.71 17.15 -18.48
CA ALA A 285 -17.24 18.44 -18.97
C ALA A 285 -16.96 18.39 -20.45
N LEU A 286 -17.65 19.25 -21.21
CA LEU A 286 -17.41 19.31 -22.66
C LEU A 286 -16.00 19.80 -22.96
N GLN A 287 -15.42 20.61 -22.08
CA GLN A 287 -14.09 21.16 -22.33
C GLN A 287 -13.03 20.08 -22.43
N GLU A 288 -13.23 18.93 -21.78
CA GLU A 288 -12.26 17.85 -21.85
C GLU A 288 -12.14 17.23 -23.24
N ARG A 289 -13.16 17.40 -24.09
CA ARG A 289 -13.04 17.00 -25.48
C ARG A 289 -12.15 17.99 -26.22
N GLY A 290 -11.63 17.55 -27.36
CA GLY A 290 -10.67 18.36 -28.09
C GLY A 290 -9.27 18.19 -27.55
N TRP A 291 -8.84 16.94 -27.46
CA TRP A 291 -7.49 16.57 -27.03
C TRP A 291 -6.40 17.31 -27.81
N HIS B 1 -17.90 -30.45 -48.04
CA HIS B 1 -18.21 -29.09 -47.65
C HIS B 1 -17.73 -28.10 -48.71
N GLY B 2 -18.33 -26.91 -48.71
CA GLY B 2 -17.96 -25.86 -49.64
C GLY B 2 -16.51 -25.46 -49.51
N THR B 3 -15.81 -25.34 -50.65
CA THR B 3 -14.42 -24.94 -50.64
C THR B 3 -14.28 -23.50 -50.13
N GLU B 4 -13.15 -23.23 -49.48
CA GLU B 4 -12.93 -21.90 -48.92
C GLU B 4 -13.00 -20.82 -49.98
N LEU B 5 -12.64 -21.15 -51.22
CA LEU B 5 -12.71 -20.17 -52.30
C LEU B 5 -14.14 -19.75 -52.58
N ILE B 6 -15.07 -20.71 -52.64
CA ILE B 6 -16.46 -20.38 -52.92
C ILE B 6 -17.08 -19.62 -51.77
N LYS B 7 -16.77 -19.97 -50.51
CA LYS B 7 -17.21 -19.16 -49.35
C LYS B 7 -16.56 -17.76 -49.42
N ARG B 8 -15.33 -17.64 -49.98
CA ARG B 8 -14.58 -16.36 -50.16
C ARG B 8 -14.91 -15.86 -51.56
N GLY B 9 -16.02 -16.32 -52.15
CA GLY B 9 -16.55 -15.86 -53.45
C GLY B 9 -18.04 -15.53 -53.33
N PHE B 10 -18.60 -15.76 -52.15
CA PHE B 10 -20.00 -15.36 -51.85
C PHE B 10 -19.85 -14.07 -51.05
N ALA B 11 -18.76 -13.96 -50.28
CA ALA B 11 -18.49 -12.73 -49.51
C ALA B 11 -18.07 -11.58 -50.45
N ARG B 12 -17.49 -11.81 -51.67
CA ARG B 12 -17.00 -10.75 -52.54
C ARG B 12 -18.12 -10.14 -53.38
N MET B 13 -19.21 -10.88 -53.61
CA MET B 13 -20.34 -10.32 -54.35
C MET B 13 -21.00 -9.17 -53.60
N GLN B 14 -20.80 -9.08 -52.29
CA GLN B 14 -21.46 -8.07 -51.46
C GLN B 14 -20.71 -6.73 -51.45
N LYS B 15 -19.63 -6.61 -52.22
CA LYS B 15 -18.83 -5.38 -52.18
C LYS B 15 -19.64 -4.20 -52.68
N GLY B 16 -19.45 -3.05 -52.02
CA GLY B 16 -20.07 -1.81 -52.45
C GLY B 16 -21.58 -1.77 -52.32
N GLY B 17 -22.14 -2.36 -51.26
CA GLY B 17 -23.56 -2.37 -51.05
C GLY B 17 -23.95 -2.01 -49.62
N VAL B 18 -25.23 -2.24 -49.32
CA VAL B 18 -25.80 -2.00 -48.00
C VAL B 18 -26.60 -3.23 -47.58
N ILE B 19 -26.44 -3.63 -46.33
CA ILE B 19 -27.20 -4.73 -45.75
C ILE B 19 -28.05 -4.16 -44.62
N MET B 20 -29.37 -4.36 -44.72
CA MET B 20 -30.33 -3.75 -43.80
C MET B 20 -30.97 -4.83 -42.95
N ASP B 21 -30.96 -4.62 -41.63
CA ASP B 21 -31.56 -5.59 -40.72
C ASP B 21 -33.07 -5.36 -40.65
N VAL B 22 -33.84 -6.45 -40.84
CA VAL B 22 -35.29 -6.38 -40.89
C VAL B 22 -35.86 -7.44 -39.96
N THR B 23 -37.10 -7.21 -39.51
CA THR B 23 -37.76 -8.11 -38.57
C THR B 23 -39.06 -8.71 -39.10
N THR B 24 -39.68 -8.08 -40.09
CA THR B 24 -40.97 -8.53 -40.61
C THR B 24 -40.89 -8.58 -42.13
N PRO B 25 -41.77 -9.35 -42.77
CA PRO B 25 -41.75 -9.39 -44.24
C PRO B 25 -41.89 -8.04 -44.89
N GLU B 26 -42.70 -7.13 -44.32
CA GLU B 26 -42.89 -5.82 -44.93
C GLU B 26 -41.60 -5.01 -44.90
N GLN B 27 -40.87 -5.06 -43.77
CA GLN B 27 -39.58 -4.40 -43.72
C GLN B 27 -38.61 -5.01 -44.72
N ALA B 28 -38.67 -6.33 -44.90
CA ALA B 28 -37.83 -6.98 -45.90
C ALA B 28 -38.18 -6.50 -47.30
N ARG B 29 -39.46 -6.31 -47.58
CA ARG B 29 -39.86 -5.79 -48.89
C ARG B 29 -39.37 -4.36 -49.08
N ILE B 30 -39.41 -3.56 -48.01
CA ILE B 30 -38.96 -2.17 -48.11
C ILE B 30 -37.49 -2.12 -48.52
N ALA B 31 -36.66 -2.91 -47.87
CA ALA B 31 -35.22 -2.85 -48.12
C ALA B 31 -34.90 -3.20 -49.56
N GLU B 32 -35.57 -4.23 -50.10
CA GLU B 32 -35.29 -4.65 -51.46
C GLU B 32 -35.60 -3.54 -52.46
N GLU B 33 -36.70 -2.82 -52.26
CA GLU B 33 -37.05 -1.75 -53.19
C GLU B 33 -36.04 -0.62 -53.17
N ALA B 34 -35.43 -0.36 -52.00
CA ALA B 34 -34.43 0.68 -51.89
C ALA B 34 -33.13 0.33 -52.60
N GLY B 35 -32.96 -0.91 -53.02
CA GLY B 35 -31.76 -1.33 -53.72
C GLY B 35 -30.70 -1.99 -52.86
N ALA B 36 -31.08 -2.58 -51.72
CA ALA B 36 -30.10 -3.22 -50.86
C ALA B 36 -29.61 -4.52 -51.50
N VAL B 37 -28.49 -5.03 -50.97
CA VAL B 37 -27.90 -6.25 -51.51
C VAL B 37 -28.26 -7.48 -50.68
N ALA B 38 -28.69 -7.30 -49.44
CA ALA B 38 -29.08 -8.43 -48.60
C ALA B 38 -29.83 -7.90 -47.39
N VAL B 39 -30.48 -8.82 -46.69
CA VAL B 39 -31.22 -8.51 -45.46
C VAL B 39 -30.77 -9.48 -44.39
N MET B 40 -30.93 -9.07 -43.14
CA MET B 40 -30.50 -9.87 -41.99
C MET B 40 -31.70 -10.05 -41.07
N ALA B 41 -32.34 -11.22 -41.17
CA ALA B 41 -33.53 -11.48 -40.36
C ALA B 41 -33.15 -11.69 -38.91
N LEU B 42 -33.82 -10.97 -38.01
CA LEU B 42 -33.62 -11.15 -36.57
C LEU B 42 -34.92 -10.79 -35.85
N GLN B 43 -35.00 -11.19 -34.59
CA GLN B 43 -36.23 -11.00 -33.84
C GLN B 43 -36.48 -9.53 -33.51
N ALA B 44 -35.41 -8.77 -33.30
CA ALA B 44 -35.53 -7.37 -32.93
C ALA B 44 -34.21 -6.67 -33.20
N VAL B 45 -34.29 -5.42 -33.65
CA VAL B 45 -33.12 -4.64 -34.02
C VAL B 45 -32.24 -4.44 -32.78
N PRO B 46 -30.93 -4.24 -32.94
CA PRO B 46 -30.07 -4.13 -31.75
C PRO B 46 -30.50 -3.05 -30.78
N ALA B 47 -31.18 -2.00 -31.26
CA ALA B 47 -31.65 -0.96 -30.36
C ALA B 47 -32.66 -1.51 -29.36
N ASP B 48 -33.56 -2.38 -29.81
CA ASP B 48 -34.55 -2.98 -28.93
C ASP B 48 -33.90 -3.97 -27.96
N ILE B 49 -32.84 -4.66 -28.39
CA ILE B 49 -32.23 -5.68 -27.57
C ILE B 49 -31.66 -5.07 -26.29
N ARG B 50 -31.04 -3.89 -26.40
CA ARG B 50 -30.59 -3.19 -25.21
C ARG B 50 -31.77 -2.83 -24.31
N LYS B 51 -32.85 -2.35 -24.91
CA LYS B 51 -34.00 -1.91 -24.12
C LYS B 51 -34.69 -3.08 -23.44
N ALA B 52 -34.92 -4.18 -24.18
CA ALA B 52 -35.65 -5.31 -23.63
C ALA B 52 -34.82 -6.10 -22.63
N GLY B 53 -33.51 -6.22 -22.85
CA GLY B 53 -32.70 -6.99 -21.94
C GLY B 53 -33.02 -8.47 -22.04
N GLY B 54 -32.76 -9.18 -20.94
CA GLY B 54 -33.01 -10.60 -20.91
C GLY B 54 -32.00 -11.38 -21.74
N VAL B 55 -32.42 -12.56 -22.20
CA VAL B 55 -31.59 -13.43 -23.01
C VAL B 55 -32.12 -13.38 -24.44
N ALA B 56 -31.23 -13.09 -25.38
CA ALA B 56 -31.58 -13.07 -26.80
C ALA B 56 -31.09 -14.33 -27.47
N ARG B 57 -31.87 -14.85 -28.41
CA ARG B 57 -31.57 -16.12 -29.06
C ARG B 57 -31.78 -15.99 -30.56
N MET B 58 -31.62 -17.12 -31.25
CA MET B 58 -31.88 -17.17 -32.69
C MET B 58 -33.35 -16.88 -32.95
N ALA B 59 -33.62 -16.21 -34.07
CA ALA B 59 -34.99 -15.89 -34.43
C ALA B 59 -35.82 -17.16 -34.54
N ASP B 60 -37.14 -16.97 -34.48
CA ASP B 60 -38.04 -18.09 -34.67
C ASP B 60 -37.89 -18.63 -36.10
N PRO B 61 -37.80 -19.95 -36.28
CA PRO B 61 -37.67 -20.47 -37.65
C PRO B 61 -38.83 -20.07 -38.55
N GLU B 62 -39.99 -19.78 -37.99
CA GLU B 62 -41.12 -19.36 -38.83
C GLU B 62 -40.84 -18.03 -39.51
N ILE B 63 -40.22 -17.09 -38.78
CA ILE B 63 -39.96 -15.77 -39.36
C ILE B 63 -38.96 -15.87 -40.51
N VAL B 64 -37.84 -16.54 -40.27
CA VAL B 64 -36.78 -16.59 -41.30
C VAL B 64 -37.31 -17.27 -42.55
N GLN B 65 -38.29 -18.16 -42.41
CA GLN B 65 -38.88 -18.80 -43.58
C GLN B 65 -39.77 -17.82 -44.34
N GLN B 66 -40.43 -16.90 -43.62
CA GLN B 66 -41.33 -15.96 -44.29
C GLN B 66 -40.55 -14.89 -45.03
N ILE B 67 -39.48 -14.38 -44.42
CA ILE B 67 -38.66 -13.36 -45.08
C ILE B 67 -38.06 -13.91 -46.36
N ILE B 68 -37.54 -15.14 -46.31
CA ILE B 68 -36.90 -15.73 -47.48
C ILE B 68 -37.87 -15.80 -48.64
N GLU B 69 -39.13 -16.14 -48.37
CA GLU B 69 -40.14 -16.22 -49.42
C GLU B 69 -40.56 -14.84 -49.93
N THR B 70 -40.14 -13.76 -49.26
CA THR B 70 -40.59 -12.43 -49.61
C THR B 70 -39.60 -11.67 -50.48
N VAL B 71 -38.31 -11.94 -50.34
CA VAL B 71 -37.26 -11.20 -51.03
C VAL B 71 -36.51 -12.13 -51.97
N THR B 72 -35.85 -11.51 -52.96
CA THR B 72 -35.01 -12.25 -53.91
C THR B 72 -33.53 -12.16 -53.58
N ILE B 73 -33.11 -11.12 -52.87
CA ILE B 73 -31.72 -10.97 -52.46
C ILE B 73 -31.40 -12.00 -51.38
N PRO B 74 -30.13 -12.35 -51.17
CA PRO B 74 -29.80 -13.36 -50.15
C PRO B 74 -30.28 -12.92 -48.77
N VAL B 75 -30.63 -13.91 -47.95
CA VAL B 75 -31.10 -13.68 -46.59
C VAL B 75 -30.05 -14.25 -45.63
N MET B 76 -29.68 -13.44 -44.64
CA MET B 76 -28.78 -13.88 -43.58
C MET B 76 -29.55 -14.05 -42.28
N ALA B 77 -28.83 -14.51 -41.26
CA ALA B 77 -29.41 -14.78 -39.96
C ALA B 77 -28.33 -14.64 -38.91
N LYS B 78 -28.74 -14.57 -37.65
CA LYS B 78 -27.80 -14.48 -36.55
C LYS B 78 -27.85 -15.73 -35.67
N ALA B 79 -26.72 -16.06 -35.07
CA ALA B 79 -26.61 -17.17 -34.14
C ALA B 79 -25.75 -16.75 -32.95
N ARG B 80 -25.97 -17.39 -31.81
CA ARG B 80 -25.20 -17.06 -30.62
C ARG B 80 -23.77 -17.58 -30.75
N ILE B 81 -22.85 -16.96 -30.01
CA ILE B 81 -21.45 -17.35 -30.09
C ILE B 81 -21.29 -18.75 -29.52
N GLY B 82 -20.66 -19.63 -30.30
CA GLY B 82 -20.35 -20.96 -29.83
C GLY B 82 -21.50 -21.95 -29.87
N HIS B 83 -22.65 -21.57 -30.42
CA HIS B 83 -23.81 -22.46 -30.48
C HIS B 83 -23.85 -23.13 -31.85
N PHE B 84 -23.06 -24.18 -31.98
CA PHE B 84 -22.89 -24.82 -33.28
C PHE B 84 -24.15 -25.56 -33.73
N VAL B 85 -25.13 -25.72 -32.83
CA VAL B 85 -26.38 -26.38 -33.23
C VAL B 85 -27.36 -25.38 -33.81
N GLU B 86 -27.37 -24.14 -33.30
CA GLU B 86 -28.21 -23.11 -33.89
C GLU B 86 -27.79 -22.83 -35.33
N ALA B 87 -26.48 -22.74 -35.58
CA ALA B 87 -25.99 -22.54 -36.94
C ALA B 87 -26.35 -23.71 -37.83
N GLU B 88 -26.63 -24.87 -37.25
CA GLU B 88 -27.05 -26.03 -38.04
C GLU B 88 -28.51 -25.90 -38.48
N ILE B 89 -29.35 -25.35 -37.61
CA ILE B 89 -30.77 -25.22 -37.94
C ILE B 89 -30.97 -24.15 -39.01
N LEU B 90 -30.25 -23.03 -38.91
CA LEU B 90 -30.36 -21.97 -39.91
C LEU B 90 -29.94 -22.48 -41.28
N GLU B 91 -28.81 -23.18 -41.35
CA GLU B 91 -28.31 -23.69 -42.63
C GLU B 91 -29.35 -24.59 -43.30
N ALA B 92 -30.06 -25.41 -42.51
CA ALA B 92 -31.07 -26.28 -43.08
C ALA B 92 -32.26 -25.49 -43.62
N LEU B 93 -32.49 -24.29 -43.09
CA LEU B 93 -33.60 -23.46 -43.55
C LEU B 93 -33.35 -22.82 -44.91
N GLY B 94 -32.09 -22.65 -45.30
CA GLY B 94 -31.78 -22.08 -46.60
C GLY B 94 -31.13 -20.72 -46.57
N VAL B 95 -30.70 -20.24 -45.41
CA VAL B 95 -30.02 -18.96 -45.36
C VAL B 95 -28.69 -19.07 -46.11
N ASP B 96 -28.24 -17.95 -46.67
CA ASP B 96 -27.04 -17.94 -47.48
C ASP B 96 -25.79 -17.57 -46.69
N MET B 97 -25.93 -17.05 -45.48
CA MET B 97 -24.81 -16.65 -44.66
C MET B 97 -25.27 -16.52 -43.22
N VAL B 98 -24.50 -17.09 -42.29
CA VAL B 98 -24.82 -17.08 -40.87
C VAL B 98 -23.85 -16.14 -40.16
N ASP B 99 -24.39 -15.26 -39.34
CA ASP B 99 -23.61 -14.20 -38.70
C ASP B 99 -23.46 -14.50 -37.23
N GLU B 100 -22.24 -14.85 -36.81
CA GLU B 100 -21.94 -15.08 -35.40
C GLU B 100 -21.94 -13.74 -34.69
N SER B 101 -23.09 -13.35 -34.17
CA SER B 101 -23.30 -12.01 -33.64
C SER B 101 -22.88 -11.95 -32.18
N GLU B 102 -22.21 -10.85 -31.81
CA GLU B 102 -21.93 -10.58 -30.41
C GLU B 102 -23.10 -9.86 -29.75
N VAL B 103 -24.08 -9.41 -30.53
CA VAL B 103 -25.27 -8.77 -29.96
C VAL B 103 -26.06 -9.77 -29.13
N LEU B 104 -26.22 -10.99 -29.62
CA LEU B 104 -26.94 -12.03 -28.90
C LEU B 104 -26.10 -12.55 -27.74
N THR B 105 -26.77 -13.24 -26.82
CA THR B 105 -26.10 -13.72 -25.62
C THR B 105 -25.13 -14.85 -25.96
N PRO B 106 -23.85 -14.76 -25.58
CA PRO B 106 -22.94 -15.87 -25.86
C PRO B 106 -23.41 -17.17 -25.21
N ALA B 107 -23.24 -18.28 -25.93
CA ALA B 107 -23.60 -19.59 -25.41
C ALA B 107 -22.38 -20.36 -24.91
N ASP B 108 -21.19 -20.04 -25.42
CA ASP B 108 -19.96 -20.72 -25.02
C ASP B 108 -18.95 -19.68 -24.59
N PRO B 109 -18.57 -19.59 -23.31
CA PRO B 109 -17.71 -18.49 -22.87
C PRO B 109 -16.24 -18.66 -23.18
N PHE B 110 -15.83 -19.70 -23.89
CA PHE B 110 -14.43 -19.94 -24.22
C PHE B 110 -14.16 -20.04 -25.71
N TYR B 111 -15.03 -20.71 -26.47
CA TYR B 111 -14.75 -21.07 -27.85
C TYR B 111 -15.81 -20.50 -28.77
N HIS B 112 -15.43 -20.31 -30.04
CA HIS B 112 -16.37 -19.99 -31.09
C HIS B 112 -16.71 -21.26 -31.88
N ILE B 113 -17.62 -21.13 -32.84
CA ILE B 113 -17.96 -22.28 -33.67
C ILE B 113 -16.73 -22.71 -34.45
N ASP B 114 -16.68 -23.97 -34.85
CA ASP B 114 -15.68 -24.48 -35.78
C ASP B 114 -16.26 -24.35 -37.17
N LYS B 115 -16.01 -23.19 -37.79
CA LYS B 115 -16.73 -22.79 -39.00
C LYS B 115 -16.25 -23.52 -40.25
N THR B 116 -15.20 -24.33 -40.17
CA THR B 116 -14.72 -25.04 -41.35
C THR B 116 -15.51 -26.30 -41.65
N GLN B 117 -16.34 -26.76 -40.71
CA GLN B 117 -17.11 -27.99 -40.88
C GLN B 117 -18.43 -27.76 -41.60
N PHE B 118 -18.80 -26.52 -41.86
CA PHE B 118 -20.10 -26.17 -42.43
C PHE B 118 -19.94 -25.78 -43.88
N THR B 119 -21.06 -25.59 -44.57
CA THR B 119 -21.03 -25.16 -45.97
C THR B 119 -21.40 -23.69 -46.13
N VAL B 120 -22.33 -23.18 -45.33
CA VAL B 120 -22.73 -21.77 -45.50
C VAL B 120 -21.61 -20.88 -44.98
N PRO B 121 -21.22 -19.84 -45.70
CA PRO B 121 -20.19 -18.94 -45.19
C PRO B 121 -20.66 -18.14 -43.99
N PHE B 122 -19.68 -17.73 -43.17
CA PHE B 122 -19.94 -17.03 -41.92
C PHE B 122 -19.42 -15.61 -42.00
N VAL B 123 -19.81 -14.78 -41.03
CA VAL B 123 -19.26 -13.45 -40.82
C VAL B 123 -19.07 -13.24 -39.33
N CYS B 124 -17.95 -12.65 -38.94
CA CYS B 124 -17.61 -12.53 -37.53
C CYS B 124 -17.07 -11.14 -37.23
N GLY B 125 -17.17 -10.76 -35.96
CA GLY B 125 -16.74 -9.44 -35.54
C GLY B 125 -15.23 -9.37 -35.32
N ALA B 126 -14.73 -8.15 -35.15
CA ALA B 126 -13.31 -7.92 -34.95
C ALA B 126 -13.09 -6.49 -34.48
N ARG B 127 -12.27 -6.33 -33.43
CA ARG B 127 -11.90 -5.02 -32.94
C ARG B 127 -10.53 -4.55 -33.39
N ASN B 128 -9.61 -5.47 -33.70
CA ASN B 128 -8.26 -5.12 -34.10
C ASN B 128 -7.76 -6.15 -35.09
N LEU B 129 -6.48 -6.08 -35.41
CA LEU B 129 -5.91 -7.00 -36.40
C LEU B 129 -5.76 -8.40 -35.82
N GLY B 130 -5.49 -8.50 -34.52
CA GLY B 130 -5.34 -9.81 -33.91
C GLY B 130 -6.62 -10.63 -34.00
N GLU B 131 -7.76 -9.99 -33.73
CA GLU B 131 -9.03 -10.70 -33.76
C GLU B 131 -9.43 -11.06 -35.18
N ALA B 132 -9.13 -10.18 -36.13
CA ALA B 132 -9.48 -10.46 -37.52
C ALA B 132 -8.75 -11.70 -38.04
N LEU B 133 -7.49 -11.88 -37.64
CA LEU B 133 -6.70 -12.99 -38.16
C LEU B 133 -7.06 -14.31 -37.50
N ARG B 134 -7.40 -14.30 -36.22
CA ARG B 134 -7.84 -15.53 -35.56
C ARG B 134 -9.14 -16.03 -36.17
N ARG B 135 -10.09 -15.13 -36.42
CA ARG B 135 -11.37 -15.54 -36.98
C ARG B 135 -11.20 -16.17 -38.35
N ILE B 136 -10.34 -15.59 -39.20
CA ILE B 136 -10.13 -16.14 -40.53
C ILE B 136 -9.48 -17.51 -40.43
N ASN B 137 -8.71 -17.74 -39.38
CA ASN B 137 -8.09 -19.05 -39.18
C ASN B 137 -9.16 -20.13 -38.97
N GLU B 138 -10.22 -19.79 -38.25
CA GLU B 138 -11.30 -20.73 -37.97
C GLU B 138 -12.22 -20.94 -39.16
N GLY B 139 -12.12 -20.12 -40.21
CA GLY B 139 -12.93 -20.28 -41.40
C GLY B 139 -13.89 -19.15 -41.70
N ALA B 140 -13.81 -18.02 -41.01
CA ALA B 140 -14.69 -16.89 -41.30
C ALA B 140 -14.50 -16.42 -42.73
N ALA B 141 -15.61 -16.20 -43.44
CA ALA B 141 -15.56 -15.76 -44.82
C ALA B 141 -15.83 -14.28 -44.98
N MET B 142 -15.82 -13.52 -43.89
CA MET B 142 -16.02 -12.08 -43.92
C MET B 142 -15.80 -11.54 -42.52
N ILE B 143 -15.45 -10.26 -42.43
CA ILE B 143 -15.23 -9.62 -41.14
C ILE B 143 -15.97 -8.29 -41.12
N ARG B 144 -16.53 -7.96 -39.96
CA ARG B 144 -17.17 -6.67 -39.75
C ARG B 144 -16.77 -6.13 -38.39
N THR B 145 -16.47 -4.84 -38.33
CA THR B 145 -16.07 -4.23 -37.08
C THR B 145 -17.19 -4.30 -36.07
N LYS B 146 -16.84 -4.51 -34.80
CA LYS B 146 -17.86 -4.66 -33.76
C LYS B 146 -18.62 -3.36 -33.55
N GLY B 147 -17.91 -2.25 -33.37
CA GLY B 147 -18.56 -1.00 -33.05
C GLY B 147 -19.31 -1.07 -31.75
N GLU B 148 -20.41 -0.33 -31.64
CA GLU B 148 -21.28 -0.34 -30.47
C GLU B 148 -22.71 -0.39 -30.98
N ALA B 149 -23.25 -1.60 -31.13
CA ALA B 149 -24.53 -1.79 -31.79
C ALA B 149 -25.66 -1.11 -31.00
N GLY B 150 -26.55 -0.45 -31.73
CA GLY B 150 -27.75 0.13 -31.15
C GLY B 150 -27.58 1.51 -30.56
N THR B 151 -26.42 2.13 -30.68
CA THR B 151 -26.19 3.44 -30.08
C THR B 151 -26.33 4.59 -31.06
N GLY B 152 -26.20 4.34 -32.36
CA GLY B 152 -26.26 5.43 -33.31
C GLY B 152 -25.06 6.36 -33.28
N ASP B 153 -23.96 5.93 -32.67
CA ASP B 153 -22.74 6.74 -32.57
C ASP B 153 -21.66 6.05 -33.40
N VAL B 154 -21.13 6.78 -34.38
CA VAL B 154 -20.14 6.22 -35.31
C VAL B 154 -18.74 6.43 -34.76
N SER B 155 -18.64 6.82 -33.49
CA SER B 155 -17.32 7.00 -32.88
C SER B 155 -16.61 5.67 -32.71
N GLN B 156 -17.33 4.63 -32.30
CA GLN B 156 -16.69 3.35 -32.02
C GLN B 156 -16.33 2.60 -33.30
N ALA B 157 -17.19 2.67 -34.32
CA ALA B 157 -16.89 1.98 -35.58
C ALA B 157 -15.64 2.56 -36.24
N VAL B 158 -15.50 3.89 -36.21
CA VAL B 158 -14.31 4.52 -36.79
C VAL B 158 -13.06 4.11 -36.01
N LYS B 159 -13.17 4.05 -34.68
CA LYS B 159 -12.04 3.65 -33.87
C LYS B 159 -11.54 2.26 -34.26
N HIS B 160 -12.45 1.30 -34.35
CA HIS B 160 -12.04 -0.07 -34.69
C HIS B 160 -11.57 -0.18 -36.12
N MET B 161 -12.07 0.68 -37.01
CA MET B 161 -11.67 0.60 -38.41
C MET B 161 -10.28 1.18 -38.62
N LYS B 162 -9.86 2.10 -37.75
CA LYS B 162 -8.51 2.65 -37.85
C LYS B 162 -7.52 1.77 -37.11
N GLN B 163 -7.99 0.94 -36.18
CA GLN B 163 -7.13 -0.02 -35.52
C GLN B 163 -6.74 -1.15 -36.47
N ILE B 164 -7.73 -1.69 -37.20
CA ILE B 164 -7.45 -2.77 -38.13
C ILE B 164 -6.62 -2.25 -39.30
N GLN B 165 -7.04 -1.13 -39.90
CA GLN B 165 -6.35 -0.60 -41.07
C GLN B 165 -5.05 0.10 -40.68
N GLY B 166 -4.97 0.65 -39.48
CA GLY B 166 -3.72 1.26 -39.05
C GLY B 166 -2.61 0.25 -38.88
N GLU B 167 -2.93 -0.93 -38.34
CA GLU B 167 -1.90 -1.94 -38.13
C GLU B 167 -1.43 -2.54 -39.45
N ILE B 168 -2.34 -2.75 -40.39
CA ILE B 168 -1.97 -3.38 -41.66
C ILE B 168 -1.01 -2.50 -42.44
N ARG B 169 -1.03 -1.18 -42.19
CA ARG B 169 -0.12 -0.28 -42.90
C ARG B 169 1.28 -0.32 -42.29
N ALA B 170 1.37 -0.56 -40.98
CA ALA B 170 2.69 -0.66 -40.36
C ALA B 170 3.44 -1.89 -40.82
N LEU B 171 2.75 -2.97 -41.17
CA LEU B 171 3.40 -4.20 -41.59
C LEU B 171 4.17 -4.07 -42.89
N ALA B 172 3.95 -3.00 -43.65
CA ALA B 172 4.70 -2.82 -44.89
C ALA B 172 6.14 -2.44 -44.57
N GLY B 173 7.08 -3.09 -45.24
CA GLY B 173 8.50 -2.82 -45.07
C GLY B 173 9.19 -3.67 -44.03
N LYS B 174 8.46 -4.30 -43.13
CA LYS B 174 9.08 -5.11 -42.08
C LYS B 174 9.75 -6.33 -42.67
N THR B 175 10.76 -6.84 -41.97
CA THR B 175 11.48 -8.03 -42.40
C THR B 175 10.90 -9.27 -41.72
N LYS B 176 11.21 -10.44 -42.29
CA LYS B 176 10.64 -11.68 -41.81
C LYS B 176 10.87 -11.86 -40.31
N GLU B 177 12.09 -11.58 -39.85
CA GLU B 177 12.38 -11.74 -38.43
C GLU B 177 11.48 -10.87 -37.57
N GLU B 178 10.90 -9.81 -38.16
CA GLU B 178 10.07 -8.91 -37.38
C GLU B 178 8.59 -9.28 -37.49
N LEU B 179 8.16 -9.74 -38.66
CA LEU B 179 6.77 -10.18 -38.81
C LEU B 179 6.47 -11.36 -37.89
N ILE B 180 7.49 -12.15 -37.53
CA ILE B 180 7.30 -13.21 -36.55
C ILE B 180 7.08 -12.64 -35.16
N MET B 181 7.78 -11.55 -34.83
CA MET B 181 7.57 -10.92 -33.53
C MET B 181 6.18 -10.33 -33.42
N VAL B 182 5.67 -9.71 -34.49
CA VAL B 182 4.34 -9.14 -34.44
C VAL B 182 3.30 -10.23 -34.19
N ALA B 183 3.43 -11.36 -34.90
CA ALA B 183 2.44 -12.43 -34.75
C ALA B 183 2.36 -12.89 -33.31
N ARG B 184 3.44 -12.77 -32.55
CA ARG B 184 3.40 -13.09 -31.13
C ARG B 184 2.61 -12.03 -30.35
N GLU B 185 2.89 -10.75 -30.60
CA GLU B 185 2.25 -9.70 -29.82
C GLU B 185 0.75 -9.69 -30.04
N ILE B 186 0.30 -9.83 -31.29
CA ILE B 186 -1.12 -9.86 -31.62
C ILE B 186 -1.69 -11.28 -31.54
N GLU B 187 -0.86 -12.27 -31.26
CA GLU B 187 -1.32 -13.64 -31.02
C GLU B 187 -2.07 -14.20 -32.23
N ALA B 188 -1.50 -13.95 -33.40
CA ALA B 188 -2.11 -14.39 -34.65
C ALA B 188 -1.22 -15.42 -35.35
N PRO B 189 -1.79 -16.27 -36.21
CA PRO B 189 -0.96 -17.20 -36.98
C PRO B 189 0.07 -16.45 -37.83
N ILE B 190 1.28 -17.01 -37.90
CA ILE B 190 2.33 -16.36 -38.66
C ILE B 190 2.10 -16.48 -40.16
N GLU B 191 1.36 -17.50 -40.60
CA GLU B 191 1.07 -17.63 -42.02
C GLU B 191 0.18 -16.49 -42.51
N LEU B 192 -0.79 -16.07 -41.70
CA LEU B 192 -1.67 -14.99 -42.11
C LEU B 192 -0.98 -13.63 -42.04
N VAL B 193 -0.18 -13.39 -40.99
CA VAL B 193 0.45 -12.08 -40.84
C VAL B 193 1.37 -11.79 -42.01
N VAL B 194 1.86 -12.83 -42.69
CA VAL B 194 2.68 -12.63 -43.88
C VAL B 194 1.79 -12.45 -45.10
N GLU B 195 0.65 -13.14 -45.16
CA GLU B 195 -0.28 -12.94 -46.26
C GLU B 195 -0.90 -11.55 -46.20
N THR B 196 -1.24 -11.07 -45.01
CA THR B 196 -1.76 -9.73 -44.85
C THR B 196 -0.72 -8.68 -45.25
N ALA B 197 0.52 -8.86 -44.80
CA ALA B 197 1.56 -7.86 -45.05
C ALA B 197 1.86 -7.74 -46.54
N LYS B 198 1.70 -8.84 -47.28
CA LYS B 198 1.94 -8.81 -48.71
C LYS B 198 0.80 -8.14 -49.47
N MET B 199 -0.43 -8.29 -48.96
CA MET B 199 -1.60 -7.73 -49.63
C MET B 199 -1.97 -6.35 -49.14
N GLN B 200 -1.58 -5.99 -47.92
CA GLN B 200 -1.92 -4.70 -47.31
C GLN B 200 -3.42 -4.54 -47.12
N ARG B 201 -4.12 -5.67 -46.94
CA ARG B 201 -5.53 -5.64 -46.60
C ARG B 201 -5.90 -7.01 -46.04
N LEU B 202 -7.00 -7.06 -45.31
CA LEU B 202 -7.49 -8.34 -44.83
C LEU B 202 -7.78 -9.26 -46.01
N PRO B 203 -7.31 -10.52 -45.97
CA PRO B 203 -7.51 -11.41 -47.11
C PRO B 203 -8.97 -11.74 -47.40
N VAL B 204 -9.92 -11.25 -46.61
CA VAL B 204 -11.34 -11.46 -46.83
C VAL B 204 -12.05 -10.12 -46.80
N VAL B 205 -13.25 -10.09 -47.39
CA VAL B 205 -14.02 -8.85 -47.47
C VAL B 205 -14.28 -8.33 -46.05
N ASN B 206 -14.26 -7.01 -45.90
CA ASN B 206 -14.41 -6.36 -44.60
C ASN B 206 -15.50 -5.31 -44.71
N PHE B 207 -16.47 -5.37 -43.79
CA PHE B 207 -17.59 -4.43 -43.76
C PHE B 207 -17.51 -3.56 -42.50
N ALA B 208 -18.43 -2.61 -42.41
CA ALA B 208 -18.54 -1.73 -41.25
C ALA B 208 -19.93 -1.88 -40.62
N ALA B 209 -19.96 -1.98 -39.29
CA ALA B 209 -21.21 -2.21 -38.58
C ALA B 209 -21.17 -1.50 -37.24
N GLY B 210 -22.33 -0.99 -36.83
CA GLY B 210 -22.47 -0.36 -35.54
C GLY B 210 -22.29 1.14 -35.58
N GLY B 211 -23.36 1.88 -35.33
CA GLY B 211 -23.29 3.32 -35.27
C GLY B 211 -23.60 4.05 -36.56
N VAL B 212 -23.81 3.35 -37.66
CA VAL B 212 -24.19 4.01 -38.90
C VAL B 212 -25.65 4.44 -38.80
N ALA B 213 -25.88 5.75 -38.83
CA ALA B 213 -27.21 6.30 -38.57
C ALA B 213 -27.67 7.37 -39.56
N THR B 214 -26.80 7.87 -40.42
CA THR B 214 -27.15 8.91 -41.37
C THR B 214 -26.41 8.67 -42.68
N PRO B 215 -26.87 9.27 -43.77
CA PRO B 215 -26.13 9.13 -45.04
C PRO B 215 -24.71 9.63 -44.97
N ALA B 216 -24.40 10.54 -44.05
CA ALA B 216 -23.02 10.99 -43.88
C ALA B 216 -22.15 9.92 -43.25
N ASP B 217 -22.65 9.26 -42.21
CA ASP B 217 -21.86 8.22 -41.55
C ASP B 217 -21.64 7.04 -42.47
N ALA B 218 -22.61 6.73 -43.33
CA ALA B 218 -22.45 5.62 -44.26
C ALA B 218 -21.29 5.90 -45.22
N ALA B 219 -21.20 7.13 -45.74
CA ALA B 219 -20.15 7.43 -46.70
C ALA B 219 -18.81 7.68 -46.00
N LEU B 220 -18.83 7.94 -44.70
CA LEU B 220 -17.59 8.08 -43.96
C LEU B 220 -16.85 6.74 -43.88
N MET B 221 -17.58 5.67 -43.57
CA MET B 221 -16.95 4.36 -43.45
C MET B 221 -16.39 3.90 -44.79
N MET B 222 -17.09 4.20 -45.88
CA MET B 222 -16.58 3.83 -47.20
C MET B 222 -15.35 4.64 -47.57
N ARG B 223 -15.20 5.84 -47.00
CA ARG B 223 -14.00 6.63 -47.25
C ARG B 223 -12.83 6.23 -46.36
N LEU B 224 -13.08 5.42 -45.31
CA LEU B 224 -11.99 4.89 -44.50
C LEU B 224 -11.46 3.56 -45.04
N GLY B 225 -12.07 3.01 -46.09
CA GLY B 225 -11.60 1.79 -46.70
C GLY B 225 -12.55 0.60 -46.61
N ALA B 226 -13.77 0.78 -46.10
CA ALA B 226 -14.71 -0.32 -46.01
C ALA B 226 -15.18 -0.75 -47.39
N ASP B 227 -15.65 -1.99 -47.49
CA ASP B 227 -16.24 -2.50 -48.73
C ASP B 227 -17.76 -2.41 -48.73
N GLY B 228 -18.36 -1.93 -47.65
CA GLY B 228 -19.81 -1.90 -47.51
C GLY B 228 -20.16 -1.39 -46.14
N VAL B 229 -21.42 -1.56 -45.78
CA VAL B 229 -21.91 -1.09 -44.49
C VAL B 229 -23.09 -1.95 -44.03
N PHE B 230 -23.10 -2.28 -42.75
CA PHE B 230 -24.23 -2.94 -42.09
C PHE B 230 -25.03 -1.89 -41.34
N VAL B 231 -26.28 -1.69 -41.75
CA VAL B 231 -27.15 -0.67 -41.15
C VAL B 231 -28.31 -1.37 -40.48
N GLY B 232 -28.46 -1.16 -39.18
CA GLY B 232 -29.49 -1.83 -38.40
C GLY B 232 -30.56 -0.90 -37.89
N SER B 233 -30.43 -0.50 -36.62
CA SER B 233 -31.43 0.36 -35.99
C SER B 233 -31.52 1.73 -36.66
N GLY B 234 -30.50 2.11 -37.43
CA GLY B 234 -30.44 3.47 -37.94
C GLY B 234 -31.60 3.84 -38.85
N ILE B 235 -32.07 2.89 -39.66
CA ILE B 235 -33.03 3.20 -40.71
C ILE B 235 -34.46 3.12 -40.18
N PHE B 236 -34.81 2.00 -39.54
CA PHE B 236 -36.19 1.74 -39.15
C PHE B 236 -36.54 2.34 -37.78
N LYS B 237 -35.57 2.87 -37.05
CA LYS B 237 -35.85 3.68 -35.87
C LYS B 237 -35.81 5.17 -36.16
N ALA B 238 -35.65 5.57 -37.42
CA ALA B 238 -35.62 6.96 -37.79
C ALA B 238 -37.04 7.49 -37.99
N GLU B 239 -37.13 8.78 -38.34
CA GLU B 239 -38.43 9.40 -38.55
C GLU B 239 -39.16 8.77 -39.72
N ASN B 240 -38.47 8.54 -40.83
CA ASN B 240 -39.07 8.00 -42.05
C ASN B 240 -38.17 6.89 -42.58
N PRO B 241 -38.47 5.64 -42.24
CA PRO B 241 -37.60 4.54 -42.73
C PRO B 241 -37.50 4.47 -44.24
N GLU B 242 -38.58 4.77 -44.97
CA GLU B 242 -38.54 4.64 -46.42
C GLU B 242 -37.56 5.63 -47.04
N LYS B 243 -37.57 6.88 -46.57
CA LYS B 243 -36.68 7.88 -47.16
C LYS B 243 -35.24 7.68 -46.73
N MET B 244 -35.02 7.33 -45.46
CA MET B 244 -33.67 7.08 -44.99
C MET B 244 -33.03 5.92 -45.73
N ALA B 245 -33.82 4.91 -46.08
CA ALA B 245 -33.28 3.72 -46.74
C ALA B 245 -32.66 4.07 -48.08
N LYS B 246 -33.41 4.77 -48.93
CA LYS B 246 -32.87 5.12 -50.24
C LYS B 246 -31.69 6.06 -50.14
N ALA B 247 -31.68 6.94 -49.12
CA ALA B 247 -30.57 7.86 -48.96
C ALA B 247 -29.29 7.12 -48.62
N VAL B 248 -29.34 6.19 -47.66
CA VAL B 248 -28.13 5.47 -47.26
C VAL B 248 -27.60 4.65 -48.41
N VAL B 249 -28.48 3.97 -49.16
CA VAL B 249 -28.04 3.17 -50.29
C VAL B 249 -27.36 4.06 -51.33
N GLU B 250 -27.91 5.26 -51.54
CA GLU B 250 -27.33 6.16 -52.52
C GLU B 250 -26.05 6.82 -52.00
N ALA B 251 -25.95 6.99 -50.68
CA ALA B 251 -24.74 7.57 -50.11
C ALA B 251 -23.52 6.70 -50.40
N VAL B 252 -23.65 5.39 -50.24
CA VAL B 252 -22.52 4.50 -50.46
C VAL B 252 -22.08 4.50 -51.91
N ASN B 253 -23.00 4.79 -52.83
CA ASN B 253 -22.65 4.79 -54.26
C ASN B 253 -22.01 6.10 -54.70
N ASN B 254 -22.09 7.16 -53.90
CA ASN B 254 -21.48 8.45 -54.21
C ASN B 254 -20.67 8.96 -53.03
N TYR B 255 -19.96 8.08 -52.33
CA TYR B 255 -19.25 8.48 -51.14
C TYR B 255 -18.13 9.46 -51.42
N ASP B 256 -17.70 9.59 -52.68
CA ASP B 256 -16.57 10.44 -53.04
C ASP B 256 -16.97 11.69 -53.80
N ASN B 257 -18.25 12.02 -53.88
CA ASN B 257 -18.72 13.20 -54.60
C ASN B 257 -19.40 14.16 -53.63
N PRO B 258 -18.70 15.19 -53.12
CA PRO B 258 -19.32 16.07 -52.13
C PRO B 258 -20.58 16.76 -52.61
N VAL B 259 -20.66 17.14 -53.88
CA VAL B 259 -21.81 17.87 -54.37
C VAL B 259 -23.07 17.02 -54.25
N LYS B 260 -22.97 15.75 -54.66
CA LYS B 260 -24.14 14.88 -54.62
C LYS B 260 -24.57 14.57 -53.19
N LEU B 261 -23.61 14.35 -52.29
CA LEU B 261 -23.96 14.00 -50.92
C LEU B 261 -24.85 15.05 -50.27
N ALA B 262 -24.65 16.33 -50.61
CA ALA B 262 -25.53 17.37 -50.10
C ALA B 262 -26.96 17.17 -50.59
N GLU B 263 -27.12 16.78 -51.85
CA GLU B 263 -28.46 16.55 -52.39
C GLU B 263 -29.15 15.40 -51.69
N ILE B 264 -28.41 14.32 -51.40
CA ILE B 264 -29.01 13.15 -50.77
C ILE B 264 -29.53 13.49 -49.38
N SER B 265 -28.74 14.23 -48.60
CA SER B 265 -29.08 14.50 -47.22
C SER B 265 -30.26 15.44 -47.05
N LYS B 266 -30.74 16.06 -48.13
CA LYS B 266 -31.84 17.02 -48.04
C LYS B 266 -33.17 16.28 -48.07
N GLY B 267 -34.00 16.52 -47.06
CA GLY B 267 -35.32 15.91 -46.99
C GLY B 267 -35.35 14.50 -46.46
N VAL B 268 -34.21 13.99 -45.97
CA VAL B 268 -34.19 12.61 -45.47
C VAL B 268 -35.00 12.48 -44.19
N GLY B 269 -34.81 13.38 -43.24
CA GLY B 269 -35.51 13.33 -41.97
C GLY B 269 -34.56 13.13 -40.80
N ALA B 270 -35.12 13.28 -39.60
CA ALA B 270 -34.32 13.15 -38.39
C ALA B 270 -33.86 11.71 -38.18
N GLY B 271 -32.62 11.56 -37.74
CA GLY B 271 -32.08 10.25 -37.44
C GLY B 271 -32.49 9.76 -36.07
N MET B 272 -32.09 8.52 -35.78
CA MET B 272 -32.40 7.91 -34.50
C MET B 272 -31.73 8.66 -33.36
N LYS B 273 -32.44 8.82 -32.26
CA LYS B 273 -31.87 9.40 -31.05
C LYS B 273 -30.94 8.38 -30.41
N GLY B 274 -29.64 8.58 -30.56
CA GLY B 274 -28.68 7.60 -30.11
C GLY B 274 -28.34 7.75 -28.63
N ILE B 275 -27.27 7.05 -28.25
CA ILE B 275 -26.71 7.14 -26.90
C ILE B 275 -25.21 7.32 -27.05
N SER B 276 -24.66 8.28 -26.30
CA SER B 276 -23.22 8.54 -26.37
C SER B 276 -22.44 7.28 -26.00
N ALA B 277 -21.58 6.84 -26.92
CA ALA B 277 -20.87 5.59 -26.71
C ALA B 277 -19.97 5.63 -25.48
N ASP B 278 -19.42 6.81 -25.16
CA ASP B 278 -18.56 6.91 -23.98
C ASP B 278 -19.35 6.83 -22.68
N MET B 279 -20.68 6.86 -22.73
CA MET B 279 -21.51 6.76 -21.54
C MET B 279 -21.77 5.33 -21.10
N ILE B 280 -21.47 4.34 -21.95
CA ILE B 280 -21.84 2.95 -21.70
C ILE B 280 -20.74 2.32 -20.83
N PRO B 281 -21.09 1.72 -19.69
CA PRO B 281 -20.07 1.02 -18.90
C PRO B 281 -19.49 -0.16 -19.66
N ALA B 282 -18.25 -0.50 -19.32
CA ALA B 282 -17.55 -1.58 -20.03
C ALA B 282 -18.29 -2.91 -19.91
N GLN B 283 -18.79 -3.24 -18.72
CA GLN B 283 -19.50 -4.49 -18.56
C GLN B 283 -20.77 -4.55 -19.41
N GLU B 284 -21.34 -3.41 -19.76
CA GLU B 284 -22.52 -3.37 -20.62
C GLU B 284 -22.18 -3.27 -22.10
N ALA B 285 -20.90 -3.08 -22.45
CA ALA B 285 -20.53 -2.91 -23.84
C ALA B 285 -20.57 -4.24 -24.59
N LEU B 286 -21.39 -4.30 -25.64
CA LEU B 286 -21.47 -5.51 -26.44
C LEU B 286 -20.15 -5.79 -27.15
N GLN B 287 -19.38 -4.75 -27.45
CA GLN B 287 -18.12 -4.93 -28.17
C GLN B 287 -17.12 -5.79 -27.39
N GLU B 288 -17.21 -5.80 -26.06
CA GLU B 288 -16.31 -6.61 -25.25
C GLU B 288 -16.50 -8.09 -25.46
N ARG B 289 -17.67 -8.53 -25.93
CA ARG B 289 -17.86 -9.91 -26.30
C ARG B 289 -17.14 -10.20 -27.62
N GLY B 290 -16.88 -11.48 -27.87
CA GLY B 290 -16.08 -11.86 -29.02
C GLY B 290 -14.60 -11.77 -28.72
N TRP B 291 -14.19 -12.42 -27.64
CA TRP B 291 -12.80 -12.53 -27.24
C TRP B 291 -11.89 -12.99 -28.37
N HIS C 1 -28.49 -52.24 3.36
CA HIS C 1 -28.68 -51.16 2.41
C HIS C 1 -28.43 -51.62 0.98
N GLY C 2 -28.99 -50.89 0.02
CA GLY C 2 -28.81 -51.20 -1.37
C GLY C 2 -27.34 -51.17 -1.79
N THR C 3 -26.92 -52.19 -2.55
CA THR C 3 -25.55 -52.25 -3.01
C THR C 3 -25.28 -51.11 -3.99
N GLU C 4 -24.02 -50.65 -4.00
CA GLU C 4 -23.64 -49.54 -4.87
C GLU C 4 -23.93 -49.86 -6.33
N LEU C 5 -23.85 -51.13 -6.71
CA LEU C 5 -24.13 -51.51 -8.09
C LEU C 5 -25.58 -51.24 -8.45
N ILE C 6 -26.52 -51.61 -7.58
CA ILE C 6 -27.93 -51.40 -7.87
C ILE C 6 -28.27 -49.92 -7.88
N LYS C 7 -27.70 -49.11 -6.98
CA LYS C 7 -27.86 -47.64 -7.03
C LYS C 7 -27.21 -47.11 -8.32
N ARG C 8 -26.13 -47.75 -8.83
CA ARG C 8 -25.40 -47.39 -10.09
C ARG C 8 -26.02 -48.24 -11.19
N GLY C 9 -27.25 -48.75 -11.00
CA GLY C 9 -28.04 -49.50 -12.01
C GLY C 9 -29.45 -48.92 -12.09
N PHE C 10 -29.75 -47.94 -11.24
CA PHE C 10 -31.05 -47.21 -11.31
C PHE C 10 -30.70 -45.92 -12.01
N ALA C 11 -29.47 -45.44 -11.82
CA ALA C 11 -29.01 -44.21 -12.51
C ALA C 11 -28.77 -44.49 -14.01
N ARG C 12 -28.48 -45.72 -14.49
CA ARG C 12 -28.18 -46.01 -15.88
C ARG C 12 -29.43 -46.18 -16.72
N MET C 13 -30.56 -46.53 -16.11
CA MET C 13 -31.80 -46.63 -16.86
C MET C 13 -32.27 -45.28 -17.40
N GLN C 14 -31.79 -44.19 -16.83
CA GLN C 14 -32.22 -42.85 -17.22
C GLN C 14 -31.46 -42.30 -18.42
N LYS C 15 -30.58 -43.08 -19.02
CA LYS C 15 -29.76 -42.58 -20.13
C LYS C 15 -30.62 -42.23 -21.32
N GLY C 16 -30.27 -41.12 -21.98
CA GLY C 16 -30.95 -40.72 -23.19
C GLY C 16 -32.38 -40.29 -23.04
N GLY C 17 -32.72 -39.60 -21.94
CA GLY C 17 -34.07 -39.14 -21.69
C GLY C 17 -34.12 -37.70 -21.23
N VAL C 18 -35.31 -37.32 -20.77
CA VAL C 18 -35.57 -35.98 -20.24
C VAL C 18 -36.29 -36.11 -18.91
N ILE C 19 -35.87 -35.31 -17.94
CA ILE C 19 -36.51 -35.24 -16.63
C ILE C 19 -37.09 -33.83 -16.47
N MET C 20 -38.39 -33.76 -16.23
CA MET C 20 -39.13 -32.50 -16.19
C MET C 20 -39.59 -32.20 -14.77
N ASP C 21 -39.29 -31.01 -14.28
CA ASP C 21 -39.71 -30.63 -12.94
C ASP C 21 -41.16 -30.15 -12.94
N VAL C 22 -41.97 -30.72 -12.06
CA VAL C 22 -43.40 -30.44 -12.00
C VAL C 22 -43.77 -30.10 -10.57
N THR C 23 -44.88 -29.36 -10.42
CA THR C 23 -45.34 -28.90 -9.11
C THR C 23 -46.73 -29.41 -8.75
N THR C 24 -47.55 -29.78 -9.72
CA THR C 24 -48.92 -30.19 -9.48
C THR C 24 -49.18 -31.50 -10.22
N PRO C 25 -50.19 -32.26 -9.81
CA PRO C 25 -50.49 -33.51 -10.52
C PRO C 25 -50.75 -33.32 -12.01
N GLU C 26 -51.39 -32.23 -12.40
CA GLU C 26 -51.68 -32.01 -13.81
C GLU C 26 -50.38 -31.83 -14.61
N GLN C 27 -49.44 -31.07 -14.08
CA GLN C 27 -48.14 -30.93 -14.74
C GLN C 27 -47.44 -32.28 -14.81
N ALA C 28 -47.56 -33.09 -13.76
CA ALA C 28 -46.96 -34.42 -13.79
C ALA C 28 -47.60 -35.28 -14.88
N ARG C 29 -48.91 -35.16 -15.06
CA ARG C 29 -49.58 -35.90 -16.14
C ARG C 29 -49.11 -35.41 -17.51
N ILE C 30 -48.90 -34.10 -17.65
CA ILE C 30 -48.45 -33.56 -18.93
C ILE C 30 -47.11 -34.17 -19.32
N ALA C 31 -46.16 -34.20 -18.39
CA ALA C 31 -44.82 -34.65 -18.70
C ALA C 31 -44.83 -36.11 -19.16
N GLU C 32 -45.62 -36.95 -18.50
CA GLU C 32 -45.65 -38.36 -18.84
C GLU C 32 -46.14 -38.57 -20.27
N GLU C 33 -47.15 -37.80 -20.69
CA GLU C 33 -47.68 -37.96 -22.04
C GLU C 33 -46.65 -37.55 -23.09
N ALA C 34 -45.81 -36.57 -22.79
CA ALA C 34 -44.78 -36.14 -23.72
C ALA C 34 -43.67 -37.17 -23.89
N GLY C 35 -43.63 -38.19 -23.06
CA GLY C 35 -42.61 -39.22 -23.16
C GLY C 35 -41.42 -39.06 -22.27
N ALA C 36 -41.55 -38.34 -21.14
CA ALA C 36 -40.42 -38.15 -20.25
C ALA C 36 -40.10 -39.44 -19.51
N VAL C 37 -38.92 -39.49 -18.91
CA VAL C 37 -38.48 -40.68 -18.20
C VAL C 37 -38.67 -40.56 -16.68
N ALA C 38 -38.83 -39.35 -16.17
CA ALA C 38 -39.05 -39.15 -14.74
C ALA C 38 -39.50 -37.71 -14.51
N VAL C 39 -40.02 -37.48 -13.30
CA VAL C 39 -40.46 -36.16 -12.88
C VAL C 39 -39.81 -35.84 -11.54
N MET C 40 -39.68 -34.55 -11.25
CA MET C 40 -39.03 -34.10 -10.02
C MET C 40 -40.01 -33.19 -9.28
N ALA C 41 -40.68 -33.74 -8.27
CA ALA C 41 -41.67 -32.98 -7.53
C ALA C 41 -40.99 -31.95 -6.64
N LEU C 42 -41.43 -30.69 -6.75
CA LEU C 42 -40.93 -29.63 -5.88
C LEU C 42 -42.03 -28.59 -5.70
N GLN C 43 -41.84 -27.72 -4.71
CA GLN C 43 -42.89 -26.76 -4.37
C GLN C 43 -43.02 -25.68 -5.44
N ALA C 44 -41.92 -25.32 -6.09
CA ALA C 44 -41.92 -24.27 -7.08
C ALA C 44 -40.68 -24.39 -7.95
N VAL C 45 -40.83 -24.10 -9.24
CA VAL C 45 -39.74 -24.24 -10.20
C VAL C 45 -38.62 -23.28 -9.83
N PRO C 46 -37.37 -23.56 -10.20
CA PRO C 46 -36.26 -22.68 -9.77
C PRO C 46 -36.45 -21.23 -10.17
N ALA C 47 -37.19 -20.96 -11.25
CA ALA C 47 -37.44 -19.58 -11.64
C ALA C 47 -38.22 -18.84 -10.56
N ASP C 48 -39.22 -19.49 -9.96
CA ASP C 48 -40.00 -18.86 -8.90
C ASP C 48 -39.19 -18.69 -7.62
N ILE C 49 -38.27 -19.61 -7.35
CA ILE C 49 -37.50 -19.57 -6.12
C ILE C 49 -36.66 -18.31 -6.05
N ARG C 50 -36.04 -17.92 -7.17
CA ARG C 50 -35.33 -16.64 -7.21
C ARG C 50 -36.28 -15.47 -6.96
N LYS C 51 -37.46 -15.52 -7.57
CA LYS C 51 -38.40 -14.41 -7.43
C LYS C 51 -38.95 -14.31 -6.01
N ALA C 52 -39.36 -15.44 -5.43
CA ALA C 52 -39.97 -15.41 -4.11
C ALA C 52 -38.96 -15.16 -3.00
N GLY C 53 -37.74 -15.66 -3.15
CA GLY C 53 -36.77 -15.46 -2.10
C GLY C 53 -37.14 -16.25 -0.85
N GLY C 54 -36.65 -15.75 0.29
CA GLY C 54 -36.94 -16.41 1.55
C GLY C 54 -36.14 -17.70 1.70
N VAL C 55 -36.67 -18.61 2.51
CA VAL C 55 -36.06 -19.90 2.78
C VAL C 55 -36.89 -20.95 2.06
N ALA C 56 -36.22 -21.77 1.24
CA ALA C 56 -36.87 -22.86 0.53
C ALA C 56 -36.56 -24.17 1.23
N ARG C 57 -37.53 -25.07 1.27
CA ARG C 57 -37.41 -26.33 2.01
C ARG C 57 -37.93 -27.48 1.15
N MET C 58 -37.95 -28.67 1.74
CA MET C 58 -38.52 -29.83 1.09
C MET C 58 -40.01 -29.62 0.84
N ALA C 59 -40.49 -30.15 -0.27
CA ALA C 59 -41.90 -30.02 -0.61
C ALA C 59 -42.77 -30.59 0.50
N ASP C 60 -44.03 -30.19 0.50
CA ASP C 60 -45.00 -30.75 1.44
C ASP C 60 -45.15 -32.24 1.18
N PRO C 61 -45.13 -33.10 2.20
CA PRO C 61 -45.32 -34.53 1.94
C PRO C 61 -46.63 -34.86 1.25
N GLU C 62 -47.65 -34.01 1.39
CA GLU C 62 -48.92 -34.27 0.71
C GLU C 62 -48.76 -34.20 -0.81
N ILE C 63 -47.98 -33.23 -1.30
CA ILE C 63 -47.83 -33.08 -2.75
C ILE C 63 -47.11 -34.29 -3.33
N VAL C 64 -45.97 -34.66 -2.75
CA VAL C 64 -45.16 -35.74 -3.31
C VAL C 64 -45.96 -37.05 -3.33
N GLN C 65 -46.90 -37.18 -2.40
CA GLN C 65 -47.75 -38.38 -2.40
C GLN C 65 -48.76 -38.34 -3.53
N GLN C 66 -49.23 -37.14 -3.89
CA GLN C 66 -50.23 -37.03 -4.95
C GLN C 66 -49.61 -37.23 -6.33
N ILE C 67 -48.42 -36.68 -6.55
CA ILE C 67 -47.74 -36.87 -7.83
C ILE C 67 -47.45 -38.34 -8.07
N ILE C 68 -46.96 -39.03 -7.04
CA ILE C 68 -46.60 -40.45 -7.18
C ILE C 68 -47.80 -41.26 -7.64
N GLU C 69 -48.98 -40.95 -7.08
CA GLU C 69 -50.18 -41.67 -7.46
C GLU C 69 -50.68 -41.31 -8.85
N THR C 70 -50.11 -40.28 -9.47
CA THR C 70 -50.59 -39.78 -10.75
C THR C 70 -49.80 -40.31 -11.93
N VAL C 71 -48.50 -40.60 -11.75
CA VAL C 71 -47.62 -40.99 -12.83
C VAL C 71 -47.11 -42.41 -12.59
N THR C 72 -46.67 -43.04 -13.68
CA THR C 72 -46.08 -44.38 -13.61
C THR C 72 -44.55 -44.34 -13.66
N ILE C 73 -43.96 -43.30 -14.22
CA ILE C 73 -42.51 -43.15 -14.28
C ILE C 73 -42.00 -42.86 -12.87
N PRO C 74 -40.72 -43.11 -12.58
CA PRO C 74 -40.20 -42.85 -11.24
C PRO C 74 -40.34 -41.37 -10.87
N VAL C 75 -40.54 -41.12 -9.58
CA VAL C 75 -40.69 -39.78 -9.03
C VAL C 75 -39.49 -39.48 -8.16
N MET C 76 -38.88 -38.32 -8.37
CA MET C 76 -37.79 -37.84 -7.56
C MET C 76 -38.26 -36.68 -6.67
N ALA C 77 -37.35 -36.22 -5.82
CA ALA C 77 -37.64 -35.15 -4.87
C ALA C 77 -36.35 -34.41 -4.57
N LYS C 78 -36.48 -33.25 -3.94
CA LYS C 78 -35.32 -32.47 -3.56
C LYS C 78 -35.21 -32.38 -2.04
N ALA C 79 -33.98 -32.26 -1.55
CA ALA C 79 -33.70 -32.08 -0.14
C ALA C 79 -32.60 -31.04 0.01
N ARG C 80 -32.57 -30.39 1.17
CA ARG C 80 -31.55 -29.38 1.42
C ARG C 80 -30.20 -30.04 1.66
N ILE C 81 -29.13 -29.28 1.42
CA ILE C 81 -27.78 -29.82 1.59
C ILE C 81 -27.53 -30.09 3.06
N GLY C 82 -27.11 -31.32 3.36
CA GLY C 82 -26.74 -31.67 4.71
C GLY C 82 -27.88 -32.00 5.64
N HIS C 83 -29.12 -32.04 5.14
CA HIS C 83 -30.29 -32.31 5.98
C HIS C 83 -30.65 -33.79 5.86
N PHE C 84 -29.92 -34.60 6.63
CA PHE C 84 -30.06 -36.05 6.50
C PHE C 84 -31.40 -36.55 7.02
N VAL C 85 -32.17 -35.70 7.70
CA VAL C 85 -33.48 -36.13 8.19
C VAL C 85 -34.54 -35.89 7.13
N GLU C 86 -34.40 -34.83 6.32
CA GLU C 86 -35.33 -34.63 5.22
C GLU C 86 -35.22 -35.76 4.21
N ALA C 87 -34.00 -36.18 3.89
CA ALA C 87 -33.82 -37.31 2.98
C ALA C 87 -34.38 -38.59 3.56
N GLU C 88 -34.56 -38.65 4.88
CA GLU C 88 -35.17 -39.82 5.50
C GLU C 88 -36.67 -39.83 5.30
N ILE C 89 -37.30 -38.66 5.35
CA ILE C 89 -38.76 -38.59 5.20
C ILE C 89 -39.16 -38.89 3.77
N LEU C 90 -38.40 -38.37 2.80
CA LEU C 90 -38.71 -38.64 1.40
C LEU C 90 -38.61 -40.13 1.09
N GLU C 91 -37.54 -40.77 1.56
CA GLU C 91 -37.34 -42.18 1.30
C GLU C 91 -38.52 -43.01 1.82
N ALA C 92 -39.06 -42.64 2.98
CA ALA C 92 -40.19 -43.36 3.53
C ALA C 92 -41.44 -43.17 2.70
N LEU C 93 -41.54 -42.06 1.96
CA LEU C 93 -42.70 -41.80 1.12
C LEU C 93 -42.73 -42.65 -0.14
N GLY C 94 -41.58 -43.14 -0.60
CA GLY C 94 -41.55 -43.99 -1.78
C GLY C 94 -40.89 -43.39 -3.00
N VAL C 95 -40.19 -42.26 -2.85
CA VAL C 95 -39.49 -41.69 -3.99
C VAL C 95 -38.37 -42.64 -4.40
N ASP C 96 -38.02 -42.61 -5.68
CA ASP C 96 -37.01 -43.52 -6.22
C ASP C 96 -35.62 -42.92 -6.25
N MET C 97 -35.49 -41.60 -6.06
CA MET C 97 -34.20 -40.95 -6.09
C MET C 97 -34.34 -39.58 -5.43
N VAL C 98 -33.39 -39.25 -4.55
CA VAL C 98 -33.41 -38.00 -3.81
C VAL C 98 -32.29 -37.12 -4.34
N ASP C 99 -32.61 -35.87 -4.63
CA ASP C 99 -31.69 -34.95 -5.29
C ASP C 99 -31.22 -33.90 -4.28
N GLU C 100 -29.96 -33.98 -3.89
CA GLU C 100 -29.36 -32.98 -3.01
C GLU C 100 -29.17 -31.70 -3.80
N SER C 101 -30.19 -30.83 -3.76
CA SER C 101 -30.25 -29.66 -4.61
C SER C 101 -29.51 -28.49 -3.97
N GLU C 102 -28.75 -27.76 -4.79
CA GLU C 102 -28.18 -26.50 -4.33
C GLU C 102 -29.16 -25.34 -4.50
N VAL C 103 -30.28 -25.57 -5.19
CA VAL C 103 -31.29 -24.53 -5.34
C VAL C 103 -31.90 -24.20 -3.99
N LEU C 104 -32.19 -25.20 -3.17
CA LEU C 104 -32.77 -25.00 -1.85
C LEU C 104 -31.71 -24.47 -0.90
N THR C 105 -32.17 -23.92 0.22
CA THR C 105 -31.27 -23.30 1.18
C THR C 105 -30.43 -24.35 1.89
N PRO C 106 -29.10 -24.25 1.88
CA PRO C 106 -28.30 -25.24 2.61
C PRO C 106 -28.64 -25.27 4.09
N ALA C 107 -28.65 -26.47 4.65
CA ALA C 107 -28.91 -26.64 6.08
C ALA C 107 -27.64 -26.87 6.88
N ASP C 108 -26.58 -27.37 6.25
CA ASP C 108 -25.31 -27.62 6.91
C ASP C 108 -24.20 -26.93 6.14
N PRO C 109 -23.55 -25.89 6.67
CA PRO C 109 -22.60 -25.12 5.87
C PRO C 109 -21.23 -25.75 5.72
N PHE C 110 -21.01 -26.96 6.22
CA PHE C 110 -19.72 -27.63 6.13
C PHE C 110 -19.79 -28.99 5.44
N TYR C 111 -20.81 -29.79 5.70
CA TYR C 111 -20.84 -31.18 5.29
C TYR C 111 -22.06 -31.46 4.43
N HIS C 112 -21.96 -32.49 3.59
CA HIS C 112 -23.11 -33.01 2.86
C HIS C 112 -23.62 -34.26 3.58
N ILE C 113 -24.73 -34.81 3.08
CA ILE C 113 -25.26 -36.03 3.67
C ILE C 113 -24.24 -37.15 3.51
N ASP C 114 -24.32 -38.14 4.41
CA ASP C 114 -23.54 -39.37 4.26
C ASP C 114 -24.41 -40.35 3.50
N LYS C 115 -24.27 -40.32 2.17
CA LYS C 115 -25.23 -40.99 1.28
C LYS C 115 -25.05 -42.50 1.23
N THR C 116 -24.03 -43.05 1.87
CA THR C 116 -23.82 -44.50 1.83
C THR C 116 -24.69 -45.24 2.83
N GLN C 117 -25.31 -44.53 3.77
CA GLN C 117 -26.12 -45.15 4.82
C GLN C 117 -27.56 -45.39 4.37
N PHE C 118 -27.96 -44.88 3.22
CA PHE C 118 -29.34 -44.92 2.75
C PHE C 118 -29.48 -45.96 1.65
N THR C 119 -30.73 -46.22 1.26
CA THR C 119 -31.00 -47.17 0.18
C THR C 119 -31.35 -46.47 -1.13
N VAL C 120 -32.08 -45.36 -1.08
CA VAL C 120 -32.47 -44.69 -2.33
C VAL C 120 -31.25 -44.01 -2.94
N PRO C 121 -31.00 -44.16 -4.24
CA PRO C 121 -29.85 -43.48 -4.85
C PRO C 121 -30.04 -41.97 -4.87
N PHE C 122 -28.91 -41.26 -4.89
CA PHE C 122 -28.87 -39.81 -4.83
C PHE C 122 -28.35 -39.25 -6.14
N VAL C 123 -28.50 -37.93 -6.32
CA VAL C 123 -27.88 -37.19 -7.41
C VAL C 123 -27.39 -35.87 -6.85
N CYS C 124 -26.18 -35.46 -7.25
CA CYS C 124 -25.54 -34.29 -6.68
C CYS C 124 -24.93 -33.42 -7.77
N GLY C 125 -24.73 -32.15 -7.44
CA GLY C 125 -24.19 -31.20 -8.40
C GLY C 125 -22.67 -31.29 -8.48
N ALA C 126 -22.12 -30.61 -9.50
CA ALA C 126 -20.68 -30.61 -9.73
C ALA C 126 -20.33 -29.52 -10.73
N ARG C 127 -19.31 -28.73 -10.41
CA ARG C 127 -18.81 -27.71 -11.31
C ARG C 127 -17.56 -28.12 -12.07
N ASN C 128 -16.75 -29.03 -11.53
CA ASN C 128 -15.51 -29.44 -12.16
C ASN C 128 -15.26 -30.90 -11.81
N LEU C 129 -14.08 -31.39 -12.17
CA LEU C 129 -13.76 -32.79 -11.93
C LEU C 129 -13.52 -33.06 -10.45
N GLY C 130 -12.97 -32.09 -9.73
CA GLY C 130 -12.73 -32.29 -8.32
C GLY C 130 -14.01 -32.53 -7.54
N GLU C 131 -15.05 -31.75 -7.85
CA GLU C 131 -16.31 -31.89 -7.13
C GLU C 131 -17.02 -33.18 -7.51
N ALA C 132 -16.91 -33.59 -8.77
CA ALA C 132 -17.57 -34.82 -9.21
C ALA C 132 -17.00 -36.03 -8.48
N LEU C 133 -15.68 -36.04 -8.24
CA LEU C 133 -15.05 -37.20 -7.63
C LEU C 133 -15.28 -37.26 -6.13
N ARG C 134 -15.33 -36.11 -5.45
CA ARG C 134 -15.65 -36.13 -4.03
C ARG C 134 -17.06 -36.63 -3.77
N ARG C 135 -18.02 -36.18 -4.59
CA ARG C 135 -19.40 -36.61 -4.41
C ARG C 135 -19.54 -38.12 -4.59
N ILE C 136 -18.88 -38.69 -5.59
CA ILE C 136 -18.97 -40.13 -5.81
C ILE C 136 -18.35 -40.89 -4.64
N ASN C 137 -17.37 -40.27 -3.98
CA ASN C 137 -16.76 -40.91 -2.81
C ASN C 137 -17.77 -41.07 -1.70
N GLU C 138 -18.65 -40.09 -1.51
CA GLU C 138 -19.67 -40.13 -0.46
C GLU C 138 -20.83 -41.05 -0.80
N GLY C 139 -20.94 -41.52 -2.05
CA GLY C 139 -21.98 -42.44 -2.44
C GLY C 139 -22.97 -41.92 -3.47
N ALA C 140 -22.71 -40.78 -4.11
CA ALA C 140 -23.61 -40.27 -5.13
C ALA C 140 -23.72 -41.25 -6.28
N ALA C 141 -24.95 -41.51 -6.71
CA ALA C 141 -25.21 -42.44 -7.81
C ALA C 141 -25.46 -41.75 -9.13
N MET C 142 -25.20 -40.44 -9.23
CA MET C 142 -25.37 -39.70 -10.47
C MET C 142 -24.84 -38.30 -10.24
N ILE C 143 -24.46 -37.63 -11.31
CA ILE C 143 -23.94 -36.27 -11.23
C ILE C 143 -24.62 -35.42 -12.29
N ARG C 144 -24.92 -34.18 -11.93
CA ARG C 144 -25.48 -33.20 -12.86
C ARG C 144 -24.78 -31.88 -12.67
N THR C 145 -24.43 -31.22 -13.78
CA THR C 145 -23.76 -29.94 -13.70
C THR C 145 -24.64 -28.91 -13.02
N LYS C 146 -24.02 -28.04 -12.22
CA LYS C 146 -24.80 -27.04 -11.49
C LYS C 146 -25.47 -26.05 -12.42
N GLY C 147 -24.71 -25.47 -13.35
CA GLY C 147 -25.25 -24.42 -14.20
C GLY C 147 -25.69 -23.23 -13.40
N GLU C 148 -26.73 -22.54 -13.88
CA GLU C 148 -27.32 -21.39 -13.19
C GLU C 148 -28.84 -21.57 -13.27
N ALA C 149 -29.42 -22.20 -12.26
CA ALA C 149 -30.82 -22.60 -12.32
C ALA C 149 -31.73 -21.38 -12.39
N GLY C 150 -32.75 -21.46 -13.24
CA GLY C 150 -33.77 -20.45 -13.33
C GLY C 150 -33.46 -19.27 -14.22
N THR C 151 -32.33 -19.28 -14.93
CA THR C 151 -31.95 -18.16 -15.77
C THR C 151 -32.28 -18.34 -17.25
N GLY C 152 -32.43 -19.59 -17.71
CA GLY C 152 -32.67 -19.81 -19.11
C GLY C 152 -31.48 -19.54 -20.01
N ASP C 153 -30.27 -19.47 -19.43
CA ASP C 153 -29.04 -19.21 -20.17
C ASP C 153 -28.20 -20.47 -20.12
N VAL C 154 -27.87 -21.02 -21.29
CA VAL C 154 -27.12 -22.26 -21.38
C VAL C 154 -25.63 -21.98 -21.40
N SER C 155 -25.25 -20.74 -21.10
CA SER C 155 -23.83 -20.39 -21.07
C SER C 155 -23.12 -21.08 -19.91
N GLN C 156 -23.76 -21.14 -18.74
CA GLN C 156 -23.10 -21.69 -17.56
C GLN C 156 -23.05 -23.21 -17.62
N ALA C 157 -24.11 -23.87 -18.11
CA ALA C 157 -24.10 -25.32 -18.18
C ALA C 157 -23.02 -25.81 -19.13
N VAL C 158 -22.83 -25.13 -20.26
CA VAL C 158 -21.78 -25.52 -21.21
C VAL C 158 -20.42 -25.33 -20.59
N LYS C 159 -20.23 -24.24 -19.85
CA LYS C 159 -18.95 -23.98 -19.20
C LYS C 159 -18.58 -25.13 -18.26
N HIS C 160 -19.51 -25.53 -17.39
CA HIS C 160 -19.21 -26.59 -16.43
C HIS C 160 -19.07 -27.94 -17.11
N MET C 161 -19.73 -28.13 -18.25
CA MET C 161 -19.66 -29.42 -18.93
C MET C 161 -18.32 -29.57 -19.65
N LYS C 162 -17.71 -28.45 -20.04
CA LYS C 162 -16.41 -28.52 -20.68
C LYS C 162 -15.28 -28.54 -19.66
N GLN C 163 -15.58 -28.10 -18.43
CA GLN C 163 -14.60 -28.23 -17.35
C GLN C 163 -14.46 -29.67 -16.91
N ILE C 164 -15.59 -30.37 -16.71
CA ILE C 164 -15.55 -31.76 -16.30
C ILE C 164 -14.98 -32.64 -17.41
N GLN C 165 -15.49 -32.47 -18.63
CA GLN C 165 -15.06 -33.31 -19.74
C GLN C 165 -13.69 -32.88 -20.27
N GLY C 166 -13.34 -31.61 -20.13
CA GLY C 166 -12.02 -31.18 -20.56
C GLY C 166 -10.92 -31.77 -19.71
N GLU C 167 -11.14 -31.88 -18.40
CA GLU C 167 -10.12 -32.42 -17.52
C GLU C 167 -9.95 -33.92 -17.72
N ILE C 168 -11.05 -34.64 -17.94
CA ILE C 168 -10.97 -36.09 -18.07
C ILE C 168 -10.19 -36.47 -19.32
N ARG C 169 -10.13 -35.58 -20.31
CA ARG C 169 -9.38 -35.90 -21.52
C ARG C 169 -7.88 -35.68 -21.33
N ALA C 170 -7.51 -34.73 -20.46
CA ALA C 170 -6.09 -34.52 -20.17
C ALA C 170 -5.47 -35.70 -19.42
N LEU C 171 -6.26 -36.41 -18.62
CA LEU C 171 -5.73 -37.52 -17.83
C LEU C 171 -5.26 -38.68 -18.68
N ALA C 172 -5.62 -38.73 -19.96
CA ALA C 172 -5.15 -39.80 -20.82
C ALA C 172 -3.66 -39.63 -21.12
N GLY C 173 -2.91 -40.72 -20.99
CA GLY C 173 -1.48 -40.70 -21.26
C GLY C 173 -0.60 -40.42 -20.08
N LYS C 174 -1.14 -39.85 -19.00
CA LYS C 174 -0.32 -39.51 -17.84
C LYS C 174 0.18 -40.77 -17.15
N THR C 175 1.31 -40.65 -16.46
CA THR C 175 1.89 -41.76 -15.72
C THR C 175 1.44 -41.72 -14.26
N LYS C 176 1.60 -42.86 -13.58
CA LYS C 176 1.11 -42.98 -12.22
C LYS C 176 1.67 -41.88 -11.32
N GLU C 177 2.96 -41.58 -11.45
CA GLU C 177 3.55 -40.54 -10.61
C GLU C 177 2.87 -39.20 -10.84
N GLU C 178 2.20 -39.03 -11.99
CA GLU C 178 1.57 -37.75 -12.29
C GLU C 178 0.11 -37.74 -11.90
N LEU C 179 -0.59 -38.87 -12.06
CA LEU C 179 -1.98 -38.95 -11.62
C LEU C 179 -2.10 -38.74 -10.11
N ILE C 180 -1.04 -39.04 -9.36
CA ILE C 180 -1.04 -38.74 -7.93
C ILE C 180 -0.94 -37.24 -7.70
N MET C 181 -0.16 -36.53 -8.52
CA MET C 181 -0.06 -35.09 -8.38
C MET C 181 -1.38 -34.40 -8.70
N VAL C 182 -2.10 -34.89 -9.72
CA VAL C 182 -3.38 -34.28 -10.06
C VAL C 182 -4.37 -34.44 -8.91
N ALA C 183 -4.42 -35.63 -8.32
CA ALA C 183 -5.37 -35.87 -7.24
C ALA C 183 -5.15 -34.89 -6.08
N ARG C 184 -3.93 -34.41 -5.92
CA ARG C 184 -3.66 -33.38 -4.92
C ARG C 184 -4.24 -32.03 -5.36
N GLU C 185 -4.00 -31.63 -6.60
CA GLU C 185 -4.43 -30.32 -7.05
C GLU C 185 -5.94 -30.20 -7.03
N ILE C 186 -6.66 -31.22 -7.50
CA ILE C 186 -8.10 -31.23 -7.50
C ILE C 186 -8.68 -31.77 -6.20
N GLU C 187 -7.83 -32.23 -5.28
CA GLU C 187 -8.26 -32.63 -3.95
C GLU C 187 -9.25 -33.79 -4.02
N ALA C 188 -8.96 -34.77 -4.87
CA ALA C 188 -9.83 -35.91 -5.07
C ALA C 188 -9.14 -37.18 -4.63
N PRO C 189 -9.90 -38.23 -4.29
CA PRO C 189 -9.27 -39.51 -3.96
C PRO C 189 -8.45 -40.04 -5.12
N ILE C 190 -7.30 -40.63 -4.79
CA ILE C 190 -6.41 -41.14 -5.84
C ILE C 190 -6.98 -42.40 -6.48
N GLU C 191 -7.81 -43.15 -5.75
CA GLU C 191 -8.40 -44.34 -6.33
C GLU C 191 -9.34 -44.00 -7.48
N LEU C 192 -10.10 -42.90 -7.34
CA LEU C 192 -11.03 -42.52 -8.39
C LEU C 192 -10.31 -41.89 -9.57
N VAL C 193 -9.31 -41.04 -9.33
CA VAL C 193 -8.62 -40.37 -10.43
C VAL C 193 -7.97 -41.38 -11.36
N VAL C 194 -7.67 -42.58 -10.85
CA VAL C 194 -7.13 -43.62 -11.72
C VAL C 194 -8.25 -44.39 -12.41
N GLU C 195 -9.40 -44.56 -11.73
CA GLU C 195 -10.53 -45.19 -12.39
C GLU C 195 -11.10 -44.30 -13.49
N THR C 196 -11.16 -43.00 -13.25
CA THR C 196 -11.60 -42.07 -14.28
C THR C 196 -10.65 -42.07 -15.47
N ALA C 197 -9.34 -42.02 -15.21
CA ALA C 197 -8.37 -41.93 -16.29
C ALA C 197 -8.39 -43.17 -17.16
N LYS C 198 -8.74 -44.32 -16.59
CA LYS C 198 -8.81 -45.55 -17.37
C LYS C 198 -10.07 -45.60 -18.21
N MET C 199 -11.16 -45.01 -17.72
CA MET C 199 -12.44 -45.06 -18.42
C MET C 199 -12.67 -43.85 -19.33
N GLN C 200 -12.01 -42.73 -19.05
CA GLN C 200 -12.18 -41.50 -19.82
C GLN C 200 -13.60 -40.96 -19.71
N ARG C 201 -14.27 -41.25 -18.60
CA ARG C 201 -15.58 -40.69 -18.31
C ARG C 201 -15.84 -40.85 -16.82
N LEU C 202 -16.76 -40.05 -16.30
CA LEU C 202 -17.15 -40.20 -14.91
C LEU C 202 -17.72 -41.61 -14.70
N PRO C 203 -17.27 -42.32 -13.65
CA PRO C 203 -17.75 -43.69 -13.45
C PRO C 203 -19.23 -43.82 -13.17
N VAL C 204 -19.98 -42.71 -13.11
CA VAL C 204 -21.42 -42.72 -12.90
C VAL C 204 -22.08 -41.86 -13.97
N VAL C 205 -23.37 -42.12 -14.19
CA VAL C 205 -24.11 -41.38 -15.21
C VAL C 205 -24.06 -39.89 -14.92
N ASN C 206 -23.97 -39.08 -15.97
CA ASN C 206 -23.82 -37.63 -15.85
C ASN C 206 -24.89 -36.96 -16.70
N PHE C 207 -25.64 -36.04 -16.10
CA PHE C 207 -26.70 -35.30 -16.78
C PHE C 207 -26.33 -33.83 -16.89
N ALA C 208 -27.19 -33.08 -17.58
CA ALA C 208 -27.02 -31.64 -17.73
C ALA C 208 -28.24 -30.92 -17.15
N ALA C 209 -27.99 -29.86 -16.39
CA ALA C 209 -29.06 -29.14 -15.71
C ALA C 209 -28.72 -27.66 -15.64
N GLY C 210 -29.75 -26.83 -15.77
CA GLY C 210 -29.58 -25.39 -15.63
C GLY C 210 -29.39 -24.69 -16.96
N GLY C 211 -30.36 -23.88 -17.37
CA GLY C 211 -30.25 -23.10 -18.58
C GLY C 211 -30.81 -23.74 -19.83
N VAL C 212 -31.27 -24.99 -19.76
CA VAL C 212 -31.90 -25.61 -20.93
C VAL C 212 -33.28 -25.01 -21.11
N ALA C 213 -33.49 -24.31 -22.23
CA ALA C 213 -34.72 -23.55 -22.44
C ALA C 213 -35.36 -23.74 -23.81
N THR C 214 -34.68 -24.37 -24.75
CA THR C 214 -35.21 -24.55 -26.10
C THR C 214 -34.78 -25.91 -26.62
N PRO C 215 -35.45 -26.43 -27.65
CA PRO C 215 -35.02 -27.70 -28.24
C PRO C 215 -33.60 -27.66 -28.77
N ALA C 216 -33.07 -26.49 -29.11
CA ALA C 216 -31.69 -26.39 -29.55
C ALA C 216 -30.73 -26.59 -28.39
N ASP C 217 -30.99 -25.96 -27.24
CA ASP C 217 -30.11 -26.10 -26.09
C ASP C 217 -30.12 -27.52 -25.57
N ALA C 218 -31.26 -28.20 -25.65
CA ALA C 218 -31.33 -29.59 -25.20
C ALA C 218 -30.40 -30.47 -26.01
N ALA C 219 -30.39 -30.30 -27.34
CA ALA C 219 -29.57 -31.14 -28.20
C ALA C 219 -28.11 -30.69 -28.18
N LEU C 220 -27.84 -29.47 -27.73
CA LEU C 220 -26.46 -29.02 -27.59
C LEU C 220 -25.76 -29.78 -26.48
N MET C 221 -26.43 -29.95 -25.34
CA MET C 221 -25.82 -30.65 -24.21
C MET C 221 -25.57 -32.11 -24.55
N MET C 222 -26.48 -32.73 -25.29
CA MET C 222 -26.28 -34.11 -25.69
C MET C 222 -25.14 -34.25 -26.70
N ARG C 223 -24.84 -33.19 -27.44
CA ARG C 223 -23.70 -33.22 -28.36
C ARG C 223 -22.38 -32.92 -27.66
N LEU C 224 -22.41 -32.42 -26.43
CA LEU C 224 -21.18 -32.23 -25.67
C LEU C 224 -20.82 -33.47 -24.85
N GLY C 225 -21.65 -34.50 -24.85
CA GLY C 225 -21.36 -35.73 -24.16
C GLY C 225 -22.28 -36.08 -23.00
N ALA C 226 -23.36 -35.33 -22.80
CA ALA C 226 -24.29 -35.63 -21.71
C ALA C 226 -25.05 -36.91 -22.00
N ASP C 227 -25.56 -37.54 -20.94
CA ASP C 227 -26.42 -38.71 -21.08
C ASP C 227 -27.90 -38.38 -21.01
N GLY C 228 -28.24 -37.11 -20.83
CA GLY C 228 -29.62 -36.71 -20.65
C GLY C 228 -29.65 -35.23 -20.35
N VAL C 229 -30.82 -34.76 -19.90
CA VAL C 229 -31.00 -33.35 -19.60
C VAL C 229 -32.07 -33.18 -18.53
N PHE C 230 -31.81 -32.27 -17.59
CA PHE C 230 -32.78 -31.85 -16.59
C PHE C 230 -33.38 -30.52 -17.04
N VAL C 231 -34.69 -30.50 -17.30
CA VAL C 231 -35.37 -29.31 -17.79
C VAL C 231 -36.38 -28.89 -16.73
N GLY C 232 -36.24 -27.67 -16.23
CA GLY C 232 -37.09 -27.16 -15.17
C GLY C 232 -38.01 -26.04 -15.61
N SER C 233 -37.59 -24.80 -15.33
CA SER C 233 -38.41 -23.64 -15.65
C SER C 233 -38.62 -23.48 -17.15
N GLY C 234 -37.78 -24.12 -17.97
CA GLY C 234 -37.80 -23.85 -19.39
C GLY C 234 -39.13 -24.19 -20.06
N ILE C 235 -39.77 -25.27 -19.62
CA ILE C 235 -40.95 -25.79 -20.32
C ILE C 235 -42.22 -25.10 -19.84
N PHE C 236 -42.44 -25.09 -18.54
CA PHE C 236 -43.71 -24.62 -17.99
C PHE C 236 -43.75 -23.11 -17.77
N LYS C 237 -42.62 -22.41 -17.95
CA LYS C 237 -42.63 -20.95 -18.01
C LYS C 237 -42.61 -20.44 -19.45
N ALA C 238 -42.73 -21.32 -20.43
CA ALA C 238 -42.75 -20.91 -21.83
C ALA C 238 -44.16 -20.53 -22.25
N GLU C 239 -44.30 -20.14 -23.51
CA GLU C 239 -45.60 -19.73 -24.03
C GLU C 239 -46.58 -20.88 -24.01
N ASN C 240 -46.15 -22.07 -24.45
CA ASN C 240 -47.01 -23.24 -24.55
C ASN C 240 -46.29 -24.44 -23.96
N PRO C 241 -46.52 -24.74 -22.68
CA PRO C 241 -45.81 -25.89 -22.07
C PRO C 241 -46.03 -27.20 -22.79
N GLU C 242 -47.24 -27.44 -23.31
CA GLU C 242 -47.52 -28.72 -23.94
C GLU C 242 -46.68 -28.93 -25.19
N LYS C 243 -46.55 -27.89 -26.02
CA LYS C 243 -45.80 -28.04 -27.27
C LYS C 243 -44.30 -28.07 -27.00
N MET C 244 -43.82 -27.23 -26.08
CA MET C 244 -42.39 -27.24 -25.76
C MET C 244 -41.96 -28.57 -25.20
N ALA C 245 -42.84 -29.24 -24.43
CA ALA C 245 -42.47 -30.49 -23.80
C ALA C 245 -42.15 -31.56 -24.84
N LYS C 246 -43.05 -31.76 -25.81
CA LYS C 246 -42.82 -32.78 -26.83
C LYS C 246 -41.61 -32.44 -27.69
N ALA C 247 -41.37 -31.14 -27.92
CA ALA C 247 -40.22 -30.75 -28.73
C ALA C 247 -38.91 -31.10 -28.04
N VAL C 248 -38.78 -30.77 -26.75
CA VAL C 248 -37.53 -31.04 -26.05
C VAL C 248 -37.27 -32.54 -25.99
N VAL C 249 -38.31 -33.33 -25.70
CA VAL C 249 -38.14 -34.78 -25.63
C VAL C 249 -37.70 -35.33 -26.98
N GLU C 250 -38.24 -34.77 -28.07
CA GLU C 250 -37.86 -35.24 -29.40
C GLU C 250 -36.49 -34.71 -29.80
N ALA C 251 -36.10 -33.55 -29.29
CA ALA C 251 -34.79 -33.01 -29.62
C ALA C 251 -33.68 -33.93 -29.14
N VAL C 252 -33.80 -34.46 -27.91
CA VAL C 252 -32.76 -35.31 -27.36
C VAL C 252 -32.65 -36.62 -28.15
N ASN C 253 -33.75 -37.06 -28.78
CA ASN C 253 -33.70 -38.30 -29.53
C ASN C 253 -33.15 -38.13 -30.94
N ASN C 254 -33.04 -36.90 -31.43
CA ASN C 254 -32.48 -36.62 -32.75
C ASN C 254 -31.42 -35.53 -32.67
N TYR C 255 -30.60 -35.54 -31.62
CA TYR C 255 -29.63 -34.47 -31.42
C TYR C 255 -28.57 -34.43 -32.52
N ASP C 256 -28.44 -35.50 -33.31
CA ASP C 256 -27.39 -35.58 -34.32
C ASP C 256 -27.91 -35.48 -35.75
N ASN C 257 -29.18 -35.13 -35.94
CA ASN C 257 -29.77 -35.03 -37.27
C ASN C 257 -30.20 -33.59 -37.54
N PRO C 258 -29.38 -32.78 -38.23
CA PRO C 258 -29.75 -31.37 -38.43
C PRO C 258 -31.07 -31.17 -39.15
N VAL C 259 -31.40 -32.02 -40.11
CA VAL C 259 -32.63 -31.83 -40.87
C VAL C 259 -33.85 -31.91 -39.96
N LYS C 260 -33.87 -32.93 -39.09
CA LYS C 260 -35.02 -33.13 -38.22
C LYS C 260 -35.14 -32.00 -37.20
N LEU C 261 -34.01 -31.55 -36.64
CA LEU C 261 -34.06 -30.52 -35.61
C LEU C 261 -34.77 -29.26 -36.10
N ALA C 262 -34.61 -28.93 -37.38
CA ALA C 262 -35.34 -27.78 -37.92
C ALA C 262 -36.84 -28.02 -37.86
N GLU C 263 -37.28 -29.24 -38.16
CA GLU C 263 -38.72 -29.55 -38.13
C GLU C 263 -39.27 -29.42 -36.71
N ILE C 264 -38.51 -29.88 -35.71
CA ILE C 264 -38.98 -29.84 -34.34
C ILE C 264 -39.17 -28.41 -33.86
N SER C 265 -38.22 -27.53 -34.18
CA SER C 265 -38.24 -26.16 -33.68
C SER C 265 -39.34 -25.31 -34.29
N LYS C 266 -40.02 -25.80 -35.32
CA LYS C 266 -41.06 -25.01 -35.98
C LYS C 266 -42.39 -25.15 -35.25
N GLY C 267 -42.97 -24.03 -34.86
CA GLY C 267 -44.25 -24.03 -34.18
C GLY C 267 -44.20 -24.30 -32.70
N VAL C 268 -43.00 -24.38 -32.12
CA VAL C 268 -42.89 -24.68 -30.70
C VAL C 268 -43.41 -23.52 -29.85
N GLY C 269 -43.00 -22.30 -30.17
CA GLY C 269 -43.40 -21.13 -29.41
C GLY C 269 -42.22 -20.44 -28.74
N ALA C 270 -42.51 -19.26 -28.19
CA ALA C 270 -41.47 -18.47 -27.55
C ALA C 270 -41.01 -19.13 -26.25
N GLY C 271 -39.71 -19.08 -26.01
CA GLY C 271 -39.14 -19.62 -24.79
C GLY C 271 -39.26 -18.65 -23.64
N MET C 272 -38.84 -19.12 -22.47
CA MET C 272 -38.87 -18.31 -21.26
C MET C 272 -37.95 -17.11 -21.39
N LYS C 273 -38.41 -15.97 -20.91
CA LYS C 273 -37.57 -14.77 -20.84
C LYS C 273 -36.55 -14.95 -19.73
N GLY C 274 -35.30 -15.22 -20.10
CA GLY C 274 -34.29 -15.53 -19.12
C GLY C 274 -33.64 -14.31 -18.52
N ILE C 275 -32.53 -14.54 -17.84
CA ILE C 275 -31.68 -13.49 -17.27
C ILE C 275 -30.25 -13.81 -17.65
N SER C 276 -29.53 -12.80 -18.15
CA SER C 276 -28.15 -13.02 -18.54
C SER C 276 -27.33 -13.51 -17.34
N ALA C 277 -26.68 -14.67 -17.51
CA ALA C 277 -25.98 -15.28 -16.39
C ALA C 277 -24.84 -14.41 -15.89
N ASP C 278 -24.20 -13.65 -16.78
CA ASP C 278 -23.11 -12.78 -16.36
C ASP C 278 -23.59 -11.58 -15.55
N MET C 279 -24.91 -11.35 -15.48
CA MET C 279 -25.46 -10.24 -14.72
C MET C 279 -25.64 -10.57 -13.24
N ILE C 280 -25.57 -11.84 -12.86
CA ILE C 280 -25.89 -12.28 -11.51
C ILE C 280 -24.65 -12.09 -10.62
N PRO C 281 -24.76 -11.38 -9.50
CA PRO C 281 -23.61 -11.28 -8.58
C PRO C 281 -23.24 -12.64 -8.03
N ALA C 282 -21.95 -12.78 -7.67
CA ALA C 282 -21.45 -14.06 -7.18
C ALA C 282 -22.18 -14.50 -5.92
N GLN C 283 -22.41 -13.59 -4.98
CA GLN C 283 -23.11 -13.95 -3.75
C GLN C 283 -24.53 -14.45 -4.01
N GLU C 284 -25.13 -14.04 -5.12
CA GLU C 284 -26.46 -14.49 -5.48
C GLU C 284 -26.46 -15.75 -6.35
N ALA C 285 -25.28 -16.20 -6.80
CA ALA C 285 -25.21 -17.34 -7.69
C ALA C 285 -25.45 -18.64 -6.93
N LEU C 286 -26.47 -19.39 -7.34
CA LEU C 286 -26.76 -20.66 -6.70
C LEU C 286 -25.63 -21.66 -6.94
N GLN C 287 -24.91 -21.52 -8.06
CA GLN C 287 -23.85 -22.47 -8.38
C GLN C 287 -22.72 -22.45 -7.35
N GLU C 288 -22.52 -21.33 -6.65
CA GLU C 288 -21.48 -21.25 -5.64
C GLU C 288 -21.75 -22.15 -4.44
N ARG C 289 -23.00 -22.55 -4.21
CA ARG C 289 -23.31 -23.53 -3.19
C ARG C 289 -22.88 -24.91 -3.68
N GLY C 290 -22.71 -25.83 -2.74
CA GLY C 290 -22.20 -27.15 -3.08
C GLY C 290 -20.69 -27.15 -3.13
N TRP C 291 -20.06 -26.67 -2.07
CA TRP C 291 -18.61 -26.66 -1.91
C TRP C 291 -17.98 -28.02 -2.16
N HIS D 1 -28.28 -18.59 49.11
CA HIS D 1 -28.64 -18.78 47.71
C HIS D 1 -28.71 -20.26 47.35
N GLY D 2 -29.45 -20.57 46.29
CA GLY D 2 -29.58 -21.95 45.83
C GLY D 2 -28.24 -22.56 45.46
N THR D 3 -28.01 -23.79 45.91
CA THR D 3 -26.78 -24.48 45.59
C THR D 3 -26.68 -24.77 44.09
N GLU D 4 -25.46 -24.78 43.58
CA GLU D 4 -25.26 -25.00 42.15
C GLU D 4 -25.86 -26.33 41.71
N LEU D 5 -25.89 -27.32 42.60
CA LEU D 5 -26.46 -28.61 42.25
C LEU D 5 -27.95 -28.50 41.96
N ILE D 6 -28.69 -27.77 42.81
CA ILE D 6 -30.14 -27.64 42.62
C ILE D 6 -30.43 -26.81 41.37
N LYS D 7 -29.66 -25.76 41.10
CA LYS D 7 -29.80 -25.00 39.82
C LYS D 7 -29.42 -25.94 38.65
N ARG D 8 -28.50 -26.90 38.84
CA ARG D 8 -28.06 -27.90 37.82
C ARG D 8 -28.91 -29.15 38.04
N GLY D 9 -30.07 -29.01 38.69
CA GLY D 9 -31.08 -30.07 38.90
C GLY D 9 -32.47 -29.58 38.50
N PHE D 10 -32.56 -28.29 38.12
CA PHE D 10 -33.82 -27.73 37.58
C PHE D 10 -33.60 -27.71 36.08
N ALA D 11 -32.34 -27.54 35.64
CA ALA D 11 -32.02 -27.58 34.21
C ALA D 11 -32.12 -29.02 33.66
N ARG D 12 -31.96 -30.11 34.44
CA ARG D 12 -31.96 -31.48 33.96
C ARG D 12 -33.38 -32.03 33.78
N MET D 13 -34.36 -31.47 34.50
CA MET D 13 -35.74 -31.91 34.32
C MET D 13 -36.27 -31.58 32.94
N GLN D 14 -35.65 -30.62 32.25
CA GLN D 14 -36.14 -30.18 30.95
C GLN D 14 -35.65 -31.04 29.79
N LYS D 15 -34.92 -32.12 30.07
CA LYS D 15 -34.36 -32.94 29.01
C LYS D 15 -35.45 -33.59 28.17
N GLY D 16 -35.22 -33.64 26.86
CA GLY D 16 -36.13 -34.31 25.96
C GLY D 16 -37.49 -33.67 25.81
N GLY D 17 -37.57 -32.33 25.81
CA GLY D 17 -38.82 -31.62 25.67
C GLY D 17 -38.74 -30.49 24.67
N VAL D 18 -39.79 -29.67 24.68
CA VAL D 18 -39.90 -28.50 23.83
C VAL D 18 -40.33 -27.32 24.69
N ILE D 19 -39.69 -26.16 24.46
CA ILE D 19 -40.03 -24.91 25.13
C ILE D 19 -40.54 -23.95 24.05
N MET D 20 -41.76 -23.45 24.23
CA MET D 20 -42.43 -22.63 23.24
C MET D 20 -42.58 -21.20 23.76
N ASP D 21 -42.15 -20.23 22.96
CA ASP D 21 -42.26 -18.84 23.34
C ASP D 21 -43.66 -18.32 23.08
N VAL D 22 -44.28 -17.71 24.09
CA VAL D 22 -45.66 -17.24 24.01
C VAL D 22 -45.71 -15.79 24.48
N THR D 23 -46.74 -15.07 24.03
CA THR D 23 -46.90 -13.66 24.35
C THR D 23 -48.19 -13.35 25.09
N THR D 24 -49.20 -14.19 24.99
CA THR D 24 -50.51 -13.94 25.59
C THR D 24 -50.93 -15.17 26.36
N PRO D 25 -51.87 -15.02 27.31
CA PRO D 25 -52.33 -16.20 28.05
C PRO D 25 -52.89 -17.29 27.16
N GLU D 26 -53.59 -16.94 26.08
CA GLU D 26 -54.16 -17.94 25.20
C GLU D 26 -53.07 -18.77 24.52
N GLN D 27 -52.01 -18.12 24.05
CA GLN D 27 -50.89 -18.85 23.47
C GLN D 27 -50.24 -19.74 24.53
N ALA D 28 -50.16 -19.26 25.77
CA ALA D 28 -49.62 -20.09 26.84
C ALA D 28 -50.49 -21.32 27.08
N ARG D 29 -51.80 -21.15 27.01
CA ARG D 29 -52.70 -22.31 27.15
C ARG D 29 -52.52 -23.28 26.00
N ILE D 30 -52.32 -22.76 24.78
CA ILE D 30 -52.15 -23.64 23.63
C ILE D 30 -50.93 -24.55 23.82
N ALA D 31 -49.80 -23.95 24.23
CA ALA D 31 -48.58 -24.72 24.35
C ALA D 31 -48.71 -25.86 25.35
N GLU D 32 -49.37 -25.58 26.48
CA GLU D 32 -49.50 -26.60 27.52
C GLU D 32 -50.29 -27.79 27.02
N GLU D 33 -51.36 -27.56 26.25
CA GLU D 33 -52.16 -28.65 25.74
C GLU D 33 -51.38 -29.53 24.76
N ALA D 34 -50.47 -28.93 24.00
CA ALA D 34 -49.64 -29.68 23.06
C ALA D 34 -48.63 -30.57 23.74
N GLY D 35 -48.43 -30.41 25.05
CA GLY D 35 -47.49 -31.23 25.78
C GLY D 35 -46.12 -30.63 25.98
N ALA D 36 -45.99 -29.31 25.95
CA ALA D 36 -44.69 -28.68 26.14
C ALA D 36 -44.26 -28.79 27.59
N VAL D 37 -42.96 -28.54 27.83
CA VAL D 37 -42.41 -28.64 29.17
C VAL D 37 -42.27 -27.30 29.85
N ALA D 38 -42.29 -26.20 29.09
CA ALA D 38 -42.19 -24.87 29.66
C ALA D 38 -42.56 -23.84 28.60
N VAL D 39 -42.78 -22.60 29.06
CA VAL D 39 -43.10 -21.49 28.19
C VAL D 39 -42.17 -20.34 28.53
N MET D 40 -41.95 -19.46 27.57
CA MET D 40 -41.05 -18.32 27.74
C MET D 40 -41.82 -17.05 27.43
N ALA D 41 -42.27 -16.36 28.48
CA ALA D 41 -43.06 -15.15 28.29
C ALA D 41 -42.19 -14.01 27.80
N LEU D 42 -42.61 -13.36 26.71
CA LEU D 42 -41.91 -12.20 26.20
C LEU D 42 -42.93 -11.30 25.50
N GLN D 43 -42.52 -10.05 25.25
CA GLN D 43 -43.44 -9.07 24.69
C GLN D 43 -43.77 -9.37 23.23
N ALA D 44 -42.83 -9.95 22.49
CA ALA D 44 -43.03 -10.23 21.08
C ALA D 44 -42.00 -11.27 20.64
N VAL D 45 -42.41 -12.15 19.74
CA VAL D 45 -41.57 -13.25 19.27
C VAL D 45 -40.36 -12.66 18.54
N PRO D 46 -39.23 -13.36 18.47
CA PRO D 46 -38.05 -12.76 17.84
C PRO D 46 -38.27 -12.32 16.41
N ALA D 47 -39.22 -12.93 15.70
CA ALA D 47 -39.52 -12.48 14.34
C ALA D 47 -40.04 -11.05 14.32
N ASP D 48 -40.90 -10.70 15.28
CA ASP D 48 -41.41 -9.34 15.35
C ASP D 48 -40.35 -8.34 15.79
N ILE D 49 -39.41 -8.78 16.62
CA ILE D 49 -38.40 -7.87 17.15
C ILE D 49 -37.53 -7.32 16.02
N ARG D 50 -37.16 -8.18 15.06
CA ARG D 50 -36.45 -7.69 13.88
C ARG D 50 -37.29 -6.70 13.11
N LYS D 51 -38.58 -6.99 12.93
CA LYS D 51 -39.45 -6.12 12.14
C LYS D 51 -39.67 -4.79 12.83
N ALA D 52 -39.98 -4.81 14.13
CA ALA D 52 -40.29 -3.57 14.84
C ALA D 52 -39.06 -2.71 15.09
N GLY D 53 -37.90 -3.32 15.34
CA GLY D 53 -36.73 -2.54 15.61
C GLY D 53 -36.84 -1.83 16.95
N GLY D 54 -36.11 -0.72 17.05
CA GLY D 54 -36.12 0.04 18.29
C GLY D 54 -35.35 -0.65 19.39
N VAL D 55 -35.72 -0.34 20.63
CA VAL D 55 -35.09 -0.90 21.82
C VAL D 55 -36.07 -1.89 22.43
N ALA D 56 -35.61 -3.11 22.65
CA ALA D 56 -36.43 -4.14 23.29
C ALA D 56 -36.00 -4.30 24.74
N ARG D 57 -36.97 -4.54 25.61
CA ARG D 57 -36.71 -4.60 27.06
C ARG D 57 -37.43 -5.81 27.65
N MET D 58 -37.34 -5.92 28.97
CA MET D 58 -38.07 -6.95 29.69
C MET D 58 -39.57 -6.76 29.52
N ALA D 59 -40.30 -7.88 29.45
CA ALA D 59 -41.74 -7.81 29.30
C ALA D 59 -42.36 -7.01 30.44
N ASP D 60 -43.59 -6.56 30.21
CA ASP D 60 -44.33 -5.88 31.26
C ASP D 60 -44.58 -6.84 32.41
N PRO D 61 -44.36 -6.43 33.66
CA PRO D 61 -44.63 -7.36 34.78
C PRO D 61 -46.06 -7.83 34.82
N GLU D 62 -47.01 -7.08 34.27
CA GLU D 62 -48.40 -7.52 34.25
C GLU D 62 -48.57 -8.80 33.42
N ILE D 63 -47.90 -8.86 32.26
CA ILE D 63 -48.05 -10.02 31.38
C ILE D 63 -47.50 -11.27 32.05
N VAL D 64 -46.27 -11.21 32.57
CA VAL D 64 -45.63 -12.39 33.13
C VAL D 64 -46.43 -12.92 34.31
N GLN D 65 -47.17 -12.03 34.98
CA GLN D 65 -48.02 -12.47 36.08
C GLN D 65 -49.24 -13.21 35.57
N GLN D 66 -49.75 -12.79 34.40
CA GLN D 66 -50.96 -13.42 33.87
C GLN D 66 -50.66 -14.81 33.29
N ILE D 67 -49.52 -14.93 32.59
CA ILE D 67 -49.14 -16.23 32.03
C ILE D 67 -48.94 -17.25 33.15
N ILE D 68 -48.26 -16.84 34.22
CA ILE D 68 -47.96 -17.76 35.32
C ILE D 68 -49.26 -18.32 35.90
N GLU D 69 -50.28 -17.48 36.03
CA GLU D 69 -51.55 -17.91 36.56
C GLU D 69 -52.33 -18.79 35.59
N THR D 70 -51.88 -18.89 34.34
CA THR D 70 -52.62 -19.61 33.31
C THR D 70 -52.10 -21.03 33.09
N VAL D 71 -50.81 -21.28 33.31
CA VAL D 71 -50.19 -22.56 33.00
C VAL D 71 -49.68 -23.18 34.30
N THR D 72 -49.49 -24.50 34.25
CA THR D 72 -48.93 -25.26 35.37
C THR D 72 -47.45 -25.57 35.18
N ILE D 73 -46.97 -25.62 33.94
CA ILE D 73 -45.56 -25.87 33.65
C ILE D 73 -44.74 -24.65 34.06
N PRO D 74 -43.44 -24.79 34.31
CA PRO D 74 -42.63 -23.63 34.71
C PRO D 74 -42.68 -22.53 33.66
N VAL D 75 -42.58 -21.28 34.12
CA VAL D 75 -42.58 -20.12 33.26
C VAL D 75 -41.21 -19.47 33.34
N MET D 76 -40.64 -19.16 32.17
CA MET D 76 -39.39 -18.43 32.09
C MET D 76 -39.63 -17.03 31.59
N ALA D 77 -38.55 -16.25 31.54
CA ALA D 77 -38.61 -14.85 31.13
C ALA D 77 -37.26 -14.47 30.54
N LYS D 78 -37.22 -13.32 29.87
CA LYS D 78 -35.99 -12.82 29.28
C LYS D 78 -35.57 -11.53 29.97
N ALA D 79 -34.25 -11.30 30.01
CA ALA D 79 -33.68 -10.09 30.54
C ALA D 79 -32.54 -9.63 29.63
N ARG D 80 -32.25 -8.34 29.65
CA ARG D 80 -31.18 -7.80 28.82
C ARG D 80 -29.82 -8.22 29.38
N ILE D 81 -28.81 -8.23 28.52
CA ILE D 81 -27.48 -8.64 28.94
C ILE D 81 -26.92 -7.60 29.90
N GLY D 82 -26.48 -8.05 31.06
CA GLY D 82 -25.83 -7.19 32.02
C GLY D 82 -26.76 -6.36 32.88
N HIS D 83 -28.06 -6.55 32.76
CA HIS D 83 -29.03 -5.77 33.53
C HIS D 83 -29.44 -6.56 34.77
N PHE D 84 -28.58 -6.48 35.80
CA PHE D 84 -28.78 -7.31 36.98
C PHE D 84 -29.98 -6.88 37.80
N VAL D 85 -30.57 -5.71 37.49
CA VAL D 85 -31.75 -5.28 38.22
C VAL D 85 -33.02 -5.83 37.58
N GLU D 86 -33.04 -5.97 36.25
CA GLU D 86 -34.18 -6.61 35.61
C GLU D 86 -34.31 -8.07 36.05
N ALA D 87 -33.19 -8.79 36.13
CA ALA D 87 -33.24 -10.17 36.62
C ALA D 87 -33.69 -10.23 38.07
N GLU D 88 -33.57 -9.12 38.80
CA GLU D 88 -34.06 -9.09 40.18
C GLU D 88 -35.57 -8.96 40.23
N ILE D 89 -36.15 -8.20 39.30
CA ILE D 89 -37.60 -8.00 39.30
C ILE D 89 -38.31 -9.27 38.87
N LEU D 90 -37.78 -9.96 37.85
CA LEU D 90 -38.39 -11.21 37.41
C LEU D 90 -38.38 -12.25 38.51
N GLU D 91 -37.25 -12.41 39.20
CA GLU D 91 -37.15 -13.40 40.26
C GLU D 91 -38.20 -13.15 41.34
N ALA D 92 -38.46 -11.89 41.66
CA ALA D 92 -39.47 -11.57 42.67
C ALA D 92 -40.87 -11.94 42.20
N LEU D 93 -41.09 -11.96 40.88
CA LEU D 93 -42.41 -12.29 40.34
C LEU D 93 -42.73 -13.77 40.43
N GLY D 94 -41.72 -14.64 40.51
CA GLY D 94 -41.95 -16.07 40.64
C GLY D 94 -41.55 -16.90 39.44
N VAL D 95 -40.82 -16.34 38.48
CA VAL D 95 -40.36 -17.13 37.35
C VAL D 95 -39.38 -18.18 37.85
N ASP D 96 -39.32 -19.30 37.14
CA ASP D 96 -38.47 -20.42 37.55
C ASP D 96 -37.10 -20.40 36.89
N MET D 97 -36.91 -19.59 35.86
CA MET D 97 -35.64 -19.52 35.16
C MET D 97 -35.60 -18.25 34.34
N VAL D 98 -34.48 -17.52 34.41
CA VAL D 98 -34.30 -16.26 33.72
C VAL D 98 -33.31 -16.46 32.59
N ASP D 99 -33.66 -16.00 31.41
CA ASP D 99 -32.88 -16.25 30.19
C ASP D 99 -32.19 -14.96 29.76
N GLU D 100 -30.87 -14.92 29.92
CA GLU D 100 -30.08 -13.78 29.45
C GLU D 100 -30.04 -13.82 27.93
N SER D 101 -30.99 -13.15 27.30
CA SER D 101 -31.21 -13.24 25.88
C SER D 101 -30.33 -12.25 25.14
N GLU D 102 -29.75 -12.69 24.02
CA GLU D 102 -29.06 -11.78 23.12
C GLU D 102 -30.02 -11.13 22.13
N VAL D 103 -31.27 -11.61 22.08
CA VAL D 103 -32.28 -10.99 21.21
C VAL D 103 -32.58 -9.57 21.67
N LEU D 104 -32.71 -9.36 22.97
CA LEU D 104 -32.98 -8.05 23.52
C LEU D 104 -31.73 -7.17 23.45
N THR D 105 -31.93 -5.87 23.60
CA THR D 105 -30.83 -4.92 23.47
C THR D 105 -29.88 -5.04 24.65
N PRO D 106 -28.58 -5.25 24.44
CA PRO D 106 -27.65 -5.31 25.57
C PRO D 106 -27.68 -4.03 26.39
N ALA D 107 -27.60 -4.17 27.71
CA ALA D 107 -27.55 -3.03 28.60
C ALA D 107 -26.14 -2.72 29.09
N ASP D 108 -25.25 -3.71 29.09
CA ASP D 108 -23.88 -3.54 29.54
C ASP D 108 -22.94 -4.04 28.44
N PRO D 109 -22.17 -3.19 27.77
CA PRO D 109 -21.39 -3.64 26.61
C PRO D 109 -20.10 -4.37 26.95
N PHE D 110 -19.80 -4.61 28.22
CA PHE D 110 -18.57 -5.29 28.62
C PHE D 110 -18.82 -6.55 29.44
N TYR D 111 -19.79 -6.55 30.36
CA TYR D 111 -19.93 -7.60 31.34
C TYR D 111 -21.32 -8.23 31.25
N HIS D 112 -21.42 -9.48 31.70
CA HIS D 112 -22.71 -10.12 31.89
C HIS D 112 -23.08 -10.07 33.36
N ILE D 113 -24.28 -10.57 33.68
CA ILE D 113 -24.70 -10.59 35.08
C ILE D 113 -23.76 -11.49 35.86
N ASP D 114 -23.67 -11.25 37.17
CA ASP D 114 -22.97 -12.16 38.08
C ASP D 114 -24.01 -13.14 38.61
N LYS D 115 -24.16 -14.26 37.89
CA LYS D 115 -25.29 -15.14 38.10
C LYS D 115 -25.17 -16.01 39.35
N THR D 116 -24.03 -15.96 40.06
CA THR D 116 -23.89 -16.78 41.26
C THR D 116 -24.53 -16.15 42.48
N GLN D 117 -24.91 -14.89 42.41
CA GLN D 117 -25.50 -14.18 43.54
C GLN D 117 -27.01 -14.38 43.66
N PHE D 118 -27.63 -15.02 42.67
CA PHE D 118 -29.08 -15.15 42.60
C PHE D 118 -29.48 -16.58 42.94
N THR D 119 -30.79 -16.80 43.08
CA THR D 119 -31.29 -18.13 43.37
C THR D 119 -31.91 -18.80 42.14
N VAL D 120 -32.58 -18.04 41.29
CA VAL D 120 -33.22 -18.66 40.11
C VAL D 120 -32.15 -19.05 39.11
N PRO D 121 -32.19 -20.27 38.55
CA PRO D 121 -31.18 -20.64 37.55
C PRO D 121 -31.33 -19.85 36.27
N PHE D 122 -30.23 -19.74 35.54
CA PHE D 122 -30.14 -18.93 34.33
C PHE D 122 -29.90 -19.83 33.13
N VAL D 123 -30.05 -19.27 31.94
CA VAL D 123 -29.67 -19.92 30.68
C VAL D 123 -29.04 -18.86 29.79
N CYS D 124 -27.94 -19.23 29.13
CA CYS D 124 -27.16 -18.27 28.36
C CYS D 124 -26.78 -18.84 27.01
N GLY D 125 -26.49 -17.96 26.05
CA GLY D 125 -26.15 -18.38 24.71
C GLY D 125 -24.68 -18.79 24.59
N ALA D 126 -24.35 -19.39 23.46
CA ALA D 126 -23.00 -19.86 23.20
C ALA D 126 -22.85 -20.20 21.73
N ARG D 127 -21.76 -19.73 21.12
CA ARG D 127 -21.44 -20.05 19.74
C ARG D 127 -20.38 -21.14 19.59
N ASN D 128 -19.51 -21.31 20.57
CA ASN D 128 -18.45 -22.29 20.48
C ASN D 128 -18.16 -22.81 21.89
N LEU D 129 -17.09 -23.60 22.02
CA LEU D 129 -16.76 -24.18 23.31
C LEU D 129 -16.21 -23.13 24.27
N GLY D 130 -15.49 -22.14 23.75
CA GLY D 130 -14.96 -21.10 24.62
C GLY D 130 -16.05 -20.34 25.34
N GLU D 131 -17.11 -19.98 24.61
CA GLU D 131 -18.20 -19.21 25.22
C GLU D 131 -18.99 -20.06 26.20
N ALA D 132 -19.18 -21.34 25.88
CA ALA D 132 -19.93 -22.21 26.78
C ALA D 132 -19.24 -22.33 28.14
N LEU D 133 -17.91 -22.40 28.15
CA LEU D 133 -17.18 -22.62 29.39
C LEU D 133 -17.10 -21.35 30.23
N ARG D 134 -16.97 -20.18 29.59
CA ARG D 134 -16.97 -18.94 30.36
C ARG D 134 -18.31 -18.71 31.05
N ARG D 135 -19.41 -18.98 30.34
CA ARG D 135 -20.73 -18.77 30.93
C ARG D 135 -20.94 -19.67 32.14
N ILE D 136 -20.52 -20.94 32.05
CA ILE D 136 -20.69 -21.84 33.19
C ILE D 136 -19.85 -21.38 34.36
N ASN D 137 -18.74 -20.71 34.08
CA ASN D 137 -17.90 -20.18 35.16
C ASN D 137 -18.65 -19.14 35.97
N GLU D 138 -19.45 -18.30 35.30
CA GLU D 138 -20.21 -17.26 35.97
C GLU D 138 -21.44 -17.78 36.69
N GLY D 139 -21.83 -19.03 36.46
CA GLY D 139 -22.95 -19.64 37.15
C GLY D 139 -24.13 -20.04 36.27
N ALA D 140 -23.98 -20.03 34.95
CA ALA D 140 -25.07 -20.44 34.07
C ALA D 140 -25.45 -21.88 34.35
N ALA D 141 -26.75 -22.14 34.46
CA ALA D 141 -27.25 -23.48 34.73
C ALA D 141 -27.77 -24.19 33.49
N MET D 142 -27.51 -23.64 32.30
CA MET D 142 -27.94 -24.24 31.04
C MET D 142 -27.33 -23.44 29.92
N ILE D 143 -27.17 -24.07 28.75
CA ILE D 143 -26.62 -23.40 27.58
C ILE D 143 -27.49 -23.71 26.38
N ARG D 144 -27.68 -22.71 25.53
CA ARG D 144 -28.40 -22.89 24.27
C ARG D 144 -27.65 -22.17 23.17
N THR D 145 -27.54 -22.82 22.01
CA THR D 145 -26.83 -22.23 20.90
C THR D 145 -27.53 -20.95 20.44
N LYS D 146 -26.73 -19.96 20.03
CA LYS D 146 -27.32 -18.69 19.63
C LYS D 146 -28.14 -18.82 18.37
N GLY D 147 -27.59 -19.43 17.32
CA GLY D 147 -28.27 -19.50 16.06
C GLY D 147 -28.52 -18.13 15.48
N GLU D 148 -29.61 -17.97 14.74
CA GLU D 148 -30.02 -16.69 14.17
C GLU D 148 -31.52 -16.55 14.41
N ALA D 149 -31.88 -15.93 15.53
CA ALA D 149 -33.27 -15.90 15.96
C ALA D 149 -34.15 -15.15 14.97
N GLY D 150 -35.33 -15.72 14.70
CA GLY D 150 -36.33 -15.07 13.88
C GLY D 150 -36.19 -15.26 12.39
N THR D 151 -35.24 -16.09 11.93
CA THR D 151 -35.02 -16.27 10.51
C THR D 151 -35.67 -17.53 9.96
N GLY D 152 -35.94 -18.53 10.80
CA GLY D 152 -36.48 -19.78 10.30
C GLY D 152 -35.50 -20.61 9.50
N ASP D 153 -34.21 -20.33 9.62
CA ASP D 153 -33.16 -21.05 8.90
C ASP D 153 -32.35 -21.83 9.93
N VAL D 154 -32.29 -23.15 9.77
CA VAL D 154 -31.61 -24.01 10.73
C VAL D 154 -30.14 -24.17 10.34
N SER D 155 -29.68 -23.36 9.40
CA SER D 155 -28.28 -23.43 8.99
C SER D 155 -27.35 -22.95 10.09
N GLN D 156 -27.73 -21.88 10.79
CA GLN D 156 -26.85 -21.32 11.81
C GLN D 156 -26.84 -22.16 13.09
N ALA D 157 -27.99 -22.70 13.48
CA ALA D 157 -28.03 -23.51 14.70
C ALA D 157 -27.19 -24.77 14.53
N VAL D 158 -27.24 -25.40 13.36
CA VAL D 158 -26.43 -26.60 13.12
C VAL D 158 -24.95 -26.25 13.14
N LYS D 159 -24.59 -25.10 12.56
CA LYS D 159 -23.20 -24.68 12.55
C LYS D 159 -22.65 -24.55 13.98
N HIS D 160 -23.38 -23.85 14.85
CA HIS D 160 -22.91 -23.66 16.22
C HIS D 160 -22.95 -24.95 17.01
N MET D 161 -23.84 -25.87 16.66
CA MET D 161 -23.94 -27.12 17.41
C MET D 161 -22.80 -28.07 17.05
N LYS D 162 -22.26 -27.92 15.83
CA LYS D 162 -21.13 -28.76 15.44
C LYS D 162 -19.81 -28.13 15.88
N GLN D 163 -19.82 -26.82 16.16
CA GLN D 163 -18.64 -26.17 16.72
C GLN D 163 -18.44 -26.57 18.17
N ILE D 164 -19.51 -26.56 18.97
CA ILE D 164 -19.42 -26.94 20.38
C ILE D 164 -19.12 -28.43 20.50
N GLN D 165 -19.87 -29.25 19.78
CA GLN D 165 -19.71 -30.70 19.89
C GLN D 165 -18.49 -31.19 19.14
N GLY D 166 -18.08 -30.49 18.09
CA GLY D 166 -16.88 -30.88 17.38
C GLY D 166 -15.62 -30.69 18.21
N GLU D 167 -15.56 -29.61 18.99
CA GLU D 167 -14.39 -29.35 19.81
C GLU D 167 -14.30 -30.33 20.98
N ILE D 168 -15.45 -30.67 21.59
CA ILE D 168 -15.42 -31.54 22.75
C ILE D 168 -14.93 -32.94 22.37
N ARG D 169 -15.07 -33.31 21.11
CA ARG D 169 -14.60 -34.63 20.68
C ARG D 169 -13.10 -34.64 20.46
N ALA D 170 -12.52 -33.51 20.04
CA ALA D 170 -11.07 -33.44 19.89
C ALA D 170 -10.34 -33.54 21.21
N LEU D 171 -10.95 -33.09 22.30
CA LEU D 171 -10.29 -33.10 23.61
C LEU D 171 -10.04 -34.50 24.13
N ALA D 172 -10.66 -35.53 23.55
CA ALA D 172 -10.41 -36.88 24.00
C ALA D 172 -9.03 -37.34 23.55
N GLY D 173 -8.29 -37.93 24.48
CA GLY D 173 -6.96 -38.44 24.20
C GLY D 173 -5.82 -37.47 24.48
N LYS D 174 -6.10 -36.18 24.58
CA LYS D 174 -5.05 -35.20 24.81
C LYS D 174 -4.44 -35.37 26.19
N THR D 175 -3.19 -34.96 26.34
CA THR D 175 -2.49 -35.02 27.61
C THR D 175 -2.60 -33.69 28.36
N LYS D 176 -2.34 -33.75 29.67
CA LYS D 176 -2.52 -32.57 30.50
C LYS D 176 -1.77 -31.37 29.96
N GLU D 177 -0.52 -31.57 29.52
CA GLU D 177 0.26 -30.45 29.01
C GLU D 177 -0.42 -29.82 27.80
N GLU D 178 -1.32 -30.55 27.14
CA GLU D 178 -1.97 -30.03 25.95
C GLU D 178 -3.32 -29.41 26.27
N LEU D 179 -4.05 -29.99 27.23
CA LEU D 179 -5.32 -29.39 27.64
C LEU D 179 -5.11 -28.01 28.25
N ILE D 180 -3.92 -27.73 28.78
CA ILE D 180 -3.60 -26.40 29.26
C ILE D 180 -3.41 -25.45 28.08
N MET D 181 -2.83 -25.92 26.98
CA MET D 181 -2.66 -25.07 25.81
C MET D 181 -4.02 -24.73 25.18
N VAL D 182 -4.95 -25.69 25.15
CA VAL D 182 -6.26 -25.42 24.57
C VAL D 182 -6.96 -24.34 25.39
N ALA D 183 -6.92 -24.45 26.71
CA ALA D 183 -7.62 -23.48 27.56
C ALA D 183 -7.14 -22.07 27.28
N ARG D 184 -5.90 -21.91 26.84
CA ARG D 184 -5.40 -20.60 26.44
C ARG D 184 -6.03 -20.15 25.12
N GLU D 185 -6.05 -21.03 24.12
CA GLU D 185 -6.54 -20.64 22.81
C GLU D 185 -8.01 -20.27 22.85
N ILE D 186 -8.83 -21.06 23.56
CA ILE D 186 -10.24 -20.78 23.70
C ILE D 186 -10.54 -19.86 24.88
N GLU D 187 -9.53 -19.50 25.66
CA GLU D 187 -9.67 -18.51 26.72
C GLU D 187 -10.67 -18.97 27.76
N ALA D 188 -10.60 -20.25 28.14
CA ALA D 188 -11.51 -20.82 29.10
C ALA D 188 -10.77 -21.25 30.35
N PRO D 189 -11.46 -21.36 31.49
CA PRO D 189 -10.81 -21.87 32.70
C PRO D 189 -10.27 -23.28 32.48
N ILE D 190 -9.08 -23.53 33.05
CA ILE D 190 -8.45 -24.84 32.87
C ILE D 190 -9.16 -25.91 33.68
N GLU D 191 -9.84 -25.53 34.77
CA GLU D 191 -10.58 -26.52 35.54
C GLU D 191 -11.73 -27.11 34.75
N LEU D 192 -12.42 -26.28 33.96
CA LEU D 192 -13.55 -26.77 33.18
C LEU D 192 -13.09 -27.58 31.97
N VAL D 193 -12.03 -27.14 31.29
CA VAL D 193 -11.59 -27.83 30.08
C VAL D 193 -11.17 -29.26 30.41
N VAL D 194 -10.79 -29.52 31.66
CA VAL D 194 -10.47 -30.89 32.08
C VAL D 194 -11.73 -31.63 32.48
N GLU D 195 -12.71 -30.94 33.07
CA GLU D 195 -13.97 -31.58 33.40
C GLU D 195 -14.75 -31.94 32.13
N THR D 196 -14.72 -31.04 31.14
CA THR D 196 -15.36 -31.34 29.86
C THR D 196 -14.69 -32.53 29.16
N ALA D 197 -13.35 -32.54 29.14
CA ALA D 197 -12.63 -33.58 28.41
C ALA D 197 -12.86 -34.95 29.04
N LYS D 198 -13.11 -34.99 30.34
CA LYS D 198 -13.36 -36.27 31.00
C LYS D 198 -14.79 -36.75 30.74
N MET D 199 -15.73 -35.82 30.58
CA MET D 199 -17.13 -36.18 30.38
C MET D 199 -17.52 -36.26 28.92
N GLN D 200 -16.79 -35.58 28.03
CA GLN D 200 -17.10 -35.56 26.60
C GLN D 200 -18.46 -34.92 26.33
N ARG D 201 -18.87 -34.01 27.21
CA ARG D 201 -20.08 -33.22 26.99
C ARG D 201 -20.02 -32.01 27.91
N LEU D 202 -20.79 -30.98 27.57
CA LEU D 202 -20.88 -29.83 28.45
C LEU D 202 -21.41 -30.26 29.81
N PRO D 203 -20.76 -29.83 30.91
CA PRO D 203 -21.21 -30.30 32.24
C PRO D 203 -22.60 -29.83 32.63
N VAL D 204 -23.30 -29.06 31.78
CA VAL D 204 -24.66 -28.62 32.04
C VAL D 204 -25.52 -28.93 30.81
N VAL D 205 -26.83 -28.99 31.04
CA VAL D 205 -27.75 -29.32 29.95
C VAL D 205 -27.61 -28.32 28.82
N ASN D 206 -27.73 -28.80 27.58
CA ASN D 206 -27.53 -27.98 26.40
C ASN D 206 -28.74 -28.13 25.49
N PHE D 207 -29.32 -27.01 25.07
CA PHE D 207 -30.48 -26.99 24.20
C PHE D 207 -30.12 -26.39 22.84
N ALA D 208 -31.09 -26.41 21.93
CA ALA D 208 -30.93 -25.82 20.60
C ALA D 208 -31.97 -24.74 20.40
N ALA D 209 -31.54 -23.59 19.86
CA ALA D 209 -32.42 -22.47 19.68
C ALA D 209 -32.05 -21.70 18.41
N GLY D 210 -33.05 -21.17 17.73
CA GLY D 210 -32.83 -20.36 16.56
C GLY D 210 -32.91 -21.14 15.26
N GLY D 211 -33.94 -20.87 14.46
CA GLY D 211 -34.08 -21.50 13.17
C GLY D 211 -34.90 -22.76 13.13
N VAL D 212 -35.37 -23.26 14.27
CA VAL D 212 -36.24 -24.43 14.26
C VAL D 212 -37.63 -23.99 13.80
N ALA D 213 -38.06 -24.53 12.64
CA ALA D 213 -39.28 -24.08 12.00
C ALA D 213 -40.20 -25.19 11.53
N THR D 214 -39.76 -26.44 11.52
CA THR D 214 -40.57 -27.55 11.04
C THR D 214 -40.29 -28.78 11.90
N PRO D 215 -41.17 -29.77 11.89
CA PRO D 215 -40.90 -31.00 12.63
C PRO D 215 -39.63 -31.70 12.20
N ALA D 216 -39.16 -31.47 10.97
CA ALA D 216 -37.91 -32.07 10.54
C ALA D 216 -36.72 -31.38 11.21
N ASP D 217 -36.73 -30.06 11.27
CA ASP D 217 -35.62 -29.34 11.89
C ASP D 217 -35.54 -29.63 13.38
N ALA D 218 -36.69 -29.83 14.03
CA ALA D 218 -36.69 -30.16 15.45
C ALA D 218 -35.99 -31.48 15.71
N ALA D 219 -36.26 -32.48 14.88
CA ALA D 219 -35.65 -33.80 15.08
C ALA D 219 -34.21 -33.83 14.59
N LEU D 220 -33.83 -32.88 13.73
CA LEU D 220 -32.43 -32.81 13.29
C LEU D 220 -31.53 -32.41 14.45
N MET D 221 -31.95 -31.41 15.23
CA MET D 221 -31.12 -30.95 16.35
C MET D 221 -30.98 -32.04 17.40
N MET D 222 -32.04 -32.81 17.64
CA MET D 222 -31.97 -33.90 18.61
C MET D 222 -31.07 -35.02 18.10
N ARG D 223 -30.91 -35.14 16.78
CA ARG D 223 -30.00 -36.16 16.24
C ARG D 223 -28.56 -35.68 16.21
N LEU D 224 -28.31 -34.38 16.41
CA LEU D 224 -26.95 -33.88 16.54
C LEU D 224 -26.45 -33.91 17.97
N GLY D 225 -27.28 -34.29 18.94
CA GLY D 225 -26.87 -34.41 20.31
C GLY D 225 -27.53 -33.45 21.28
N ALA D 226 -28.52 -32.67 20.85
CA ALA D 226 -29.19 -31.75 21.75
C ALA D 226 -30.04 -32.50 22.76
N ASP D 227 -30.32 -31.83 23.89
CA ASP D 227 -31.20 -32.39 24.90
C ASP D 227 -32.63 -31.88 24.78
N GLY D 228 -32.90 -31.00 23.82
CA GLY D 228 -34.19 -30.37 23.69
C GLY D 228 -34.13 -29.34 22.58
N VAL D 229 -35.17 -28.51 22.52
CA VAL D 229 -35.25 -27.49 21.49
C VAL D 229 -36.06 -26.31 21.98
N PHE D 230 -35.59 -25.11 21.66
CA PHE D 230 -36.31 -23.86 21.89
C PHE D 230 -36.96 -23.43 20.59
N VAL D 231 -38.29 -23.39 20.57
CA VAL D 231 -39.04 -23.05 19.35
C VAL D 231 -39.79 -21.75 19.62
N GLY D 232 -39.52 -20.72 18.82
CA GLY D 232 -40.11 -19.41 19.00
C GLY D 232 -41.08 -19.02 17.91
N SER D 233 -40.58 -18.23 16.95
CA SER D 233 -41.43 -17.74 15.87
C SER D 233 -41.94 -18.86 14.98
N GLY D 234 -41.31 -20.04 15.04
CA GLY D 234 -41.65 -21.09 14.09
C GLY D 234 -43.08 -21.56 14.16
N ILE D 235 -43.65 -21.62 15.38
CA ILE D 235 -44.95 -22.25 15.58
C ILE D 235 -46.07 -21.25 15.34
N PHE D 236 -46.01 -20.11 16.02
CA PHE D 236 -47.12 -19.17 16.01
C PHE D 236 -47.08 -18.19 14.84
N LYS D 237 -46.01 -18.20 14.03
CA LYS D 237 -45.98 -17.50 12.76
C LYS D 237 -46.28 -18.43 11.58
N ALA D 238 -46.61 -19.69 11.85
CA ALA D 238 -46.93 -20.64 10.79
C ALA D 238 -48.39 -20.52 10.38
N GLU D 239 -48.78 -21.34 9.42
CA GLU D 239 -50.16 -21.31 8.93
C GLU D 239 -51.14 -21.70 10.01
N ASN D 240 -50.84 -22.75 10.77
CA ASN D 240 -51.73 -23.27 11.80
C ASN D 240 -50.92 -23.54 13.06
N PRO D 241 -50.88 -22.59 14.00
CA PRO D 241 -50.08 -22.80 15.22
C PRO D 241 -50.48 -24.04 16.00
N GLU D 242 -51.77 -24.37 16.04
CA GLU D 242 -52.22 -25.51 16.85
C GLU D 242 -51.66 -26.82 16.31
N LYS D 243 -51.70 -27.00 14.99
CA LYS D 243 -51.23 -28.25 14.41
C LYS D 243 -49.71 -28.34 14.43
N MET D 244 -49.03 -27.24 14.14
CA MET D 244 -47.57 -27.25 14.17
C MET D 244 -47.05 -27.56 15.57
N ALA D 245 -47.75 -27.09 16.60
CA ALA D 245 -47.29 -27.29 17.97
C ALA D 245 -47.22 -28.76 18.33
N LYS D 246 -48.31 -29.50 18.09
CA LYS D 246 -48.33 -30.92 18.42
C LYS D 246 -47.33 -31.70 17.57
N ALA D 247 -47.12 -31.27 16.33
CA ALA D 247 -46.16 -31.96 15.47
C ALA D 247 -44.74 -31.83 16.01
N VAL D 248 -44.33 -30.61 16.36
CA VAL D 248 -42.96 -30.41 16.84
C VAL D 248 -42.73 -31.17 18.14
N VAL D 249 -43.69 -31.14 19.05
CA VAL D 249 -43.55 -31.86 20.31
C VAL D 249 -43.42 -33.36 20.05
N GLU D 250 -44.17 -33.87 19.08
CA GLU D 250 -44.10 -35.29 18.76
C GLU D 250 -42.84 -35.64 17.97
N ALA D 251 -42.32 -34.68 17.20
CA ALA D 251 -41.09 -34.94 16.45
C ALA D 251 -39.92 -35.23 17.39
N VAL D 252 -39.80 -34.45 18.47
CA VAL D 252 -38.68 -34.64 19.39
C VAL D 252 -38.77 -35.99 20.09
N ASN D 253 -39.98 -36.53 20.25
CA ASN D 253 -40.13 -37.81 20.93
C ASN D 253 -39.90 -39.00 20.01
N ASN D 254 -39.85 -38.80 18.69
CA ASN D 254 -39.58 -39.86 17.74
C ASN D 254 -38.52 -39.44 16.74
N TYR D 255 -37.50 -38.73 17.21
CA TYR D 255 -36.48 -38.20 16.32
C TYR D 255 -35.68 -39.30 15.62
N ASP D 256 -35.74 -40.54 16.11
CA ASP D 256 -34.93 -41.62 15.58
C ASP D 256 -35.75 -42.67 14.82
N ASN D 257 -37.02 -42.39 14.53
CA ASN D 257 -37.88 -43.34 13.83
C ASN D 257 -38.33 -42.74 12.50
N PRO D 258 -37.67 -43.05 11.38
CA PRO D 258 -38.03 -42.41 10.11
C PRO D 258 -39.47 -42.64 9.69
N VAL D 259 -40.02 -43.83 9.96
CA VAL D 259 -41.38 -44.13 9.51
C VAL D 259 -42.38 -43.18 10.17
N LYS D 260 -42.23 -42.97 11.48
CA LYS D 260 -43.18 -42.12 12.20
C LYS D 260 -43.04 -40.67 11.77
N LEU D 261 -41.81 -40.19 11.57
CA LEU D 261 -41.61 -38.78 11.21
C LEU D 261 -42.38 -38.41 9.95
N ALA D 262 -42.50 -39.34 9.00
CA ALA D 262 -43.31 -39.05 7.81
C ALA D 262 -44.77 -38.83 8.18
N GLU D 263 -45.29 -39.62 9.12
CA GLU D 263 -46.68 -39.47 9.53
C GLU D 263 -46.91 -38.12 10.19
N ILE D 264 -45.96 -37.68 11.02
CA ILE D 264 -46.13 -36.40 11.74
C ILE D 264 -46.19 -35.24 10.76
N SER D 265 -45.30 -35.24 9.76
CA SER D 265 -45.19 -34.11 8.85
C SER D 265 -46.38 -33.97 7.91
N LYS D 266 -47.28 -34.94 7.87
CA LYS D 266 -48.41 -34.90 6.95
C LYS D 266 -49.54 -34.09 7.58
N GLY D 267 -50.01 -33.08 6.86
CA GLY D 267 -51.12 -32.25 7.32
C GLY D 267 -50.76 -31.18 8.30
N VAL D 268 -49.46 -30.96 8.56
CA VAL D 268 -49.05 -29.95 9.53
C VAL D 268 -49.35 -28.55 9.02
N GLY D 269 -48.99 -28.26 7.77
CA GLY D 269 -49.20 -26.95 7.18
C GLY D 269 -47.88 -26.26 6.83
N ALA D 270 -48.03 -25.14 6.13
CA ALA D 270 -46.86 -24.39 5.68
C ALA D 270 -46.15 -23.74 6.86
N GLY D 271 -44.82 -23.78 6.83
CA GLY D 271 -44.01 -23.15 7.84
C GLY D 271 -43.85 -21.65 7.61
N MET D 272 -43.20 -21.01 8.58
CA MET D 272 -42.97 -19.58 8.50
C MET D 272 -42.06 -19.25 7.32
N LYS D 273 -42.39 -18.16 6.63
CA LYS D 273 -41.53 -17.66 5.56
C LYS D 273 -40.29 -17.02 6.19
N GLY D 274 -39.17 -17.71 6.11
CA GLY D 274 -37.97 -17.26 6.78
C GLY D 274 -37.18 -16.25 5.97
N ILE D 275 -35.96 -16.01 6.43
CA ILE D 275 -34.99 -15.17 5.74
C ILE D 275 -33.67 -15.92 5.68
N SER D 276 -33.05 -15.95 4.50
CA SER D 276 -31.78 -16.66 4.35
C SER D 276 -30.75 -16.08 5.31
N ALA D 277 -30.18 -16.95 6.15
CA ALA D 277 -29.26 -16.48 7.19
C ALA D 277 -28.02 -15.83 6.59
N ASP D 278 -27.58 -16.30 5.42
CA ASP D 278 -26.40 -15.72 4.79
C ASP D 278 -26.67 -14.33 4.22
N MET D 279 -27.93 -13.90 4.17
CA MET D 279 -28.28 -12.57 3.67
C MET D 279 -28.15 -11.47 4.73
N ILE D 280 -28.02 -11.82 6.00
CA ILE D 280 -28.06 -10.86 7.09
C ILE D 280 -26.66 -10.27 7.25
N PRO D 281 -26.51 -8.95 7.23
CA PRO D 281 -25.19 -8.36 7.51
C PRO D 281 -24.72 -8.67 8.92
N ALA D 282 -23.41 -8.69 9.10
CA ALA D 282 -22.84 -9.04 10.39
C ALA D 282 -23.27 -8.07 11.49
N GLN D 283 -23.29 -6.77 11.20
CA GLN D 283 -23.71 -5.80 12.21
C GLN D 283 -25.16 -6.00 12.63
N GLU D 284 -25.98 -6.60 11.77
CA GLU D 284 -27.38 -6.88 12.10
C GLU D 284 -27.58 -8.24 12.72
N ALA D 285 -26.54 -9.08 12.78
CA ALA D 285 -26.70 -10.43 13.30
C ALA D 285 -26.78 -10.41 14.81
N LEU D 286 -27.89 -10.94 15.35
CA LEU D 286 -28.05 -11.02 16.79
C LEU D 286 -27.02 -11.95 17.42
N GLN D 287 -26.57 -12.96 16.67
CA GLN D 287 -25.61 -13.91 17.21
C GLN D 287 -24.30 -13.28 17.62
N GLU D 288 -23.93 -12.15 16.99
CA GLU D 288 -22.69 -11.47 17.34
C GLU D 288 -22.72 -10.88 18.74
N ARG D 289 -23.89 -10.65 19.31
CA ARG D 289 -23.99 -10.25 20.71
C ARG D 289 -23.72 -11.45 21.60
N GLY D 290 -23.37 -11.17 22.86
CA GLY D 290 -22.96 -12.23 23.76
C GLY D 290 -21.51 -12.57 23.59
N TRP D 291 -20.65 -11.55 23.66
CA TRP D 291 -19.21 -11.70 23.60
C TRP D 291 -18.68 -12.75 24.58
N HIS E 1 -17.40 36.92 43.45
CA HIS E 1 -18.06 35.73 42.94
C HIS E 1 -18.24 34.68 44.04
N GLY E 2 -19.20 33.78 43.83
CA GLY E 2 -19.45 32.72 44.78
C GLY E 2 -18.24 31.83 45.00
N THR E 3 -17.95 31.52 46.26
CA THR E 3 -16.82 30.66 46.58
C THR E 3 -17.07 29.24 46.05
N GLU E 4 -15.98 28.57 45.69
CA GLU E 4 -16.10 27.22 45.14
C GLU E 4 -16.82 26.29 46.10
N LEU E 5 -16.67 26.53 47.41
CA LEU E 5 -17.33 25.68 48.39
C LEU E 5 -18.86 25.80 48.29
N ILE E 6 -19.37 27.02 48.16
CA ILE E 6 -20.82 27.22 48.09
C ILE E 6 -21.35 26.66 46.77
N LYS E 7 -20.64 26.82 45.65
CA LYS E 7 -21.04 26.17 44.38
C LYS E 7 -20.94 24.63 44.55
N ARG E 8 -20.02 24.12 45.39
CA ARG E 8 -19.83 22.67 45.68
C ARG E 8 -20.65 22.39 46.95
N GLY E 9 -21.64 23.23 47.26
CA GLY E 9 -22.60 23.04 48.37
C GLY E 9 -24.03 23.23 47.87
N PHE E 10 -24.17 23.60 46.59
CA PHE E 10 -25.50 23.69 45.95
C PHE E 10 -25.61 22.41 45.15
N ALA E 11 -24.47 21.89 44.67
CA ALA E 11 -24.48 20.60 43.94
C ALA E 11 -24.73 19.42 44.90
N ARG E 12 -24.43 19.48 46.22
CA ARG E 12 -24.57 18.37 47.15
C ARG E 12 -26.00 18.23 47.66
N MET E 13 -26.79 19.31 47.64
CA MET E 13 -28.18 19.20 48.06
C MET E 13 -29.00 18.33 47.12
N GLN E 14 -28.52 18.11 45.89
CA GLN E 14 -29.26 17.36 44.89
C GLN E 14 -29.04 15.85 45.00
N LYS E 15 -28.30 15.39 46.00
CA LYS E 15 -28.00 13.97 46.11
C LYS E 15 -29.27 13.15 46.34
N GLY E 16 -29.33 11.98 45.69
CA GLY E 16 -30.42 11.07 45.90
C GLY E 16 -31.77 11.54 45.40
N GLY E 17 -31.82 12.24 44.26
CA GLY E 17 -33.05 12.73 43.70
C GLY E 17 -33.16 12.47 42.22
N VAL E 18 -34.17 13.11 41.61
CA VAL E 18 -34.44 13.03 40.18
C VAL E 18 -34.63 14.44 39.65
N ILE E 19 -34.05 14.70 38.49
CA ILE E 19 -34.21 15.97 37.78
C ILE E 19 -34.90 15.68 36.46
N MET E 20 -36.04 16.33 36.23
CA MET E 20 -36.90 16.05 35.09
C MET E 20 -36.89 17.25 34.14
N ASP E 21 -36.63 17.00 32.86
CA ASP E 21 -36.62 18.06 31.88
C ASP E 21 -38.04 18.38 31.42
N VAL E 22 -38.40 19.65 31.48
CA VAL E 22 -39.76 20.11 31.16
C VAL E 22 -39.66 21.25 30.16
N THR E 23 -40.75 21.46 29.41
CA THR E 23 -40.81 22.47 28.38
C THR E 23 -41.90 23.51 28.60
N THR E 24 -42.94 23.19 29.37
CA THR E 24 -44.06 24.08 29.58
C THR E 24 -44.35 24.17 31.07
N PRO E 25 -45.05 25.22 31.51
CA PRO E 25 -45.37 25.33 32.93
C PRO E 25 -46.13 24.13 33.47
N GLU E 26 -47.04 23.56 32.68
CA GLU E 26 -47.81 22.41 33.15
C GLU E 26 -46.92 21.21 33.41
N GLN E 27 -45.97 20.94 32.51
CA GLN E 27 -45.02 19.87 32.75
C GLN E 27 -44.17 20.16 33.99
N ALA E 28 -43.81 21.42 34.20
CA ALA E 28 -43.07 21.78 35.40
C ALA E 28 -43.90 21.52 36.66
N ARG E 29 -45.19 21.80 36.60
CA ARG E 29 -46.06 21.51 37.74
C ARG E 29 -46.16 20.01 37.98
N ILE E 30 -46.21 19.22 36.90
CA ILE E 30 -46.31 17.77 37.05
C ILE E 30 -45.12 17.23 37.81
N ALA E 31 -43.91 17.65 37.42
CA ALA E 31 -42.70 17.11 38.01
C ALA E 31 -42.64 17.39 39.50
N GLU E 32 -43.03 18.61 39.91
CA GLU E 32 -42.96 18.97 41.31
C GLU E 32 -43.87 18.10 42.16
N GLU E 33 -45.07 17.79 41.66
CA GLU E 33 -45.99 16.95 42.42
C GLU E 33 -45.46 15.53 42.60
N ALA E 34 -44.72 15.02 41.60
CA ALA E 34 -44.14 13.70 41.70
C ALA E 34 -43.02 13.61 42.72
N GLY E 35 -42.54 14.73 43.24
CA GLY E 35 -41.48 14.74 44.22
C GLY E 35 -40.08 14.95 43.68
N ALA E 36 -39.94 15.58 42.52
CA ALA E 36 -38.62 15.80 41.96
C ALA E 36 -37.87 16.87 42.75
N VAL E 37 -36.56 16.94 42.54
CA VAL E 37 -35.74 17.90 43.27
C VAL E 37 -35.42 19.13 42.43
N ALA E 38 -35.57 19.07 41.10
CA ALA E 38 -35.32 20.22 40.25
C ALA E 38 -35.89 19.93 38.86
N VAL E 39 -35.98 20.99 38.06
CA VAL E 39 -36.45 20.90 36.68
C VAL E 39 -35.44 21.59 35.79
N MET E 40 -35.42 21.21 34.52
CA MET E 40 -34.48 21.75 33.56
C MET E 40 -35.27 22.31 32.38
N ALA E 41 -35.47 23.62 32.36
CA ALA E 41 -36.25 24.25 31.31
C ALA E 41 -35.48 24.25 29.99
N LEU E 42 -36.11 23.76 28.94
CA LEU E 42 -35.51 23.79 27.61
C LEU E 42 -36.63 23.87 26.58
N GLN E 43 -36.25 24.22 25.35
CA GLN E 43 -37.25 24.44 24.30
C GLN E 43 -37.90 23.14 23.86
N ALA E 44 -37.15 22.04 23.89
CA ALA E 44 -37.66 20.75 23.43
C ALA E 44 -36.77 19.65 23.99
N VAL E 45 -37.39 18.53 24.34
CA VAL E 45 -36.69 17.40 24.96
C VAL E 45 -35.66 16.86 23.97
N PRO E 46 -34.59 16.22 24.44
CA PRO E 46 -33.55 15.76 23.50
C PRO E 46 -34.08 14.85 22.41
N ALA E 47 -35.18 14.13 22.65
CA ALA E 47 -35.74 13.28 21.62
C ALA E 47 -36.22 14.10 20.43
N ASP E 48 -36.84 15.25 20.69
CA ASP E 48 -37.30 16.12 19.61
C ASP E 48 -36.14 16.78 18.88
N ILE E 49 -35.05 17.07 19.58
CA ILE E 49 -33.94 17.78 18.98
C ILE E 49 -33.32 16.94 17.87
N ARG E 50 -33.19 15.63 18.08
CA ARG E 50 -32.73 14.77 17.00
C ARG E 50 -33.70 14.80 15.82
N LYS E 51 -35.01 14.75 16.11
CA LYS E 51 -36.00 14.70 15.05
C LYS E 51 -36.05 16.02 14.27
N ALA E 52 -36.05 17.15 14.97
CA ALA E 52 -36.18 18.44 14.31
C ALA E 52 -34.91 18.85 13.58
N GLY E 53 -33.74 18.50 14.13
CA GLY E 53 -32.51 18.91 13.47
C GLY E 53 -32.31 20.42 13.57
N GLY E 54 -31.56 20.94 12.60
CA GLY E 54 -31.29 22.36 12.57
C GLY E 54 -30.31 22.77 13.66
N VAL E 55 -30.39 24.03 14.05
CA VAL E 55 -29.53 24.61 15.08
C VAL E 55 -30.38 24.80 16.32
N ALA E 56 -29.92 24.27 17.45
CA ALA E 56 -30.60 24.43 18.72
C ALA E 56 -29.87 25.48 19.55
N ARG E 57 -30.63 26.28 20.30
CA ARG E 57 -30.08 27.40 21.06
C ARG E 57 -30.67 27.41 22.45
N MET E 58 -30.30 28.44 23.21
CA MET E 58 -30.87 28.65 24.54
C MET E 58 -32.37 28.90 24.42
N ALA E 59 -33.12 28.41 25.40
CA ALA E 59 -34.56 28.61 25.41
C ALA E 59 -34.91 30.10 25.36
N ASP E 60 -36.15 30.37 24.97
CA ASP E 60 -36.63 31.75 24.98
C ASP E 60 -36.65 32.25 26.42
N PRO E 61 -36.15 33.46 26.68
CA PRO E 61 -36.19 33.98 28.06
C PRO E 61 -37.60 34.05 28.63
N GLU E 62 -38.62 34.15 27.79
CA GLU E 62 -39.99 34.19 28.29
C GLU E 62 -40.37 32.88 28.96
N ILE E 63 -39.95 31.75 28.38
CA ILE E 63 -40.33 30.45 28.94
C ILE E 63 -39.67 30.25 30.30
N VAL E 64 -38.36 30.47 30.39
CA VAL E 64 -37.64 30.21 31.63
C VAL E 64 -38.18 31.08 32.75
N GLN E 65 -38.73 32.25 32.41
CA GLN E 65 -39.33 33.11 33.42
C GLN E 65 -40.67 32.53 33.90
N GLN E 66 -41.41 31.88 33.00
CA GLN E 66 -42.71 31.33 33.38
C GLN E 66 -42.56 30.09 34.24
N ILE E 67 -41.61 29.21 33.90
CA ILE E 67 -41.40 28.01 34.69
C ILE E 67 -40.98 28.38 36.10
N ILE E 68 -40.07 29.34 36.24
CA ILE E 68 -39.57 29.73 37.55
C ILE E 68 -40.72 30.18 38.45
N GLU E 69 -41.67 30.92 37.89
CA GLU E 69 -42.81 31.39 38.65
C GLU E 69 -43.80 30.28 38.99
N THR E 70 -43.63 29.10 38.39
CA THR E 70 -44.59 28.01 38.55
C THR E 70 -44.17 27.00 39.60
N VAL E 71 -42.87 26.80 39.81
CA VAL E 71 -42.36 25.77 40.71
C VAL E 71 -41.59 26.42 41.84
N THR E 72 -41.44 25.66 42.94
CA THR E 72 -40.67 26.10 44.09
C THR E 72 -39.27 25.48 44.14
N ILE E 73 -39.07 24.33 43.50
CA ILE E 73 -37.77 23.69 43.45
C ILE E 73 -36.86 24.49 42.52
N PRO E 74 -35.53 24.37 42.65
CA PRO E 74 -34.64 25.15 41.79
C PRO E 74 -34.88 24.85 40.32
N VAL E 75 -34.66 25.85 39.48
CA VAL E 75 -34.82 25.74 38.03
C VAL E 75 -33.44 25.86 37.39
N MET E 76 -33.14 24.94 36.49
CA MET E 76 -31.91 24.99 35.71
C MET E 76 -32.22 25.35 34.26
N ALA E 77 -31.16 25.49 33.47
CA ALA E 77 -31.28 25.89 32.08
C ALA E 77 -30.08 25.32 31.32
N LYS E 78 -30.16 25.36 30.00
CA LYS E 78 -29.07 24.88 29.16
C LYS E 78 -28.48 26.03 28.36
N ALA E 79 -27.19 25.92 28.07
CA ALA E 79 -26.47 26.88 27.24
C ALA E 79 -25.55 26.13 26.28
N ARG E 80 -25.24 26.76 25.17
CA ARG E 80 -24.36 26.12 24.19
C ARG E 80 -22.93 26.13 24.69
N ILE E 81 -22.14 25.18 24.18
CA ILE E 81 -20.75 25.07 24.61
C ILE E 81 -19.97 26.29 24.16
N GLY E 82 -19.29 26.94 25.10
CA GLY E 82 -18.43 28.05 24.78
C GLY E 82 -19.13 29.38 24.59
N HIS E 83 -20.44 29.45 24.82
CA HIS E 83 -21.20 30.69 24.63
C HIS E 83 -21.35 31.39 25.98
N PHE E 84 -20.29 32.11 26.35
CA PHE E 84 -20.24 32.71 27.68
C PHE E 84 -21.23 33.86 27.83
N VAL E 85 -21.84 34.31 26.73
CA VAL E 85 -22.83 35.38 26.84
C VAL E 85 -24.22 34.81 27.11
N GLU E 86 -24.53 33.63 26.55
CA GLU E 86 -25.79 32.99 26.88
C GLU E 86 -25.86 32.64 28.36
N ALA E 87 -24.77 32.12 28.92
CA ALA E 87 -24.73 31.82 30.35
C ALA E 87 -24.87 33.09 31.19
N GLU E 88 -24.58 34.25 30.60
CA GLU E 88 -24.75 35.50 31.31
C GLU E 88 -26.22 35.91 31.37
N ILE E 89 -26.97 35.66 30.29
CA ILE E 89 -28.37 36.03 30.27
C ILE E 89 -29.18 35.15 31.19
N LEU E 90 -28.90 33.85 31.22
CA LEU E 90 -29.62 32.95 32.12
C LEU E 90 -29.40 33.33 33.58
N GLU E 91 -28.14 33.61 33.95
CA GLU E 91 -27.84 33.97 35.33
C GLU E 91 -28.64 35.20 35.76
N ALA E 92 -28.78 36.17 34.87
CA ALA E 92 -29.54 37.37 35.21
C ALA E 92 -31.03 37.07 35.40
N LEU E 93 -31.53 36.00 34.78
CA LEU E 93 -32.94 35.63 34.91
C LEU E 93 -33.27 35.01 36.26
N GLY E 94 -32.28 34.44 36.94
CA GLY E 94 -32.50 33.85 38.24
C GLY E 94 -32.40 32.35 38.32
N VAL E 95 -31.88 31.69 37.28
CA VAL E 95 -31.70 30.25 37.34
C VAL E 95 -30.65 29.93 38.40
N ASP E 96 -30.77 28.75 39.00
CA ASP E 96 -29.88 28.36 40.10
C ASP E 96 -28.69 27.54 39.62
N MET E 97 -28.70 27.05 38.38
CA MET E 97 -27.61 26.25 37.85
C MET E 97 -27.73 26.23 36.34
N VAL E 98 -26.60 26.44 35.66
CA VAL E 98 -26.55 26.47 34.20
C VAL E 98 -25.83 25.24 33.71
N ASP E 99 -26.41 24.55 32.74
CA ASP E 99 -25.92 23.26 32.27
C ASP E 99 -25.31 23.43 30.90
N GLU E 100 -23.99 23.31 30.81
CA GLU E 100 -23.29 23.36 29.52
C GLU E 100 -23.58 22.06 28.79
N SER E 101 -24.63 22.08 27.98
CA SER E 101 -25.16 20.88 27.35
C SER E 101 -24.43 20.60 26.05
N GLU E 102 -24.12 19.32 25.80
CA GLU E 102 -23.62 18.91 24.50
C GLU E 102 -24.76 18.61 23.54
N VAL E 103 -26.00 18.56 24.03
CA VAL E 103 -27.15 18.35 23.16
C VAL E 103 -27.31 19.53 22.20
N LEU E 104 -27.16 20.75 22.69
CA LEU E 104 -27.27 21.94 21.87
C LEU E 104 -26.05 22.09 20.97
N THR E 105 -26.17 22.92 19.95
CA THR E 105 -25.11 23.09 18.96
C THR E 105 -23.93 23.82 19.59
N PRO E 106 -22.71 23.28 19.53
CA PRO E 106 -21.56 24.01 20.08
C PRO E 106 -21.38 25.36 19.39
N ALA E 107 -21.02 26.37 20.18
CA ALA E 107 -20.75 27.69 19.64
C ALA E 107 -19.27 27.97 19.50
N ASP E 108 -18.42 27.29 20.27
CA ASP E 108 -16.98 27.47 20.22
C ASP E 108 -16.31 26.12 20.02
N PRO E 109 -15.69 25.85 18.86
CA PRO E 109 -15.19 24.50 18.60
C PRO E 109 -13.87 24.16 19.27
N PHE E 110 -13.31 25.03 20.10
CA PHE E 110 -12.04 24.78 20.77
C PHE E 110 -12.13 24.86 22.29
N TYR E 111 -12.88 25.81 22.84
CA TYR E 111 -12.84 26.11 24.26
C TYR E 111 -14.23 26.00 24.87
N HIS E 112 -14.26 25.75 26.18
CA HIS E 112 -15.48 25.82 26.95
C HIS E 112 -15.54 27.15 27.69
N ILE E 113 -16.65 27.40 28.39
CA ILE E 113 -16.76 28.64 29.15
C ILE E 113 -15.69 28.64 30.24
N ASP E 114 -15.31 29.84 30.68
CA ASP E 114 -14.45 29.99 31.85
C ASP E 114 -15.37 30.13 33.06
N LYS E 115 -15.70 28.99 33.67
CA LYS E 115 -16.78 28.93 34.64
C LYS E 115 -16.41 29.50 36.00
N THR E 116 -15.15 29.89 36.22
CA THR E 116 -14.75 30.44 37.52
C THR E 116 -15.12 31.91 37.66
N GLN E 117 -15.47 32.59 36.57
CA GLN E 117 -15.78 34.01 36.59
C GLN E 117 -17.23 34.30 36.97
N PHE E 118 -18.07 33.27 37.06
CA PHE E 118 -19.49 33.42 37.28
C PHE E 118 -19.85 33.05 38.71
N THR E 119 -21.10 33.31 39.10
CA THR E 119 -21.56 32.97 40.43
C THR E 119 -22.45 31.72 40.43
N VAL E 120 -23.27 31.53 39.40
CA VAL E 120 -24.16 30.36 39.40
C VAL E 120 -23.34 29.10 39.13
N PRO E 121 -23.52 28.03 39.89
CA PRO E 121 -22.77 26.80 39.62
C PRO E 121 -23.19 26.16 38.30
N PHE E 122 -22.25 25.40 37.72
CA PHE E 122 -22.41 24.79 36.42
C PHE E 122 -22.46 23.27 36.57
N VAL E 123 -22.85 22.59 35.49
CA VAL E 123 -22.76 21.14 35.37
C VAL E 123 -22.31 20.81 33.96
N CYS E 124 -21.39 19.86 33.83
CA CYS E 124 -20.78 19.56 32.55
C CYS E 124 -20.71 18.05 32.33
N GLY E 125 -20.62 17.67 31.05
CA GLY E 125 -20.58 16.26 30.70
C GLY E 125 -19.19 15.67 30.85
N ALA E 126 -19.12 14.34 30.76
CA ALA E 126 -17.86 13.62 30.92
C ALA E 126 -18.05 12.18 30.45
N ARG E 127 -17.10 11.71 29.63
CA ARG E 127 -17.10 10.33 29.17
C ARG E 127 -16.13 9.44 29.93
N ASN E 128 -15.07 9.99 30.49
CA ASN E 128 -14.07 9.20 31.20
C ASN E 128 -13.50 10.05 32.32
N LEU E 129 -12.44 9.54 32.96
CA LEU E 129 -11.85 10.26 34.10
C LEU E 129 -11.08 11.48 33.63
N GLY E 130 -10.48 11.42 32.45
CA GLY E 130 -9.74 12.57 31.95
C GLY E 130 -10.64 13.79 31.76
N GLU E 131 -11.82 13.58 31.18
CA GLU E 131 -12.74 14.69 30.93
C GLU E 131 -13.32 15.23 32.23
N ALA E 132 -13.60 14.35 33.18
CA ALA E 132 -14.15 14.79 34.45
C ALA E 132 -13.19 15.72 35.19
N LEU E 133 -11.90 15.42 35.13
CA LEU E 133 -10.92 16.22 35.88
C LEU E 133 -10.62 17.54 35.21
N ARG E 134 -10.61 17.60 33.87
CA ARG E 134 -10.42 18.87 33.20
C ARG E 134 -11.57 19.83 33.48
N ARG E 135 -12.80 19.32 33.45
CA ARG E 135 -13.96 20.18 33.69
C ARG E 135 -13.93 20.77 35.09
N ILE E 136 -13.56 19.96 36.10
CA ILE E 136 -13.50 20.47 37.46
C ILE E 136 -12.42 21.53 37.58
N ASN E 137 -11.37 21.42 36.77
CA ASN E 137 -10.32 22.43 36.78
C ASN E 137 -10.85 23.79 36.37
N GLU E 138 -11.75 23.82 35.38
CA GLU E 138 -12.33 25.06 34.90
C GLU E 138 -13.38 25.63 35.84
N GLY E 139 -13.84 24.88 36.83
CA GLY E 139 -14.81 25.36 37.80
C GLY E 139 -16.15 24.66 37.81
N ALA E 140 -16.29 23.53 37.10
CA ALA E 140 -17.55 22.80 37.12
C ALA E 140 -17.90 22.36 38.53
N ALA E 141 -19.15 22.57 38.92
CA ALA E 141 -19.61 22.21 40.25
C ALA E 141 -20.41 20.91 40.28
N MET E 142 -20.39 20.15 39.18
CA MET E 142 -21.09 18.87 39.11
C MET E 142 -20.73 18.23 37.78
N ILE E 143 -20.84 16.90 37.72
CA ILE E 143 -20.54 16.17 36.50
C ILE E 143 -21.66 15.17 36.24
N ARG E 144 -22.01 15.01 34.96
CA ARG E 144 -22.98 14.02 34.55
C ARG E 144 -22.47 13.32 33.30
N THR E 145 -22.62 12.00 33.27
CA THR E 145 -22.17 11.23 32.12
C THR E 145 -22.92 11.64 30.87
N LYS E 146 -22.21 11.66 29.73
CA LYS E 146 -22.83 12.10 28.50
C LYS E 146 -23.92 11.13 28.05
N GLY E 147 -23.61 9.84 27.99
CA GLY E 147 -24.56 8.88 27.47
C GLY E 147 -24.89 9.15 26.02
N GLU E 148 -26.12 8.83 25.61
CA GLU E 148 -26.61 9.11 24.26
C GLU E 148 -28.02 9.67 24.40
N ALA E 149 -28.12 10.99 24.47
CA ALA E 149 -29.37 11.64 24.79
C ALA E 149 -30.43 11.38 23.73
N GLY E 150 -31.65 11.09 24.18
CA GLY E 150 -32.79 10.94 23.31
C GLY E 150 -32.98 9.57 22.70
N THR E 151 -32.17 8.58 23.08
CA THR E 151 -32.27 7.25 22.50
C THR E 151 -33.05 6.27 23.37
N GLY E 152 -33.15 6.50 24.67
CA GLY E 152 -33.82 5.56 25.53
C GLY E 152 -33.06 4.26 25.75
N ASP E 153 -31.76 4.25 25.45
CA ASP E 153 -30.91 3.08 25.61
C ASP E 153 -29.91 3.38 26.72
N VAL E 154 -29.92 2.55 27.77
CA VAL E 154 -29.07 2.78 28.93
C VAL E 154 -27.73 2.07 28.74
N SER E 155 -27.46 1.61 27.52
CA SER E 155 -26.18 0.96 27.24
C SER E 155 -25.03 1.95 27.32
N GLN E 156 -25.22 3.16 26.79
CA GLN E 156 -24.12 4.12 26.74
C GLN E 156 -23.87 4.75 28.10
N ALA E 157 -24.91 5.03 28.87
CA ALA E 157 -24.70 5.63 30.19
C ALA E 157 -23.95 4.68 31.11
N VAL E 158 -24.27 3.38 31.06
CA VAL E 158 -23.56 2.41 31.88
C VAL E 158 -22.10 2.32 31.45
N LYS E 159 -21.84 2.35 30.15
CA LYS E 159 -20.48 2.30 29.66
C LYS E 159 -19.65 3.44 30.22
N HIS E 160 -20.15 4.66 30.13
CA HIS E 160 -19.38 5.82 30.61
C HIS E 160 -19.28 5.83 32.13
N MET E 161 -20.26 5.24 32.82
CA MET E 161 -20.21 5.23 34.28
C MET E 161 -19.20 4.21 34.80
N LYS E 162 -18.94 3.17 34.02
CA LYS E 162 -17.93 2.19 34.42
C LYS E 162 -16.53 2.64 34.00
N GLN E 163 -16.45 3.53 33.01
CA GLN E 163 -15.17 4.11 32.63
C GLN E 163 -14.66 5.07 33.70
N ILE E 164 -15.54 5.95 34.18
CA ILE E 164 -15.15 6.91 35.21
C ILE E 164 -14.86 6.19 36.52
N GLN E 165 -15.77 5.31 36.93
CA GLN E 165 -15.62 4.63 38.22
C GLN E 165 -14.61 3.51 38.14
N GLY E 166 -14.43 2.90 36.97
CA GLY E 166 -13.41 1.88 36.83
C GLY E 166 -12.00 2.43 36.98
N GLU E 167 -11.76 3.61 36.44
CA GLU E 167 -10.42 4.21 36.53
C GLU E 167 -10.11 4.66 37.96
N ILE E 168 -11.10 5.21 38.66
CA ILE E 168 -10.85 5.73 40.00
C ILE E 168 -10.48 4.61 40.96
N ARG E 169 -10.90 3.37 40.65
CA ARG E 169 -10.56 2.25 41.51
C ARG E 169 -9.14 1.77 41.27
N ALA E 170 -8.64 1.89 40.05
CA ALA E 170 -7.27 1.51 39.77
C ALA E 170 -6.27 2.41 40.46
N LEU E 171 -6.61 3.69 40.67
CA LEU E 171 -5.69 4.64 41.29
C LEU E 171 -5.37 4.30 42.74
N ALA E 172 -6.11 3.41 43.37
CA ALA E 172 -5.80 3.04 44.74
C ALA E 172 -4.57 2.15 44.78
N GLY E 173 -3.65 2.48 45.69
CA GLY E 173 -2.43 1.72 45.86
C GLY E 173 -1.24 2.22 45.06
N LYS E 174 -1.46 3.04 44.04
CA LYS E 174 -0.36 3.52 43.21
C LYS E 174 0.53 4.47 44.01
N THR E 175 1.79 4.55 43.60
CA THR E 175 2.74 5.45 44.25
C THR E 175 2.83 6.77 43.50
N LYS E 176 3.37 7.79 44.19
CA LYS E 176 3.40 9.13 43.62
C LYS E 176 4.05 9.14 42.24
N GLU E 177 5.17 8.43 42.08
CA GLU E 177 5.85 8.42 40.80
C GLU E 177 4.93 7.88 39.70
N GLU E 178 3.90 7.12 40.07
CA GLU E 178 3.02 6.53 39.08
C GLU E 178 1.78 7.39 38.84
N LEU E 179 1.26 8.02 39.89
CA LEU E 179 0.13 8.93 39.70
C LEU E 179 0.49 10.10 38.80
N ILE E 180 1.77 10.46 38.73
CA ILE E 180 2.22 11.48 37.79
C ILE E 180 2.17 10.95 36.36
N MET E 181 2.49 9.68 36.16
CA MET E 181 2.42 9.10 34.82
C MET E 181 0.98 9.02 34.34
N VAL E 182 0.04 8.68 35.23
CA VAL E 182 -1.36 8.60 34.83
C VAL E 182 -1.86 9.97 34.38
N ALA E 183 -1.53 11.01 35.15
CA ALA E 183 -2.00 12.35 34.81
C ALA E 183 -1.57 12.76 33.41
N ARG E 184 -0.44 12.22 32.94
CA ARG E 184 -0.02 12.47 31.57
C ARG E 184 -0.90 11.73 30.58
N GLU E 185 -1.16 10.44 30.83
CA GLU E 185 -1.92 9.63 29.86
C GLU E 185 -3.33 10.16 29.71
N ILE E 186 -3.99 10.51 30.82
CA ILE E 186 -5.34 11.05 30.78
C ILE E 186 -5.35 12.57 30.62
N GLU E 187 -4.18 13.20 30.60
CA GLU E 187 -4.07 14.62 30.31
C GLU E 187 -4.84 15.46 31.33
N ALA E 188 -4.71 15.09 32.60
CA ALA E 188 -5.41 15.78 33.68
C ALA E 188 -4.43 16.46 34.61
N PRO E 189 -4.86 17.48 35.34
CA PRO E 189 -3.97 18.10 36.33
C PRO E 189 -3.51 17.09 37.38
N ILE E 190 -2.24 17.20 37.77
CA ILE E 190 -1.70 16.25 38.74
C ILE E 190 -2.24 16.52 40.14
N GLU E 191 -2.66 17.75 40.43
CA GLU E 191 -3.23 18.04 41.74
C GLU E 191 -4.55 17.30 41.94
N LEU E 192 -5.37 17.20 40.90
CA LEU E 192 -6.65 16.52 41.02
C LEU E 192 -6.48 15.01 41.06
N VAL E 193 -5.59 14.45 40.24
CA VAL E 193 -5.43 13.00 40.18
C VAL E 193 -4.99 12.46 41.54
N VAL E 194 -4.36 13.30 42.36
CA VAL E 194 -3.98 12.88 43.70
C VAL E 194 -5.14 13.07 44.67
N GLU E 195 -5.95 14.12 44.47
CA GLU E 195 -7.14 14.31 45.29
C GLU E 195 -8.16 13.22 45.03
N THR E 196 -8.33 12.84 43.76
CA THR E 196 -9.24 11.75 43.43
C THR E 196 -8.76 10.43 44.03
N ALA E 197 -7.46 10.14 43.90
CA ALA E 197 -6.94 8.86 44.35
C ALA E 197 -7.06 8.72 45.87
N LYS E 198 -7.02 9.84 46.59
CA LYS E 198 -7.16 9.78 48.04
C LYS E 198 -8.62 9.60 48.45
N MET E 199 -9.55 10.12 47.66
CA MET E 199 -10.97 10.05 47.99
C MET E 199 -11.67 8.86 47.36
N GLN E 200 -11.13 8.33 46.26
CA GLN E 200 -11.75 7.21 45.55
C GLN E 200 -13.11 7.58 44.98
N ARG E 201 -13.31 8.87 44.69
CA ARG E 201 -14.51 9.32 44.01
C ARG E 201 -14.23 10.70 43.44
N LEU E 202 -15.03 11.10 42.45
CA LEU E 202 -14.89 12.44 41.92
C LEU E 202 -15.13 13.46 43.04
N PRO E 203 -14.26 14.47 43.17
CA PRO E 203 -14.41 15.43 44.27
C PRO E 203 -15.69 16.26 44.20
N VAL E 204 -16.53 16.09 43.17
CA VAL E 204 -17.79 16.80 43.05
C VAL E 204 -18.89 15.79 42.78
N VAL E 205 -20.13 16.20 43.06
CA VAL E 205 -21.27 15.31 42.88
C VAL E 205 -21.35 14.85 41.44
N ASN E 206 -21.74 13.60 41.23
CA ASN E 206 -21.79 12.99 39.91
C ASN E 206 -23.17 12.39 39.69
N PHE E 207 -23.80 12.74 38.57
CA PHE E 207 -25.12 12.25 38.21
C PHE E 207 -25.05 11.35 36.98
N ALA E 208 -26.19 10.77 36.63
CA ALA E 208 -26.32 9.94 35.44
C ALA E 208 -27.34 10.53 34.49
N ALA E 209 -27.02 10.58 33.20
CA ALA E 209 -27.89 11.19 32.22
C ALA E 209 -27.77 10.46 30.89
N GLY E 210 -28.90 10.37 30.19
CA GLY E 210 -28.92 9.76 28.88
C GLY E 210 -29.30 8.29 28.89
N GLY E 211 -30.46 7.96 28.35
CA GLY E 211 -30.90 6.59 28.25
C GLY E 211 -31.73 6.07 29.39
N VAL E 212 -31.96 6.86 30.43
CA VAL E 212 -32.84 6.42 31.52
C VAL E 212 -34.28 6.52 31.03
N ALA E 213 -34.96 5.38 30.94
CA ALA E 213 -36.28 5.31 30.35
C ALA E 213 -37.31 4.52 31.14
N THR E 214 -36.92 3.79 32.16
CA THR E 214 -37.82 2.97 32.95
C THR E 214 -37.39 3.01 34.41
N PRO E 215 -38.29 2.66 35.33
CA PRO E 215 -37.89 2.59 36.74
C PRO E 215 -36.76 1.63 37.00
N ALA E 216 -36.56 0.62 36.15
CA ALA E 216 -35.44 -0.29 36.32
C ALA E 216 -34.12 0.38 35.97
N ASP E 217 -34.08 1.12 34.86
CA ASP E 217 -32.85 1.78 34.46
C ASP E 217 -32.47 2.87 35.45
N ALA E 218 -33.45 3.53 36.06
CA ALA E 218 -33.15 4.55 37.06
C ALA E 218 -32.43 3.95 38.26
N ALA E 219 -32.90 2.79 38.72
CA ALA E 219 -32.30 2.16 39.90
C ALA E 219 -31.00 1.44 39.55
N LEU E 220 -30.80 1.14 38.27
CA LEU E 220 -29.53 0.55 37.85
C LEU E 220 -28.38 1.54 38.01
N MET E 221 -28.59 2.79 37.59
CA MET E 221 -27.54 3.79 37.69
C MET E 221 -27.20 4.08 39.15
N MET E 222 -28.20 4.10 40.01
CA MET E 222 -27.95 4.33 41.43
C MET E 222 -27.21 3.15 42.06
N ARG E 223 -27.34 1.95 41.49
CA ARG E 223 -26.60 0.81 41.99
C ARG E 223 -25.17 0.74 41.43
N LEU E 224 -24.86 1.53 40.41
CA LEU E 224 -23.50 1.61 39.91
C LEU E 224 -22.69 2.70 40.62
N GLY E 225 -23.30 3.47 41.51
CA GLY E 225 -22.61 4.48 42.27
C GLY E 225 -23.02 5.91 41.99
N ALA E 226 -24.07 6.14 41.21
CA ALA E 226 -24.51 7.50 40.93
C ALA E 226 -25.13 8.13 42.16
N ASP E 227 -25.14 9.46 42.20
CA ASP E 227 -25.80 10.20 43.26
C ASP E 227 -27.21 10.65 42.90
N GLY E 228 -27.66 10.36 41.68
CA GLY E 228 -28.94 10.83 41.19
C GLY E 228 -29.09 10.40 39.75
N VAL E 229 -30.10 10.99 39.10
CA VAL E 229 -30.38 10.67 37.70
C VAL E 229 -31.04 11.85 37.02
N PHE E 230 -30.61 12.11 35.78
CA PHE E 230 -31.25 13.09 34.90
C PHE E 230 -32.14 12.35 33.92
N VAL E 231 -33.45 12.62 34.00
CA VAL E 231 -34.44 11.94 33.16
C VAL E 231 -35.07 12.97 32.26
N GLY E 232 -34.96 12.77 30.95
CA GLY E 232 -35.47 13.72 29.98
C GLY E 232 -36.64 13.19 29.17
N SER E 233 -36.35 12.71 27.96
CA SER E 233 -37.39 12.23 27.07
C SER E 233 -38.12 11.01 27.64
N GLY E 234 -37.52 10.32 28.61
CA GLY E 234 -38.07 9.06 29.06
C GLY E 234 -39.47 9.16 29.64
N ILE E 235 -39.76 10.24 30.35
CA ILE E 235 -41.00 10.35 31.11
C ILE E 235 -42.13 10.89 30.24
N PHE E 236 -41.89 12.03 29.60
CA PHE E 236 -42.95 12.73 28.88
C PHE E 236 -43.14 12.24 27.46
N LYS E 237 -42.28 11.36 26.96
CA LYS E 237 -42.51 10.65 25.71
C LYS E 237 -43.07 9.26 25.94
N ALA E 238 -43.37 8.89 27.18
CA ALA E 238 -43.93 7.58 27.48
C ALA E 238 -45.45 7.60 27.31
N GLU E 239 -46.05 6.44 27.56
CA GLU E 239 -47.50 6.32 27.41
C GLU E 239 -48.24 7.22 28.39
N ASN E 240 -47.80 7.25 29.65
CA ASN E 240 -48.47 8.01 30.71
C ASN E 240 -47.40 8.76 31.49
N PRO E 241 -47.13 10.03 31.14
CA PRO E 241 -46.09 10.77 31.88
C PRO E 241 -46.35 10.86 33.37
N GLU E 242 -47.61 11.00 33.79
CA GLU E 242 -47.89 11.17 35.22
C GLU E 242 -47.50 9.93 36.02
N LYS E 243 -47.82 8.75 35.50
CA LYS E 243 -47.52 7.53 36.25
C LYS E 243 -46.04 7.19 36.20
N MET E 244 -45.40 7.39 35.03
CA MET E 244 -43.98 7.12 34.93
C MET E 244 -43.17 8.03 35.85
N ALA E 245 -43.63 9.27 36.04
CA ALA E 245 -42.88 10.22 36.86
C ALA E 245 -42.78 9.73 38.30
N LYS E 246 -43.91 9.37 38.91
CA LYS E 246 -43.88 8.93 40.30
C LYS E 246 -43.10 7.62 40.44
N ALA E 247 -43.16 6.76 39.42
CA ALA E 247 -42.43 5.50 39.49
C ALA E 247 -40.92 5.74 39.52
N VAL E 248 -40.42 6.57 38.61
CA VAL E 248 -38.98 6.81 38.56
C VAL E 248 -38.49 7.45 39.85
N VAL E 249 -39.23 8.42 40.37
CA VAL E 249 -38.83 9.07 41.62
C VAL E 249 -38.80 8.06 42.76
N GLU E 250 -39.75 7.13 42.78
CA GLU E 250 -39.78 6.12 43.84
C GLU E 250 -38.74 5.04 43.61
N ALA E 251 -38.37 4.79 42.35
CA ALA E 251 -37.34 3.80 42.07
C ALA E 251 -36.01 4.19 42.68
N VAL E 252 -35.63 5.47 42.56
CA VAL E 252 -34.34 5.91 43.08
C VAL E 252 -34.32 5.83 44.61
N ASN E 253 -35.47 5.91 45.26
CA ASN E 253 -35.51 5.86 46.72
C ASN E 253 -35.50 4.43 47.25
N ASN E 254 -35.74 3.43 46.40
CA ASN E 254 -35.71 2.03 46.81
C ASN E 254 -34.87 1.20 45.84
N TYR E 255 -33.75 1.76 45.38
CA TYR E 255 -32.94 1.08 44.37
C TYR E 255 -32.34 -0.22 44.89
N ASP E 256 -32.32 -0.43 46.20
CA ASP E 256 -31.68 -1.61 46.79
C ASP E 256 -32.66 -2.61 47.38
N ASN E 257 -33.95 -2.45 47.11
CA ASN E 257 -34.97 -3.37 47.65
C ASN E 257 -35.67 -4.07 46.49
N PRO E 258 -35.28 -5.30 46.14
CA PRO E 258 -35.90 -5.96 44.98
C PRO E 258 -37.40 -6.15 45.10
N VAL E 259 -37.91 -6.42 46.30
CA VAL E 259 -39.34 -6.68 46.45
C VAL E 259 -40.14 -5.45 46.07
N LYS E 260 -39.71 -4.28 46.54
CA LYS E 260 -40.46 -3.04 46.26
C LYS E 260 -40.39 -2.69 44.78
N LEU E 261 -39.22 -2.85 44.16
CA LEU E 261 -39.07 -2.46 42.76
C LEU E 261 -40.09 -3.17 41.87
N ALA E 262 -40.43 -4.42 42.19
CA ALA E 262 -41.47 -5.10 41.42
C ALA E 262 -42.80 -4.39 41.55
N GLU E 263 -43.13 -3.92 42.75
CA GLU E 263 -44.40 -3.22 42.96
C GLU E 263 -44.45 -1.93 42.16
N ILE E 264 -43.33 -1.19 42.11
CA ILE E 264 -43.31 0.09 41.40
C ILE E 264 -43.55 -0.12 39.91
N SER E 265 -42.91 -1.12 39.33
CA SER E 265 -42.96 -1.32 37.88
C SER E 265 -44.32 -1.80 37.40
N LYS E 266 -45.24 -2.16 38.29
CA LYS E 266 -46.54 -2.68 37.89
C LYS E 266 -47.50 -1.52 37.63
N GLY E 267 -48.08 -1.50 36.43
CA GLY E 267 -49.04 -0.47 36.07
C GLY E 267 -48.45 0.83 35.60
N VAL E 268 -47.12 0.90 35.44
CA VAL E 268 -46.50 2.16 35.02
C VAL E 268 -46.86 2.50 33.58
N GLY E 269 -46.78 1.54 32.67
CA GLY E 269 -47.07 1.77 31.27
C GLY E 269 -45.85 1.57 30.39
N ALA E 270 -46.11 1.58 29.08
CA ALA E 270 -45.06 1.37 28.10
C ALA E 270 -44.08 2.55 28.08
N GLY E 271 -42.80 2.24 27.97
CA GLY E 271 -41.79 3.25 27.88
C GLY E 271 -41.64 3.80 26.47
N MET E 272 -40.78 4.80 26.35
CA MET E 272 -40.54 5.44 25.05
C MET E 272 -39.90 4.44 24.09
N LYS E 273 -40.34 4.49 22.83
CA LYS E 273 -39.72 3.69 21.78
C LYS E 273 -38.37 4.30 21.44
N GLY E 274 -37.30 3.66 21.88
CA GLY E 274 -35.97 4.21 21.73
C GLY E 274 -35.35 3.90 20.38
N ILE E 275 -34.05 4.16 20.30
CA ILE E 275 -33.25 3.83 19.14
C ILE E 275 -31.98 3.13 19.63
N SER E 276 -31.63 2.02 19.01
CA SER E 276 -30.45 1.28 19.42
C SER E 276 -29.22 2.17 19.31
N ALA E 277 -28.50 2.31 20.42
CA ALA E 277 -27.38 3.24 20.46
C ALA E 277 -26.27 2.82 19.50
N ASP E 278 -26.10 1.52 19.26
CA ASP E 278 -25.08 1.06 18.33
C ASP E 278 -25.43 1.35 16.88
N MET E 279 -26.66 1.79 16.60
CA MET E 279 -27.08 2.11 15.25
C MET E 279 -26.71 3.54 14.83
N ILE E 280 -26.31 4.40 15.76
CA ILE E 280 -26.09 5.81 15.49
C ILE E 280 -24.68 5.98 14.94
N PRO E 281 -24.49 6.61 13.78
CA PRO E 281 -23.13 6.88 13.29
C PRO E 281 -22.39 7.81 14.24
N ALA E 282 -21.06 7.68 14.22
CA ALA E 282 -20.23 8.48 15.13
C ALA E 282 -20.40 9.97 14.90
N GLN E 283 -20.45 10.40 13.64
CA GLN E 283 -20.61 11.83 13.35
C GLN E 283 -21.95 12.37 13.87
N GLU E 284 -22.95 11.50 14.02
CA GLU E 284 -24.25 11.91 14.56
C GLU E 284 -24.34 11.76 16.07
N ALA E 285 -23.34 11.18 16.71
CA ALA E 285 -23.40 10.93 18.15
C ALA E 285 -23.17 12.23 18.91
N LEU E 286 -24.14 12.62 19.73
CA LEU E 286 -23.99 13.83 20.55
C LEU E 286 -22.87 13.67 21.57
N GLN E 287 -22.61 12.44 22.01
CA GLN E 287 -21.58 12.20 23.02
C GLN E 287 -20.20 12.60 22.55
N GLU E 288 -19.94 12.59 21.24
CA GLU E 288 -18.64 12.99 20.72
C GLU E 288 -18.34 14.47 20.93
N ARG E 289 -19.37 15.30 21.13
CA ARG E 289 -19.16 16.69 21.51
C ARG E 289 -18.73 16.76 22.96
N GLY E 290 -18.11 17.88 23.33
CA GLY E 290 -17.54 18.01 24.65
C GLY E 290 -16.16 17.40 24.73
N TRP E 291 -15.30 17.82 23.81
CA TRP E 291 -13.89 17.40 23.78
C TRP E 291 -13.18 17.59 25.12
N HIS F 1 -6.80 58.72 -7.90
CA HIS F 1 -7.58 57.80 -7.09
C HIS F 1 -7.54 58.21 -5.62
N GLY F 2 -8.54 57.76 -4.87
CA GLY F 2 -8.60 58.06 -3.44
C GLY F 2 -7.40 57.54 -2.68
N THR F 3 -6.85 58.38 -1.81
CA THR F 3 -5.69 57.97 -1.02
C THR F 3 -6.08 56.85 -0.05
N GLU F 4 -5.11 56.00 0.25
CA GLU F 4 -5.38 54.86 1.13
C GLU F 4 -5.88 55.32 2.49
N LEU F 5 -5.46 56.51 2.93
CA LEU F 5 -5.92 57.02 4.22
C LEU F 5 -7.41 57.29 4.21
N ILE F 6 -7.92 57.92 3.15
CA ILE F 6 -9.34 58.24 3.07
C ILE F 6 -10.17 56.96 2.94
N LYS F 7 -9.71 55.97 2.17
CA LYS F 7 -10.38 54.65 2.11
C LYS F 7 -10.29 53.98 3.50
N ARG F 8 -9.22 54.23 4.28
CA ARG F 8 -9.00 53.69 5.66
C ARG F 8 -9.53 54.76 6.62
N GLY F 9 -10.41 55.65 6.15
CA GLY F 9 -11.11 56.67 6.96
C GLY F 9 -12.61 56.64 6.67
N PHE F 10 -13.02 55.78 5.72
CA PHE F 10 -14.46 55.55 5.45
C PHE F 10 -14.77 54.25 6.16
N ALA F 11 -13.77 53.35 6.25
CA ALA F 11 -13.96 52.08 6.98
C ALA F 11 -14.02 52.33 8.50
N ARG F 12 -13.44 53.41 9.08
CA ARG F 12 -13.40 53.63 10.52
C ARG F 12 -14.68 54.25 11.04
N MET F 13 -15.44 54.95 10.18
CA MET F 13 -16.71 55.52 10.61
C MET F 13 -17.73 54.45 10.95
N GLN F 14 -17.54 53.22 10.47
CA GLN F 14 -18.50 52.14 10.69
C GLN F 14 -18.29 51.41 12.01
N LYS F 15 -17.36 51.86 12.84
CA LYS F 15 -17.07 51.16 14.08
C LYS F 15 -18.27 51.18 15.02
N GLY F 16 -18.50 50.06 15.70
CA GLY F 16 -19.55 49.96 16.69
C GLY F 16 -20.96 50.06 16.16
N GLY F 17 -21.23 49.48 14.99
CA GLY F 17 -22.55 49.51 14.40
C GLY F 17 -22.99 48.16 13.87
N VAL F 18 -24.08 48.19 13.12
CA VAL F 18 -24.66 47.00 12.48
C VAL F 18 -24.94 47.31 11.03
N ILE F 19 -24.60 46.38 10.15
CA ILE F 19 -24.88 46.48 8.72
C ILE F 19 -25.85 45.36 8.37
N MET F 20 -27.00 45.73 7.80
CA MET F 20 -28.09 44.80 7.53
C MET F 20 -28.26 44.63 6.03
N ASP F 21 -28.29 43.39 5.57
CA ASP F 21 -28.47 43.11 4.15
C ASP F 21 -29.95 43.17 3.79
N VAL F 22 -30.27 43.94 2.75
CA VAL F 22 -31.64 44.19 2.33
C VAL F 22 -31.75 43.92 0.84
N THR F 23 -32.97 43.61 0.39
CA THR F 23 -33.23 43.29 -1.01
C THR F 23 -34.22 44.23 -1.68
N THR F 24 -35.07 44.90 -0.92
CA THR F 24 -36.12 45.76 -1.47
C THR F 24 -36.06 47.11 -0.77
N PRO F 25 -36.63 48.15 -1.37
CA PRO F 25 -36.64 49.46 -0.71
C PRO F 25 -37.29 49.44 0.67
N GLU F 26 -38.35 48.66 0.83
CA GLU F 26 -39.03 48.62 2.13
C GLU F 26 -38.12 48.04 3.21
N GLN F 27 -37.40 46.96 2.88
CA GLN F 27 -36.44 46.41 3.84
C GLN F 27 -35.35 47.43 4.14
N ALA F 28 -34.92 48.19 3.14
CA ALA F 28 -33.93 49.23 3.37
C ALA F 28 -34.47 50.30 4.31
N ARG F 29 -35.74 50.67 4.16
CA ARG F 29 -36.35 51.63 5.08
C ARG F 29 -36.43 51.07 6.49
N ILE F 30 -36.73 49.77 6.62
CA ILE F 30 -36.83 49.17 7.94
C ILE F 30 -35.50 49.29 8.68
N ALA F 31 -34.40 48.95 8.00
CA ALA F 31 -33.10 48.92 8.67
C ALA F 31 -32.72 50.31 9.17
N GLU F 32 -32.98 51.33 8.38
CA GLU F 32 -32.60 52.69 8.77
C GLU F 32 -33.32 53.12 10.04
N GLU F 33 -34.61 52.77 10.16
CA GLU F 33 -35.37 53.16 11.35
C GLU F 33 -34.84 52.47 12.60
N ALA F 34 -34.33 51.24 12.46
CA ALA F 34 -33.78 50.52 13.59
C ALA F 34 -32.47 51.11 14.09
N GLY F 35 -31.87 52.02 13.33
CA GLY F 35 -30.62 52.63 13.73
C GLY F 35 -29.37 52.01 13.15
N ALA F 36 -29.46 51.34 12.00
CA ALA F 36 -28.29 50.73 11.40
C ALA F 36 -27.37 51.80 10.83
N VAL F 37 -26.14 51.39 10.53
CA VAL F 37 -25.16 52.34 10.00
C VAL F 37 -24.99 52.21 8.49
N ALA F 38 -25.44 51.11 7.89
CA ALA F 38 -25.34 50.94 6.44
C ALA F 38 -26.20 49.75 6.04
N VAL F 39 -26.46 49.64 4.74
CA VAL F 39 -27.22 48.54 4.16
C VAL F 39 -26.41 47.96 3.02
N MET F 40 -26.67 46.71 2.70
CA MET F 40 -25.94 45.99 1.65
C MET F 40 -26.96 45.45 0.65
N ALA F 41 -27.13 46.16 -0.47
CA ALA F 41 -28.11 45.75 -1.46
C ALA F 41 -27.63 44.51 -2.21
N LEU F 42 -28.50 43.50 -2.27
CA LEU F 42 -28.20 42.29 -3.02
C LEU F 42 -29.51 41.69 -3.51
N GLN F 43 -29.40 40.77 -4.47
CA GLN F 43 -30.59 40.22 -5.10
C GLN F 43 -31.36 39.30 -4.15
N ALA F 44 -30.64 38.61 -3.26
CA ALA F 44 -31.26 37.66 -2.34
C ALA F 44 -30.30 37.39 -1.20
N VAL F 45 -30.86 37.23 0.00
CA VAL F 45 -30.06 37.02 1.21
C VAL F 45 -29.29 35.71 1.07
N PRO F 46 -28.15 35.55 1.76
CA PRO F 46 -27.35 34.34 1.57
C PRO F 46 -28.12 33.05 1.85
N ALA F 47 -29.15 33.11 2.69
CA ALA F 47 -29.95 31.92 2.95
C ALA F 47 -30.65 31.44 1.69
N ASP F 48 -31.18 32.38 0.89
CA ASP F 48 -31.85 32.01 -0.36
C ASP F 48 -30.86 31.52 -1.40
N ILE F 49 -29.64 32.05 -1.39
CA ILE F 49 -28.66 31.69 -2.41
C ILE F 49 -28.32 30.20 -2.32
N ARG F 50 -28.17 29.67 -1.11
CA ARG F 50 -27.98 28.23 -0.96
C ARG F 50 -29.18 27.47 -1.48
N LYS F 51 -30.38 27.94 -1.18
CA LYS F 51 -31.59 27.22 -1.59
C LYS F 51 -31.78 27.26 -3.10
N ALA F 52 -31.61 28.44 -3.71
CA ALA F 52 -31.85 28.57 -5.14
C ALA F 52 -30.75 27.93 -5.98
N GLY F 53 -29.51 27.98 -5.52
CA GLY F 53 -28.44 27.41 -6.31
C GLY F 53 -28.19 28.22 -7.58
N GLY F 54 -27.65 27.53 -8.58
CA GLY F 54 -27.37 28.18 -9.83
C GLY F 54 -26.15 29.11 -9.73
N VAL F 55 -26.13 30.11 -10.61
CA VAL F 55 -25.06 31.09 -10.66
C VAL F 55 -25.62 32.40 -10.11
N ALA F 56 -24.92 32.97 -9.13
CA ALA F 56 -25.31 34.26 -8.55
C ALA F 56 -24.39 35.34 -9.10
N ARG F 57 -24.95 36.52 -9.33
CA ARG F 57 -24.23 37.62 -9.95
C ARG F 57 -24.50 38.91 -9.20
N MET F 58 -23.96 40.01 -9.73
CA MET F 58 -24.24 41.32 -9.18
C MET F 58 -25.72 41.65 -9.31
N ALA F 59 -26.24 42.37 -8.32
CA ALA F 59 -27.64 42.76 -8.35
C ALA F 59 -27.96 43.55 -9.61
N ASP F 60 -29.25 43.61 -9.94
CA ASP F 60 -29.68 44.43 -11.07
C ASP F 60 -29.38 45.90 -10.77
N PRO F 61 -28.81 46.64 -11.72
CA PRO F 61 -28.54 48.07 -11.46
C PRO F 61 -29.79 48.86 -11.09
N GLU F 62 -30.96 48.40 -11.51
CA GLU F 62 -32.19 49.12 -11.16
C GLU F 62 -32.45 49.07 -9.66
N ILE F 63 -32.19 47.92 -9.03
CA ILE F 63 -32.46 47.79 -7.60
C ILE F 63 -31.53 48.69 -6.79
N VAL F 64 -30.23 48.61 -7.06
CA VAL F 64 -29.26 49.37 -6.28
C VAL F 64 -29.54 50.87 -6.39
N GLN F 65 -30.11 51.30 -7.52
CA GLN F 65 -30.47 52.70 -7.68
C GLN F 65 -31.67 53.06 -6.83
N GLN F 66 -32.61 52.12 -6.65
CA GLN F 66 -33.81 52.41 -5.88
C GLN F 66 -33.50 52.46 -4.38
N ILE F 67 -32.68 51.53 -3.90
CA ILE F 67 -32.32 51.53 -2.49
C ILE F 67 -31.60 52.81 -2.11
N ILE F 68 -30.65 53.25 -2.96
CA ILE F 68 -29.88 54.45 -2.67
C ILE F 68 -30.80 55.65 -2.50
N GLU F 69 -31.82 55.75 -3.32
CA GLU F 69 -32.76 56.86 -3.23
C GLU F 69 -33.68 56.75 -2.01
N THR F 70 -33.67 55.62 -1.33
CA THR F 70 -34.59 55.37 -0.22
C THR F 70 -33.97 55.64 1.14
N VAL F 71 -32.66 55.46 1.30
CA VAL F 71 -32.00 55.57 2.58
C VAL F 71 -30.99 56.71 2.54
N THR F 72 -30.63 57.20 3.72
CA THR F 72 -29.61 58.23 3.87
C THR F 72 -28.26 57.67 4.28
N ILE F 73 -28.22 56.51 4.93
CA ILE F 73 -26.97 55.88 5.33
C ILE F 73 -26.26 55.35 4.09
N PRO F 74 -24.95 55.13 4.13
CA PRO F 74 -24.24 54.64 2.95
C PRO F 74 -24.80 53.30 2.48
N VAL F 75 -24.74 53.08 1.17
CA VAL F 75 -25.22 51.85 0.54
C VAL F 75 -24.01 51.11 -0.02
N MET F 76 -23.93 49.82 0.28
CA MET F 76 -22.90 48.95 -0.27
C MET F 76 -23.51 48.00 -1.28
N ALA F 77 -22.64 47.21 -1.90
CA ALA F 77 -23.04 46.27 -2.94
C ALA F 77 -22.06 45.12 -2.96
N LYS F 78 -22.43 44.05 -3.64
CA LYS F 78 -21.56 42.88 -3.77
C LYS F 78 -21.12 42.69 -5.22
N ALA F 79 -19.93 42.14 -5.39
CA ALA F 79 -19.39 41.80 -6.70
C ALA F 79 -18.71 40.45 -6.63
N ARG F 80 -18.64 39.77 -7.77
CA ARG F 80 -18.01 38.46 -7.81
C ARG F 80 -16.50 38.60 -7.68
N ILE F 81 -15.85 37.52 -7.22
CA ILE F 81 -14.41 37.56 -7.02
C ILE F 81 -13.72 37.66 -8.37
N GLY F 82 -12.84 38.65 -8.51
CA GLY F 82 -12.04 38.78 -9.71
C GLY F 82 -12.74 39.45 -10.88
N HIS F 83 -13.97 39.93 -10.70
CA HIS F 83 -14.72 40.56 -11.79
C HIS F 83 -14.55 42.08 -11.69
N PHE F 84 -13.44 42.55 -12.22
CA PHE F 84 -13.08 43.96 -12.06
C PHE F 84 -13.99 44.87 -12.87
N VAL F 85 -14.81 44.31 -13.76
CA VAL F 85 -15.74 45.14 -14.53
C VAL F 85 -17.04 45.34 -13.77
N GLU F 86 -17.48 44.34 -13.02
CA GLU F 86 -18.67 44.52 -12.17
C GLU F 86 -18.42 45.60 -11.12
N ALA F 87 -17.25 45.57 -10.48
CA ALA F 87 -16.91 46.60 -9.51
C ALA F 87 -16.84 47.98 -10.17
N GLU F 88 -16.65 48.03 -11.49
CA GLU F 88 -16.63 49.32 -12.18
C GLU F 88 -18.05 49.86 -12.36
N ILE F 89 -19.02 48.98 -12.62
CA ILE F 89 -20.38 49.42 -12.82
C ILE F 89 -21.00 49.91 -11.51
N LEU F 90 -20.74 49.20 -10.42
CA LEU F 90 -21.26 49.63 -9.12
C LEU F 90 -20.72 51.00 -8.74
N GLU F 91 -19.42 51.20 -8.89
CA GLU F 91 -18.82 52.48 -8.53
C GLU F 91 -19.48 53.63 -9.29
N ALA F 92 -19.79 53.42 -10.56
CA ALA F 92 -20.43 54.46 -11.35
C ALA F 92 -21.84 54.76 -10.85
N LEU F 93 -22.49 53.80 -10.21
CA LEU F 93 -23.84 53.99 -9.69
C LEU F 93 -23.88 54.86 -8.44
N GLY F 94 -22.79 54.93 -7.69
CA GLY F 94 -22.75 55.77 -6.50
C GLY F 94 -22.66 55.02 -5.19
N VAL F 95 -22.38 53.72 -5.21
CA VAL F 95 -22.23 53.00 -3.95
C VAL F 95 -20.98 53.50 -3.25
N ASP F 96 -20.99 53.43 -1.91
CA ASP F 96 -19.90 53.95 -1.11
C ASP F 96 -18.86 52.89 -0.76
N MET F 97 -19.15 51.62 -0.97
CA MET F 97 -18.21 50.55 -0.67
C MET F 97 -18.65 49.29 -1.40
N VAL F 98 -17.69 48.61 -2.03
CA VAL F 98 -17.97 47.41 -2.81
C VAL F 98 -17.39 46.22 -2.05
N ASP F 99 -18.19 45.18 -1.92
CA ASP F 99 -17.84 44.02 -1.09
C ASP F 99 -17.54 42.83 -1.99
N GLU F 100 -16.27 42.45 -2.07
CA GLU F 100 -15.86 41.27 -2.82
C GLU F 100 -16.33 40.03 -2.06
N SER F 101 -17.54 39.57 -2.39
CA SER F 101 -18.21 38.54 -1.63
C SER F 101 -17.79 37.16 -2.13
N GLU F 102 -17.56 36.24 -1.19
CA GLU F 102 -17.37 34.84 -1.55
C GLU F 102 -18.70 34.11 -1.67
N VAL F 103 -19.81 34.74 -1.26
CA VAL F 103 -21.12 34.13 -1.41
C VAL F 103 -21.46 33.97 -2.89
N LEU F 104 -21.18 34.98 -3.71
CA LEU F 104 -21.43 34.94 -5.13
C LEU F 104 -20.43 34.02 -5.82
N THR F 105 -20.77 33.62 -7.04
CA THR F 105 -19.93 32.68 -7.78
C THR F 105 -18.63 33.34 -8.21
N PRO F 106 -17.46 32.79 -7.88
CA PRO F 106 -16.20 33.39 -8.35
C PRO F 106 -16.15 33.48 -9.87
N ALA F 107 -15.60 34.59 -10.37
CA ALA F 107 -15.42 34.77 -11.80
C ALA F 107 -14.00 34.50 -12.24
N ASP F 108 -13.03 34.63 -11.35
CA ASP F 108 -11.63 34.40 -11.66
C ASP F 108 -11.06 33.39 -10.69
N PRO F 109 -10.70 32.17 -11.10
CA PRO F 109 -10.30 31.15 -10.12
C PRO F 109 -8.88 31.28 -9.61
N PHE F 110 -8.14 32.31 -9.99
CA PHE F 110 -6.76 32.50 -9.54
C PHE F 110 -6.51 33.81 -8.83
N TYR F 111 -7.09 34.91 -9.31
CA TYR F 111 -6.75 36.25 -8.84
C TYR F 111 -7.97 36.96 -8.30
N HIS F 112 -7.72 37.94 -7.43
CA HIS F 112 -8.74 38.86 -6.97
C HIS F 112 -8.61 40.17 -7.74
N ILE F 113 -9.54 41.10 -7.49
CA ILE F 113 -9.45 42.40 -8.14
C ILE F 113 -8.17 43.09 -7.70
N ASP F 114 -7.68 44.01 -8.53
CA ASP F 114 -6.58 44.90 -8.15
C ASP F 114 -7.22 46.15 -7.57
N LYS F 115 -7.43 46.14 -6.25
CA LYS F 115 -8.28 47.13 -5.60
C LYS F 115 -7.60 48.48 -5.44
N THR F 116 -6.33 48.61 -5.78
CA THR F 116 -5.65 49.90 -5.62
C THR F 116 -5.93 50.86 -6.78
N GLN F 117 -6.50 50.36 -7.88
CA GLN F 117 -6.78 51.18 -9.05
C GLN F 117 -8.10 51.92 -8.97
N PHE F 118 -8.92 51.64 -7.97
CA PHE F 118 -10.26 52.18 -7.85
C PHE F 118 -10.30 53.25 -6.78
N THR F 119 -11.43 53.95 -6.69
CA THR F 119 -11.61 54.98 -5.66
C THR F 119 -12.50 54.50 -4.52
N VAL F 120 -13.52 53.71 -4.79
CA VAL F 120 -14.42 53.28 -3.72
C VAL F 120 -13.70 52.25 -2.85
N PRO F 121 -13.74 52.36 -1.52
CA PRO F 121 -13.09 51.34 -0.69
C PRO F 121 -13.80 50.01 -0.78
N PHE F 122 -13.02 48.95 -0.50
CA PHE F 122 -13.47 47.57 -0.63
C PHE F 122 -13.53 46.92 0.75
N VAL F 123 -14.16 45.75 0.82
CA VAL F 123 -14.13 44.89 2.00
C VAL F 123 -14.00 43.46 1.52
N CYS F 124 -13.15 42.67 2.18
CA CYS F 124 -12.84 41.33 1.73
C CYS F 124 -12.85 40.34 2.89
N GLY F 125 -13.04 39.07 2.57
CA GLY F 125 -13.12 38.05 3.60
C GLY F 125 -11.74 37.59 4.05
N ALA F 126 -11.72 36.81 5.13
CA ALA F 126 -10.48 36.33 5.71
C ALA F 126 -10.79 35.23 6.72
N ARG F 127 -10.05 34.11 6.61
CA ARG F 127 -10.18 33.03 7.58
C ARG F 127 -9.09 33.01 8.62
N ASN F 128 -7.91 33.55 8.33
CA ASN F 128 -6.81 33.53 9.28
C ASN F 128 -5.98 34.81 9.07
N LEU F 129 -4.83 34.86 9.73
CA LEU F 129 -3.99 36.06 9.64
C LEU F 129 -3.32 36.15 8.28
N GLY F 130 -2.99 35.02 7.68
CA GLY F 130 -2.35 35.06 6.36
C GLY F 130 -3.23 35.70 5.32
N GLU F 131 -4.53 35.35 5.31
CA GLU F 131 -5.45 35.88 4.32
C GLU F 131 -5.72 37.36 4.57
N ALA F 132 -5.81 37.75 5.84
CA ALA F 132 -6.06 39.15 6.16
C ALA F 132 -4.95 40.05 5.64
N LEU F 133 -3.70 39.60 5.74
CA LEU F 133 -2.57 40.44 5.36
C LEU F 133 -2.39 40.51 3.85
N ARG F 134 -2.67 39.42 3.13
CA ARG F 134 -2.60 39.47 1.67
C ARG F 134 -3.64 40.43 1.11
N ARG F 135 -4.86 40.38 1.64
CA ARG F 135 -5.92 41.26 1.14
C ARG F 135 -5.58 42.73 1.34
N ILE F 136 -5.02 43.07 2.51
CA ILE F 136 -4.65 44.46 2.77
C ILE F 136 -3.55 44.91 1.82
N ASN F 137 -2.70 43.96 1.39
CA ASN F 137 -1.65 44.29 0.44
C ASN F 137 -2.23 44.75 -0.89
N GLU F 138 -3.32 44.12 -1.32
CA GLU F 138 -3.97 44.47 -2.58
C GLU F 138 -4.78 45.76 -2.49
N GLY F 139 -5.03 46.28 -1.29
CA GLY F 139 -5.75 47.52 -1.13
C GLY F 139 -7.07 47.43 -0.40
N ALA F 140 -7.38 46.29 0.23
CA ALA F 140 -8.63 46.17 0.97
C ALA F 140 -8.67 47.19 2.11
N ALA F 141 -9.80 47.88 2.24
CA ALA F 141 -9.98 48.89 3.27
C ALA F 141 -10.78 48.39 4.47
N MET F 142 -11.02 47.09 4.56
CA MET F 142 -11.74 46.50 5.68
C MET F 142 -11.69 44.99 5.53
N ILE F 143 -11.84 44.28 6.63
CA ILE F 143 -11.83 42.82 6.61
C ILE F 143 -13.00 42.31 7.44
N ARG F 144 -13.61 41.24 6.96
CA ARG F 144 -14.68 40.56 7.69
C ARG F 144 -14.46 39.06 7.61
N THR F 145 -14.65 38.39 8.74
CA THR F 145 -14.47 36.94 8.77
C THR F 145 -15.46 36.25 7.85
N LYS F 146 -15.02 35.19 7.19
CA LYS F 146 -15.88 34.50 6.24
C LYS F 146 -17.05 33.84 6.94
N GLY F 147 -16.80 33.07 7.99
CA GLY F 147 -17.86 32.32 8.64
C GLY F 147 -18.49 31.32 7.70
N GLU F 148 -19.78 31.05 7.88
CA GLU F 148 -20.55 30.17 7.01
C GLU F 148 -21.88 30.85 6.73
N ALA F 149 -21.94 31.61 5.64
CA ALA F 149 -23.09 32.47 5.37
C ALA F 149 -24.35 31.64 5.16
N GLY F 150 -25.44 32.11 5.74
CA GLY F 150 -26.75 31.53 5.54
C GLY F 150 -27.09 30.35 6.42
N THR F 151 -26.25 30.01 7.39
CA THR F 151 -26.50 28.85 8.24
C THR F 151 -27.08 29.22 9.59
N GLY F 152 -26.91 30.45 10.05
CA GLY F 152 -27.38 30.81 11.37
C GLY F 152 -26.62 30.17 12.51
N ASP F 153 -25.42 29.66 12.25
CA ASP F 153 -24.58 29.03 13.25
C ASP F 153 -23.36 29.90 13.47
N VAL F 154 -23.16 30.35 14.71
CA VAL F 154 -22.07 31.28 15.03
C VAL F 154 -20.83 30.49 15.41
N SER F 155 -20.83 29.17 15.15
CA SER F 155 -19.67 28.36 15.46
C SER F 155 -18.50 28.70 14.54
N GLN F 156 -18.78 28.93 13.25
CA GLN F 156 -17.70 29.17 12.30
C GLN F 156 -17.13 30.57 12.44
N ALA F 157 -17.98 31.57 12.68
CA ALA F 157 -17.49 32.94 12.82
C ALA F 157 -16.57 33.06 14.03
N VAL F 158 -16.92 32.41 15.14
CA VAL F 158 -16.07 32.46 16.33
C VAL F 158 -14.74 31.77 16.06
N LYS F 159 -14.78 30.65 15.34
CA LYS F 159 -13.54 29.94 15.00
C LYS F 159 -12.58 30.84 14.24
N HIS F 160 -13.06 31.49 13.18
CA HIS F 160 -12.20 32.34 12.37
C HIS F 160 -11.76 33.58 13.13
N MET F 161 -12.58 34.06 14.08
CA MET F 161 -12.22 35.26 14.82
C MET F 161 -11.14 34.97 15.86
N LYS F 162 -11.08 33.72 16.33
CA LYS F 162 -10.02 33.37 17.28
C LYS F 162 -8.75 32.96 16.55
N GLN F 163 -8.86 32.59 15.27
CA GLN F 163 -7.68 32.31 14.47
C GLN F 163 -6.93 33.60 14.14
N ILE F 164 -7.67 34.63 13.72
CA ILE F 164 -7.04 35.91 13.38
C ILE F 164 -6.49 36.57 14.64
N GLN F 165 -7.32 36.64 15.69
CA GLN F 165 -6.90 37.33 16.90
C GLN F 165 -5.95 36.48 17.73
N GLY F 166 -6.04 35.16 17.63
CA GLY F 166 -5.10 34.32 18.34
C GLY F 166 -3.68 34.45 17.82
N GLU F 167 -3.53 34.56 16.51
CA GLU F 167 -2.20 34.68 15.92
C GLU F 167 -1.58 36.04 16.23
N ILE F 168 -2.38 37.10 16.20
CA ILE F 168 -1.83 38.44 16.42
C ILE F 168 -1.29 38.58 17.84
N ARG F 169 -1.80 37.78 18.77
CA ARG F 169 -1.30 37.85 20.15
C ARG F 169 0.03 37.12 20.30
N ALA F 170 0.24 36.06 19.53
CA ALA F 170 1.52 35.36 19.59
C ALA F 170 2.67 36.22 19.06
N LEU F 171 2.41 37.11 18.11
CA LEU F 171 3.47 37.93 17.53
C LEU F 171 4.09 38.90 18.52
N ALA F 172 3.47 39.12 19.68
CA ALA F 172 4.05 40.01 20.67
C ALA F 172 5.26 39.35 21.32
N GLY F 173 6.36 40.09 21.42
CA GLY F 173 7.57 39.60 22.05
C GLY F 173 8.56 38.97 21.10
N LYS F 174 8.14 38.58 19.90
CA LYS F 174 9.06 37.92 18.97
C LYS F 174 10.11 38.90 18.47
N THR F 175 11.26 38.36 18.08
CA THR F 175 12.36 39.16 17.55
C THR F 175 12.30 39.22 16.02
N LYS F 176 13.00 40.20 15.46
CA LYS F 176 12.93 40.42 14.01
C LYS F 176 13.27 39.15 13.25
N GLU F 177 14.30 38.44 13.67
CA GLU F 177 14.69 37.22 12.95
C GLU F 177 13.55 36.20 12.95
N GLU F 178 12.61 36.33 13.89
CA GLU F 178 11.52 35.36 13.97
C GLU F 178 10.28 35.85 13.22
N LEU F 179 10.01 37.16 13.26
CA LEU F 179 8.89 37.69 12.50
C LEU F 179 9.07 37.47 11.00
N ILE F 180 10.32 37.35 10.54
CA ILE F 180 10.57 37.01 9.15
C ILE F 180 10.20 35.56 8.88
N MET F 181 10.45 34.66 9.85
CA MET F 181 10.06 33.26 9.66
C MET F 181 8.55 33.10 9.63
N VAL F 182 7.83 33.85 10.45
CA VAL F 182 6.36 33.75 10.44
C VAL F 182 5.82 34.18 9.09
N ALA F 183 6.33 35.30 8.56
CA ALA F 183 5.83 35.80 7.28
C ALA F 183 5.95 34.75 6.18
N ARG F 184 6.94 33.86 6.30
CA ARG F 184 7.06 32.76 5.35
C ARG F 184 5.97 31.73 5.56
N GLU F 185 5.74 31.32 6.82
CA GLU F 185 4.78 30.26 7.08
C GLU F 185 3.37 30.67 6.69
N ILE F 186 2.98 31.91 7.02
CA ILE F 186 1.66 32.42 6.66
C ILE F 186 1.65 33.07 5.29
N GLU F 187 2.80 33.17 4.62
CA GLU F 187 2.89 33.63 3.25
C GLU F 187 2.36 35.06 3.12
N ALA F 188 2.76 35.91 4.06
CA ALA F 188 2.32 37.29 4.09
C ALA F 188 3.50 38.23 3.90
N PRO F 189 3.26 39.45 3.43
CA PRO F 189 4.35 40.42 3.32
C PRO F 189 5.01 40.69 4.68
N ILE F 190 6.33 40.82 4.67
CA ILE F 190 7.06 41.03 5.92
C ILE F 190 6.83 42.44 6.45
N GLU F 191 6.51 43.40 5.58
CA GLU F 191 6.25 44.75 6.05
C GLU F 191 5.00 44.80 6.91
N LEU F 192 3.96 44.04 6.55
CA LEU F 192 2.73 44.04 7.32
C LEU F 192 2.87 43.27 8.61
N VAL F 193 3.54 42.11 8.58
CA VAL F 193 3.66 41.29 9.78
C VAL F 193 4.37 42.05 10.89
N VAL F 194 5.18 43.04 10.52
CA VAL F 194 5.83 43.87 11.55
C VAL F 194 4.91 45.01 11.97
N GLU F 195 4.10 45.54 11.05
CA GLU F 195 3.13 46.56 11.42
C GLU F 195 2.04 45.97 12.31
N THR F 196 1.58 44.76 12.01
CA THR F 196 0.61 44.08 12.86
C THR F 196 1.18 43.81 14.24
N ALA F 197 2.41 43.30 14.31
CA ALA F 197 2.99 42.92 15.59
C ALA F 197 3.19 44.13 16.49
N LYS F 198 3.42 45.30 15.90
CA LYS F 198 3.59 46.51 16.70
C LYS F 198 2.26 47.04 17.20
N MET F 199 1.19 46.84 16.43
CA MET F 199 -0.13 47.36 16.80
C MET F 199 -0.96 46.35 17.57
N GLN F 200 -0.70 45.06 17.41
CA GLN F 200 -1.47 44.00 18.06
C GLN F 200 -2.92 43.99 17.58
N ARG F 201 -3.14 44.45 16.36
CA ARG F 201 -4.45 44.36 15.73
C ARG F 201 -4.27 44.53 14.23
N LEU F 202 -5.26 44.09 13.46
CA LEU F 202 -5.21 44.30 12.03
C LEU F 202 -5.18 45.80 11.74
N PRO F 203 -4.28 46.26 10.87
CA PRO F 203 -4.17 47.71 10.62
C PRO F 203 -5.41 48.34 10.00
N VAL F 204 -6.46 47.56 9.70
CA VAL F 204 -7.70 48.06 9.15
C VAL F 204 -8.86 47.53 9.98
N VAL F 205 -10.00 48.23 9.89
CA VAL F 205 -11.17 47.84 10.67
C VAL F 205 -11.57 46.41 10.32
N ASN F 206 -12.03 45.68 11.33
CA ASN F 206 -12.37 44.26 11.19
C ASN F 206 -13.79 44.04 11.72
N PHE F 207 -14.64 43.42 10.91
CA PHE F 207 -16.01 43.12 11.27
C PHE F 207 -16.22 41.62 11.41
N ALA F 208 -17.43 41.24 11.83
CA ALA F 208 -17.82 39.85 11.95
C ALA F 208 -19.03 39.58 11.05
N ALA F 209 -18.98 38.46 10.33
CA ALA F 209 -20.04 38.13 9.39
C ALA F 209 -20.23 36.63 9.34
N GLY F 210 -21.48 36.20 9.16
CA GLY F 210 -21.80 34.80 9.01
C GLY F 210 -22.19 34.14 10.32
N GLY F 211 -23.46 33.74 10.43
CA GLY F 211 -23.92 33.03 11.59
C GLY F 211 -24.51 33.87 12.70
N VAL F 212 -24.48 35.20 12.58
CA VAL F 212 -25.12 36.04 13.58
C VAL F 212 -26.63 35.98 13.38
N ALA F 213 -27.33 35.45 14.38
CA ALA F 213 -28.76 35.17 14.25
C ALA F 213 -29.61 35.63 15.44
N THR F 214 -29.00 36.03 16.54
CA THR F 214 -29.75 36.44 17.73
C THR F 214 -29.01 37.59 18.40
N PRO F 215 -29.70 38.36 19.25
CA PRO F 215 -29.00 39.42 19.99
C PRO F 215 -27.85 38.91 20.85
N ALA F 216 -27.88 37.64 21.25
CA ALA F 216 -26.77 37.09 22.02
C ALA F 216 -25.54 36.89 21.14
N ASP F 217 -25.73 36.34 19.94
CA ASP F 217 -24.60 36.11 19.04
C ASP F 217 -23.98 37.43 18.58
N ALA F 218 -24.79 38.47 18.42
CA ALA F 218 -24.26 39.76 18.03
C ALA F 218 -23.31 40.31 19.09
N ALA F 219 -23.69 40.19 20.36
CA ALA F 219 -22.86 40.73 21.44
C ALA F 219 -21.70 39.81 21.76
N LEU F 220 -21.77 38.55 21.33
CA LEU F 220 -20.64 37.65 21.52
C LEU F 220 -19.47 38.07 20.64
N MET F 221 -19.73 38.40 19.38
CA MET F 221 -18.67 38.79 18.48
C MET F 221 -18.01 40.09 18.93
N MET F 222 -18.80 41.02 19.46
CA MET F 222 -18.24 42.27 19.96
C MET F 222 -17.41 42.04 21.22
N ARG F 223 -17.69 40.97 21.96
CA ARG F 223 -16.88 40.65 23.12
C ARG F 223 -15.62 39.88 22.77
N LEU F 224 -15.51 39.36 21.55
CA LEU F 224 -14.28 38.73 21.09
C LEU F 224 -13.32 39.72 20.44
N GLY F 225 -13.71 40.98 20.29
CA GLY F 225 -12.84 41.99 19.74
C GLY F 225 -13.28 42.59 18.42
N ALA F 226 -14.46 42.26 17.92
CA ALA F 226 -14.93 42.81 16.66
C ALA F 226 -15.25 44.29 16.80
N ASP F 227 -15.23 45.02 15.68
CA ASP F 227 -15.63 46.41 15.66
C ASP F 227 -17.07 46.62 15.22
N GLY F 228 -17.77 45.54 14.89
CA GLY F 228 -19.12 45.62 14.36
C GLY F 228 -19.59 44.24 14.00
N VAL F 229 -20.69 44.19 13.27
CA VAL F 229 -21.28 42.92 12.86
C VAL F 229 -22.05 43.09 11.55
N PHE F 230 -21.90 42.10 10.67
CA PHE F 230 -22.68 42.00 9.45
C PHE F 230 -23.79 40.99 9.66
N VAL F 231 -25.04 41.44 9.61
CA VAL F 231 -26.20 40.59 9.85
C VAL F 231 -27.00 40.49 8.56
N GLY F 232 -27.18 39.28 8.06
CA GLY F 232 -27.86 39.05 6.80
C GLY F 232 -29.19 38.34 6.95
N SER F 233 -29.17 37.02 6.72
CA SER F 233 -30.40 36.24 6.79
C SER F 233 -31.01 36.22 8.18
N GLY F 234 -30.23 36.57 9.20
CA GLY F 234 -30.69 36.39 10.56
C GLY F 234 -31.93 37.20 10.90
N ILE F 235 -32.04 38.41 10.36
CA ILE F 235 -33.08 39.35 10.78
C ILE F 235 -34.36 39.12 9.98
N PHE F 236 -34.25 39.13 8.65
CA PHE F 236 -35.43 39.10 7.79
C PHE F 236 -35.93 37.70 7.50
N LYS F 237 -35.20 36.66 7.92
CA LYS F 237 -35.73 35.30 7.91
C LYS F 237 -36.25 34.87 9.28
N ALA F 238 -36.29 35.78 10.25
CA ALA F 238 -36.79 35.47 11.57
C ALA F 238 -38.31 35.63 11.62
N GLU F 239 -38.87 35.36 12.80
CA GLU F 239 -40.32 35.46 12.97
C GLU F 239 -40.81 36.88 12.76
N ASN F 240 -40.11 37.85 13.33
CA ASN F 240 -40.51 39.26 13.27
C ASN F 240 -39.28 40.10 12.93
N PRO F 241 -39.07 40.41 11.64
CA PRO F 241 -37.88 41.21 11.29
C PRO F 241 -37.81 42.55 11.99
N GLU F 242 -38.94 43.21 12.21
CA GLU F 242 -38.90 44.54 12.81
C GLU F 242 -38.38 44.50 14.24
N LYS F 243 -38.82 43.51 15.03
CA LYS F 243 -38.40 43.45 16.42
C LYS F 243 -36.97 42.95 16.54
N MET F 244 -36.60 41.95 15.73
CA MET F 244 -35.23 41.44 15.76
C MET F 244 -34.23 42.53 15.38
N ALA F 245 -34.61 43.41 14.46
CA ALA F 245 -33.68 44.44 13.99
C ALA F 245 -33.27 45.37 15.12
N LYS F 246 -34.25 45.91 15.86
CA LYS F 246 -33.94 46.83 16.94
C LYS F 246 -33.19 46.12 18.06
N ALA F 247 -33.47 44.85 18.28
CA ALA F 247 -32.77 44.11 19.32
C ALA F 247 -31.29 43.96 19.00
N VAL F 248 -30.97 43.53 17.77
CA VAL F 248 -29.58 43.32 17.41
C VAL F 248 -28.80 44.64 17.47
N VAL F 249 -29.40 45.72 16.97
CA VAL F 249 -28.73 47.02 17.01
C VAL F 249 -28.46 47.43 18.46
N GLU F 250 -29.41 47.16 19.35
CA GLU F 250 -29.23 47.52 20.75
C GLU F 250 -28.29 46.57 21.46
N ALA F 251 -28.21 45.32 21.01
CA ALA F 251 -27.28 44.37 21.62
C ALA F 251 -25.84 44.83 21.47
N VAL F 252 -25.46 45.31 20.28
CA VAL F 252 -24.09 45.72 20.04
C VAL F 252 -23.74 46.93 20.88
N ASN F 253 -24.72 47.76 21.25
CA ASN F 253 -24.44 48.95 22.04
C ASN F 253 -24.34 48.65 23.54
N ASN F 254 -24.79 47.48 23.98
CA ASN F 254 -24.70 47.08 25.38
C ASN F 254 -24.11 45.69 25.53
N TYR F 255 -23.10 45.37 24.71
CA TYR F 255 -22.55 44.03 24.70
C TYR F 255 -21.88 43.66 26.02
N ASP F 256 -21.57 44.65 26.86
CA ASP F 256 -20.84 44.41 28.10
C ASP F 256 -21.70 44.57 29.35
N ASN F 257 -23.02 44.68 29.21
CA ASN F 257 -23.91 44.85 30.36
C ASN F 257 -24.86 43.67 30.44
N PRO F 258 -24.58 42.66 31.28
CA PRO F 258 -25.45 41.47 31.32
C PRO F 258 -26.90 41.77 31.67
N VAL F 259 -27.14 42.73 32.57
CA VAL F 259 -28.51 43.01 33.00
C VAL F 259 -29.35 43.48 31.82
N LYS F 260 -28.80 44.40 31.02
CA LYS F 260 -29.56 44.94 29.90
C LYS F 260 -29.81 43.89 28.83
N LEU F 261 -28.81 43.05 28.54
CA LEU F 261 -28.96 42.05 27.49
C LEU F 261 -30.16 41.15 27.73
N ALA F 262 -30.45 40.84 28.99
CA ALA F 262 -31.64 40.04 29.29
C ALA F 262 -32.91 40.78 28.88
N GLU F 263 -32.95 42.09 29.11
CA GLU F 263 -34.12 42.88 28.73
C GLU F 263 -34.33 42.89 27.22
N ILE F 264 -33.23 43.01 26.47
CA ILE F 264 -33.34 43.08 25.01
C ILE F 264 -33.89 41.77 24.45
N SER F 265 -33.42 40.63 24.95
CA SER F 265 -33.79 39.35 24.39
C SER F 265 -35.23 38.95 24.68
N LYS F 266 -35.94 39.70 25.53
CA LYS F 266 -37.30 39.35 25.89
C LYS F 266 -38.27 39.92 24.86
N GLY F 267 -39.10 39.05 24.29
CA GLY F 267 -40.09 39.47 23.32
C GLY F 267 -39.58 39.64 21.91
N VAL F 268 -38.33 39.27 21.64
CA VAL F 268 -37.78 39.45 20.30
C VAL F 268 -38.44 38.50 19.31
N GLY F 269 -38.57 37.23 19.65
CA GLY F 269 -39.16 36.24 18.78
C GLY F 269 -38.17 35.16 18.38
N ALA F 270 -38.71 34.13 17.73
CA ALA F 270 -37.90 32.99 17.31
C ALA F 270 -36.92 33.40 16.20
N GLY F 271 -35.70 32.89 16.29
CA GLY F 271 -34.71 33.14 15.28
C GLY F 271 -34.86 32.22 14.08
N MET F 272 -34.02 32.47 13.08
CA MET F 272 -34.05 31.66 11.86
C MET F 272 -33.66 30.22 12.16
N LYS F 273 -34.36 29.29 11.53
CA LYS F 273 -34.01 27.87 11.61
C LYS F 273 -32.75 27.64 10.79
N GLY F 274 -31.61 27.47 11.47
CA GLY F 274 -30.35 27.36 10.79
C GLY F 274 -30.04 25.96 10.32
N ILE F 275 -28.78 25.78 9.93
CA ILE F 275 -28.25 24.47 9.54
C ILE F 275 -26.93 24.28 10.27
N SER F 276 -26.75 23.11 10.88
CA SER F 276 -25.52 22.84 11.61
C SER F 276 -24.32 22.96 10.68
N ALA F 277 -23.38 23.84 11.05
CA ALA F 277 -22.25 24.12 10.17
C ALA F 277 -21.39 22.89 9.93
N ASP F 278 -21.30 21.98 10.91
CA ASP F 278 -20.52 20.77 10.73
C ASP F 278 -21.17 19.78 9.78
N MET F 279 -22.42 20.02 9.38
CA MET F 279 -23.11 19.14 8.45
C MET F 279 -22.81 19.44 6.99
N ILE F 280 -22.20 20.59 6.69
CA ILE F 280 -22.01 21.05 5.33
C ILE F 280 -20.74 20.41 4.77
N PRO F 281 -20.81 19.72 3.62
CA PRO F 281 -19.58 19.20 3.02
C PRO F 281 -18.63 20.31 2.63
N ALA F 282 -17.33 19.98 2.60
CA ALA F 282 -16.32 20.98 2.31
C ALA F 282 -16.51 21.59 0.93
N GLN F 283 -16.81 20.77 -0.08
CA GLN F 283 -17.01 21.31 -1.43
C GLN F 283 -18.18 22.27 -1.50
N GLU F 284 -19.15 22.16 -0.59
CA GLU F 284 -20.29 23.06 -0.55
C GLU F 284 -20.05 24.27 0.35
N ALA F 285 -18.95 24.30 1.09
CA ALA F 285 -18.70 25.39 2.03
C ALA F 285 -18.27 26.65 1.29
N LEU F 286 -19.04 27.72 1.47
CA LEU F 286 -18.70 29.00 0.83
C LEU F 286 -17.39 29.54 1.39
N GLN F 287 -17.06 29.22 2.64
CA GLN F 287 -15.84 29.74 3.26
C GLN F 287 -14.58 29.29 2.54
N GLU F 288 -14.62 28.14 1.86
CA GLU F 288 -13.46 27.66 1.14
C GLU F 288 -13.09 28.54 -0.05
N ARG F 289 -14.03 29.33 -0.56
CA ARG F 289 -13.72 30.32 -1.58
C ARG F 289 -12.97 31.48 -0.94
N GLY F 290 -12.27 32.25 -1.77
CA GLY F 290 -11.43 33.31 -1.26
C GLY F 290 -10.07 32.79 -0.83
N TRP F 291 -9.42 32.07 -1.73
CA TRP F 291 -8.07 31.55 -1.54
C TRP F 291 -7.08 32.62 -1.07
N HIS G 1 5.77 -36.97 46.41
CA HIS G 1 6.54 -35.77 46.08
C HIS G 1 6.44 -34.73 47.19
N GLY G 2 7.41 -33.83 47.24
CA GLY G 2 7.42 -32.76 48.22
C GLY G 2 6.20 -31.88 48.12
N THR G 3 5.59 -31.57 49.27
CA THR G 3 4.42 -30.71 49.29
C THR G 3 4.80 -29.29 48.85
N GLU G 4 3.83 -28.62 48.22
CA GLU G 4 4.09 -27.27 47.72
C GLU G 4 4.53 -26.34 48.84
N LEU G 5 4.06 -26.58 50.06
CA LEU G 5 4.46 -25.73 51.19
C LEU G 5 5.96 -25.85 51.47
N ILE G 6 6.48 -27.07 51.48
CA ILE G 6 7.90 -27.27 51.77
C ILE G 6 8.76 -26.72 50.64
N LYS G 7 8.35 -26.87 49.38
CA LYS G 7 9.06 -26.22 48.24
C LYS G 7 8.93 -24.69 48.38
N ARG G 8 7.82 -24.17 48.96
CA ARG G 8 7.56 -22.72 49.20
C ARG G 8 8.03 -22.44 50.63
N GLY G 9 8.91 -23.28 51.19
CA GLY G 9 9.56 -23.10 52.51
C GLY G 9 11.06 -23.30 52.38
N PHE G 10 11.53 -23.65 51.19
CA PHE G 10 12.98 -23.75 50.89
C PHE G 10 13.29 -22.45 50.16
N ALA G 11 12.31 -21.94 49.40
CA ALA G 11 12.49 -20.65 48.70
C ALA G 11 12.50 -19.47 49.70
N ARG G 12 11.87 -19.53 50.90
CA ARG G 12 11.77 -18.43 51.84
C ARG G 12 13.03 -18.29 52.69
N MET G 13 13.79 -19.36 52.87
CA MET G 13 15.03 -19.26 53.62
C MET G 13 16.06 -18.38 52.92
N GLN G 14 15.91 -18.16 51.62
CA GLN G 14 16.89 -17.41 50.84
C GLN G 14 16.64 -15.91 50.88
N LYS G 15 15.68 -15.44 51.67
CA LYS G 15 15.36 -14.02 51.70
C LYS G 15 16.52 -13.21 52.25
N GLY G 16 16.75 -12.04 51.64
CA GLY G 16 17.76 -11.12 52.12
C GLY G 16 19.18 -11.59 51.98
N GLY G 17 19.52 -12.29 50.89
CA GLY G 17 20.85 -12.79 50.67
C GLY G 17 21.34 -12.52 49.25
N VAL G 18 22.46 -13.16 48.93
CA VAL G 18 23.09 -13.07 47.61
C VAL G 18 23.41 -14.49 47.14
N ILE G 19 23.14 -14.76 45.87
CA ILE G 19 23.47 -16.02 45.23
C ILE G 19 24.48 -15.73 44.12
N MET G 20 25.64 -16.37 44.20
CA MET G 20 26.76 -16.10 43.30
C MET G 20 27.00 -17.30 42.39
N ASP G 21 27.07 -17.04 41.09
CA ASP G 21 27.31 -18.11 40.12
C ASP G 21 28.80 -18.42 40.05
N VAL G 22 29.14 -19.70 40.18
CA VAL G 22 30.52 -20.15 40.22
C VAL G 22 30.69 -21.29 39.23
N THR G 23 31.93 -21.49 38.79
CA THR G 23 32.25 -22.51 37.81
C THR G 23 33.25 -23.55 38.30
N THR G 24 34.05 -23.23 39.30
CA THR G 24 35.10 -24.12 39.79
C THR G 24 35.00 -24.21 41.30
N PRO G 25 35.56 -25.27 41.89
CA PRO G 25 35.51 -25.38 43.37
C PRO G 25 36.11 -24.18 44.08
N GLU G 26 37.18 -23.59 43.54
CA GLU G 26 37.81 -22.46 44.21
C GLU G 26 36.88 -21.26 44.23
N GLN G 27 36.19 -20.99 43.11
CA GLN G 27 35.21 -19.92 43.10
C GLN G 27 34.08 -20.20 44.08
N ALA G 28 33.68 -21.47 44.20
CA ALA G 28 32.65 -21.83 45.17
C ALA G 28 33.14 -21.57 46.59
N ARG G 29 34.40 -21.86 46.87
CA ARG G 29 34.95 -21.56 48.19
C ARG G 29 34.99 -20.06 48.45
N ILE G 30 35.31 -19.27 47.42
CA ILE G 30 35.37 -17.82 47.60
C ILE G 30 34.02 -17.28 48.03
N ALA G 31 32.95 -17.71 47.34
CA ALA G 31 31.63 -17.15 47.61
C ALA G 31 31.19 -17.45 49.04
N GLU G 32 31.46 -18.66 49.52
CA GLU G 32 31.04 -19.03 50.86
C GLU G 32 31.71 -18.15 51.91
N GLU G 33 33.00 -17.84 51.74
CA GLU G 33 33.69 -17.01 52.71
C GLU G 33 33.14 -15.59 52.75
N ALA G 34 32.67 -15.08 51.60
CA ALA G 34 32.08 -13.75 51.54
C ALA G 34 30.74 -13.66 52.25
N GLY G 35 30.14 -14.79 52.62
CA GLY G 35 28.87 -14.80 53.30
C GLY G 35 27.66 -15.00 52.42
N ALA G 36 27.82 -15.63 51.25
CA ALA G 36 26.68 -15.85 50.39
C ALA G 36 25.75 -16.92 50.97
N VAL G 37 24.54 -16.99 50.42
CA VAL G 37 23.56 -17.96 50.91
C VAL G 37 23.46 -19.18 50.02
N ALA G 38 23.95 -19.12 48.78
CA ALA G 38 23.92 -20.26 47.89
C ALA G 38 24.83 -19.97 46.69
N VAL G 39 25.12 -21.03 45.94
CA VAL G 39 25.93 -20.94 44.73
C VAL G 39 25.18 -21.64 43.61
N MET G 40 25.48 -21.25 42.37
CA MET G 40 24.80 -21.80 41.20
C MET G 40 25.88 -22.35 40.26
N ALA G 41 26.07 -23.66 40.30
CA ALA G 41 27.10 -24.29 39.47
C ALA G 41 26.68 -24.29 38.01
N LEU G 42 27.56 -23.80 37.15
CA LEU G 42 27.32 -23.83 35.71
C LEU G 42 28.67 -23.91 34.99
N GLN G 43 28.61 -24.25 33.71
CA GLN G 43 29.85 -24.48 32.96
C GLN G 43 30.59 -23.17 32.69
N ALA G 44 29.86 -22.07 32.53
CA ALA G 44 30.46 -20.78 32.22
C ALA G 44 29.47 -19.68 32.54
N VAL G 45 29.97 -18.56 33.04
CA VAL G 45 29.13 -17.44 33.46
C VAL G 45 28.39 -16.90 32.24
N PRO G 46 27.24 -16.25 32.42
CA PRO G 46 26.48 -15.80 31.24
C PRO G 46 27.26 -14.88 30.33
N ALA G 47 28.25 -14.16 30.85
CA ALA G 47 29.07 -13.31 29.99
C ALA G 47 29.84 -14.13 28.96
N ASP G 48 30.37 -15.28 29.36
CA ASP G 48 31.09 -16.14 28.44
C ASP G 48 30.16 -16.81 27.43
N ILE G 49 28.92 -17.10 27.85
CA ILE G 49 27.99 -17.80 26.97
C ILE G 49 27.69 -16.97 25.73
N ARG G 50 27.50 -15.66 25.90
CA ARG G 50 27.34 -14.79 24.74
C ARG G 50 28.58 -14.81 23.86
N LYS G 51 29.75 -14.77 24.47
CA LYS G 51 30.99 -14.73 23.69
C LYS G 51 31.24 -16.04 22.95
N ALA G 52 31.06 -17.17 23.63
CA ALA G 52 31.35 -18.46 23.02
C ALA G 52 30.30 -18.87 21.99
N GLY G 53 29.04 -18.53 22.23
CA GLY G 53 28.02 -18.93 21.28
C GLY G 53 27.81 -20.43 21.32
N GLY G 54 27.31 -20.95 20.19
CA GLY G 54 27.06 -22.37 20.09
C GLY G 54 25.83 -22.78 20.89
N VAL G 55 25.82 -24.06 21.29
CA VAL G 55 24.73 -24.64 22.07
C VAL G 55 25.24 -24.83 23.49
N ALA G 56 24.49 -24.30 24.46
CA ALA G 56 24.82 -24.46 25.86
C ALA G 56 23.92 -25.51 26.48
N ARG G 57 24.45 -26.31 27.39
CA ARG G 57 23.73 -27.42 27.98
C ARG G 57 23.95 -27.45 29.49
N MET G 58 23.41 -28.47 30.13
CA MET G 58 23.62 -28.68 31.55
C MET G 58 25.10 -28.93 31.82
N ALA G 59 25.58 -28.44 32.97
CA ALA G 59 26.97 -28.64 33.33
C ALA G 59 27.31 -30.13 33.38
N ASP G 60 28.61 -30.41 33.30
CA ASP G 60 29.07 -31.78 33.44
C ASP G 60 28.72 -32.29 34.83
N PRO G 61 28.17 -33.50 34.97
CA PRO G 61 27.86 -34.01 36.31
C PRO G 61 29.08 -34.09 37.21
N GLU G 62 30.29 -34.20 36.66
CA GLU G 62 31.48 -34.23 37.50
C GLU G 62 31.67 -32.92 38.24
N ILE G 63 31.43 -31.78 37.57
CA ILE G 63 31.64 -30.49 38.22
C ILE G 63 30.66 -30.30 39.36
N VAL G 64 29.37 -30.52 39.11
CA VAL G 64 28.36 -30.25 40.14
C VAL G 64 28.60 -31.12 41.35
N GLN G 65 29.21 -32.29 41.16
CA GLN G 65 29.54 -33.14 42.30
C GLN G 65 30.70 -32.57 43.09
N GLN G 66 31.65 -31.92 42.42
CA GLN G 66 32.82 -31.39 43.11
C GLN G 66 32.46 -30.13 43.91
N ILE G 67 31.63 -29.26 43.33
CA ILE G 67 31.21 -28.05 44.05
C ILE G 67 30.45 -28.42 45.31
N ILE G 68 29.54 -29.39 45.21
CA ILE G 68 28.72 -29.78 46.36
C ILE G 68 29.60 -30.23 47.51
N GLU G 69 30.66 -30.97 47.21
CA GLU G 69 31.58 -31.44 48.24
C GLU G 69 32.45 -30.33 48.81
N THR G 70 32.43 -29.14 48.20
CA THR G 70 33.32 -28.07 48.59
C THR G 70 32.65 -27.05 49.51
N VAL G 71 31.34 -26.86 49.37
CA VAL G 71 30.61 -25.82 50.11
C VAL G 71 29.58 -26.47 51.02
N THR G 72 29.16 -25.72 52.04
CA THR G 72 28.12 -26.15 52.95
C THR G 72 26.76 -25.54 52.65
N ILE G 73 26.73 -24.39 51.99
CA ILE G 73 25.48 -23.74 51.60
C ILE G 73 24.83 -24.55 50.48
N PRO G 74 23.52 -24.43 50.26
CA PRO G 74 22.87 -25.20 49.20
C PRO G 74 23.48 -24.89 47.84
N VAL G 75 23.47 -25.90 46.97
CA VAL G 75 24.01 -25.78 45.61
C VAL G 75 22.84 -25.91 44.64
N MET G 76 22.77 -24.99 43.70
CA MET G 76 21.78 -25.03 42.62
C MET G 76 22.45 -25.40 41.31
N ALA G 77 21.63 -25.53 40.28
CA ALA G 77 22.09 -25.93 38.95
C ALA G 77 21.13 -25.37 37.92
N LYS G 78 21.55 -25.39 36.66
CA LYS G 78 20.71 -24.92 35.58
C LYS G 78 20.33 -26.07 34.64
N ALA G 79 19.16 -25.95 34.03
CA ALA G 79 18.68 -26.92 33.05
C ALA G 79 18.03 -26.16 31.90
N ARG G 80 18.01 -26.79 30.73
CA ARG G 80 17.41 -26.16 29.56
C ARG G 80 15.89 -26.14 29.68
N ILE G 81 15.25 -25.21 28.99
CA ILE G 81 13.80 -25.10 29.05
C ILE G 81 13.17 -26.32 28.42
N GLY G 82 12.27 -26.96 29.16
CA GLY G 82 11.52 -28.08 28.63
C GLY G 82 12.25 -29.40 28.62
N HIS G 83 13.45 -29.48 29.18
CA HIS G 83 14.23 -30.71 29.18
C HIS G 83 14.04 -31.42 30.52
N PHE G 84 12.93 -32.15 30.61
CA PHE G 84 12.54 -32.75 31.88
C PHE G 84 13.46 -33.89 32.28
N VAL G 85 14.32 -34.34 31.37
CA VAL G 85 15.26 -35.41 31.72
C VAL G 85 16.53 -34.84 32.34
N GLU G 86 16.96 -33.66 31.88
CA GLU G 86 18.10 -33.02 32.53
C GLU G 86 17.80 -32.67 33.97
N ALA G 87 16.60 -32.14 34.24
CA ALA G 87 16.21 -31.86 35.61
C ALA G 87 16.12 -33.12 36.45
N GLU G 88 15.98 -34.28 35.80
CA GLU G 88 15.98 -35.54 36.54
C GLU G 88 17.37 -35.95 36.97
N ILE G 89 18.37 -35.69 36.12
CA ILE G 89 19.73 -36.07 36.45
C ILE G 89 20.29 -35.19 37.56
N LEU G 90 20.01 -33.89 37.51
CA LEU G 90 20.47 -32.99 38.56
C LEU G 90 19.89 -33.38 39.91
N GLU G 91 18.59 -33.65 39.96
CA GLU G 91 17.94 -34.01 41.21
C GLU G 91 18.60 -35.24 41.83
N ALA G 92 18.97 -36.22 41.01
CA ALA G 92 19.62 -37.41 41.52
C ALA G 92 21.00 -37.11 42.09
N LEU G 93 21.65 -36.05 41.62
CA LEU G 93 22.97 -35.67 42.10
C LEU G 93 22.94 -35.06 43.49
N GLY G 94 21.82 -34.48 43.91
CA GLY G 94 21.71 -33.90 45.22
C GLY G 94 21.59 -32.39 45.27
N VAL G 95 21.35 -31.73 44.13
CA VAL G 95 21.17 -30.30 44.15
C VAL G 95 19.88 -29.97 44.91
N ASP G 96 19.84 -28.79 45.53
CA ASP G 96 18.71 -28.40 46.35
C ASP G 96 17.66 -27.59 45.58
N MET G 97 18.00 -27.09 44.39
CA MET G 97 17.08 -26.30 43.60
C MET G 97 17.57 -26.26 42.17
N VAL G 98 16.66 -26.48 41.23
CA VAL G 98 16.98 -26.52 39.80
C VAL G 98 16.41 -25.27 39.15
N ASP G 99 17.22 -24.59 38.36
CA ASP G 99 16.86 -23.30 37.79
C ASP G 99 16.63 -23.46 36.29
N GLU G 100 15.37 -23.35 35.87
CA GLU G 100 15.01 -23.39 34.45
C GLU G 100 15.49 -22.10 33.81
N SER G 101 16.71 -22.11 33.31
CA SER G 101 17.38 -20.90 32.83
C SER G 101 17.00 -20.63 31.38
N GLU G 102 16.76 -19.35 31.07
CA GLU G 102 16.62 -18.94 29.68
C GLU G 102 17.96 -18.64 29.05
N VAL G 103 19.04 -18.59 29.83
CA VAL G 103 20.37 -18.39 29.28
C VAL G 103 20.77 -19.56 28.39
N LEU G 104 20.49 -20.78 28.83
CA LEU G 104 20.81 -21.97 28.06
C LEU G 104 19.85 -22.10 26.89
N THR G 105 20.25 -22.94 25.93
CA THR G 105 19.46 -23.11 24.71
C THR G 105 18.16 -23.84 25.01
N PRO G 106 16.99 -23.30 24.64
CA PRO G 106 15.74 -24.03 24.88
C PRO G 106 15.74 -25.38 24.17
N ALA G 107 15.20 -26.39 24.83
CA ALA G 107 15.07 -27.72 24.24
C ALA G 107 13.67 -27.99 23.73
N ASP G 108 12.66 -27.31 24.27
CA ASP G 108 11.28 -27.50 23.84
C ASP G 108 10.69 -26.15 23.48
N PRO G 109 10.37 -25.87 22.20
CA PRO G 109 9.96 -24.52 21.82
C PRO G 109 8.52 -24.17 22.14
N PHE G 110 7.77 -25.05 22.80
CA PHE G 110 6.37 -24.79 23.13
C PHE G 110 6.07 -24.88 24.61
N TYR G 111 6.65 -25.83 25.34
CA TYR G 111 6.25 -26.14 26.71
C TYR G 111 7.43 -26.02 27.64
N HIS G 112 7.13 -25.78 28.92
CA HIS G 112 8.12 -25.85 29.97
C HIS G 112 7.98 -27.18 30.70
N ILE G 113 8.88 -27.43 31.66
CA ILE G 113 8.79 -28.66 32.43
C ILE G 113 7.48 -28.66 33.20
N ASP G 114 7.00 -29.86 33.54
CA ASP G 114 5.87 -30.03 34.45
C ASP G 114 6.45 -30.16 35.85
N LYS G 115 6.61 -29.03 36.53
CA LYS G 115 7.42 -28.97 37.74
C LYS G 115 6.71 -29.54 38.96
N THR G 116 5.44 -29.94 38.85
CA THR G 116 4.73 -30.48 40.00
C THR G 116 5.04 -31.95 40.23
N GLN G 117 5.66 -32.63 39.26
CA GLN G 117 5.95 -34.05 39.37
C GLN G 117 7.26 -34.34 40.10
N PHE G 118 8.04 -33.31 40.41
CA PHE G 118 9.38 -33.47 40.97
C PHE G 118 9.35 -33.10 42.45
N THR G 119 10.46 -33.35 43.14
CA THR G 119 10.58 -33.01 44.54
C THR G 119 11.43 -31.77 44.78
N VAL G 120 12.49 -31.57 44.00
CA VAL G 120 13.35 -30.40 44.22
C VAL G 120 12.62 -29.15 43.76
N PRO G 121 12.61 -28.07 44.53
CA PRO G 121 11.95 -26.84 44.07
C PRO G 121 12.68 -26.21 42.90
N PHE G 122 11.93 -25.44 42.12
CA PHE G 122 12.41 -24.82 40.89
C PHE G 122 12.42 -23.31 41.05
N VAL G 123 13.08 -22.64 40.11
CA VAL G 123 13.02 -21.19 39.97
C VAL G 123 12.95 -20.86 38.50
N CYS G 124 12.09 -19.90 38.14
CA CYS G 124 11.82 -19.60 36.74
C CYS G 124 11.81 -18.09 36.51
N GLY G 125 12.04 -17.70 35.27
CA GLY G 125 12.10 -16.30 34.91
C GLY G 125 10.71 -15.70 34.71
N ALA G 126 10.67 -14.37 34.60
CA ALA G 126 9.42 -13.66 34.43
C ALA G 126 9.71 -12.21 34.02
N ARG G 127 9.01 -11.74 32.99
CA ARG G 127 9.12 -10.36 32.56
C ARG G 127 7.99 -9.47 33.04
N ASN G 128 6.82 -10.02 33.32
CA ASN G 128 5.67 -9.23 33.74
C ASN G 128 4.83 -10.08 34.69
N LEU G 129 3.65 -9.57 35.04
CA LEU G 129 2.79 -10.29 35.98
C LEU G 129 2.17 -11.51 35.33
N GLY G 130 1.89 -11.46 34.03
CA GLY G 130 1.30 -12.61 33.37
C GLY G 130 2.21 -13.82 33.41
N GLU G 131 3.50 -13.61 33.16
CA GLU G 131 4.45 -14.72 33.14
C GLU G 131 4.69 -15.26 34.54
N ALA G 132 4.71 -14.38 35.54
CA ALA G 132 4.93 -14.83 36.91
C ALA G 132 3.82 -15.76 37.37
N LEU G 133 2.58 -15.46 36.98
CA LEU G 133 1.44 -16.25 37.46
C LEU G 133 1.32 -17.59 36.74
N ARG G 134 1.65 -17.63 35.45
CA ARG G 134 1.63 -18.91 34.73
C ARG G 134 2.68 -19.86 35.30
N ARG G 135 3.88 -19.35 35.58
CA ARG G 135 4.94 -20.21 36.11
C ARG G 135 4.54 -20.80 37.46
N ILE G 136 3.94 -20.00 38.34
CA ILE G 136 3.53 -20.51 39.64
C ILE G 136 2.46 -21.57 39.49
N ASN G 137 1.65 -21.47 38.43
CA ASN G 137 0.62 -22.46 38.18
C ASN G 137 1.25 -23.82 37.91
N GLU G 138 2.37 -23.86 37.19
CA GLU G 138 3.06 -25.10 36.86
C GLU G 138 3.83 -25.67 38.04
N GLY G 139 4.03 -24.91 39.11
CA GLY G 139 4.71 -25.39 40.29
C GLY G 139 6.01 -24.69 40.64
N ALA G 140 6.32 -23.57 40.01
CA ALA G 140 7.54 -22.84 40.33
C ALA G 140 7.51 -22.40 41.78
N ALA G 141 8.62 -22.61 42.49
CA ALA G 141 8.73 -22.25 43.89
C ALA G 141 9.50 -20.96 44.12
N MET G 142 9.76 -20.19 43.06
CA MET G 142 10.45 -18.92 43.17
C MET G 142 10.44 -18.27 41.79
N ILE G 143 10.56 -16.95 41.76
CA ILE G 143 10.58 -16.21 40.51
C ILE G 143 11.73 -15.22 40.54
N ARG G 144 12.39 -15.05 39.39
CA ARG G 144 13.44 -14.06 39.25
C ARG G 144 13.27 -13.35 37.91
N THR G 145 13.42 -12.03 37.92
CA THR G 145 13.27 -11.26 36.69
C THR G 145 14.32 -11.68 35.67
N LYS G 146 13.92 -11.69 34.40
CA LYS G 146 14.83 -12.14 33.35
C LYS G 146 16.00 -11.17 33.19
N GLY G 147 15.72 -9.87 33.07
CA GLY G 147 16.76 -8.91 32.81
C GLY G 147 17.46 -9.19 31.49
N GLU G 148 18.75 -8.87 31.40
CA GLU G 148 19.57 -9.13 30.23
C GLU G 148 20.89 -9.70 30.72
N ALA G 149 20.97 -11.03 30.80
CA ALA G 149 22.10 -11.67 31.45
C ALA G 149 23.39 -11.40 30.68
N GLY G 150 24.46 -11.12 31.43
CA GLY G 150 25.78 -10.97 30.87
C GLY G 150 26.12 -9.59 30.33
N THR G 151 25.25 -8.61 30.50
CA THR G 151 25.49 -7.28 29.96
C THR G 151 26.01 -6.29 31.00
N GLY G 152 25.79 -6.55 32.29
CA GLY G 152 26.21 -5.59 33.29
C GLY G 152 25.42 -4.30 33.31
N ASP G 153 24.25 -4.28 32.69
CA ASP G 153 23.38 -3.11 32.63
C ASP G 153 22.14 -3.41 33.45
N VAL G 154 21.88 -2.59 34.47
CA VAL G 154 20.76 -2.81 35.37
C VAL G 154 19.52 -2.11 34.85
N SER G 155 19.56 -1.65 33.59
CA SER G 155 18.40 -0.99 33.01
C SER G 155 17.26 -1.98 32.79
N GLN G 156 17.58 -3.19 32.33
CA GLN G 156 16.54 -4.16 31.99
C GLN G 156 15.94 -4.78 33.24
N ALA G 157 16.75 -5.07 34.25
CA ALA G 157 16.21 -5.66 35.48
C ALA G 157 15.25 -4.72 36.18
N VAL G 158 15.58 -3.42 36.21
CA VAL G 158 14.68 -2.45 36.82
C VAL G 158 13.37 -2.36 36.04
N LYS G 159 13.47 -2.39 34.72
CA LYS G 159 12.26 -2.33 33.89
C LYS G 159 11.31 -3.47 34.23
N HIS G 160 11.82 -4.70 34.26
CA HIS G 160 10.96 -5.85 34.53
C HIS G 160 10.48 -5.85 35.97
N MET G 161 11.25 -5.27 36.90
CA MET G 161 10.83 -5.27 38.28
C MET G 161 9.72 -4.25 38.53
N LYS G 162 9.66 -3.21 37.71
CA LYS G 162 8.58 -2.23 37.86
C LYS G 162 7.35 -2.67 37.08
N GLN G 163 7.52 -3.57 36.11
CA GLN G 163 6.38 -4.15 35.41
C GLN G 163 5.61 -5.11 36.31
N ILE G 164 6.34 -5.99 37.00
CA ILE G 164 5.70 -6.94 37.90
C ILE G 164 5.09 -6.23 39.09
N GLN G 165 5.87 -5.35 39.73
CA GLN G 165 5.40 -4.68 40.93
C GLN G 165 4.43 -3.54 40.60
N GLY G 166 4.55 -2.94 39.42
CA GLY G 166 3.60 -1.92 39.03
C GLY G 166 2.21 -2.46 38.82
N GLU G 167 2.10 -3.66 38.23
CA GLU G 167 0.79 -4.25 37.98
C GLU G 167 0.13 -4.70 39.28
N ILE G 168 0.90 -5.26 40.20
CA ILE G 168 0.32 -5.77 41.44
C ILE G 168 -0.28 -4.65 42.27
N ARG G 169 0.21 -3.42 42.08
CA ARG G 169 -0.34 -2.30 42.84
C ARG G 169 -1.65 -1.81 42.24
N ALA G 170 -1.82 -1.94 40.93
CA ALA G 170 -3.09 -1.55 40.31
C ALA G 170 -4.23 -2.46 40.73
N LEU G 171 -3.95 -3.73 41.01
CA LEU G 171 -4.99 -4.67 41.38
C LEU G 171 -5.68 -4.34 42.69
N ALA G 172 -5.12 -3.45 43.50
CA ALA G 172 -5.77 -3.08 44.75
C ALA G 172 -6.97 -2.20 44.47
N GLY G 173 -8.09 -2.52 45.12
CA GLY G 173 -9.31 -1.76 44.98
C GLY G 173 -10.26 -2.26 43.89
N LYS G 174 -9.79 -3.07 42.96
CA LYS G 174 -10.64 -3.57 41.88
C LYS G 174 -11.70 -4.51 42.43
N THR G 175 -12.82 -4.60 41.71
CA THR G 175 -13.90 -5.48 42.09
C THR G 175 -13.80 -6.81 41.35
N LYS G 176 -14.50 -7.83 41.87
CA LYS G 176 -14.38 -9.17 41.32
C LYS G 176 -14.66 -9.18 39.82
N GLU G 177 -15.70 -8.47 39.38
CA GLU G 177 -16.03 -8.46 37.96
C GLU G 177 -14.87 -7.91 37.13
N GLU G 178 -13.96 -7.16 37.76
CA GLU G 178 -12.85 -6.55 37.03
C GLU G 178 -11.60 -7.42 37.10
N LEU G 179 -11.36 -8.06 38.25
CA LEU G 179 -10.22 -8.96 38.36
C LEU G 179 -10.34 -10.14 37.39
N ILE G 180 -11.56 -10.50 37.00
CA ILE G 180 -11.76 -11.51 35.97
C ILE G 180 -11.34 -10.99 34.61
N MET G 181 -11.61 -9.71 34.33
CA MET G 181 -11.19 -9.13 33.05
C MET G 181 -9.68 -9.05 32.96
N VAL G 182 -9.00 -8.72 34.06
CA VAL G 182 -7.54 -8.64 34.02
C VAL G 182 -6.95 -10.00 33.71
N ALA G 183 -7.46 -11.05 34.36
CA ALA G 183 -6.92 -12.39 34.16
C ALA G 183 -6.99 -12.79 32.70
N ARG G 184 -7.95 -12.25 31.96
CA ARG G 184 -8.01 -12.50 30.52
C ARG G 184 -6.90 -11.75 29.79
N GLU G 185 -6.72 -10.46 30.10
CA GLU G 185 -5.75 -9.66 29.36
C GLU G 185 -4.33 -10.19 29.57
N ILE G 186 -3.97 -10.54 30.81
CA ILE G 186 -2.66 -11.08 31.11
C ILE G 186 -2.62 -12.59 30.96
N GLU G 187 -3.74 -13.22 30.65
CA GLU G 187 -3.77 -14.65 30.34
C GLU G 187 -3.29 -15.48 31.52
N ALA G 188 -3.74 -15.13 32.71
CA ALA G 188 -3.33 -15.81 33.92
C ALA G 188 -4.52 -16.50 34.58
N PRO G 189 -4.29 -17.52 35.40
CA PRO G 189 -5.41 -18.14 36.13
C PRO G 189 -6.10 -17.13 37.02
N ILE G 190 -7.43 -17.24 37.09
CA ILE G 190 -8.22 -16.29 37.89
C ILE G 190 -8.03 -16.55 39.37
N GLU G 191 -7.70 -17.79 39.75
CA GLU G 191 -7.49 -18.07 41.17
C GLU G 191 -6.27 -17.34 41.70
N LEU G 192 -5.21 -17.25 40.90
CA LEU G 192 -4.00 -16.55 41.35
C LEU G 192 -4.17 -15.04 41.35
N VAL G 193 -4.83 -14.49 40.32
CA VAL G 193 -4.96 -13.04 40.24
C VAL G 193 -5.74 -12.50 41.43
N VAL G 194 -6.55 -13.34 42.06
CA VAL G 194 -7.26 -12.91 43.26
C VAL G 194 -6.39 -13.12 44.50
N GLU G 195 -5.55 -14.16 44.50
CA GLU G 195 -4.62 -14.35 45.61
C GLU G 195 -3.56 -13.26 45.61
N THR G 196 -3.07 -12.89 44.43
CA THR G 196 -2.11 -11.79 44.34
C THR G 196 -2.73 -10.47 44.79
N ALA G 197 -3.95 -10.18 44.35
CA ALA G 197 -4.56 -8.90 44.65
C ALA G 197 -4.83 -8.76 46.14
N LYS G 198 -5.05 -9.88 46.83
CA LYS G 198 -5.29 -9.83 48.27
C LYS G 198 -3.98 -9.64 49.04
N MET G 199 -2.88 -10.16 48.51
CA MET G 199 -1.60 -10.09 49.20
C MET G 199 -0.76 -8.91 48.76
N GLN G 200 -1.00 -8.38 47.56
CA GLN G 200 -0.22 -7.25 47.03
C GLN G 200 1.24 -7.63 46.83
N ARG G 201 1.51 -8.91 46.59
CA ARG G 201 2.84 -9.37 46.24
C ARG G 201 2.71 -10.75 45.62
N LEU G 202 3.74 -11.15 44.87
CA LEU G 202 3.74 -12.49 44.32
C LEU G 202 3.68 -13.51 45.46
N PRO G 203 2.81 -14.52 45.36
CA PRO G 203 2.68 -15.48 46.46
C PRO G 203 3.93 -16.32 46.72
N VAL G 204 5.01 -16.14 45.94
CA VAL G 204 6.25 -16.85 46.14
C VAL G 204 7.39 -15.84 46.17
N VAL G 205 8.52 -16.25 46.75
CA VAL G 205 9.67 -15.36 46.87
C VAL G 205 10.11 -14.90 45.49
N ASN G 206 10.54 -13.64 45.39
CA ASN G 206 10.92 -13.03 44.12
C ASN G 206 12.31 -12.44 44.26
N PHE G 207 13.21 -12.79 43.34
CA PHE G 207 14.58 -12.29 43.34
C PHE G 207 14.82 -11.39 42.12
N ALA G 208 16.02 -10.82 42.07
CA ALA G 208 16.44 -9.98 40.95
C ALA G 208 17.67 -10.58 40.31
N ALA G 209 17.68 -10.62 38.97
CA ALA G 209 18.79 -11.23 38.24
C ALA G 209 19.01 -10.50 36.94
N GLY G 210 20.27 -10.40 36.54
CA GLY G 210 20.63 -9.80 35.27
C GLY G 210 20.99 -8.33 35.38
N GLY G 211 22.25 -8.00 35.16
CA GLY G 211 22.70 -6.62 35.17
C GLY G 211 23.22 -6.10 36.48
N VAL G 212 23.17 -6.89 37.56
CA VAL G 212 23.75 -6.46 38.83
C VAL G 212 25.26 -6.56 38.72
N ALA G 213 25.94 -5.41 38.81
CA ALA G 213 27.38 -5.35 38.57
C ALA G 213 28.17 -4.57 39.60
N THR G 214 27.52 -3.83 40.49
CA THR G 214 28.21 -3.02 41.49
C THR G 214 27.42 -3.05 42.78
N PRO G 215 28.06 -2.70 43.90
CA PRO G 215 27.31 -2.64 45.17
C PRO G 215 26.14 -1.66 45.13
N ALA G 216 26.18 -0.67 44.26
CA ALA G 216 25.05 0.25 44.14
C ALA G 216 23.86 -0.42 43.46
N ASP G 217 24.11 -1.16 42.38
CA ASP G 217 23.01 -1.83 41.68
C ASP G 217 22.38 -2.91 42.55
N ALA G 218 23.18 -3.57 43.38
CA ALA G 218 22.64 -4.59 44.27
C ALA G 218 21.64 -3.99 45.25
N ALA G 219 21.97 -2.83 45.82
CA ALA G 219 21.09 -2.21 46.80
C ALA G 219 19.93 -1.49 46.13
N LEU G 220 20.05 -1.19 44.84
CA LEU G 220 18.94 -0.59 44.12
C LEU G 220 17.79 -1.58 43.98
N MET G 221 18.10 -2.83 43.62
CA MET G 221 17.05 -3.83 43.45
C MET G 221 16.35 -4.13 44.77
N MET G 222 17.11 -4.14 45.87
CA MET G 222 16.50 -4.37 47.18
C MET G 222 15.62 -3.20 47.60
N ARG G 223 15.90 -2.00 47.07
CA ARG G 223 15.04 -0.85 47.37
C ARG G 223 13.82 -0.79 46.48
N LEU G 224 13.77 -1.57 45.40
CA LEU G 224 12.57 -1.66 44.57
C LEU G 224 11.62 -2.74 45.05
N GLY G 225 11.99 -3.51 46.07
CA GLY G 225 11.12 -4.53 46.62
C GLY G 225 11.58 -5.96 46.46
N ALA G 226 12.79 -6.19 45.97
CA ALA G 226 13.29 -7.55 45.81
C ALA G 226 13.59 -8.18 47.17
N ASP G 227 13.60 -9.52 47.20
CA ASP G 227 13.95 -10.25 48.40
C ASP G 227 15.41 -10.70 48.40
N GLY G 228 16.15 -10.41 47.34
CA GLY G 228 17.51 -10.87 47.19
C GLY G 228 18.03 -10.45 45.83
N VAL G 229 19.17 -11.04 45.45
CA VAL G 229 19.79 -10.71 44.19
C VAL G 229 20.60 -11.90 43.69
N PHE G 230 20.51 -12.16 42.38
CA PHE G 230 21.33 -13.12 41.68
C PHE G 230 22.46 -12.39 40.97
N VAL G 231 23.70 -12.65 41.38
CA VAL G 231 24.86 -11.97 40.82
C VAL G 231 25.72 -13.02 40.11
N GLY G 232 25.95 -12.80 38.81
CA GLY G 232 26.69 -13.75 38.00
C GLY G 232 28.02 -13.23 37.52
N SER G 233 28.04 -12.74 36.27
CA SER G 233 29.28 -12.26 35.67
C SER G 233 29.83 -11.05 36.41
N GLY G 234 29.01 -10.37 37.21
CA GLY G 234 29.43 -9.10 37.78
C GLY G 234 30.64 -9.21 38.69
N ILE G 235 30.74 -10.29 39.45
CA ILE G 235 31.74 -10.39 40.51
C ILE G 235 33.06 -10.93 39.96
N PHE G 236 32.99 -12.07 39.27
CA PHE G 236 34.20 -12.77 38.85
C PHE G 236 34.74 -12.28 37.52
N LYS G 237 34.03 -11.40 36.81
CA LYS G 237 34.58 -10.69 35.68
C LYS G 237 35.06 -9.29 36.04
N ALA G 238 35.04 -8.92 37.31
CA ALA G 238 35.49 -7.63 37.74
C ALA G 238 37.00 -7.63 37.96
N GLU G 239 37.53 -6.48 38.36
CA GLU G 239 38.97 -6.35 38.58
C GLU G 239 39.43 -7.26 39.72
N ASN G 240 38.69 -7.28 40.83
CA ASN G 240 39.06 -8.06 42.01
C ASN G 240 37.83 -8.81 42.51
N PRO G 241 37.66 -10.07 42.10
CA PRO G 241 36.47 -10.81 42.54
C PRO G 241 36.34 -10.91 44.05
N GLU G 242 37.46 -11.04 44.78
CA GLU G 242 37.36 -11.22 46.22
C GLU G 242 36.78 -9.98 46.90
N LYS G 243 37.22 -8.80 46.49
CA LYS G 243 36.75 -7.58 47.13
C LYS G 243 35.32 -7.25 46.70
N MET G 244 35.01 -7.44 45.42
CA MET G 244 33.65 -7.17 44.95
C MET G 244 32.64 -8.07 45.64
N ALA G 245 33.03 -9.32 45.94
CA ALA G 245 32.10 -10.27 46.54
C ALA G 245 31.63 -9.79 47.91
N LYS G 246 32.57 -9.42 48.79
CA LYS G 246 32.19 -8.98 50.13
C LYS G 246 31.41 -7.67 50.07
N ALA G 247 31.72 -6.81 49.10
CA ALA G 247 31.00 -5.55 48.99
C ALA G 247 29.54 -5.79 48.62
N VAL G 248 29.27 -6.62 47.62
CA VAL G 248 27.89 -6.86 47.20
C VAL G 248 27.09 -7.50 48.33
N VAL G 249 27.67 -8.47 49.02
CA VAL G 249 26.97 -9.12 50.12
C VAL G 249 26.65 -8.11 51.21
N GLU G 250 27.57 -7.18 51.47
CA GLU G 250 27.33 -6.18 52.50
C GLU G 250 26.37 -5.10 52.02
N ALA G 251 26.34 -4.84 50.71
CA ALA G 251 25.42 -3.85 50.18
C ALA G 251 23.97 -4.25 50.43
N VAL G 252 23.64 -5.52 50.22
CA VAL G 252 22.26 -5.96 50.40
C VAL G 252 21.85 -5.88 51.86
N ASN G 253 22.79 -5.98 52.79
CA ASN G 253 22.46 -5.91 54.20
C ASN G 253 22.31 -4.48 54.73
N ASN G 254 22.77 -3.49 53.96
CA ASN G 254 22.64 -2.09 54.35
C ASN G 254 22.07 -1.26 53.20
N TYR G 255 21.10 -1.82 52.47
CA TYR G 255 20.58 -1.13 51.30
C TYR G 255 19.86 0.16 51.64
N ASP G 256 19.50 0.38 52.90
CA ASP G 256 18.73 1.55 53.32
C ASP G 256 19.54 2.54 54.13
N ASN G 257 20.86 2.40 54.20
CA ASN G 257 21.70 3.31 54.98
C ASN G 257 22.68 4.01 54.05
N PRO G 258 22.38 5.25 53.60
CA PRO G 258 23.28 5.91 52.64
C PRO G 258 24.70 6.09 53.14
N VAL G 259 24.89 6.37 54.43
CA VAL G 259 26.23 6.62 54.94
C VAL G 259 27.12 5.39 54.77
N LYS G 260 26.58 4.21 55.12
CA LYS G 260 27.36 2.99 55.03
C LYS G 260 27.68 2.62 53.58
N LEU G 261 26.71 2.79 52.68
CA LEU G 261 26.92 2.41 51.29
C LEU G 261 28.13 3.12 50.69
N ALA G 262 28.38 4.37 51.09
CA ALA G 262 29.57 5.05 50.61
C ALA G 262 30.83 4.34 51.07
N GLU G 263 30.84 3.87 52.32
CA GLU G 263 32.01 3.16 52.84
C GLU G 263 32.27 1.87 52.08
N ILE G 264 31.20 1.14 51.75
CA ILE G 264 31.36 -0.14 51.06
C ILE G 264 31.97 0.06 49.68
N SER G 265 31.49 1.07 48.95
CA SER G 265 31.91 1.27 47.57
C SER G 265 33.36 1.75 47.44
N LYS G 266 34.01 2.11 48.54
CA LYS G 266 35.37 2.62 48.48
C LYS G 266 36.36 1.47 48.47
N GLY G 267 37.24 1.45 47.46
CA GLY G 267 38.25 0.43 47.36
C GLY G 267 37.80 -0.88 46.75
N VAL G 268 36.57 -0.95 46.26
CA VAL G 268 36.06 -2.20 45.70
C VAL G 268 36.78 -2.54 44.40
N GLY G 269 36.93 -1.59 43.49
CA GLY G 269 37.58 -1.81 42.22
C GLY G 269 36.62 -1.61 41.04
N ALA G 270 37.21 -1.63 39.85
CA ALA G 270 36.43 -1.41 38.64
C ALA G 270 35.50 -2.59 38.37
N GLY G 271 34.29 -2.28 37.94
CA GLY G 271 33.33 -3.30 37.58
C GLY G 271 33.55 -3.84 36.18
N MET G 272 32.74 -4.85 35.84
CA MET G 272 32.84 -5.47 34.54
C MET G 272 32.47 -4.47 33.44
N LYS G 273 33.20 -4.52 32.34
CA LYS G 273 32.88 -3.72 31.16
C LYS G 273 31.66 -4.33 30.48
N GLY G 274 30.51 -3.69 30.65
CA GLY G 274 29.27 -4.25 30.16
C GLY G 274 29.01 -3.92 28.70
N ILE G 275 27.77 -4.19 28.29
CA ILE G 275 27.29 -3.85 26.96
C ILE G 275 25.94 -3.15 27.12
N SER G 276 25.76 -2.03 26.43
CA SER G 276 24.51 -1.30 26.52
C SER G 276 23.35 -2.19 26.11
N ALA G 277 22.37 -2.34 27.01
CA ALA G 277 21.27 -3.26 26.76
C ALA G 277 20.45 -2.85 25.54
N ASP G 278 20.35 -1.55 25.27
CA ASP G 278 19.60 -1.09 24.11
C ASP G 278 20.31 -1.38 22.80
N MET G 279 21.56 -1.81 22.84
CA MET G 279 22.32 -2.14 21.64
C MET G 279 22.06 -3.55 21.13
N ILE G 280 21.44 -4.41 21.94
CA ILE G 280 21.30 -5.82 21.62
C ILE G 280 20.07 -6.00 20.72
N PRO G 281 20.19 -6.63 19.55
CA PRO G 281 18.99 -6.89 18.74
C PRO G 281 18.03 -7.83 19.46
N ALA G 282 16.75 -7.70 19.11
CA ALA G 282 15.72 -8.49 19.78
C ALA G 282 15.95 -9.99 19.59
N GLN G 283 16.30 -10.42 18.38
CA GLN G 283 16.55 -11.84 18.14
C GLN G 283 17.70 -12.38 18.99
N GLU G 284 18.64 -11.52 19.39
CA GLU G 284 19.75 -11.92 20.23
C GLU G 284 19.46 -11.78 21.72
N ALA G 285 18.33 -11.20 22.09
CA ALA G 285 18.01 -10.96 23.50
C ALA G 285 17.59 -12.25 24.17
N LEU G 286 18.33 -12.64 25.21
CA LEU G 286 17.98 -13.85 25.96
C LEU G 286 16.64 -13.69 26.66
N GLN G 287 16.27 -12.46 27.02
CA GLN G 287 15.02 -12.23 27.75
C GLN G 287 13.80 -12.64 26.94
N GLU G 288 13.88 -12.62 25.60
CA GLU G 288 12.76 -13.01 24.76
C GLU G 288 12.42 -14.49 24.90
N ARG G 289 13.36 -15.32 25.35
CA ARG G 289 13.07 -16.70 25.65
C ARG G 289 12.27 -16.79 26.95
N GLY G 290 11.58 -17.90 27.14
CA GLY G 290 10.70 -18.03 28.29
C GLY G 290 9.34 -17.43 28.01
N TRP G 291 8.74 -17.84 26.90
CA TRP G 291 7.39 -17.43 26.51
C TRP G 291 6.37 -17.60 27.63
N HIS H 1 8.59 -58.71 -5.97
CA HIS H 1 9.13 -57.79 -4.98
C HIS H 1 8.72 -58.21 -3.58
N GLY H 2 9.49 -57.76 -2.59
CA GLY H 2 9.20 -58.05 -1.20
C GLY H 2 7.83 -57.54 -0.77
N THR H 3 7.08 -58.38 -0.07
CA THR H 3 5.77 -57.97 0.41
C THR H 3 5.89 -56.86 1.44
N GLU H 4 4.88 -55.99 1.48
CA GLU H 4 4.91 -54.86 2.40
C GLU H 4 5.06 -55.32 3.85
N LEU H 5 4.53 -56.51 4.17
CA LEU H 5 4.64 -57.02 5.53
C LEU H 5 6.10 -57.29 5.90
N ILE H 6 6.85 -57.92 4.99
CA ILE H 6 8.25 -58.24 5.29
C ILE H 6 9.08 -56.96 5.37
N LYS H 7 8.83 -55.98 4.50
CA LYS H 7 9.51 -54.66 4.62
C LYS H 7 9.06 -53.99 5.94
N ARG H 8 7.82 -54.24 6.43
CA ARG H 8 7.27 -53.69 7.70
C ARG H 8 7.54 -54.77 8.77
N GLY H 9 8.50 -55.65 8.54
CA GLY H 9 8.98 -56.67 9.50
C GLY H 9 10.50 -56.65 9.60
N PHE H 10 11.14 -55.79 8.80
CA PHE H 10 12.59 -55.55 8.89
C PHE H 10 12.71 -54.25 9.65
N ALA H 11 11.73 -53.36 9.49
CA ALA H 11 11.72 -52.09 10.24
C ALA H 11 11.40 -52.34 11.73
N ARG H 12 10.69 -53.41 12.15
CA ARG H 12 10.28 -53.64 13.53
C ARG H 12 11.39 -54.27 14.36
N MET H 13 12.33 -54.96 13.71
CA MET H 13 13.46 -55.53 14.45
C MET H 13 14.35 -54.46 15.05
N GLN H 14 14.30 -53.23 14.54
CA GLN H 14 15.16 -52.16 14.98
C GLN H 14 14.64 -51.42 16.21
N LYS H 15 13.52 -51.87 16.78
CA LYS H 15 12.92 -51.17 17.91
C LYS H 15 13.85 -51.19 19.12
N GLY H 16 13.90 -50.07 19.84
CA GLY H 16 14.66 -49.99 21.06
C GLY H 16 16.16 -50.07 20.91
N GLY H 17 16.72 -49.50 19.85
CA GLY H 17 18.14 -49.53 19.61
C GLY H 17 18.71 -48.17 19.21
N VAL H 18 19.96 -48.21 18.76
CA VAL H 18 20.67 -47.03 18.30
C VAL H 18 21.31 -47.34 16.96
N ILE H 19 21.22 -46.39 16.02
CA ILE H 19 21.85 -46.49 14.72
C ILE H 19 22.88 -45.37 14.62
N MET H 20 24.13 -45.75 14.37
CA MET H 20 25.25 -44.81 14.38
C MET H 20 25.80 -44.64 12.97
N ASP H 21 25.94 -43.39 12.54
CA ASP H 21 26.48 -43.12 11.22
C ASP H 21 28.01 -43.18 11.23
N VAL H 22 28.58 -43.96 10.32
CA VAL H 22 30.01 -44.19 10.26
C VAL H 22 30.50 -43.93 8.84
N THR H 23 31.79 -43.62 8.72
CA THR H 23 32.39 -43.30 7.43
C THR H 23 33.52 -44.23 7.03
N THR H 24 34.16 -44.91 7.98
CA THR H 24 35.29 -45.77 7.71
C THR H 24 35.07 -47.12 8.39
N PRO H 25 35.77 -48.16 7.94
CA PRO H 25 35.61 -49.47 8.58
C PRO H 25 35.89 -49.45 10.07
N GLU H 26 36.87 -48.66 10.51
CA GLU H 26 37.20 -48.63 11.94
C GLU H 26 36.05 -48.04 12.75
N GLN H 27 35.44 -46.97 12.25
CA GLN H 27 34.26 -46.43 12.93
C GLN H 27 33.13 -47.44 12.95
N ALA H 28 32.97 -48.21 11.87
CA ALA H 28 31.95 -49.24 11.84
C ALA H 28 32.24 -50.31 12.88
N ARG H 29 33.51 -50.68 13.06
CA ARG H 29 33.86 -51.64 14.09
C ARG H 29 33.58 -51.08 15.48
N ILE H 30 33.84 -49.79 15.69
CA ILE H 30 33.59 -49.19 17.00
C ILE H 30 32.12 -49.31 17.38
N ALA H 31 31.24 -48.96 16.44
CA ALA H 31 29.81 -48.93 16.75
C ALA H 31 29.31 -50.32 17.14
N GLU H 32 29.76 -51.35 16.43
CA GLU H 32 29.30 -52.70 16.72
C GLU H 32 29.67 -53.13 18.13
N GLU H 33 30.89 -52.79 18.58
CA GLU H 33 31.31 -53.19 19.91
C GLU H 33 30.49 -52.49 20.99
N ALA H 34 30.04 -51.26 20.73
CA ALA H 34 29.21 -50.54 21.69
C ALA H 34 27.82 -51.12 21.83
N GLY H 35 27.43 -52.04 20.95
CA GLY H 35 26.12 -52.65 21.01
C GLY H 35 25.06 -52.03 20.13
N ALA H 36 25.44 -51.36 19.05
CA ALA H 36 24.46 -50.75 18.17
C ALA H 36 23.72 -51.81 17.38
N VAL H 37 22.60 -51.41 16.78
CA VAL H 37 21.78 -52.35 16.01
C VAL H 37 22.01 -52.23 14.51
N ALA H 38 22.60 -51.12 14.04
CA ALA H 38 22.87 -50.95 12.63
C ALA H 38 23.81 -49.76 12.45
N VAL H 39 24.37 -49.65 11.26
CA VAL H 39 25.26 -48.55 10.90
C VAL H 39 24.77 -47.97 9.58
N MET H 40 25.11 -46.71 9.34
CA MET H 40 24.66 -46.00 8.14
C MET H 40 25.91 -45.45 7.44
N ALA H 41 26.35 -46.16 6.40
CA ALA H 41 27.56 -45.75 5.69
C ALA H 41 27.29 -44.51 4.85
N LEU H 42 28.14 -43.50 5.01
CA LEU H 42 28.04 -42.29 4.21
C LEU H 42 29.43 -41.69 4.07
N GLN H 43 29.57 -40.77 3.11
CA GLN H 43 30.89 -40.22 2.81
C GLN H 43 31.38 -39.30 3.92
N ALA H 44 30.47 -38.61 4.60
CA ALA H 44 30.82 -37.67 5.65
C ALA H 44 29.61 -37.39 6.51
N VAL H 45 29.84 -37.23 7.81
CA VAL H 45 28.76 -37.03 8.78
C VAL H 45 28.05 -35.72 8.45
N PRO H 46 26.78 -35.56 8.82
CA PRO H 46 26.05 -34.34 8.44
C PRO H 46 26.72 -33.06 8.91
N ALA H 47 27.51 -33.12 9.99
CA ALA H 47 28.22 -31.93 10.44
C ALA H 47 29.22 -31.45 9.40
N ASP H 48 29.93 -32.38 8.76
CA ASP H 48 30.89 -32.01 7.72
C ASP H 48 30.20 -31.52 6.46
N ILE H 49 29.02 -32.06 6.16
CA ILE H 49 28.33 -31.68 4.92
C ILE H 49 27.98 -30.20 4.92
N ARG H 50 27.52 -29.68 6.06
CA ARG H 50 27.30 -28.24 6.16
C ARG H 50 28.60 -27.47 5.96
N LYS H 51 29.69 -27.94 6.56
CA LYS H 51 30.96 -27.23 6.47
C LYS H 51 31.52 -27.26 5.06
N ALA H 52 31.51 -28.44 4.42
CA ALA H 52 32.11 -28.56 3.09
C ALA H 52 31.26 -27.93 2.01
N GLY H 53 29.94 -27.98 2.13
CA GLY H 53 29.11 -27.41 1.10
C GLY H 53 29.19 -28.21 -0.18
N GLY H 54 28.92 -27.52 -1.29
CA GLY H 54 28.97 -28.18 -2.58
C GLY H 54 27.78 -29.11 -2.78
N VAL H 55 27.96 -30.10 -3.64
CA VAL H 55 26.95 -31.09 -3.97
C VAL H 55 27.35 -32.40 -3.30
N ALA H 56 26.43 -32.96 -2.52
CA ALA H 56 26.65 -34.25 -1.86
C ALA H 56 25.90 -35.33 -2.63
N ARG H 57 26.51 -36.52 -2.71
CA ARG H 57 25.97 -37.61 -3.50
C ARG H 57 26.04 -38.90 -2.70
N MET H 58 25.65 -40.00 -3.35
CA MET H 58 25.77 -41.32 -2.75
C MET H 58 27.23 -41.65 -2.51
N ALA H 59 27.50 -42.37 -1.42
CA ALA H 59 28.86 -42.76 -1.09
C ALA H 59 29.49 -43.55 -2.24
N ASP H 60 30.81 -43.61 -2.23
CA ASP H 60 31.52 -44.43 -3.19
C ASP H 60 31.15 -45.89 -3.00
N PRO H 61 30.84 -46.64 -4.06
CA PRO H 61 30.52 -48.06 -3.86
C PRO H 61 31.62 -48.85 -3.20
N GLU H 62 32.88 -48.41 -3.31
CA GLU H 62 33.97 -49.11 -2.66
C GLU H 62 33.83 -49.07 -1.14
N ILE H 63 33.43 -47.92 -0.59
CA ILE H 63 33.33 -47.79 0.86
C ILE H 63 32.23 -48.69 1.40
N VAL H 64 31.03 -48.62 0.81
CA VAL H 64 29.90 -49.38 1.33
C VAL H 64 30.18 -50.87 1.27
N GLN H 65 31.04 -51.29 0.33
CA GLN H 65 31.42 -52.69 0.26
C GLN H 65 32.37 -53.06 1.40
N GLN H 66 33.23 -52.12 1.80
CA GLN H 66 34.19 -52.41 2.86
C GLN H 66 33.52 -52.47 4.23
N ILE H 67 32.59 -51.54 4.49
CA ILE H 67 31.89 -51.54 5.77
C ILE H 67 31.09 -52.82 5.93
N ILE H 68 30.40 -53.25 4.88
CA ILE H 68 29.58 -54.45 4.96
C ILE H 68 30.41 -55.66 5.36
N GLU H 69 31.62 -55.75 4.83
CA GLU H 69 32.50 -56.86 5.15
C GLU H 69 33.08 -56.75 6.56
N THR H 70 32.90 -55.62 7.22
CA THR H 70 33.51 -55.39 8.53
C THR H 70 32.57 -55.65 9.69
N VAL H 71 31.26 -55.47 9.50
CA VAL H 71 30.29 -55.57 10.58
C VAL H 71 29.32 -56.72 10.27
N THR H 72 28.67 -57.21 11.32
CA THR H 72 27.65 -58.24 11.21
C THR H 72 26.23 -57.69 11.26
N ILE H 73 26.04 -56.53 11.89
CA ILE H 73 24.73 -55.89 11.95
C ILE H 73 24.36 -55.36 10.57
N PRO H 74 23.07 -55.15 10.28
CA PRO H 74 22.70 -54.64 8.95
C PRO H 74 23.35 -53.31 8.64
N VAL H 75 23.63 -53.08 7.36
CA VAL H 75 24.25 -51.85 6.89
C VAL H 75 23.23 -51.11 6.04
N MET H 76 23.06 -49.82 6.30
CA MET H 76 22.22 -48.96 5.51
C MET H 76 23.06 -48.00 4.68
N ALA H 77 22.38 -47.21 3.86
CA ALA H 77 23.04 -46.27 2.97
C ALA H 77 22.08 -45.11 2.71
N LYS H 78 22.62 -44.05 2.13
CA LYS H 78 21.81 -42.89 1.79
C LYS H 78 21.75 -42.69 0.28
N ALA H 79 20.64 -42.14 -0.19
CA ALA H 79 20.46 -41.80 -1.59
C ALA H 79 19.79 -40.44 -1.69
N ARG H 80 20.00 -39.76 -2.82
CA ARG H 80 19.40 -38.45 -3.01
C ARG H 80 17.91 -38.59 -3.27
N ILE H 81 17.17 -37.52 -2.98
CA ILE H 81 15.72 -37.54 -3.17
C ILE H 81 15.40 -37.66 -4.65
N GLY H 82 14.58 -38.63 -5.01
CA GLY H 82 14.12 -38.77 -6.37
C GLY H 82 15.09 -39.43 -7.32
N HIS H 83 16.23 -39.92 -6.83
CA HIS H 83 17.23 -40.55 -7.69
C HIS H 83 17.05 -42.06 -7.64
N PHE H 84 16.10 -42.54 -8.44
CA PHE H 84 15.72 -43.94 -8.38
C PHE H 84 16.80 -44.86 -8.94
N VAL H 85 17.83 -44.29 -9.58
CA VAL H 85 18.91 -45.13 -10.09
C VAL H 85 19.99 -45.33 -9.03
N GLU H 86 20.22 -44.33 -8.18
CA GLU H 86 21.15 -44.52 -7.07
C GLU H 86 20.65 -45.59 -6.12
N ALA H 87 19.35 -45.57 -5.80
CA ALA H 87 18.78 -46.60 -4.95
C ALA H 87 18.86 -47.98 -5.59
N GLU H 88 19.02 -48.03 -6.92
CA GLU H 88 19.19 -49.30 -7.60
C GLU H 88 20.59 -49.85 -7.42
N ILE H 89 21.59 -48.97 -7.41
CA ILE H 89 22.98 -49.41 -7.26
C ILE H 89 23.24 -49.90 -5.85
N LEU H 90 22.71 -49.19 -4.85
CA LEU H 90 22.89 -49.62 -3.46
C LEU H 90 22.27 -50.99 -3.22
N GLU H 91 21.04 -51.20 -3.72
CA GLU H 91 20.37 -52.48 -3.52
C GLU H 91 21.19 -53.62 -4.09
N ALA H 92 21.83 -53.41 -5.24
CA ALA H 92 22.65 -54.46 -5.84
C ALA H 92 23.88 -54.75 -5.00
N LEU H 93 24.34 -53.78 -4.20
CA LEU H 93 25.52 -53.98 -3.37
C LEU H 93 25.25 -54.85 -2.15
N GLY H 94 24.00 -54.92 -1.69
CA GLY H 94 23.65 -55.76 -0.56
C GLY H 94 23.23 -55.02 0.69
N VAL H 95 22.98 -53.72 0.61
CA VAL H 95 22.51 -53.00 1.78
C VAL H 95 21.11 -53.51 2.14
N ASP H 96 20.79 -53.42 3.43
CA ASP H 96 19.52 -53.95 3.93
C ASP H 96 18.42 -52.90 4.00
N MET H 97 18.77 -51.62 3.87
CA MET H 97 17.78 -50.55 3.94
C MET H 97 18.39 -49.29 3.34
N VAL H 98 17.63 -48.61 2.49
CA VAL H 98 18.08 -47.41 1.80
C VAL H 98 17.34 -46.22 2.39
N ASP H 99 18.07 -45.18 2.73
CA ASP H 99 17.53 -44.02 3.44
C ASP H 99 17.47 -42.83 2.49
N GLU H 100 16.26 -42.44 2.10
CA GLU H 100 16.06 -41.26 1.26
C GLU H 100 16.32 -40.03 2.12
N SER H 101 17.57 -39.57 2.11
CA SER H 101 18.03 -38.54 3.01
C SER H 101 17.74 -37.16 2.42
N GLU H 102 17.29 -36.24 3.29
CA GLU H 102 17.19 -34.85 2.90
C GLU H 102 18.51 -34.11 3.11
N VAL H 103 19.47 -34.74 3.79
CA VAL H 103 20.78 -34.13 3.97
C VAL H 103 21.49 -33.97 2.62
N LEU H 104 21.42 -34.97 1.76
CA LEU H 104 22.03 -34.93 0.46
C LEU H 104 21.24 -34.01 -0.47
N THR H 105 21.88 -33.62 -1.57
CA THR H 105 21.26 -32.67 -2.50
C THR H 105 20.11 -33.34 -3.24
N PRO H 106 18.90 -32.77 -3.22
CA PRO H 106 17.80 -33.38 -3.98
C PRO H 106 18.13 -33.47 -5.47
N ALA H 107 17.73 -34.58 -6.09
CA ALA H 107 17.92 -34.76 -7.52
C ALA H 107 16.66 -34.49 -8.32
N ASP H 108 15.49 -34.62 -7.70
CA ASP H 108 14.21 -34.38 -8.36
C ASP H 108 13.41 -33.39 -7.56
N PRO H 109 13.16 -32.17 -8.04
CA PRO H 109 12.54 -31.14 -7.20
C PRO H 109 11.03 -31.27 -7.06
N PHE H 110 10.41 -32.31 -7.62
CA PHE H 110 8.96 -32.48 -7.55
C PHE H 110 8.54 -33.80 -6.93
N TYR H 111 9.23 -34.90 -7.23
CA TYR H 111 8.77 -36.24 -6.87
C TYR H 111 9.82 -36.96 -6.04
N HIS H 112 9.35 -37.93 -5.25
CA HIS H 112 10.23 -38.85 -4.56
C HIS H 112 10.30 -40.16 -5.33
N ILE H 113 11.13 -41.09 -4.86
CA ILE H 113 11.21 -42.39 -5.52
C ILE H 113 9.86 -43.08 -5.41
N ASP H 114 9.59 -44.00 -6.34
CA ASP H 114 8.44 -44.88 -6.25
C ASP H 114 8.90 -46.14 -5.54
N LYS H 115 8.77 -46.13 -4.21
CA LYS H 115 9.43 -47.12 -3.36
C LYS H 115 8.74 -48.48 -3.37
N THR H 116 7.58 -48.61 -4.04
CA THR H 116 6.89 -49.90 -4.06
C THR H 116 7.46 -50.84 -5.10
N GLN H 117 8.29 -50.35 -6.02
CA GLN H 117 8.85 -51.17 -7.09
C GLN H 117 10.12 -51.91 -6.67
N PHE H 118 10.65 -51.63 -5.49
CA PHE H 118 11.92 -52.17 -5.04
C PHE H 118 11.69 -53.24 -3.99
N THR H 119 12.75 -53.94 -3.61
CA THR H 119 12.67 -54.97 -2.58
C THR H 119 13.23 -54.51 -1.25
N VAL H 120 14.30 -53.71 -1.25
CA VAL H 120 14.89 -53.29 0.02
C VAL H 120 13.98 -52.25 0.68
N PRO H 121 13.68 -52.36 1.97
CA PRO H 121 12.84 -51.34 2.61
C PRO H 121 13.54 -50.00 2.71
N PHE H 122 12.73 -48.95 2.77
CA PHE H 122 13.19 -47.57 2.77
C PHE H 122 12.89 -46.92 4.11
N VAL H 123 13.48 -45.76 4.34
CA VAL H 123 13.16 -44.90 5.48
C VAL H 123 13.16 -43.46 4.98
N CYS H 124 12.17 -42.68 5.41
CA CYS H 124 11.98 -41.33 4.89
C CYS H 124 11.69 -40.35 6.03
N GLY H 125 11.96 -39.08 5.77
CA GLY H 125 11.77 -38.05 6.77
C GLY H 125 10.33 -37.60 6.86
N ALA H 126 10.03 -36.83 7.91
CA ALA H 126 8.68 -36.33 8.15
C ALA H 126 8.72 -35.23 9.20
N ARG H 127 8.04 -34.12 8.92
CA ARG H 127 7.92 -33.03 9.88
C ARG H 127 6.60 -33.02 10.62
N ASN H 128 5.54 -33.56 10.05
CA ASN H 128 4.22 -33.54 10.67
C ASN H 128 3.48 -34.81 10.26
N LEU H 129 2.20 -34.87 10.60
CA LEU H 129 1.41 -36.06 10.30
C LEU H 129 1.10 -36.16 8.81
N GLY H 130 0.94 -35.02 8.15
CA GLY H 130 0.65 -35.06 6.72
C GLY H 130 1.78 -35.70 5.94
N GLU H 131 3.02 -35.34 6.26
CA GLU H 131 4.17 -35.89 5.53
C GLU H 131 4.37 -37.36 5.84
N ALA H 132 4.13 -37.76 7.09
CA ALA H 132 4.30 -39.16 7.46
C ALA H 132 3.35 -40.06 6.68
N LEU H 133 2.12 -39.60 6.45
CA LEU H 133 1.12 -40.44 5.79
C LEU H 133 1.33 -40.51 4.29
N ARG H 134 1.79 -39.42 3.67
CA ARG H 134 2.09 -39.47 2.23
C ARG H 134 3.24 -40.42 1.95
N ARG H 135 4.29 -40.39 2.78
CA ARG H 135 5.44 -41.26 2.56
C ARG H 135 5.04 -42.72 2.67
N ILE H 136 4.22 -43.07 3.66
CA ILE H 136 3.80 -44.46 3.81
C ILE H 136 2.96 -44.90 2.61
N ASN H 137 2.26 -43.96 1.99
CA ASN H 137 1.48 -44.29 0.80
C ASN H 137 2.38 -44.74 -0.34
N GLU H 138 3.55 -44.11 -0.48
CA GLU H 138 4.50 -44.47 -1.53
C GLU H 138 5.26 -45.75 -1.25
N GLY H 139 5.19 -46.27 -0.02
CA GLY H 139 5.84 -47.51 0.32
C GLY H 139 6.95 -47.43 1.36
N ALA H 140 7.08 -46.30 2.05
CA ALA H 140 8.10 -46.17 3.09
C ALA H 140 7.85 -47.19 4.19
N ALA H 141 8.91 -47.88 4.61
CA ALA H 141 8.82 -48.89 5.65
C ALA H 141 9.28 -48.39 7.01
N MET H 142 9.50 -47.09 7.17
CA MET H 142 9.91 -46.51 8.43
C MET H 142 9.90 -45.00 8.26
N ILE H 143 9.76 -44.29 9.38
CA ILE H 143 9.75 -42.82 9.36
C ILE H 143 10.68 -42.33 10.46
N ARG H 144 11.40 -41.24 10.15
CA ARG H 144 12.24 -40.57 11.13
C ARG H 144 12.05 -39.07 11.00
N THR H 145 11.95 -38.39 12.14
CA THR H 145 11.76 -36.95 12.13
C THR H 145 12.96 -36.26 11.49
N LYS H 146 12.69 -35.19 10.74
CA LYS H 146 13.77 -34.51 10.04
C LYS H 146 14.74 -33.85 11.02
N GLY H 147 14.21 -33.08 11.97
CA GLY H 147 15.07 -32.33 12.87
C GLY H 147 15.93 -31.33 12.11
N GLU H 148 17.13 -31.07 12.62
CA GLU H 148 18.09 -30.17 11.98
C GLU H 148 19.45 -30.87 12.04
N ALA H 149 19.78 -31.62 11.00
CA ALA H 149 20.96 -32.48 11.03
C ALA H 149 22.23 -31.66 11.14
N GLY H 150 23.14 -32.13 11.99
CA GLY H 150 24.46 -31.54 12.12
C GLY H 150 24.57 -30.37 13.07
N THR H 151 23.50 -30.02 13.78
CA THR H 151 23.53 -28.86 14.68
C THR H 151 23.76 -29.23 16.13
N GLY H 152 23.47 -30.46 16.54
CA GLY H 152 23.60 -30.83 17.93
C GLY H 152 22.57 -30.19 18.84
N ASP H 153 21.48 -29.68 18.28
CA ASP H 153 20.41 -29.04 19.04
C ASP H 153 19.16 -29.92 18.94
N VAL H 154 18.66 -30.37 20.09
CA VAL H 154 17.52 -31.30 20.12
C VAL H 154 16.23 -30.50 20.17
N SER H 155 16.30 -29.20 19.93
CA SER H 155 15.09 -28.38 19.92
C SER H 155 14.19 -28.72 18.75
N GLN H 156 14.79 -28.95 17.56
CA GLN H 156 13.99 -29.18 16.36
C GLN H 156 13.40 -30.59 16.35
N ALA H 157 14.17 -31.59 16.80
CA ALA H 157 13.65 -32.95 16.81
C ALA H 157 12.45 -33.08 17.75
N VAL H 158 12.51 -32.43 18.91
CA VAL H 158 11.39 -32.47 19.85
C VAL H 158 10.17 -31.79 19.24
N LYS H 159 10.39 -30.66 18.56
CA LYS H 159 9.28 -29.95 17.92
C LYS H 159 8.54 -30.85 16.94
N HIS H 160 9.28 -31.51 16.04
CA HIS H 160 8.65 -32.35 15.04
C HIS H 160 8.03 -33.60 15.66
N MET H 161 8.58 -34.07 16.78
CA MET H 161 8.05 -35.27 17.40
C MET H 161 6.75 -34.98 18.13
N LYS H 162 6.56 -33.74 18.58
CA LYS H 162 5.30 -33.37 19.22
C LYS H 162 4.26 -32.97 18.20
N GLN H 163 4.68 -32.60 16.99
CA GLN H 163 3.75 -32.32 15.91
C GLN H 163 3.12 -33.62 15.40
N ILE H 164 3.93 -34.64 15.18
CA ILE H 164 3.40 -35.91 14.69
C ILE H 164 2.56 -36.58 15.77
N GLN H 165 3.09 -36.65 17.00
CA GLN H 165 2.38 -37.35 18.07
C GLN H 165 1.24 -36.50 18.62
N GLY H 166 1.36 -35.18 18.56
CA GLY H 166 0.26 -34.33 19.00
C GLY H 166 -0.97 -34.47 18.14
N GLU H 167 -0.78 -34.57 16.82
CA GLU H 167 -1.93 -34.70 15.93
C GLU H 167 -2.60 -36.06 16.06
N ILE H 168 -1.82 -37.12 16.24
CA ILE H 168 -2.41 -38.46 16.31
C ILE H 168 -3.29 -38.60 17.54
N ARG H 169 -3.04 -37.79 18.57
CA ARG H 169 -3.86 -37.87 19.78
C ARG H 169 -5.19 -37.14 19.59
N ALA H 170 -5.20 -36.07 18.78
CA ALA H 170 -6.45 -35.38 18.51
C ALA H 170 -7.43 -36.23 17.72
N LEU H 171 -6.94 -37.13 16.87
CA LEU H 171 -7.81 -37.95 16.04
C LEU H 171 -8.67 -38.92 16.83
N ALA H 172 -8.36 -39.14 18.11
CA ALA H 172 -9.18 -40.03 18.91
C ALA H 172 -10.51 -39.36 19.24
N GLY H 173 -11.60 -40.11 19.06
CA GLY H 173 -12.93 -39.61 19.35
C GLY H 173 -13.65 -38.98 18.18
N LYS H 174 -12.94 -38.58 17.13
CA LYS H 174 -13.57 -37.94 16.00
C LYS H 174 -14.48 -38.91 15.26
N THR H 175 -15.49 -38.37 14.58
CA THR H 175 -16.42 -39.18 13.79
C THR H 175 -15.97 -39.22 12.33
N LYS H 176 -16.51 -40.21 11.60
CA LYS H 176 -16.07 -40.42 10.22
C LYS H 176 -16.20 -39.16 9.40
N GLU H 177 -17.31 -38.44 9.54
CA GLU H 177 -17.50 -37.23 8.76
C GLU H 177 -16.40 -36.21 9.04
N GLU H 178 -15.73 -36.33 10.19
CA GLU H 178 -14.69 -35.36 10.55
C GLU H 178 -13.31 -35.86 10.14
N LEU H 179 -13.06 -37.16 10.25
CA LEU H 179 -11.78 -37.70 9.80
C LEU H 179 -11.57 -37.48 8.29
N ILE H 180 -12.66 -37.35 7.53
CA ILE H 180 -12.55 -37.00 6.12
C ILE H 180 -12.12 -35.55 5.96
N MET H 181 -12.61 -34.66 6.82
CA MET H 181 -12.19 -33.27 6.75
C MET H 181 -10.72 -33.10 7.10
N VAL H 182 -10.23 -33.86 8.09
CA VAL H 182 -8.82 -33.75 8.44
C VAL H 182 -7.94 -34.18 7.28
N ALA H 183 -8.29 -35.30 6.63
CA ALA H 183 -7.48 -35.80 5.53
C ALA H 183 -7.33 -34.75 4.44
N ARG H 184 -8.31 -33.87 4.29
CA ARG H 184 -8.18 -32.76 3.35
C ARG H 184 -7.19 -31.73 3.83
N GLU H 185 -7.29 -31.32 5.10
CA GLU H 185 -6.42 -30.26 5.61
C GLU H 185 -4.96 -30.67 5.58
N ILE H 186 -4.66 -31.91 6.00
CA ILE H 186 -3.30 -32.42 5.99
C ILE H 186 -2.94 -33.07 4.66
N GLU H 187 -3.88 -33.16 3.73
CA GLU H 187 -3.62 -33.63 2.37
C GLU H 187 -3.08 -35.06 2.38
N ALA H 188 -3.70 -35.91 3.19
CA ALA H 188 -3.29 -37.29 3.33
C ALA H 188 -4.37 -38.24 2.83
N PRO H 189 -4.02 -39.46 2.44
CA PRO H 189 -5.06 -40.43 2.06
C PRO H 189 -6.03 -40.68 3.21
N ILE H 190 -7.31 -40.82 2.86
CA ILE H 190 -8.33 -41.03 3.89
C ILE H 190 -8.24 -42.44 4.46
N GLU H 191 -7.71 -43.39 3.69
CA GLU H 191 -7.58 -44.75 4.22
C GLU H 191 -6.59 -44.80 5.37
N LEU H 192 -5.49 -44.04 5.28
CA LEU H 192 -4.50 -44.05 6.33
C LEU H 192 -4.96 -43.26 7.55
N VAL H 193 -5.61 -42.12 7.35
CA VAL H 193 -6.02 -41.30 8.48
C VAL H 193 -6.99 -42.06 9.38
N VAL H 194 -7.69 -43.04 8.82
CA VAL H 194 -8.57 -43.87 9.63
C VAL H 194 -7.79 -45.01 10.29
N GLU H 195 -6.78 -45.55 9.60
CA GLU H 195 -5.94 -46.56 10.20
C GLU H 195 -5.11 -45.98 11.35
N THR H 196 -4.59 -44.76 11.16
CA THR H 196 -3.86 -44.10 12.24
C THR H 196 -4.77 -43.82 13.44
N ALA H 197 -5.97 -43.31 13.19
CA ALA H 197 -6.87 -42.93 14.27
C ALA H 197 -7.28 -44.14 15.09
N LYS H 198 -7.35 -45.31 14.46
CA LYS H 198 -7.72 -46.52 15.19
C LYS H 198 -6.56 -47.05 16.01
N MET H 199 -5.33 -46.86 15.54
CA MET H 199 -4.16 -47.37 16.24
C MET H 199 -3.53 -46.36 17.19
N GLN H 200 -3.75 -45.08 16.97
CA GLN H 200 -3.17 -44.02 17.79
C GLN H 200 -1.65 -44.00 17.70
N ARG H 201 -1.12 -44.46 16.57
CA ARG H 201 0.31 -44.37 16.30
C ARG H 201 0.51 -44.55 14.80
N LEU H 202 1.67 -44.10 14.32
CA LEU H 202 1.98 -44.32 12.92
C LEU H 202 2.02 -45.81 12.63
N PRO H 203 1.37 -46.28 11.55
CA PRO H 203 1.34 -47.72 11.29
C PRO H 203 2.69 -48.34 11.00
N VAL H 204 3.78 -47.56 10.97
CA VAL H 204 5.12 -48.08 10.75
C VAL H 204 6.03 -47.55 11.85
N VAL H 205 7.16 -48.23 12.06
CA VAL H 205 8.10 -47.85 13.11
C VAL H 205 8.56 -46.42 12.88
N ASN H 206 8.75 -45.69 13.98
CA ASN H 206 9.12 -44.28 13.91
C ASN H 206 10.34 -44.06 14.79
N PHE H 207 11.37 -43.43 14.23
CA PHE H 207 12.62 -43.14 14.93
C PHE H 207 12.79 -41.63 15.11
N ALA H 208 13.85 -41.26 15.83
CA ALA H 208 14.20 -39.87 16.04
C ALA H 208 15.59 -39.59 15.48
N ALA H 209 15.73 -38.47 14.77
CA ALA H 209 16.99 -38.15 14.14
C ALA H 209 17.19 -36.64 14.13
N GLY H 210 18.44 -36.22 14.29
CA GLY H 210 18.79 -34.82 14.22
C GLY H 210 18.84 -34.14 15.58
N GLY H 211 20.03 -33.76 16.01
CA GLY H 211 20.19 -33.04 17.26
C GLY H 211 20.48 -33.89 18.48
N VAL H 212 20.48 -35.22 18.35
CA VAL H 212 20.84 -36.06 19.49
C VAL H 212 22.35 -36.00 19.68
N ALA H 213 22.78 -35.47 20.82
CA ALA H 213 24.19 -35.20 21.07
C ALA H 213 24.71 -35.66 22.42
N THR H 214 23.85 -36.06 23.34
CA THR H 214 24.26 -36.47 24.67
C THR H 214 23.37 -37.61 25.14
N PRO H 215 23.82 -38.38 26.14
CA PRO H 215 22.96 -39.45 26.66
C PRO H 215 21.63 -38.94 27.21
N ALA H 216 21.56 -37.67 27.60
CA ALA H 216 20.29 -37.12 28.06
C ALA H 216 19.33 -36.92 26.90
N ASP H 217 19.81 -36.37 25.79
CA ASP H 217 18.94 -36.14 24.63
C ASP H 217 18.46 -37.45 24.04
N ALA H 218 19.29 -38.48 24.08
CA ALA H 218 18.88 -39.78 23.57
C ALA H 218 17.69 -40.33 24.35
N ALA H 219 17.73 -40.22 25.68
CA ALA H 219 16.67 -40.76 26.51
C ALA H 219 15.45 -39.84 26.52
N LEU H 220 15.63 -38.57 26.13
CA LEU H 220 14.49 -37.67 26.02
C LEU H 220 13.58 -38.09 24.88
N MET H 221 14.16 -38.42 23.72
CA MET H 221 13.35 -38.81 22.57
C MET H 221 12.61 -40.11 22.85
N MET H 222 13.24 -41.05 23.56
CA MET H 222 12.56 -42.29 23.89
C MET H 222 11.44 -42.07 24.90
N ARG H 223 11.52 -40.99 25.69
CA ARG H 223 10.44 -40.68 26.61
C ARG H 223 9.31 -39.90 25.95
N LEU H 224 9.52 -39.38 24.74
CA LEU H 224 8.44 -38.75 23.99
C LEU H 224 7.68 -39.74 23.12
N GLY H 225 8.10 -41.00 23.07
CA GLY H 225 7.40 -42.02 22.32
C GLY H 225 8.16 -42.61 21.15
N ALA H 226 9.43 -42.28 20.97
CA ALA H 226 10.20 -42.83 19.86
C ALA H 226 10.47 -44.31 20.09
N ASP H 227 10.74 -45.03 19.00
CA ASP H 227 11.13 -46.43 19.07
C ASP H 227 12.64 -46.63 19.01
N GLY H 228 13.40 -45.55 18.88
CA GLY H 228 14.84 -45.64 18.71
C GLY H 228 15.38 -44.26 18.48
N VAL H 229 16.64 -44.20 18.05
CA VAL H 229 17.31 -42.94 17.81
C VAL H 229 18.38 -43.11 16.74
N PHE H 230 18.46 -42.12 15.85
CA PHE H 230 19.53 -42.01 14.86
C PHE H 230 20.55 -40.99 15.35
N VAL H 231 21.77 -41.46 15.62
CA VAL H 231 22.83 -40.60 16.15
C VAL H 231 23.94 -40.51 15.11
N GLY H 232 24.24 -39.29 14.66
CA GLY H 232 25.21 -39.07 13.62
C GLY H 232 26.46 -38.35 14.10
N SER H 233 26.50 -37.04 13.88
CA SER H 233 27.67 -36.25 14.25
C SER H 233 27.91 -36.24 15.75
N GLY H 234 26.90 -36.58 16.54
CA GLY H 234 27.00 -36.41 17.99
C GLY H 234 28.11 -37.22 18.63
N ILE H 235 28.35 -38.43 18.13
CA ILE H 235 29.25 -39.36 18.80
C ILE H 235 30.70 -39.14 18.35
N PHE H 236 30.92 -39.14 17.04
CA PHE H 236 32.28 -39.12 16.50
C PHE H 236 32.84 -37.72 16.35
N LYS H 237 32.03 -36.68 16.58
CA LYS H 237 32.54 -35.32 16.71
C LYS H 237 32.69 -34.89 18.16
N ALA H 238 32.49 -35.80 19.10
CA ALA H 238 32.64 -35.49 20.51
C ALA H 238 34.09 -35.65 20.95
N GLU H 239 34.34 -35.38 22.23
CA GLU H 239 35.70 -35.47 22.75
C GLU H 239 36.22 -36.90 22.68
N ASN H 240 35.40 -37.88 23.06
CA ASN H 240 35.80 -39.28 23.10
C ASN H 240 34.70 -40.12 22.45
N PRO H 241 34.82 -40.44 21.16
CA PRO H 241 33.77 -41.22 20.50
C PRO H 241 33.52 -42.57 21.16
N GLU H 242 34.56 -43.23 21.67
CA GLU H 242 34.37 -44.56 22.23
C GLU H 242 33.50 -44.52 23.48
N LYS H 243 33.73 -43.54 24.36
CA LYS H 243 32.96 -43.47 25.60
C LYS H 243 31.55 -42.97 25.35
N MET H 244 31.39 -41.98 24.47
CA MET H 244 30.07 -41.47 24.16
C MET H 244 29.20 -42.54 23.53
N ALA H 245 29.79 -43.43 22.75
CA ALA H 245 29.02 -44.46 22.05
C ALA H 245 28.33 -45.39 23.04
N LYS H 246 29.09 -45.93 23.99
CA LYS H 246 28.51 -46.86 24.96
C LYS H 246 27.50 -46.15 25.85
N ALA H 247 27.72 -44.87 26.14
CA ALA H 247 26.78 -44.13 26.98
C ALA H 247 25.43 -43.98 26.29
N VAL H 248 25.44 -43.57 25.02
CA VAL H 248 24.17 -43.35 24.31
C VAL H 248 23.41 -44.66 24.17
N VAL H 249 24.11 -45.74 23.84
CA VAL H 249 23.45 -47.04 23.71
C VAL H 249 22.83 -47.46 25.03
N GLU H 250 23.53 -47.18 26.14
CA GLU H 250 22.99 -47.54 27.45
C GLU H 250 21.90 -46.60 27.90
N ALA H 251 21.94 -45.35 27.44
CA ALA H 251 20.89 -44.40 27.80
C ALA H 251 19.53 -44.85 27.28
N VAL H 252 19.48 -45.34 26.04
CA VAL H 252 18.20 -45.75 25.47
C VAL H 252 17.65 -46.96 26.19
N ASN H 253 18.50 -47.79 26.79
CA ASN H 253 18.03 -48.97 27.49
C ASN H 253 17.56 -48.68 28.90
N ASN H 254 17.87 -47.50 29.45
CA ASN H 254 17.43 -47.11 30.78
C ASN H 254 16.82 -45.72 30.77
N TYR H 255 16.06 -45.40 29.72
CA TYR H 255 15.53 -44.06 29.57
C TYR H 255 14.54 -43.69 30.67
N ASP H 256 14.03 -44.68 31.42
CA ASP H 256 13.02 -44.44 32.43
C ASP H 256 13.52 -44.60 33.86
N ASN H 257 14.84 -44.71 34.06
CA ASN H 257 15.41 -44.88 35.39
C ASN H 257 16.31 -43.70 35.73
N PRO H 258 15.82 -42.69 36.46
CA PRO H 258 16.66 -41.52 36.71
C PRO H 258 17.95 -41.81 37.42
N VAL H 259 17.97 -42.77 38.36
CA VAL H 259 19.18 -43.05 39.12
C VAL H 259 20.29 -43.52 38.20
N LYS H 260 19.97 -44.44 37.28
CA LYS H 260 20.98 -44.97 36.38
C LYS H 260 21.50 -43.92 35.41
N LEU H 261 20.60 -43.09 34.89
CA LEU H 261 21.01 -42.09 33.90
C LEU H 261 22.11 -41.18 34.45
N ALA H 262 22.07 -40.87 35.74
CA ALA H 262 23.15 -40.08 36.34
C ALA H 262 24.48 -40.82 36.25
N GLU H 263 24.47 -42.13 36.49
CA GLU H 263 25.69 -42.91 36.42
C GLU H 263 26.27 -42.93 35.02
N ILE H 264 25.41 -43.04 34.00
CA ILE H 264 25.88 -43.11 32.62
C ILE H 264 26.57 -41.81 32.23
N SER H 265 25.97 -40.67 32.59
CA SER H 265 26.47 -39.38 32.15
C SER H 265 27.80 -38.99 32.79
N LYS H 266 28.26 -39.74 33.79
CA LYS H 266 29.50 -39.39 34.49
C LYS H 266 30.69 -39.95 33.72
N GLY H 267 31.64 -39.08 33.40
CA GLY H 267 32.84 -39.50 32.70
C GLY H 267 32.71 -39.67 31.21
N VAL H 268 31.57 -39.30 30.64
CA VAL H 268 31.37 -39.47 29.19
C VAL H 268 32.27 -38.53 28.41
N GLY H 269 32.31 -37.26 28.78
CA GLY H 269 33.10 -36.27 28.08
C GLY H 269 32.24 -35.18 27.44
N ALA H 270 32.92 -34.16 26.95
CA ALA H 270 32.24 -33.02 26.35
C ALA H 270 31.59 -33.42 25.03
N GLY H 271 30.38 -32.91 24.81
CA GLY H 271 29.68 -33.16 23.56
C GLY H 271 30.13 -32.24 22.45
N MET H 272 29.58 -32.49 21.26
CA MET H 272 29.92 -31.68 20.10
C MET H 272 29.47 -30.24 20.29
N LYS H 273 30.30 -29.30 19.85
CA LYS H 273 29.93 -27.89 19.85
C LYS H 273 28.92 -27.66 18.73
N GLY H 274 27.66 -27.49 19.10
CA GLY H 274 26.61 -27.39 18.12
C GLY H 274 26.43 -25.98 17.59
N ILE H 275 25.31 -25.79 16.89
CA ILE H 275 24.89 -24.49 16.39
C ILE H 275 23.44 -24.30 16.77
N SER H 276 23.11 -23.12 17.31
CA SER H 276 21.72 -22.86 17.69
C SER H 276 20.80 -22.99 16.49
N ALA H 277 19.80 -23.85 16.62
CA ALA H 277 18.93 -24.14 15.48
C ALA H 277 18.16 -22.90 15.02
N ASP H 278 17.83 -21.99 15.95
CA ASP H 278 17.11 -20.78 15.58
C ASP H 278 17.99 -19.79 14.82
N MET H 279 19.30 -20.03 14.75
CA MET H 279 20.21 -19.15 14.04
C MET H 279 20.29 -19.46 12.54
N ILE H 280 19.77 -20.61 12.10
CA ILE H 280 19.94 -21.06 10.73
C ILE H 280 18.86 -20.41 9.87
N PRO H 281 19.21 -19.73 8.78
CA PRO H 281 18.18 -19.20 7.88
C PRO H 281 17.35 -20.32 7.26
N ALA H 282 16.10 -19.98 6.90
CA ALA H 282 15.19 -20.98 6.36
C ALA H 282 15.73 -21.59 5.07
N GLN H 283 16.28 -20.77 4.18
CA GLN H 283 16.82 -21.30 2.92
C GLN H 283 17.96 -22.27 3.15
N GLU H 284 18.67 -22.15 4.28
CA GLU H 284 19.76 -23.06 4.61
C GLU H 284 19.30 -24.27 5.42
N ALA H 285 18.05 -24.30 5.85
CA ALA H 285 17.57 -25.39 6.70
C ALA H 285 17.35 -26.65 5.87
N LEU H 286 18.04 -27.73 6.23
CA LEU H 286 17.87 -28.99 5.54
C LEU H 286 16.46 -29.55 5.73
N GLN H 287 15.82 -29.22 6.87
CA GLN H 287 14.49 -29.74 7.15
C GLN H 287 13.45 -29.29 6.14
N GLU H 288 13.67 -28.14 5.49
CA GLU H 288 12.73 -27.65 4.49
C GLU H 288 12.67 -28.54 3.25
N ARG H 289 13.71 -29.33 2.99
CA ARG H 289 13.67 -30.32 1.93
C ARG H 289 12.78 -31.49 2.36
N GLY H 290 12.32 -32.24 1.37
CA GLY H 290 11.37 -33.31 1.65
C GLY H 290 9.95 -32.79 1.72
N TRP H 291 9.55 -32.07 0.68
CA TRP H 291 8.19 -31.55 0.53
C TRP H 291 7.12 -32.62 0.73
N HIS I 1 20.45 -24.94 -50.13
CA HIS I 1 20.71 -25.32 -48.74
C HIS I 1 20.26 -26.75 -48.46
N GLY I 2 20.84 -27.34 -47.42
CA GLY I 2 20.48 -28.68 -47.02
C GLY I 2 19.00 -28.82 -46.67
N THR I 3 18.37 -29.87 -47.18
CA THR I 3 16.96 -30.10 -46.88
C THR I 3 16.78 -30.41 -45.40
N GLU I 4 15.61 -30.03 -44.88
CA GLU I 4 15.33 -30.22 -43.46
C GLU I 4 15.43 -31.70 -43.08
N LEU I 5 15.12 -32.60 -44.02
CA LEU I 5 15.21 -34.03 -43.73
C LEU I 5 16.65 -34.45 -43.46
N ILE I 6 17.60 -33.98 -44.27
CA ILE I 6 18.99 -34.37 -44.09
C ILE I 6 19.54 -33.75 -42.81
N LYS I 7 19.19 -32.51 -42.48
CA LYS I 7 19.57 -31.91 -41.17
C LYS I 7 18.88 -32.71 -40.04
N ARG I 8 17.68 -33.28 -40.26
CA ARG I 8 16.91 -34.12 -39.30
C ARG I 8 17.28 -35.57 -39.58
N GLY I 9 18.43 -35.81 -40.23
CA GLY I 9 19.00 -37.15 -40.49
C GLY I 9 20.47 -37.18 -40.09
N PHE I 10 21.00 -36.04 -39.64
CA PHE I 10 22.37 -35.97 -39.09
C PHE I 10 22.16 -35.95 -37.59
N ALA I 11 21.03 -35.36 -37.14
CA ALA I 11 20.72 -35.36 -35.70
C ALA I 11 20.30 -36.77 -35.21
N ARG I 12 19.78 -37.70 -36.05
CA ARG I 12 19.30 -39.01 -35.63
C ARG I 12 20.44 -40.02 -35.50
N MET I 13 21.56 -39.79 -36.19
CA MET I 13 22.70 -40.69 -36.05
C MET I 13 23.30 -40.64 -34.65
N GLN I 14 23.05 -39.56 -33.91
CA GLN I 14 23.65 -39.37 -32.60
C GLN I 14 22.88 -40.06 -31.48
N LYS I 15 21.82 -40.81 -31.81
CA LYS I 15 21.00 -41.43 -30.78
C LYS I 15 21.79 -42.46 -29.98
N GLY I 16 21.55 -42.48 -28.67
CA GLY I 16 22.17 -43.47 -27.81
C GLY I 16 23.65 -43.35 -27.64
N GLY I 17 24.20 -42.13 -27.58
CA GLY I 17 25.61 -41.91 -27.41
C GLY I 17 25.92 -40.85 -26.36
N VAL I 18 27.19 -40.45 -26.35
CA VAL I 18 27.70 -39.44 -25.44
C VAL I 18 28.51 -38.44 -26.25
N ILE I 19 28.32 -37.15 -25.96
CA ILE I 19 29.08 -36.06 -26.56
C ILE I 19 29.87 -35.38 -25.46
N MET I 20 31.19 -35.32 -25.62
CA MET I 20 32.10 -34.83 -24.59
C MET I 20 32.74 -33.53 -25.05
N ASP I 21 32.67 -32.52 -24.20
CA ASP I 21 33.26 -31.22 -24.52
C ASP I 21 34.75 -31.24 -24.24
N VAL I 22 35.55 -30.83 -25.22
CA VAL I 22 37.01 -30.87 -25.14
C VAL I 22 37.55 -29.51 -25.54
N THR I 23 38.77 -29.22 -25.07
CA THR I 23 39.41 -27.94 -25.32
C THR I 23 40.74 -28.05 -26.06
N THR I 24 41.40 -29.20 -26.00
CA THR I 24 42.70 -29.39 -26.61
C THR I 24 42.69 -30.66 -27.44
N PRO I 25 43.62 -30.79 -28.39
CA PRO I 25 43.66 -32.03 -29.19
C PRO I 25 43.80 -33.29 -28.35
N GLU I 26 44.56 -33.24 -27.26
CA GLU I 26 44.74 -34.44 -26.44
C GLU I 26 43.43 -34.85 -25.78
N GLN I 27 42.66 -33.89 -25.28
CA GLN I 27 41.35 -34.22 -24.72
C GLN I 27 40.44 -34.78 -25.81
N ALA I 28 40.54 -34.25 -27.03
CA ALA I 28 39.75 -34.79 -28.14
C ALA I 28 40.14 -36.23 -28.43
N ARG I 29 41.44 -36.54 -28.37
CA ARG I 29 41.87 -37.91 -28.58
C ARG I 29 41.36 -38.82 -27.47
N ILE I 30 41.34 -38.33 -26.23
CA ILE I 30 40.86 -39.14 -25.12
C ILE I 30 39.42 -39.56 -25.34
N ALA I 31 38.57 -38.60 -25.72
CA ALA I 31 37.14 -38.89 -25.85
C ALA I 31 36.89 -39.94 -26.92
N GLU I 32 37.60 -39.86 -28.04
CA GLU I 32 37.38 -40.82 -29.12
C GLU I 32 37.71 -42.23 -28.67
N GLU I 33 38.79 -42.41 -27.91
CA GLU I 33 39.15 -43.75 -27.46
C GLU I 33 38.12 -44.33 -26.52
N ALA I 34 37.46 -43.49 -25.72
CA ALA I 34 36.42 -43.95 -24.80
C ALA I 34 35.17 -44.42 -25.52
N GLY I 35 35.04 -44.13 -26.82
CA GLY I 35 33.88 -44.54 -27.58
C GLY I 35 32.81 -43.48 -27.74
N ALA I 36 33.15 -42.21 -27.64
CA ALA I 36 32.15 -41.15 -27.79
C ALA I 36 31.70 -41.05 -29.24
N VAL I 37 30.59 -40.36 -29.46
CA VAL I 37 30.05 -40.20 -30.80
C VAL I 37 30.39 -38.85 -31.41
N ALA I 38 30.78 -37.86 -30.61
CA ALA I 38 31.15 -36.55 -31.13
C ALA I 38 31.84 -35.77 -30.02
N VAL I 39 32.48 -34.67 -30.41
CA VAL I 39 33.17 -33.78 -29.49
C VAL I 39 32.69 -32.37 -29.77
N MET I 40 32.79 -31.50 -28.77
CA MET I 40 32.34 -30.12 -28.88
C MET I 40 33.51 -29.21 -28.52
N ALA I 41 34.18 -28.67 -29.54
CA ALA I 41 35.34 -27.82 -29.31
C ALA I 41 34.91 -26.47 -28.75
N LEU I 42 35.51 -26.07 -27.64
CA LEU I 42 35.26 -24.75 -27.06
C LEU I 42 36.52 -24.29 -26.33
N GLN I 43 36.56 -23.00 -26.03
CA GLN I 43 37.76 -22.42 -25.42
C GLN I 43 37.96 -22.89 -23.98
N ALA I 44 36.87 -23.14 -23.26
CA ALA I 44 36.94 -23.54 -21.87
C ALA I 44 35.61 -24.17 -21.47
N VAL I 45 35.69 -25.19 -20.61
CA VAL I 45 34.51 -25.93 -20.19
C VAL I 45 33.58 -25.00 -19.42
N PRO I 46 32.27 -25.28 -19.38
CA PRO I 46 31.36 -24.33 -18.71
C PRO I 46 31.72 -24.05 -17.26
N ALA I 47 32.40 -24.99 -16.60
CA ALA I 47 32.82 -24.75 -15.21
C ALA I 47 33.80 -23.58 -15.13
N ASP I 48 34.73 -23.50 -16.08
CA ASP I 48 35.69 -22.40 -16.09
C ASP I 48 35.04 -21.08 -16.47
N ILE I 49 34.02 -21.13 -17.32
CA ILE I 49 33.38 -19.89 -17.79
C ILE I 49 32.75 -19.14 -16.63
N ARG I 50 32.10 -19.86 -15.71
CA ARG I 50 31.59 -19.21 -14.51
C ARG I 50 32.72 -18.60 -13.69
N LYS I 51 33.82 -19.34 -13.54
CA LYS I 51 34.93 -18.86 -12.72
C LYS I 51 35.61 -17.66 -13.35
N ALA I 52 35.90 -17.72 -14.65
CA ALA I 52 36.64 -16.64 -15.30
C ALA I 52 35.77 -15.39 -15.50
N GLY I 53 34.49 -15.56 -15.77
CA GLY I 53 33.66 -14.40 -15.99
C GLY I 53 34.02 -13.71 -17.30
N GLY I 54 33.72 -12.42 -17.35
CA GLY I 54 34.01 -11.64 -18.54
C GLY I 54 33.05 -11.98 -19.67
N VAL I 55 33.52 -11.75 -20.89
CA VAL I 55 32.74 -12.00 -22.11
C VAL I 55 33.32 -13.25 -22.77
N ALA I 56 32.47 -14.22 -23.05
CA ALA I 56 32.88 -15.44 -23.74
C ALA I 56 32.44 -15.36 -25.19
N ARG I 57 33.27 -15.89 -26.09
CA ARG I 57 33.02 -15.79 -27.52
C ARG I 57 33.28 -17.14 -28.17
N MET I 58 33.17 -17.16 -29.51
CA MET I 58 33.49 -18.34 -30.27
C MET I 58 34.97 -18.69 -30.11
N ALA I 59 35.27 -19.99 -30.09
CA ALA I 59 36.65 -20.44 -29.96
C ALA I 59 37.51 -19.86 -31.07
N ASP I 60 38.82 -19.87 -30.83
CA ASP I 60 39.76 -19.43 -31.84
C ASP I 60 39.67 -20.37 -33.05
N PRO I 61 39.62 -19.85 -34.27
CA PRO I 61 39.56 -20.76 -35.43
C PRO I 61 40.74 -21.70 -35.51
N GLU I 62 41.89 -21.36 -34.92
CA GLU I 62 43.03 -22.26 -34.95
C GLU I 62 42.74 -23.54 -34.17
N ILE I 63 42.08 -23.43 -33.01
CA ILE I 63 41.81 -24.60 -32.20
C ILE I 63 40.87 -25.55 -32.92
N VAL I 64 39.74 -25.03 -33.41
CA VAL I 64 38.74 -25.90 -34.02
C VAL I 64 39.32 -26.62 -35.24
N GLN I 65 40.32 -26.02 -35.88
CA GLN I 65 40.97 -26.67 -37.00
C GLN I 65 41.87 -27.80 -36.53
N GLN I 66 42.48 -27.65 -35.35
CA GLN I 66 43.38 -28.68 -34.85
C GLN I 66 42.61 -29.89 -34.35
N ILE I 67 41.51 -29.66 -33.64
CA ILE I 67 40.69 -30.77 -33.13
C ILE I 67 40.16 -31.60 -34.29
N ILE I 68 39.66 -30.93 -35.35
CA ILE I 68 39.08 -31.64 -36.48
C ILE I 68 40.11 -32.58 -37.10
N GLU I 69 41.36 -32.14 -37.20
CA GLU I 69 42.41 -32.97 -37.76
C GLU I 69 42.82 -34.11 -36.84
N THR I 70 42.35 -34.10 -35.59
CA THR I 70 42.78 -35.08 -34.59
C THR I 70 41.81 -36.24 -34.43
N VAL I 71 40.52 -36.01 -34.66
CA VAL I 71 39.49 -37.02 -34.41
C VAL I 71 38.80 -37.36 -35.72
N THR I 72 38.17 -38.54 -35.74
CA THR I 72 37.38 -38.99 -36.88
C THR I 72 35.89 -38.79 -36.70
N ILE I 73 35.41 -38.73 -35.46
CA ILE I 73 33.99 -38.48 -35.18
C ILE I 73 33.66 -37.03 -35.51
N PRO I 74 32.39 -36.70 -35.76
CA PRO I 74 32.05 -35.32 -36.10
C PRO I 74 32.45 -34.35 -35.01
N VAL I 75 32.80 -33.13 -35.41
CA VAL I 75 33.20 -32.07 -34.50
C VAL I 75 32.14 -30.98 -34.53
N MET I 76 31.70 -30.56 -33.35
CA MET I 76 30.77 -29.45 -33.22
C MET I 76 31.48 -28.23 -32.65
N ALA I 77 30.74 -27.14 -32.55
CA ALA I 77 31.28 -25.87 -32.09
C ALA I 77 30.14 -25.07 -31.47
N LYS I 78 30.50 -24.01 -30.75
CA LYS I 78 29.51 -23.14 -30.13
C LYS I 78 29.56 -21.74 -30.75
N ALA I 79 28.42 -21.08 -30.77
CA ALA I 79 28.30 -19.71 -31.23
C ALA I 79 27.38 -18.94 -30.30
N ARG I 80 27.57 -17.63 -30.26
CA ARG I 80 26.74 -16.79 -29.39
C ARG I 80 25.33 -16.68 -29.95
N ILE I 81 24.37 -16.39 -29.08
CA ILE I 81 22.98 -16.28 -29.52
C ILE I 81 22.83 -15.07 -30.42
N GLY I 82 22.26 -15.29 -31.61
CA GLY I 82 21.96 -14.21 -32.51
C GLY I 82 23.12 -13.72 -33.33
N HIS I 83 24.29 -14.35 -33.25
CA HIS I 83 25.47 -13.92 -33.98
C HIS I 83 25.58 -14.74 -35.26
N PHE I 84 24.82 -14.32 -36.27
CA PHE I 84 24.72 -15.12 -37.50
C PHE I 84 26.01 -15.08 -38.30
N VAL I 85 26.96 -14.21 -37.95
CA VAL I 85 28.23 -14.18 -38.66
C VAL I 85 29.22 -15.18 -38.06
N GLU I 86 29.18 -15.37 -36.74
CA GLU I 86 30.02 -16.40 -36.14
C GLU I 86 29.65 -17.79 -36.65
N ALA I 87 28.34 -18.07 -36.75
CA ALA I 87 27.91 -19.35 -37.31
C ALA I 87 28.33 -19.50 -38.76
N GLU I 88 28.61 -18.39 -39.44
CA GLU I 88 29.09 -18.47 -40.82
C GLU I 88 30.56 -18.87 -40.87
N ILE I 89 31.36 -18.39 -39.92
CA ILE I 89 32.78 -18.72 -39.92
C ILE I 89 33.01 -20.17 -39.55
N LEU I 90 32.25 -20.68 -38.57
CA LEU I 90 32.39 -22.08 -38.18
C LEU I 90 32.03 -23.01 -39.34
N GLU I 91 30.92 -22.73 -40.02
CA GLU I 91 30.49 -23.57 -41.13
C GLU I 91 31.57 -23.66 -42.20
N ALA I 92 32.26 -22.54 -42.47
CA ALA I 92 33.32 -22.55 -43.47
C ALA I 92 34.50 -23.40 -43.02
N LEU I 93 34.70 -23.56 -41.71
CA LEU I 93 35.81 -24.36 -41.19
C LEU I 93 35.59 -25.86 -41.37
N GLY I 94 34.35 -26.31 -41.47
CA GLY I 94 34.07 -27.72 -41.66
C GLY I 94 33.41 -28.42 -40.51
N VAL I 95 32.90 -27.68 -39.51
CA VAL I 95 32.19 -28.32 -38.42
C VAL I 95 30.91 -28.93 -38.96
N ASP I 96 30.45 -30.01 -38.30
CA ASP I 96 29.27 -30.73 -38.76
C ASP I 96 27.99 -30.27 -38.09
N MET I 97 28.08 -29.50 -37.01
CA MET I 97 26.90 -29.02 -36.30
C MET I 97 27.31 -27.84 -35.42
N VAL I 98 26.50 -26.79 -35.46
CA VAL I 98 26.78 -25.57 -34.71
C VAL I 98 25.76 -25.47 -33.58
N ASP I 99 26.24 -25.20 -32.37
CA ASP I 99 25.41 -25.23 -31.17
C ASP I 99 25.21 -23.81 -30.67
N GLU I 100 23.99 -23.30 -30.82
CA GLU I 100 23.64 -21.98 -30.29
C GLU I 100 23.57 -22.08 -28.77
N SER I 101 24.69 -21.80 -28.12
CA SER I 101 24.86 -22.04 -26.70
C SER I 101 24.37 -20.83 -25.91
N GLU I 102 23.66 -21.10 -24.81
CA GLU I 102 23.33 -20.04 -23.86
C GLU I 102 24.45 -19.81 -22.86
N VAL I 103 25.45 -20.70 -22.83
CA VAL I 103 26.59 -20.51 -21.95
C VAL I 103 27.37 -19.26 -22.34
N LEU I 104 27.58 -19.05 -23.64
CA LEU I 104 28.30 -17.89 -24.13
C LEU I 104 27.43 -16.64 -24.00
N THR I 105 28.06 -15.49 -24.10
CA THR I 105 27.37 -14.21 -23.91
C THR I 105 26.44 -13.95 -25.09
N PRO I 106 25.15 -13.70 -24.88
CA PRO I 106 24.27 -13.39 -26.01
C PRO I 106 24.74 -12.15 -26.76
N ALA I 107 24.63 -12.20 -28.08
CA ALA I 107 24.99 -11.07 -28.92
C ALA I 107 23.77 -10.26 -29.38
N ASP I 108 22.59 -10.89 -29.42
CA ASP I 108 21.37 -10.24 -29.85
C ASP I 108 20.31 -10.43 -28.77
N PRO I 109 19.88 -9.39 -28.05
CA PRO I 109 18.99 -9.60 -26.91
C PRO I 109 17.52 -9.81 -27.27
N PHE I 110 17.17 -9.89 -28.55
CA PHE I 110 15.79 -10.07 -28.98
C PHE I 110 15.58 -11.30 -29.86
N TYR I 111 16.50 -11.58 -30.77
CA TYR I 111 16.28 -12.59 -31.81
C TYR I 111 17.37 -13.66 -31.76
N HIS I 112 17.03 -14.84 -32.27
CA HIS I 112 18.01 -15.89 -32.49
C HIS I 112 18.40 -15.90 -33.97
N ILE I 113 19.35 -16.77 -34.32
CA ILE I 113 19.75 -16.88 -35.72
C ILE I 113 18.56 -17.35 -36.53
N ASP I 114 18.57 -17.03 -37.83
CA ASP I 114 17.61 -17.59 -38.77
C ASP I 114 18.24 -18.84 -39.36
N LYS I 115 17.99 -19.98 -38.70
CA LYS I 115 18.75 -21.19 -38.96
C LYS I 115 18.34 -21.90 -40.24
N THR I 116 17.30 -21.44 -40.94
CA THR I 116 16.89 -22.09 -42.17
C THR I 116 17.72 -21.67 -43.37
N GLN I 117 18.51 -20.62 -43.25
CA GLN I 117 19.32 -20.11 -44.35
C GLN I 117 20.67 -20.82 -44.48
N PHE I 118 21.02 -21.67 -43.54
CA PHE I 118 22.33 -22.30 -43.48
C PHE I 118 22.21 -23.76 -43.89
N THR I 119 23.36 -24.42 -44.05
CA THR I 119 23.39 -25.84 -44.40
C THR I 119 23.73 -26.73 -43.22
N VAL I 120 24.60 -26.29 -42.33
CA VAL I 120 24.98 -27.14 -41.20
C VAL I 120 23.82 -27.19 -40.20
N PRO I 121 23.43 -28.36 -39.69
CA PRO I 121 22.36 -28.42 -38.70
C PRO I 121 22.77 -27.79 -37.39
N PHE I 122 21.75 -27.32 -36.65
CA PHE I 122 21.94 -26.59 -35.40
C PHE I 122 21.39 -27.41 -34.24
N VAL I 123 21.72 -27.00 -33.02
CA VAL I 123 21.13 -27.53 -31.81
C VAL I 123 20.89 -26.37 -30.86
N CYS I 124 19.73 -26.35 -30.20
CA CYS I 124 19.33 -25.22 -29.38
C CYS I 124 18.76 -25.70 -28.06
N GLY I 125 18.79 -24.81 -27.07
CA GLY I 125 18.31 -25.14 -25.74
C GLY I 125 16.80 -25.02 -25.63
N ALA I 126 16.26 -25.52 -24.52
CA ALA I 126 14.83 -25.51 -24.28
C ALA I 126 14.56 -25.85 -22.82
N ARG I 127 13.70 -25.04 -22.18
CA ARG I 127 13.28 -25.31 -20.81
C ARG I 127 11.92 -25.97 -20.70
N ASN I 128 11.03 -25.78 -21.68
CA ASN I 128 9.69 -26.34 -21.64
C ASN I 128 9.26 -26.65 -23.06
N LEU I 129 7.98 -27.01 -23.21
CA LEU I 129 7.48 -27.38 -24.53
C LEU I 129 7.34 -26.17 -25.44
N GLY I 130 7.01 -25.01 -24.86
CA GLY I 130 6.88 -23.82 -25.68
C GLY I 130 8.17 -23.44 -26.37
N GLU I 131 9.28 -23.52 -25.64
CA GLU I 131 10.57 -23.14 -26.22
C GLU I 131 11.04 -24.17 -27.24
N ALA I 132 10.77 -25.45 -26.99
CA ALA I 132 11.17 -26.48 -27.94
C ALA I 132 10.50 -26.29 -29.29
N LEU I 133 9.23 -25.89 -29.28
CA LEU I 133 8.47 -25.79 -30.53
C LEU I 133 8.84 -24.53 -31.31
N ARG I 134 9.12 -23.42 -30.62
CA ARG I 134 9.56 -22.21 -31.33
C ARG I 134 10.90 -22.44 -32.02
N ARG I 135 11.84 -23.11 -31.33
CA ARG I 135 13.15 -23.35 -31.92
C ARG I 135 13.05 -24.21 -33.17
N ILE I 136 12.21 -25.24 -33.14
CA ILE I 136 12.06 -26.10 -34.32
C ILE I 136 11.45 -25.32 -35.47
N ASN I 137 10.63 -24.32 -35.15
CA ASN I 137 10.05 -23.48 -36.20
C ASN I 137 11.12 -22.73 -36.96
N GLU I 138 12.15 -22.25 -36.26
CA GLU I 138 13.24 -21.51 -36.88
C GLU I 138 14.22 -22.40 -37.64
N GLY I 139 14.14 -23.71 -37.47
CA GLY I 139 14.99 -24.64 -38.20
C GLY I 139 15.94 -25.46 -37.35
N ALA I 140 15.80 -25.46 -36.03
CA ALA I 140 16.66 -26.26 -35.18
C ALA I 140 16.53 -27.74 -35.52
N ALA I 141 17.66 -28.42 -35.66
CA ALA I 141 17.66 -29.84 -35.99
C ALA I 141 17.90 -30.73 -34.79
N MET I 142 17.83 -30.19 -33.57
CA MET I 142 18.00 -30.97 -32.35
C MET I 142 17.71 -30.05 -31.17
N ILE I 143 17.33 -30.63 -30.05
CA ILE I 143 17.04 -29.87 -28.85
C ILE I 143 17.74 -30.53 -27.67
N ARG I 144 18.26 -29.70 -26.77
CA ARG I 144 18.86 -30.16 -25.53
C ARG I 144 18.40 -29.28 -24.38
N THR I 145 18.05 -29.91 -23.26
CA THR I 145 17.59 -29.17 -22.11
C THR I 145 18.69 -28.24 -21.60
N LYS I 146 18.28 -27.05 -21.14
CA LYS I 146 19.26 -26.07 -20.69
C LYS I 146 19.98 -26.55 -19.44
N GLY I 147 19.24 -26.98 -18.43
CA GLY I 147 19.85 -27.34 -17.16
C GLY I 147 20.54 -26.15 -16.52
N GLU I 148 21.62 -26.43 -15.79
CA GLU I 148 22.44 -25.39 -15.16
C GLU I 148 23.90 -25.77 -15.41
N ALA I 149 24.46 -25.26 -16.50
CA ALA I 149 25.78 -25.71 -16.94
C ALA I 149 26.86 -25.35 -15.92
N GLY I 150 27.77 -26.30 -15.69
CA GLY I 150 28.92 -26.08 -14.85
C GLY I 150 28.71 -26.28 -13.36
N THR I 151 27.53 -26.74 -12.94
CA THR I 151 27.25 -26.90 -11.52
C THR I 151 27.41 -28.34 -11.04
N GLY I 152 27.32 -29.33 -11.93
CA GLY I 152 27.39 -30.71 -11.49
C GLY I 152 26.19 -31.17 -10.72
N ASP I 153 25.07 -30.46 -10.82
CA ASP I 153 23.83 -30.81 -10.14
C ASP I 153 22.80 -31.21 -11.19
N VAL I 154 22.29 -32.44 -11.09
CA VAL I 154 21.36 -32.96 -12.08
C VAL I 154 19.93 -32.63 -11.68
N SER I 155 19.77 -31.74 -10.70
CA SER I 155 18.43 -31.35 -10.28
C SER I 155 17.73 -30.53 -11.36
N GLN I 156 18.47 -29.62 -12.01
CA GLN I 156 17.84 -28.74 -12.99
C GLN I 156 17.55 -29.47 -14.30
N ALA I 157 18.45 -30.35 -14.74
CA ALA I 157 18.21 -31.07 -15.99
C ALA I 157 16.99 -31.96 -15.87
N VAL I 158 16.80 -32.62 -14.73
CA VAL I 158 15.63 -33.48 -14.54
C VAL I 158 14.37 -32.63 -14.53
N LYS I 159 14.42 -31.46 -13.90
CA LYS I 159 13.25 -30.58 -13.86
C LYS I 159 12.80 -30.22 -15.28
N HIS I 160 13.74 -29.77 -16.12
CA HIS I 160 13.38 -29.36 -17.47
C HIS I 160 12.96 -30.55 -18.33
N MET I 161 13.49 -31.74 -18.03
CA MET I 161 13.15 -32.90 -18.83
C MET I 161 11.76 -33.42 -18.50
N LYS I 162 11.28 -33.15 -17.28
CA LYS I 162 9.93 -33.55 -16.92
C LYS I 162 8.91 -32.49 -17.33
N GLN I 163 9.38 -31.25 -17.54
CA GLN I 163 8.50 -30.21 -18.06
C GLN I 163 8.19 -30.45 -19.53
N ILE I 164 9.21 -30.77 -20.33
CA ILE I 164 8.99 -31.02 -21.74
C ILE I 164 8.20 -32.31 -21.94
N GLN I 165 8.61 -33.39 -21.27
CA GLN I 165 7.96 -34.67 -21.45
C GLN I 165 6.63 -34.74 -20.70
N GLY I 166 6.50 -34.00 -19.62
CA GLY I 166 5.22 -33.97 -18.92
C GLY I 166 4.12 -33.33 -19.73
N GLU I 167 4.44 -32.25 -20.46
CA GLU I 167 3.44 -31.57 -21.26
C GLU I 167 3.04 -32.40 -22.47
N ILE I 168 3.99 -33.09 -23.09
CA ILE I 168 3.68 -33.85 -24.30
C ILE I 168 2.73 -34.99 -23.99
N ARG I 169 2.72 -35.46 -22.74
CA ARG I 169 1.82 -36.55 -22.37
C ARG I 169 0.39 -36.05 -22.14
N ALA I 170 0.25 -34.81 -21.67
CA ALA I 170 -1.09 -34.25 -21.50
C ALA I 170 -1.80 -34.03 -22.82
N LEU I 171 -1.06 -33.75 -23.89
CA LEU I 171 -1.68 -33.48 -25.19
C LEU I 171 -2.39 -34.68 -25.77
N ALA I 172 -2.17 -35.88 -25.25
CA ALA I 172 -2.87 -37.05 -25.76
C ALA I 172 -4.32 -37.02 -25.33
N GLY I 173 -5.23 -37.27 -26.28
CA GLY I 173 -6.64 -37.30 -26.00
C GLY I 173 -7.37 -35.99 -26.23
N LYS I 174 -6.66 -34.87 -26.27
CA LYS I 174 -7.31 -33.57 -26.45
C LYS I 174 -7.92 -33.46 -27.83
N THR I 175 -8.95 -32.63 -27.94
CA THR I 175 -9.63 -32.39 -29.21
C THR I 175 -9.05 -31.16 -29.90
N LYS I 176 -9.31 -31.06 -31.21
CA LYS I 176 -8.71 -29.97 -31.99
C LYS I 176 -9.01 -28.61 -31.38
N GLU I 177 -10.26 -28.39 -30.95
CA GLU I 177 -10.61 -27.09 -30.38
C GLU I 177 -9.76 -26.79 -29.15
N GLU I 178 -9.18 -27.82 -28.53
CA GLU I 178 -8.39 -27.62 -27.32
C GLU I 178 -6.90 -27.48 -27.63
N LEU I 179 -6.41 -28.24 -28.61
CA LEU I 179 -5.02 -28.10 -29.01
C LEU I 179 -4.72 -26.70 -29.54
N ILE I 180 -5.74 -26.01 -30.06
CA ILE I 180 -5.57 -24.62 -30.47
C ILE I 180 -5.42 -23.72 -29.25
N MET I 181 -6.16 -24.01 -28.17
CA MET I 181 -6.02 -23.22 -26.95
C MET I 181 -4.65 -23.40 -26.32
N VAL I 182 -4.11 -24.62 -26.34
CA VAL I 182 -2.78 -24.85 -25.76
C VAL I 182 -1.74 -24.05 -26.53
N ALA I 183 -1.80 -24.07 -27.86
CA ALA I 183 -0.81 -23.37 -28.67
C ALA I 183 -0.77 -21.89 -28.32
N ARG I 184 -1.89 -21.34 -27.86
CA ARG I 184 -1.89 -19.95 -27.39
C ARG I 184 -1.16 -19.81 -26.07
N GLU I 185 -1.46 -20.69 -25.10
CA GLU I 185 -0.88 -20.55 -23.78
C GLU I 185 0.63 -20.71 -23.82
N ILE I 186 1.14 -21.70 -24.57
CA ILE I 186 2.57 -21.93 -24.71
C ILE I 186 3.17 -21.11 -25.85
N GLU I 187 2.35 -20.38 -26.60
CA GLU I 187 2.83 -19.46 -27.62
C GLU I 187 3.63 -20.19 -28.69
N ALA I 188 3.11 -21.34 -29.12
CA ALA I 188 3.78 -22.16 -30.12
C ALA I 188 2.95 -22.24 -31.39
N PRO I 189 3.57 -22.53 -32.53
CA PRO I 189 2.78 -22.72 -33.76
C PRO I 189 1.78 -23.86 -33.61
N ILE I 190 0.59 -23.66 -34.17
CA ILE I 190 -0.45 -24.68 -34.04
C ILE I 190 -0.15 -25.89 -34.91
N GLU I 191 0.62 -25.72 -35.97
CA GLU I 191 0.98 -26.86 -36.81
C GLU I 191 1.85 -27.85 -36.05
N LEU I 192 2.78 -27.35 -35.24
CA LEU I 192 3.66 -28.24 -34.48
C LEU I 192 2.94 -28.90 -33.31
N VAL I 193 2.09 -28.14 -32.60
CA VAL I 193 1.43 -28.70 -31.43
C VAL I 193 0.55 -29.88 -31.81
N VAL I 194 0.11 -29.93 -33.08
CA VAL I 194 -0.66 -31.07 -33.54
C VAL I 194 0.26 -32.20 -33.99
N GLU I 195 1.42 -31.86 -34.56
CA GLU I 195 2.40 -32.89 -34.93
C GLU I 195 2.98 -33.54 -33.69
N THR I 196 3.26 -32.75 -32.65
CA THR I 196 3.74 -33.32 -31.39
C THR I 196 2.69 -34.21 -30.76
N ALA I 197 1.44 -33.76 -30.71
CA ALA I 197 0.40 -34.52 -30.03
C ALA I 197 0.14 -35.86 -30.72
N LYS I 198 0.37 -35.92 -32.04
CA LYS I 198 0.17 -37.17 -32.75
C LYS I 198 1.34 -38.13 -32.53
N MET I 199 2.54 -37.59 -32.32
CA MET I 199 3.73 -38.43 -32.16
C MET I 199 4.05 -38.71 -30.70
N GLN I 200 3.60 -37.86 -29.78
CA GLN I 200 3.89 -38.01 -28.35
C GLN I 200 5.38 -37.89 -28.06
N ARG I 201 6.10 -37.15 -28.90
CA ARG I 201 7.50 -36.83 -28.66
C ARG I 201 7.87 -35.64 -29.52
N LEU I 202 8.94 -34.96 -29.14
CA LEU I 202 9.43 -33.86 -29.96
C LEU I 202 9.79 -34.39 -31.35
N PRO I 203 9.35 -33.72 -32.42
CA PRO I 203 9.61 -34.24 -33.77
C PRO I 203 11.09 -34.28 -34.14
N VAL I 204 12.00 -33.84 -33.27
CA VAL I 204 13.43 -33.87 -33.52
C VAL I 204 14.11 -34.53 -32.32
N VAL I 205 15.33 -35.03 -32.55
CA VAL I 205 16.07 -35.71 -31.50
C VAL I 205 16.26 -34.77 -30.32
N ASN I 206 16.20 -35.32 -29.11
CA ASN I 206 16.29 -34.54 -27.88
C ASN I 206 17.36 -35.14 -26.99
N PHE I 207 18.30 -34.31 -26.53
CA PHE I 207 19.39 -34.74 -25.66
C PHE I 207 19.24 -34.12 -24.28
N ALA I 208 20.14 -34.51 -23.37
CA ALA I 208 20.18 -33.97 -22.02
C ALA I 208 21.53 -33.31 -21.77
N ALA I 209 21.52 -32.13 -21.17
CA ALA I 209 22.74 -31.38 -20.94
C ALA I 209 22.64 -30.60 -19.65
N GLY I 210 23.77 -30.49 -18.96
CA GLY I 210 23.83 -29.70 -17.74
C GLY I 210 23.62 -30.52 -16.48
N GLY I 211 24.67 -30.66 -15.68
CA GLY I 211 24.57 -31.35 -14.42
C GLY I 211 24.91 -32.83 -14.44
N VAL I 212 25.19 -33.40 -15.61
CA VAL I 212 25.60 -34.79 -15.67
C VAL I 212 27.04 -34.90 -15.19
N ALA I 213 27.25 -35.60 -14.07
CA ALA I 213 28.55 -35.62 -13.41
C ALA I 213 29.02 -37.01 -13.00
N THR I 214 28.17 -38.03 -13.05
CA THR I 214 28.54 -39.37 -12.63
C THR I 214 27.86 -40.38 -13.54
N PRO I 215 28.35 -41.62 -13.57
CA PRO I 215 27.68 -42.65 -14.38
C PRO I 215 26.23 -42.87 -13.97
N ALA I 216 25.87 -42.57 -12.73
CA ALA I 216 24.48 -42.70 -12.31
C ALA I 216 23.61 -41.63 -12.94
N ASP I 217 24.07 -40.37 -12.94
CA ASP I 217 23.29 -39.29 -13.53
C ASP I 217 23.13 -39.47 -15.02
N ALA I 218 24.14 -40.02 -15.68
CA ALA I 218 24.04 -40.26 -17.13
C ALA I 218 22.92 -41.24 -17.44
N ALA I 219 22.82 -42.33 -16.65
CA ALA I 219 21.80 -43.33 -16.92
C ALA I 219 20.43 -42.89 -16.41
N LEU I 220 20.39 -41.90 -15.51
CA LEU I 220 19.11 -41.38 -15.06
C LEU I 220 18.41 -40.63 -16.19
N MET I 221 19.15 -39.80 -16.92
CA MET I 221 18.55 -39.04 -18.01
C MET I 221 18.05 -39.96 -19.11
N MET I 222 18.78 -41.03 -19.39
CA MET I 222 18.35 -41.98 -20.41
C MET I 222 17.10 -42.75 -19.96
N ARG I 223 16.90 -42.87 -18.64
CA ARG I 223 15.70 -43.52 -18.14
C ARG I 223 14.51 -42.58 -18.08
N LEU I 224 14.72 -41.27 -18.22
CA LEU I 224 13.61 -40.33 -18.30
C LEU I 224 13.14 -40.12 -19.73
N GLY I 225 13.80 -40.72 -20.72
CA GLY I 225 13.40 -40.61 -22.10
C GLY I 225 14.35 -39.90 -23.03
N ALA I 226 15.55 -39.54 -22.56
CA ALA I 226 16.51 -38.85 -23.43
C ALA I 226 17.05 -39.81 -24.48
N ASP I 227 17.55 -39.23 -25.57
CA ASP I 227 18.20 -40.01 -26.63
C ASP I 227 19.72 -40.03 -26.49
N GLY I 228 20.26 -39.35 -25.50
CA GLY I 228 21.70 -39.21 -25.35
C GLY I 228 21.98 -38.28 -24.19
N VAL I 229 23.23 -37.86 -24.09
CA VAL I 229 23.66 -36.99 -23.01
C VAL I 229 24.84 -36.14 -23.46
N PHE I 230 24.81 -34.86 -23.08
CA PHE I 230 25.92 -33.94 -23.26
C PHE I 230 26.67 -33.81 -21.94
N VAL I 231 27.93 -34.24 -21.93
CA VAL I 231 28.74 -34.24 -20.72
C VAL I 231 29.90 -33.27 -20.92
N GLY I 232 29.99 -32.25 -20.06
CA GLY I 232 31.00 -31.22 -20.20
C GLY I 232 32.03 -31.25 -19.09
N SER I 233 31.83 -30.37 -18.10
CA SER I 233 32.79 -30.25 -17.00
C SER I 233 32.88 -31.53 -16.17
N GLY I 234 31.88 -32.41 -16.27
CA GLY I 234 31.81 -33.55 -15.38
C GLY I 234 33.01 -34.49 -15.49
N ILE I 235 33.53 -34.69 -16.70
CA ILE I 235 34.53 -35.72 -16.95
C ILE I 235 35.92 -35.18 -16.67
N PHE I 236 36.27 -34.06 -17.29
CA PHE I 236 37.64 -33.56 -17.25
C PHE I 236 37.93 -32.69 -16.04
N LYS I 237 36.91 -32.37 -15.23
CA LYS I 237 37.13 -31.76 -13.92
C LYS I 237 37.06 -32.78 -12.79
N ALA I 238 36.95 -34.07 -13.11
CA ALA I 238 36.90 -35.12 -12.11
C ALA I 238 38.31 -35.53 -11.71
N GLU I 239 38.39 -36.49 -10.78
CA GLU I 239 39.69 -36.95 -10.30
C GLU I 239 40.48 -37.61 -11.42
N ASN I 240 39.84 -38.46 -12.21
CA ASN I 240 40.50 -39.21 -13.28
C ASN I 240 39.65 -39.11 -14.54
N PRO I 241 39.95 -38.16 -15.44
CA PRO I 241 39.14 -38.03 -16.65
C PRO I 241 39.09 -39.30 -17.49
N GLU I 242 40.19 -40.04 -17.57
CA GLU I 242 40.22 -41.22 -18.43
C GLU I 242 39.25 -42.29 -17.94
N LYS I 243 39.21 -42.54 -16.63
CA LYS I 243 38.32 -43.58 -16.11
C LYS I 243 36.87 -43.14 -16.13
N MET I 244 36.60 -41.88 -15.78
CA MET I 244 35.23 -41.37 -15.79
C MET I 244 34.66 -41.42 -17.21
N ALA I 245 35.49 -41.18 -18.22
CA ALA I 245 35.00 -41.13 -19.59
C ALA I 245 34.43 -42.49 -20.02
N LYS I 246 35.19 -43.56 -19.83
CA LYS I 246 34.71 -44.88 -20.22
C LYS I 246 33.50 -45.30 -19.40
N ALA I 247 33.44 -44.88 -18.14
CA ALA I 247 32.29 -45.24 -17.31
C ALA I 247 31.01 -44.60 -17.81
N VAL I 248 31.05 -43.30 -18.11
CA VAL I 248 29.84 -42.62 -18.57
C VAL I 248 29.37 -43.19 -19.90
N VAL I 249 30.30 -43.45 -20.82
CA VAL I 249 29.92 -44.02 -22.11
C VAL I 249 29.27 -45.39 -21.91
N GLU I 250 29.79 -46.17 -20.97
CA GLU I 250 29.23 -47.50 -20.73
C GLU I 250 27.93 -47.41 -19.95
N ALA I 251 27.76 -46.38 -19.13
CA ALA I 251 26.52 -46.22 -18.38
C ALA I 251 25.33 -46.04 -19.32
N VAL I 252 25.49 -45.23 -20.36
CA VAL I 252 24.38 -44.97 -21.28
C VAL I 252 24.00 -46.24 -22.04
N ASN I 253 24.96 -47.16 -22.24
CA ASN I 253 24.67 -48.37 -22.98
C ASN I 253 24.02 -49.45 -22.11
N ASN I 254 24.04 -49.30 -20.79
CA ASN I 254 23.41 -50.26 -19.88
C ASN I 254 22.55 -49.53 -18.86
N TYR I 255 21.83 -48.49 -19.29
CA TYR I 255 21.06 -47.69 -18.35
C TYR I 255 19.92 -48.47 -17.71
N ASP I 256 19.55 -49.62 -18.26
CA ASP I 256 18.42 -50.40 -17.76
C ASP I 256 18.82 -51.68 -17.06
N ASN I 257 20.10 -51.88 -16.78
CA ASN I 257 20.57 -53.10 -16.13
C ASN I 257 21.18 -52.76 -14.77
N PRO I 258 20.44 -52.87 -13.66
CA PRO I 258 21.00 -52.47 -12.36
C PRO I 258 22.26 -53.20 -11.97
N VAL I 259 22.37 -54.48 -12.30
CA VAL I 259 23.54 -55.25 -11.88
C VAL I 259 24.81 -54.67 -12.50
N LYS I 260 24.76 -54.37 -13.80
CA LYS I 260 25.94 -53.87 -14.48
C LYS I 260 26.32 -52.48 -13.98
N LEU I 261 25.33 -51.61 -13.75
CA LEU I 261 25.63 -50.25 -13.33
C LEU I 261 26.47 -50.22 -12.06
N ALA I 262 26.25 -51.17 -11.15
CA ALA I 262 27.09 -51.24 -9.96
C ALA I 262 28.54 -51.53 -10.33
N GLU I 263 28.76 -52.41 -11.30
CA GLU I 263 30.12 -52.73 -11.72
C GLU I 263 30.82 -51.51 -12.33
N ILE I 264 30.09 -50.73 -13.13
CA ILE I 264 30.70 -49.57 -13.78
C ILE I 264 31.14 -48.54 -12.75
N SER I 265 30.31 -48.28 -11.74
CA SER I 265 30.59 -47.22 -10.78
C SER I 265 31.74 -47.55 -9.84
N LYS I 266 32.24 -48.77 -9.85
CA LYS I 266 33.31 -49.16 -8.94
C LYS I 266 34.66 -48.78 -9.54
N GLY I 267 35.45 -48.01 -8.78
CA GLY I 267 36.78 -47.62 -9.22
C GLY I 267 36.81 -46.43 -10.14
N VAL I 268 35.68 -45.77 -10.38
CA VAL I 268 35.65 -44.63 -11.30
C VAL I 268 36.42 -43.45 -10.73
N GLY I 269 36.17 -43.11 -9.46
CA GLY I 269 36.81 -41.98 -8.82
C GLY I 269 35.82 -40.90 -8.42
N ALA I 270 36.33 -39.93 -7.66
CA ALA I 270 35.49 -38.84 -7.17
C ALA I 270 35.06 -37.94 -8.31
N GLY I 271 33.80 -37.51 -8.27
CA GLY I 271 33.27 -36.59 -9.26
C GLY I 271 33.64 -35.14 -8.96
N MET I 272 33.25 -34.28 -9.88
CA MET I 272 33.54 -32.86 -9.73
C MET I 272 32.79 -32.29 -8.53
N LYS I 273 33.47 -31.41 -7.80
CA LYS I 273 32.82 -30.69 -6.70
C LYS I 273 31.90 -29.64 -7.29
N GLY I 274 30.60 -29.89 -7.24
CA GLY I 274 29.64 -29.03 -7.87
C GLY I 274 29.24 -27.85 -7.01
N ILE I 275 28.18 -27.18 -7.45
CA ILE I 275 27.56 -26.08 -6.71
C ILE I 275 26.06 -26.34 -6.67
N SER I 276 25.46 -26.21 -5.50
CA SER I 276 24.02 -26.44 -5.37
C SER I 276 23.26 -25.49 -6.28
N ALA I 277 22.43 -26.07 -7.16
CA ALA I 277 21.75 -25.25 -8.16
C ALA I 277 20.80 -24.25 -7.53
N ASP I 278 20.22 -24.59 -6.38
CA ASP I 278 19.30 -23.66 -5.71
C ASP I 278 20.03 -22.48 -5.09
N MET I 279 21.36 -22.52 -5.03
CA MET I 279 22.15 -21.43 -4.47
C MET I 279 22.42 -20.30 -5.47
N ILE I 280 22.18 -20.53 -6.75
CA ILE I 280 22.56 -19.58 -7.80
C ILE I 280 21.46 -18.54 -7.93
N PRO I 281 21.77 -17.24 -7.84
CA PRO I 281 20.74 -16.22 -8.07
C PRO I 281 20.21 -16.29 -9.50
N ALA I 282 18.97 -15.84 -9.67
CA ALA I 282 18.33 -15.91 -10.98
C ALA I 282 19.08 -15.11 -12.03
N GLN I 283 19.54 -13.91 -11.68
CA GLN I 283 20.29 -13.09 -12.64
C GLN I 283 21.57 -13.77 -13.08
N GLU I 284 22.14 -14.65 -12.26
CA GLU I 284 23.35 -15.38 -12.61
C GLU I 284 23.07 -16.71 -13.31
N ALA I 285 21.81 -17.13 -13.39
CA ALA I 285 21.48 -18.42 -13.97
C ALA I 285 21.59 -18.37 -15.49
N LEU I 286 22.45 -19.22 -16.05
CA LEU I 286 22.59 -19.28 -17.50
C LEU I 286 21.31 -19.76 -18.16
N GLN I 287 20.52 -20.58 -17.45
CA GLN I 287 19.30 -21.13 -18.04
C GLN I 287 18.29 -20.04 -18.40
N GLU I 288 18.32 -18.90 -17.71
CA GLU I 288 17.40 -17.82 -18.02
C GLU I 288 17.64 -17.20 -19.41
N ARG I 289 18.83 -17.37 -19.97
CA ARG I 289 19.08 -16.97 -21.34
C ARG I 289 18.41 -17.95 -22.29
N GLY I 290 18.20 -17.51 -23.53
CA GLY I 290 17.46 -18.33 -24.48
C GLY I 290 15.96 -18.15 -24.32
N TRP I 291 15.53 -16.90 -24.33
CA TRP I 291 14.11 -16.53 -24.26
C TRP I 291 13.26 -17.28 -25.29
N HIS J 1 29.53 30.50 -41.89
CA HIS J 1 29.74 29.13 -41.43
C HIS J 1 29.55 28.14 -42.57
N GLY J 2 30.13 26.95 -42.42
CA GLY J 2 30.00 25.91 -43.42
C GLY J 2 28.57 25.51 -43.67
N THR J 3 28.20 25.38 -44.94
CA THR J 3 26.83 24.98 -45.29
C THR J 3 26.57 23.55 -44.83
N GLU J 4 25.31 23.28 -44.50
CA GLU J 4 24.95 21.94 -44.00
C GLU J 4 25.30 20.87 -45.01
N LEU J 5 25.26 21.21 -46.30
CA LEU J 5 25.60 20.22 -47.34
C LEU J 5 27.06 19.80 -47.24
N ILE J 6 27.97 20.76 -47.06
CA ILE J 6 29.39 20.44 -46.98
C ILE J 6 29.70 19.67 -45.71
N LYS J 7 29.07 20.01 -44.58
CA LYS J 7 29.21 19.21 -43.34
C LYS J 7 28.59 17.81 -43.56
N ARG J 8 27.55 17.69 -44.42
CA ARG J 8 26.86 16.41 -44.78
C ARG J 8 27.54 15.92 -46.07
N GLY J 9 28.77 16.37 -46.35
CA GLY J 9 29.61 15.91 -47.48
C GLY J 9 31.02 15.58 -46.98
N PHE J 10 31.27 15.82 -45.68
CA PHE J 10 32.54 15.40 -45.05
C PHE J 10 32.19 14.12 -44.31
N ALA J 11 30.94 14.01 -43.85
CA ALA J 11 30.49 12.78 -43.17
C ALA J 11 30.32 11.63 -44.19
N ARG J 12 30.07 11.85 -45.51
CA ARG J 12 29.82 10.80 -46.48
C ARG J 12 31.12 10.19 -47.01
N MET J 13 32.23 10.92 -46.94
CA MET J 13 33.50 10.36 -47.38
C MET J 13 33.96 9.21 -46.49
N GLN J 14 33.42 9.12 -45.27
CA GLN J 14 33.85 8.12 -44.31
C GLN J 14 33.12 6.79 -44.49
N LYS J 15 32.27 6.65 -45.50
CA LYS J 15 31.49 5.43 -45.67
C LYS J 15 32.40 4.24 -45.95
N GLY J 16 32.05 3.10 -45.36
CA GLY J 16 32.76 1.86 -45.62
C GLY J 16 34.18 1.82 -45.11
N GLY J 17 34.46 2.40 -43.93
CA GLY J 17 35.78 2.40 -43.37
C GLY J 17 35.78 2.06 -41.89
N VAL J 18 36.94 2.28 -41.27
CA VAL J 18 37.16 2.05 -39.86
C VAL J 18 37.83 3.26 -39.25
N ILE J 19 37.36 3.68 -38.07
CA ILE J 19 37.94 4.78 -37.32
C ILE J 19 38.48 4.20 -36.02
N MET J 20 39.78 4.39 -35.78
CA MET J 20 40.47 3.79 -34.64
C MET J 20 40.88 4.87 -33.65
N ASP J 21 40.53 4.67 -32.38
CA ASP J 21 40.89 5.62 -31.34
C ASP J 21 42.33 5.41 -30.89
N VAL J 22 43.12 6.47 -30.89
CA VAL J 22 44.53 6.41 -30.56
C VAL J 22 44.85 7.47 -29.52
N THR J 23 45.93 7.24 -28.76
CA THR J 23 46.33 8.13 -27.69
C THR J 23 47.71 8.73 -27.88
N THR J 24 48.58 8.11 -28.66
CA THR J 24 49.95 8.55 -28.84
C THR J 24 50.26 8.61 -30.33
N PRO J 25 51.28 9.37 -30.72
CA PRO J 25 51.64 9.42 -32.15
C PRO J 25 51.94 8.06 -32.75
N GLU J 26 52.58 7.17 -31.99
CA GLU J 26 52.91 5.85 -32.52
C GLU J 26 51.65 5.05 -32.82
N GLN J 27 50.67 5.09 -31.92
CA GLN J 27 49.39 4.42 -32.21
C GLN J 27 48.72 5.04 -33.43
N ALA J 28 48.82 6.37 -33.58
CA ALA J 28 48.26 7.01 -34.76
C ALA J 28 48.95 6.53 -36.02
N ARG J 29 50.27 6.35 -35.97
CA ARG J 29 50.99 5.82 -37.12
C ARG J 29 50.56 4.39 -37.43
N ILE J 30 50.33 3.58 -36.39
CA ILE J 30 49.92 2.20 -36.61
C ILE J 30 48.61 2.15 -37.38
N ALA J 31 47.63 2.95 -36.96
CA ALA J 31 46.30 2.89 -37.57
C ALA J 31 46.36 3.25 -39.05
N GLU J 32 47.16 4.25 -39.40
CA GLU J 32 47.22 4.69 -40.78
C GLU J 32 47.78 3.59 -41.68
N GLU J 33 48.79 2.85 -41.21
CA GLU J 33 49.37 1.79 -42.01
C GLU J 33 48.37 0.65 -42.24
N ALA J 34 47.49 0.39 -41.28
CA ALA J 34 46.49 -0.65 -41.42
C ALA J 34 45.42 -0.30 -42.44
N GLY J 35 45.36 0.96 -42.89
CA GLY J 35 44.39 1.37 -43.87
C GLY J 35 43.15 2.03 -43.31
N ALA J 36 43.21 2.62 -42.12
CA ALA J 36 42.05 3.26 -41.53
C ALA J 36 41.73 4.55 -42.27
N VAL J 37 40.52 5.07 -42.04
CA VAL J 37 40.10 6.30 -42.72
C VAL J 37 40.22 7.52 -41.82
N ALA J 38 40.33 7.34 -40.51
CA ALA J 38 40.49 8.47 -39.60
C ALA J 38 40.91 7.94 -38.24
N VAL J 39 41.36 8.86 -37.38
CA VAL J 39 41.77 8.55 -36.02
C VAL J 39 41.05 9.51 -35.09
N MET J 40 40.89 9.10 -33.84
CA MET J 40 40.18 9.90 -32.84
C MET J 40 41.11 10.09 -31.65
N ALA J 41 41.75 11.25 -31.56
CA ALA J 41 42.70 11.51 -30.49
C ALA J 41 41.96 11.72 -29.18
N LEU J 42 42.38 11.00 -28.14
CA LEU J 42 41.82 11.18 -26.81
C LEU J 42 42.89 10.81 -25.79
N GLN J 43 42.64 11.22 -24.54
CA GLN J 43 43.65 11.03 -23.50
C GLN J 43 43.80 9.57 -23.11
N ALA J 44 42.71 8.80 -23.19
CA ALA J 44 42.73 7.40 -22.80
C ALA J 44 41.53 6.69 -23.41
N VAL J 45 41.73 5.44 -23.81
CA VAL J 45 40.68 4.67 -24.46
C VAL J 45 39.51 4.47 -23.50
N PRO J 46 38.29 4.27 -23.97
CA PRO J 46 37.15 4.16 -23.05
C PRO J 46 37.32 3.07 -22.00
N ALA J 47 38.09 2.03 -22.30
CA ALA J 47 38.33 0.98 -21.31
C ALA J 47 39.05 1.54 -20.08
N ASP J 48 40.03 2.41 -20.30
CA ASP J 48 40.77 3.00 -19.18
C ASP J 48 39.90 3.99 -18.42
N ILE J 49 38.98 4.68 -19.11
CA ILE J 49 38.18 5.71 -18.45
C ILE J 49 37.31 5.08 -17.37
N ARG J 50 36.72 3.92 -17.64
CA ARG J 50 35.98 3.22 -16.59
C ARG J 50 36.89 2.85 -15.43
N LYS J 51 38.10 2.36 -15.73
CA LYS J 51 39.02 1.93 -14.68
C LYS J 51 39.50 3.11 -13.84
N ALA J 52 39.92 4.20 -14.49
CA ALA J 52 40.48 5.33 -13.77
C ALA J 52 39.41 6.13 -13.02
N GLY J 53 38.21 6.23 -13.57
CA GLY J 53 37.20 7.01 -12.89
C GLY J 53 37.54 8.49 -12.91
N GLY J 54 37.00 9.19 -11.91
CA GLY J 54 37.24 10.62 -11.82
C GLY J 54 36.48 11.40 -12.88
N VAL J 55 37.00 12.57 -13.20
CA VAL J 55 36.40 13.47 -14.21
C VAL J 55 37.28 13.40 -15.45
N ALA J 56 36.67 13.12 -16.59
CA ALA J 56 37.37 13.08 -17.86
C ALA J 56 37.05 14.36 -18.64
N ARG J 57 38.05 14.87 -19.35
CA ARG J 57 37.92 16.15 -20.06
C ARG J 57 38.50 16.02 -21.46
N MET J 58 38.52 17.14 -22.17
CA MET J 58 39.14 17.20 -23.48
C MET J 58 40.63 16.91 -23.37
N ALA J 59 41.17 16.23 -24.38
CA ALA J 59 42.59 15.91 -24.39
C ALA J 59 43.43 17.18 -24.27
N ASP J 60 44.68 17.00 -23.89
CA ASP J 60 45.62 18.11 -23.83
C ASP J 60 45.83 18.65 -25.25
N PRO J 61 45.78 19.97 -25.45
CA PRO J 61 46.02 20.49 -26.81
C PRO J 61 47.35 20.11 -27.39
N GLU J 62 48.35 19.81 -26.55
CA GLU J 62 49.65 19.39 -27.06
C GLU J 62 49.55 18.05 -27.80
N ILE J 63 48.77 17.11 -27.26
CA ILE J 63 48.67 15.80 -27.88
C ILE J 63 47.99 15.90 -29.25
N VAL J 64 46.83 16.56 -29.31
CA VAL J 64 46.08 16.62 -30.56
C VAL J 64 46.91 17.30 -31.65
N GLN J 65 47.82 18.18 -31.25
CA GLN J 65 48.69 18.83 -32.23
C GLN J 65 49.74 17.85 -32.74
N GLN J 66 50.20 16.94 -31.89
CA GLN J 66 51.23 16.00 -32.30
C GLN J 66 50.67 14.92 -33.21
N ILE J 67 49.48 14.41 -32.90
CA ILE J 67 48.86 13.39 -33.75
C ILE J 67 48.61 13.95 -35.14
N ILE J 68 48.09 15.18 -35.23
CA ILE J 68 47.77 15.77 -36.52
C ILE J 68 49.01 15.83 -37.40
N GLU J 69 50.16 16.17 -36.82
CA GLU J 69 51.40 16.25 -37.57
C GLU J 69 51.93 14.88 -37.95
N THR J 70 51.36 13.80 -37.41
CA THR J 70 51.88 12.46 -37.63
C THR J 70 51.14 11.70 -38.72
N VAL J 71 49.85 11.98 -38.93
CA VAL J 71 49.02 11.23 -39.86
C VAL J 71 48.54 12.16 -40.97
N THR J 72 48.15 11.55 -42.08
CA THR J 72 47.58 12.28 -43.21
C THR J 72 46.07 12.20 -43.27
N ILE J 73 45.47 11.16 -42.70
CA ILE J 73 44.01 11.01 -42.66
C ILE J 73 43.43 12.04 -41.69
N PRO J 74 42.16 12.39 -41.82
CA PRO J 74 41.58 13.39 -40.91
C PRO J 74 41.68 12.96 -39.45
N VAL J 75 41.82 13.95 -38.57
CA VAL J 75 41.93 13.71 -37.14
C VAL J 75 40.68 14.28 -36.48
N MET J 76 40.06 13.48 -35.61
CA MET J 76 38.92 13.92 -34.82
C MET J 76 39.33 14.08 -33.37
N ALA J 77 38.38 14.55 -32.56
CA ALA J 77 38.61 14.82 -31.15
C ALA J 77 37.29 14.67 -30.41
N LYS J 78 37.37 14.61 -29.09
CA LYS J 78 36.18 14.51 -28.25
C LYS J 78 36.01 15.76 -27.40
N ALA J 79 34.77 16.09 -27.10
CA ALA J 79 34.43 17.20 -26.23
C ALA J 79 33.30 16.78 -25.30
N ARG J 80 33.21 17.42 -24.14
CA ARG J 80 32.16 17.10 -23.19
C ARG J 80 30.82 17.61 -23.69
N ILE J 81 29.73 16.99 -23.21
CA ILE J 81 28.40 17.38 -23.64
C ILE J 81 28.10 18.78 -23.12
N GLY J 82 27.70 19.67 -24.03
CA GLY J 82 27.28 21.00 -23.65
C GLY J 82 28.39 21.99 -23.41
N HIS J 83 29.65 21.60 -23.64
CA HIS J 83 30.78 22.49 -23.40
C HIS J 83 31.18 23.16 -24.71
N PHE J 84 30.44 24.22 -25.05
CA PHE J 84 30.61 24.85 -26.35
C PHE J 84 31.94 25.59 -26.46
N VAL J 85 32.67 25.75 -25.35
CA VAL J 85 33.96 26.41 -25.41
C VAL J 85 35.07 25.40 -25.72
N GLU J 86 34.94 24.17 -25.22
CA GLU J 86 35.91 23.13 -25.58
C GLU J 86 35.87 22.86 -27.09
N ALA J 87 34.67 22.77 -27.66
CA ALA J 87 34.54 22.57 -29.09
C ALA J 87 35.11 23.74 -29.87
N GLU J 88 35.24 24.91 -29.23
CA GLU J 88 35.84 26.07 -29.89
C GLU J 88 37.35 25.93 -29.95
N ILE J 89 37.96 25.37 -28.89
CA ILE J 89 39.41 25.25 -28.84
C ILE J 89 39.88 24.17 -29.83
N LEU J 90 39.16 23.06 -29.92
CA LEU J 90 39.52 22.00 -30.86
C LEU J 90 39.46 22.52 -32.29
N GLU J 91 38.38 23.22 -32.65
CA GLU J 91 38.23 23.73 -34.00
C GLU J 91 39.41 24.62 -34.38
N ALA J 92 39.89 25.44 -33.45
CA ALA J 92 41.02 26.31 -33.73
C ALA J 92 42.31 25.52 -33.96
N LEU J 93 42.40 24.32 -33.39
CA LEU J 93 43.58 23.50 -33.55
C LEU J 93 43.69 22.86 -34.92
N GLY J 94 42.57 22.69 -35.63
CA GLY J 94 42.59 22.12 -36.96
C GLY J 94 41.97 20.75 -37.10
N VAL J 95 41.24 20.27 -36.08
CA VAL J 95 40.57 18.99 -36.22
C VAL J 95 39.48 19.10 -37.28
N ASP J 96 39.19 17.98 -37.93
CA ASP J 96 38.23 17.97 -39.04
C ASP J 96 36.82 17.61 -38.58
N MET J 97 36.66 17.09 -37.37
CA MET J 97 35.35 16.69 -36.87
C MET J 97 35.44 16.56 -35.36
N VAL J 98 34.45 17.13 -34.66
CA VAL J 98 34.41 17.12 -33.20
C VAL J 98 33.29 16.18 -32.76
N ASP J 99 33.59 15.29 -31.83
CA ASP J 99 32.68 14.23 -31.41
C ASP J 99 32.15 14.54 -30.03
N GLU J 100 30.88 14.89 -29.93
CA GLU J 100 30.23 15.12 -28.64
C GLU J 100 30.04 13.77 -27.96
N SER J 101 31.02 13.38 -27.16
CA SER J 101 31.10 12.04 -26.60
C SER J 101 30.31 11.98 -25.30
N GLU J 102 29.57 10.88 -25.12
CA GLU J 102 28.95 10.61 -23.83
C GLU J 102 29.91 9.89 -22.89
N VAL J 103 31.05 9.44 -23.39
CA VAL J 103 32.05 8.80 -22.54
C VAL J 103 32.61 9.80 -21.53
N LEU J 104 32.89 11.02 -21.96
CA LEU J 104 33.41 12.06 -21.09
C LEU J 104 32.30 12.57 -20.18
N THR J 105 32.70 13.26 -19.12
CA THR J 105 31.76 13.74 -18.13
C THR J 105 30.92 14.87 -18.70
N PRO J 106 29.58 14.79 -18.66
CA PRO J 106 28.77 15.90 -19.16
C PRO J 106 29.06 17.19 -18.41
N ALA J 107 29.08 18.30 -19.16
CA ALA J 107 29.28 19.61 -18.56
C ALA J 107 27.99 20.39 -18.39
N ASP J 108 26.97 20.08 -19.17
CA ASP J 108 25.68 20.75 -19.11
C ASP J 108 24.58 19.71 -18.95
N PRO J 109 23.89 19.62 -17.81
CA PRO J 109 22.95 18.51 -17.60
C PRO J 109 21.60 18.68 -18.27
N PHE J 110 21.39 19.74 -19.07
CA PHE J 110 20.12 19.97 -19.74
C PHE J 110 20.24 20.08 -21.25
N TYR J 111 21.28 20.74 -21.75
CA TYR J 111 21.35 21.10 -23.17
C TYR J 111 22.62 20.54 -23.79
N HIS J 112 22.57 20.35 -25.11
CA HIS J 112 23.75 20.02 -25.89
C HIS J 112 24.27 21.29 -26.56
N ILE J 113 25.40 21.16 -27.26
CA ILE J 113 25.93 22.31 -27.97
C ILE J 113 24.94 22.74 -29.05
N ASP J 114 25.01 24.01 -29.44
CA ASP J 114 24.27 24.52 -30.59
C ASP J 114 25.19 24.38 -31.80
N LYS J 115 25.10 23.23 -32.46
CA LYS J 115 26.11 22.84 -33.45
C LYS J 115 25.96 23.55 -34.78
N THR J 116 24.93 24.37 -34.96
CA THR J 116 24.76 25.08 -36.22
C THR J 116 25.61 26.35 -36.31
N GLN J 117 26.17 26.80 -35.19
CA GLN J 117 26.95 28.02 -35.16
C GLN J 117 28.41 27.80 -35.53
N PHE J 118 28.84 26.56 -35.68
CA PHE J 118 30.24 26.21 -35.89
C PHE J 118 30.45 25.81 -37.35
N THR J 119 31.71 25.63 -37.73
CA THR J 119 32.05 25.20 -39.09
C THR J 119 32.44 23.73 -39.15
N VAL J 120 33.13 23.22 -38.14
CA VAL J 120 33.56 21.82 -38.20
C VAL J 120 32.35 20.91 -37.98
N PRO J 121 32.15 19.87 -38.79
CA PRO J 121 31.02 18.98 -38.56
C PRO J 121 31.18 18.18 -37.27
N PHE J 122 30.03 17.77 -36.73
CA PHE J 122 29.95 17.07 -35.46
C PHE J 122 29.47 15.65 -35.66
N VAL J 123 29.60 14.83 -34.62
CA VAL J 123 29.01 13.49 -34.57
C VAL J 123 28.46 13.27 -33.18
N CYS J 124 27.26 12.70 -33.08
CA CYS J 124 26.57 12.57 -31.81
C CYS J 124 25.98 11.18 -31.65
N GLY J 125 25.75 10.80 -30.40
CA GLY J 125 25.22 9.47 -30.12
C GLY J 125 23.72 9.41 -30.28
N ALA J 126 23.18 8.19 -30.24
CA ALA J 126 21.76 7.95 -30.42
C ALA J 126 21.43 6.52 -30.02
N ARG J 127 20.37 6.37 -29.21
CA ARG J 127 19.89 5.06 -28.83
C ARG J 127 18.67 4.59 -29.62
N ASN J 128 17.87 5.51 -30.15
CA ASN J 128 16.66 5.15 -30.88
C ASN J 128 16.43 6.20 -31.96
N LEU J 129 15.27 6.12 -32.60
CA LEU J 129 14.98 7.04 -33.69
C LEU J 129 14.68 8.44 -33.17
N GLY J 130 14.08 8.54 -31.98
CA GLY J 130 13.79 9.85 -31.43
C GLY J 130 15.05 10.67 -31.19
N GLU J 131 16.08 10.03 -30.65
CA GLU J 131 17.32 10.74 -30.34
C GLU J 131 18.07 11.10 -31.62
N ALA J 132 18.03 10.22 -32.62
CA ALA J 132 18.72 10.50 -33.88
C ALA J 132 18.15 11.75 -34.55
N LEU J 133 16.83 11.92 -34.49
CA LEU J 133 16.19 13.03 -35.20
C LEU J 133 16.37 14.35 -34.46
N ARG J 134 16.37 14.34 -33.14
CA ARG J 134 16.62 15.57 -32.39
C ARG J 134 18.04 16.07 -32.65
N ARG J 135 19.02 15.16 -32.65
CA ARG J 135 20.40 15.58 -32.86
C ARG J 135 20.59 16.20 -34.23
N ILE J 136 19.98 15.63 -35.27
CA ILE J 136 20.11 16.18 -36.61
C ILE J 136 19.47 17.56 -36.69
N ASN J 137 18.44 17.79 -35.86
CA ASN J 137 17.80 19.10 -35.83
C ASN J 137 18.78 20.17 -35.35
N GLU J 138 19.62 19.84 -34.37
CA GLU J 138 20.60 20.77 -33.83
C GLU J 138 21.79 20.99 -34.76
N GLY J 139 21.96 20.16 -35.78
CA GLY J 139 23.04 20.32 -36.74
C GLY J 139 24.05 19.20 -36.79
N ALA J 140 23.78 18.06 -36.14
CA ALA J 140 24.71 16.94 -36.20
C ALA J 140 24.89 16.47 -37.64
N ALA J 141 26.15 16.26 -38.03
CA ALA J 141 26.46 15.80 -39.37
C ALA J 141 26.76 14.31 -39.46
N MET J 142 26.47 13.55 -38.41
CA MET J 142 26.68 12.12 -38.40
C MET J 142 26.10 11.58 -37.10
N ILE J 143 25.75 10.31 -37.10
CA ILE J 143 25.20 9.66 -35.90
C ILE J 143 25.90 8.32 -35.71
N ARG J 144 26.16 8.00 -34.43
CA ARG J 144 26.73 6.71 -34.07
C ARG J 144 25.99 6.18 -32.85
N THR J 145 25.68 4.88 -32.89
CA THR J 145 24.97 4.27 -31.77
C THR J 145 25.80 4.34 -30.51
N LYS J 146 25.13 4.55 -29.37
CA LYS J 146 25.87 4.69 -28.11
C LYS J 146 26.54 3.39 -27.72
N GLY J 147 25.81 2.29 -27.72
CA GLY J 147 26.36 1.03 -27.25
C GLY J 147 26.75 1.10 -25.79
N GLU J 148 27.78 0.36 -25.41
CA GLU J 148 28.32 0.38 -24.05
C GLU J 148 29.84 0.42 -24.19
N ALA J 149 30.39 1.63 -24.19
CA ALA J 149 31.81 1.82 -24.50
C ALA J 149 32.70 1.14 -23.46
N GLY J 150 33.75 0.48 -23.93
CA GLY J 150 34.75 -0.10 -23.07
C GLY J 150 34.45 -1.48 -22.53
N THR J 151 33.34 -2.11 -22.95
CA THR J 151 32.97 -3.42 -22.43
C THR J 151 33.36 -4.57 -23.35
N GLY J 152 33.56 -4.31 -24.63
CA GLY J 152 33.86 -5.40 -25.55
C GLY J 152 32.70 -6.32 -25.81
N ASP J 153 31.47 -5.90 -25.50
CA ASP J 153 30.27 -6.69 -25.72
C ASP J 153 29.45 -6.02 -26.80
N VAL J 154 29.18 -6.75 -27.88
CA VAL J 154 28.46 -6.19 -29.02
C VAL J 154 26.96 -6.39 -28.86
N SER J 155 26.54 -6.79 -27.65
CA SER J 155 25.12 -6.97 -27.40
C SER J 155 24.38 -5.63 -27.42
N GLN J 156 24.98 -4.59 -26.84
CA GLN J 156 24.29 -3.32 -26.73
C GLN J 156 24.27 -2.57 -28.06
N ALA J 157 25.36 -2.63 -28.83
CA ALA J 157 25.38 -1.95 -30.12
C ALA J 157 24.35 -2.53 -31.07
N VAL J 158 24.20 -3.86 -31.08
CA VAL J 158 23.20 -4.49 -31.94
C VAL J 158 21.79 -4.08 -31.50
N LYS J 159 21.56 -4.02 -30.20
CA LYS J 159 20.25 -3.61 -29.70
C LYS J 159 19.87 -2.23 -30.21
N HIS J 160 20.77 -1.26 -30.06
CA HIS J 160 20.47 0.10 -30.48
C HIS J 160 20.37 0.21 -32.00
N MET J 161 21.09 -0.64 -32.73
CA MET J 161 21.06 -0.57 -34.18
C MET J 161 19.76 -1.14 -34.74
N LYS J 162 19.14 -2.06 -34.00
CA LYS J 162 17.86 -2.60 -34.44
C LYS J 162 16.70 -1.73 -33.98
N GLN J 163 16.93 -0.90 -32.96
CA GLN J 163 15.93 0.06 -32.54
C GLN J 163 15.79 1.19 -33.56
N ILE J 164 16.92 1.73 -34.01
CA ILE J 164 16.90 2.81 -34.99
C ILE J 164 16.40 2.30 -36.33
N GLN J 165 16.96 1.17 -36.79
CA GLN J 165 16.58 0.65 -38.10
C GLN J 165 15.23 -0.05 -38.07
N GLY J 166 14.85 -0.60 -36.92
CA GLY J 166 13.53 -1.21 -36.82
C GLY J 166 12.41 -0.20 -36.94
N GLU J 167 12.59 0.98 -36.34
CA GLU J 167 11.54 1.99 -36.40
C GLU J 167 11.42 2.59 -37.79
N ILE J 168 12.54 2.80 -38.48
CA ILE J 168 12.50 3.43 -39.79
C ILE J 168 11.77 2.54 -40.79
N ARG J 169 11.74 1.23 -40.55
CA ARG J 169 11.03 0.33 -41.46
C ARG J 169 9.52 0.36 -41.23
N ALA J 170 9.10 0.60 -39.99
CA ALA J 170 7.67 0.71 -39.72
C ALA J 170 7.06 1.94 -40.36
N LEU J 171 7.82 3.02 -40.52
CA LEU J 171 7.29 4.26 -41.09
C LEU J 171 6.87 4.12 -42.54
N ALA J 172 7.28 3.06 -43.22
CA ALA J 172 6.87 2.87 -44.61
C ALA J 172 5.40 2.49 -44.67
N GLY J 173 4.66 3.14 -45.56
CA GLY J 173 3.25 2.87 -45.76
C GLY J 173 2.32 3.72 -44.93
N LYS J 174 2.80 4.36 -43.86
CA LYS J 174 1.93 5.16 -43.02
C LYS J 174 1.43 6.39 -43.75
N THR J 175 0.27 6.89 -43.34
CA THR J 175 -0.31 8.09 -43.93
C THR J 175 0.07 9.33 -43.13
N LYS J 176 -0.07 10.49 -43.76
CA LYS J 176 0.36 11.74 -43.14
C LYS J 176 -0.26 11.91 -41.75
N GLU J 177 -1.55 11.63 -41.61
CA GLU J 177 -2.19 11.80 -40.32
C GLU J 177 -1.54 10.92 -39.26
N GLU J 178 -0.84 9.87 -39.68
CA GLU J 178 -0.23 8.96 -38.72
C GLU J 178 1.23 9.32 -38.45
N LEU J 179 1.95 9.79 -39.47
CA LEU J 179 3.33 10.24 -39.25
C LEU J 179 3.39 11.41 -38.30
N ILE J 180 2.31 12.19 -38.20
CA ILE J 180 2.24 13.27 -37.21
C ILE J 180 2.10 12.69 -35.80
N MET J 181 1.34 11.59 -35.66
CA MET J 181 1.21 10.97 -34.36
C MET J 181 2.52 10.37 -33.89
N VAL J 182 3.29 9.77 -34.80
CA VAL J 182 4.57 9.19 -34.41
C VAL J 182 5.51 10.28 -33.91
N ALA J 183 5.57 11.40 -34.62
CA ALA J 183 6.48 12.48 -34.23
C ALA J 183 6.19 12.94 -32.82
N ARG J 184 4.95 12.81 -32.36
CA ARG J 184 4.64 13.12 -30.97
C ARG J 184 5.19 12.07 -30.01
N GLU J 185 4.99 10.80 -30.33
CA GLU J 185 5.41 9.74 -29.42
C GLU J 185 6.92 9.72 -29.24
N ILE J 186 7.67 9.87 -30.33
CA ILE J 186 9.13 9.91 -30.29
C ILE J 186 9.66 11.31 -30.07
N GLU J 187 8.78 12.32 -30.01
CA GLU J 187 9.17 13.67 -29.66
C GLU J 187 10.20 14.23 -30.64
N ALA J 188 9.95 14.00 -31.93
CA ALA J 188 10.85 14.44 -32.97
C ALA J 188 10.18 15.46 -33.87
N PRO J 189 10.95 16.30 -34.56
CA PRO J 189 10.34 17.24 -35.51
C PRO J 189 9.57 16.51 -36.59
N ILE J 190 8.42 17.06 -36.98
CA ILE J 190 7.58 16.41 -37.98
C ILE J 190 8.20 16.53 -39.37
N GLU J 191 9.02 17.55 -39.60
CA GLU J 191 9.67 17.69 -40.90
C GLU J 191 10.65 16.54 -41.15
N LEU J 192 11.37 16.12 -40.12
CA LEU J 192 12.33 15.04 -40.29
C LEU J 192 11.65 13.68 -40.40
N VAL J 193 10.62 13.44 -39.59
CA VAL J 193 9.96 12.14 -39.60
C VAL J 193 9.36 11.84 -40.97
N VAL J 194 9.07 12.88 -41.74
CA VAL J 194 8.58 12.68 -43.11
C VAL J 194 9.75 12.50 -44.07
N GLU J 195 10.86 13.20 -43.83
CA GLU J 195 12.05 12.99 -44.66
C GLU J 195 12.63 11.59 -44.45
N THR J 196 12.66 11.13 -43.21
CA THR J 196 13.11 9.77 -42.93
C THR J 196 12.21 8.74 -43.58
N ALA J 197 10.89 8.91 -43.46
CA ALA J 197 9.97 7.91 -43.96
C ALA J 197 10.04 7.80 -45.48
N LYS J 198 10.40 8.90 -46.15
CA LYS J 198 10.52 8.87 -47.61
C LYS J 198 11.81 8.20 -48.03
N MET J 199 12.87 8.33 -47.23
CA MET J 199 14.18 7.79 -47.59
C MET J 199 14.42 6.40 -47.02
N GLN J 200 13.72 6.04 -45.94
CA GLN J 200 13.89 4.75 -45.28
C GLN J 200 15.31 4.60 -44.70
N ARG J 201 15.94 5.72 -44.35
CA ARG J 201 17.22 5.69 -43.66
C ARG J 201 17.43 7.06 -43.03
N LEU J 202 18.31 7.11 -42.04
CA LEU J 202 18.64 8.39 -41.44
C LEU J 202 19.23 9.32 -42.51
N PRO J 203 18.77 10.56 -42.59
CA PRO J 203 19.25 11.46 -43.65
C PRO J 203 20.74 11.79 -43.55
N VAL J 204 21.46 11.29 -42.55
CA VAL J 204 22.89 11.52 -42.40
C VAL J 204 23.56 10.16 -42.19
N VAL J 205 24.87 10.13 -42.46
CA VAL J 205 25.63 8.89 -42.34
C VAL J 205 25.53 8.38 -40.90
N ASN J 206 25.46 7.05 -40.76
CA ASN J 206 25.29 6.41 -39.47
C ASN J 206 26.37 5.35 -39.29
N PHE J 207 27.07 5.40 -38.16
CA PHE J 207 28.14 4.47 -37.83
C PHE J 207 27.74 3.61 -36.65
N ALA J 208 28.61 2.65 -36.33
CA ALA J 208 28.43 1.76 -35.17
C ALA J 208 29.60 1.93 -34.21
N ALA J 209 29.30 2.02 -32.92
CA ALA J 209 30.33 2.25 -31.92
C ALA J 209 29.95 1.54 -30.63
N GLY J 210 30.97 1.03 -29.94
CA GLY J 210 30.76 0.39 -28.65
C GLY J 210 30.61 -1.11 -28.74
N GLY J 211 31.57 -1.85 -28.22
CA GLY J 211 31.50 -3.30 -28.19
C GLY J 211 32.12 -4.02 -29.36
N VAL J 212 32.61 -3.31 -30.36
CA VAL J 212 33.29 -3.98 -31.48
C VAL J 212 34.67 -4.41 -31.00
N ALA J 213 34.91 -5.72 -30.97
CA ALA J 213 36.13 -6.27 -30.38
C ALA J 213 36.81 -7.33 -31.22
N THR J 214 36.19 -7.83 -32.28
CA THR J 214 36.77 -8.88 -33.11
C THR J 214 36.39 -8.63 -34.56
N PRO J 215 37.12 -9.23 -35.50
CA PRO J 215 36.73 -9.08 -36.91
C PRO J 215 35.32 -9.59 -37.21
N ALA J 216 34.80 -10.50 -36.40
CA ALA J 216 33.43 -10.96 -36.60
C ALA J 216 32.43 -9.88 -36.21
N ASP J 217 32.63 -9.22 -35.07
CA ASP J 217 31.71 -8.19 -34.62
C ASP J 217 31.73 -7.00 -35.57
N ALA J 218 32.89 -6.69 -36.16
CA ALA J 218 32.97 -5.59 -37.10
C ALA J 218 32.09 -5.86 -38.33
N ALA J 219 32.13 -7.08 -38.85
CA ALA J 219 31.37 -7.39 -40.04
C ALA J 219 29.90 -7.64 -39.71
N LEU J 220 29.58 -7.90 -38.44
CA LEU J 220 28.18 -8.03 -38.05
C LEU J 220 27.46 -6.70 -38.15
N MET J 221 28.08 -5.63 -37.68
CA MET J 221 27.45 -4.32 -37.72
C MET J 221 27.25 -3.85 -39.15
N MET J 222 28.20 -4.15 -40.04
CA MET J 222 28.05 -3.78 -41.44
C MET J 222 26.95 -4.60 -42.11
N ARG J 223 26.66 -5.79 -41.59
CA ARG J 223 25.55 -6.59 -42.13
C ARG J 223 24.21 -6.18 -41.57
N LEU J 224 24.17 -5.38 -40.51
CA LEU J 224 22.91 -4.84 -40.00
C LEU J 224 22.54 -3.52 -40.66
N GLY J 225 23.40 -2.97 -41.51
CA GLY J 225 23.11 -1.74 -42.21
C GLY J 225 23.99 -0.55 -41.88
N ALA J 226 25.04 -0.74 -41.10
CA ALA J 226 25.93 0.37 -40.75
C ALA J 226 26.74 0.79 -41.97
N ASP J 227 27.22 2.04 -41.95
CA ASP J 227 28.10 2.55 -42.99
C ASP J 227 29.58 2.46 -42.61
N GLY J 228 29.88 1.98 -41.41
CA GLY J 228 31.24 1.94 -40.91
C GLY J 228 31.23 1.43 -39.49
N VAL J 229 32.37 1.60 -38.82
CA VAL J 229 32.51 1.13 -37.45
C VAL J 229 33.53 1.98 -36.71
N PHE J 230 33.22 2.32 -35.46
CA PHE J 230 34.14 2.98 -34.54
C PHE J 230 34.72 1.93 -33.61
N VAL J 231 36.04 1.72 -33.69
CA VAL J 231 36.72 0.70 -32.89
C VAL J 231 37.68 1.41 -31.94
N GLY J 232 37.49 1.19 -30.64
CA GLY J 232 38.28 1.87 -29.63
C GLY J 232 39.19 0.93 -28.86
N SER J 233 38.74 0.52 -27.67
CA SER J 233 39.55 -0.33 -26.81
C SER J 233 39.81 -1.70 -27.43
N GLY J 234 39.02 -2.09 -28.44
CA GLY J 234 39.09 -3.44 -28.95
C GLY J 234 40.44 -3.81 -29.53
N ILE J 235 41.10 -2.86 -30.20
CA ILE J 235 42.30 -3.16 -30.97
C ILE J 235 43.54 -3.09 -30.08
N PHE J 236 43.71 -1.97 -29.39
CA PHE J 236 44.94 -1.72 -28.66
C PHE J 236 44.94 -2.30 -27.25
N LYS J 237 43.82 -2.85 -26.78
CA LYS J 237 43.79 -3.65 -25.57
C LYS J 237 43.82 -5.15 -25.86
N ALA J 238 43.99 -5.54 -27.12
CA ALA J 238 44.05 -6.94 -27.49
C ALA J 238 45.48 -7.47 -27.33
N GLU J 239 45.65 -8.75 -27.65
CA GLU J 239 46.96 -9.37 -27.51
C GLU J 239 47.98 -8.74 -28.45
N ASN J 240 47.59 -8.51 -29.70
CA ASN J 240 48.47 -7.97 -30.73
C ASN J 240 47.75 -6.86 -31.47
N PRO J 241 47.94 -5.60 -31.07
CA PRO J 241 47.23 -4.51 -31.76
C PRO J 241 47.52 -4.44 -33.25
N GLU J 242 48.75 -4.74 -33.67
CA GLU J 242 49.08 -4.61 -35.09
C GLU J 242 48.29 -5.59 -35.94
N LYS J 243 48.18 -6.85 -35.49
CA LYS J 243 47.47 -7.85 -36.27
C LYS J 243 45.96 -7.65 -36.23
N MET J 244 45.43 -7.29 -35.05
CA MET J 244 43.99 -7.05 -34.94
C MET J 244 43.57 -5.88 -35.83
N ALA J 245 44.43 -4.87 -35.96
CA ALA J 245 44.07 -3.68 -36.73
C ALA J 245 43.81 -4.03 -38.19
N LYS J 246 44.75 -4.74 -38.83
CA LYS J 246 44.57 -5.08 -40.24
C LYS J 246 43.40 -6.03 -40.43
N ALA J 247 43.14 -6.90 -39.45
CA ALA J 247 42.02 -7.82 -39.57
C ALA J 247 40.69 -7.08 -39.57
N VAL J 248 40.50 -6.15 -38.63
CA VAL J 248 39.23 -5.43 -38.55
C VAL J 248 39.00 -4.61 -39.81
N VAL J 249 40.05 -3.93 -40.29
CA VAL J 249 39.91 -3.13 -41.50
C VAL J 249 39.53 -4.02 -42.68
N GLU J 250 40.10 -5.22 -42.75
CA GLU J 250 39.79 -6.12 -43.85
C GLU J 250 38.42 -6.78 -43.66
N ALA J 251 37.99 -6.95 -42.42
CA ALA J 251 36.67 -7.53 -42.18
C ALA J 251 35.56 -6.67 -42.76
N VAL J 252 35.66 -5.35 -42.57
CA VAL J 252 34.61 -4.45 -43.07
C VAL J 252 34.56 -4.46 -44.60
N ASN J 253 35.68 -4.75 -45.25
CA ASN J 253 35.71 -4.75 -46.71
C ASN J 253 35.21 -6.06 -47.31
N ASN J 254 35.07 -7.12 -46.50
CA ASN J 254 34.56 -8.40 -46.98
C ASN J 254 33.48 -8.92 -46.04
N TYR J 255 32.62 -8.03 -45.54
CA TYR J 255 31.63 -8.43 -44.56
C TYR J 255 30.61 -9.41 -45.13
N ASP J 256 30.52 -9.55 -46.45
CA ASP J 256 29.52 -10.39 -47.09
C ASP J 256 30.10 -11.65 -47.72
N ASN J 257 31.36 -11.97 -47.46
CA ASN J 257 32.00 -13.15 -48.04
C ASN J 257 32.40 -14.11 -46.93
N PRO J 258 31.59 -15.14 -46.63
CA PRO J 258 31.94 -16.03 -45.51
C PRO J 258 33.28 -16.72 -45.66
N VAL J 259 33.67 -17.10 -46.87
CA VAL J 259 34.93 -17.83 -47.05
C VAL J 259 36.11 -16.98 -46.60
N LYS J 260 36.12 -15.71 -47.02
CA LYS J 260 37.24 -14.83 -46.70
C LYS J 260 37.29 -14.53 -45.20
N LEU J 261 36.13 -14.31 -44.58
CA LEU J 261 36.12 -13.96 -43.16
C LEU J 261 36.82 -15.01 -42.31
N ALA J 262 36.70 -16.29 -42.69
CA ALA J 262 37.43 -17.32 -41.96
C ALA J 262 38.93 -17.12 -42.07
N GLU J 263 39.42 -16.74 -43.25
CA GLU J 263 40.85 -16.51 -43.45
C GLU J 263 41.34 -15.36 -42.58
N ILE J 264 40.55 -14.28 -42.50
CA ILE J 264 40.97 -13.11 -41.73
C ILE J 264 41.12 -13.45 -40.25
N SER J 265 40.15 -14.20 -39.70
CA SER J 265 40.13 -14.46 -38.27
C SER J 265 41.23 -15.40 -37.82
N LYS J 266 41.97 -16.03 -38.74
CA LYS J 266 43.01 -16.98 -38.37
C LYS J 266 44.30 -16.24 -38.07
N GLY J 267 44.84 -16.48 -36.87
CA GLY J 267 46.10 -15.87 -36.48
C GLY J 267 45.99 -14.46 -35.95
N VAL J 268 44.78 -13.95 -35.76
CA VAL J 268 44.62 -12.58 -35.28
C VAL J 268 45.09 -12.44 -33.84
N GLY J 269 44.66 -13.35 -32.97
CA GLY J 269 45.00 -13.31 -31.57
C GLY J 269 43.79 -13.11 -30.67
N ALA J 270 44.03 -13.24 -29.37
CA ALA J 270 42.95 -13.12 -28.40
C ALA J 270 42.45 -11.68 -28.32
N GLY J 271 41.14 -11.53 -28.21
CA GLY J 271 40.54 -10.22 -28.06
C GLY J 271 40.59 -9.72 -26.63
N MET J 272 40.13 -8.49 -26.45
CA MET J 272 40.11 -7.88 -25.13
C MET J 272 39.16 -8.63 -24.21
N LYS J 273 39.58 -8.79 -22.95
CA LYS J 273 38.71 -9.37 -21.93
C LYS J 273 37.66 -8.35 -21.55
N GLY J 274 36.43 -8.56 -22.02
CA GLY J 274 35.38 -7.58 -21.83
C GLY J 274 34.68 -7.72 -20.49
N ILE J 275 33.56 -7.03 -20.38
CA ILE J 275 32.67 -7.11 -19.23
C ILE J 275 31.25 -7.30 -19.75
N SER J 276 30.53 -8.26 -19.17
CA SER J 276 29.17 -8.51 -19.61
C SER J 276 28.32 -7.25 -19.44
N ALA J 277 27.70 -6.81 -20.55
CA ALA J 277 26.97 -5.56 -20.53
C ALA J 277 25.79 -5.60 -19.57
N ASP J 278 25.17 -6.77 -19.40
CA ASP J 278 24.04 -6.88 -18.48
C ASP J 278 24.47 -6.80 -17.02
N MET J 279 25.77 -6.83 -16.74
CA MET J 279 26.27 -6.74 -15.36
C MET J 279 26.41 -5.29 -14.88
N ILE J 280 26.35 -4.31 -15.78
CA ILE J 280 26.63 -2.93 -15.44
C ILE J 280 25.36 -2.29 -14.87
N PRO J 281 25.39 -1.70 -13.68
CA PRO J 281 24.22 -1.00 -13.17
C PRO J 281 23.84 0.18 -14.06
N ALA J 282 22.55 0.53 -14.05
CA ALA J 282 22.07 1.60 -14.91
C ALA J 282 22.74 2.93 -14.60
N GLN J 283 22.92 3.26 -13.33
CA GLN J 283 23.58 4.52 -12.98
C GLN J 283 25.01 4.58 -13.48
N GLU J 284 25.66 3.43 -13.69
CA GLU J 284 27.02 3.39 -14.21
C GLU J 284 27.07 3.29 -15.73
N ALA J 285 25.93 3.11 -16.39
CA ALA J 285 25.92 2.93 -17.84
C ALA J 285 26.15 4.27 -18.54
N LEU J 286 27.21 4.32 -19.35
CA LEU J 286 27.49 5.54 -20.11
C LEU J 286 26.39 5.83 -21.12
N GLN J 287 25.72 4.78 -21.62
CA GLN J 287 24.69 4.97 -22.64
C GLN J 287 23.53 5.82 -22.13
N GLU J 288 23.28 5.83 -20.83
CA GLU J 288 22.19 6.63 -20.28
C GLU J 288 22.44 8.13 -20.42
N ARG J 289 23.68 8.55 -20.59
CA ARG J 289 23.97 9.94 -20.90
C ARG J 289 23.60 10.23 -22.34
N GLY J 290 23.41 11.51 -22.65
CA GLY J 290 22.95 11.90 -23.97
C GLY J 290 21.44 11.80 -24.06
N TRP J 291 20.76 12.46 -23.12
CA TRP J 291 19.31 12.55 -23.08
C TRP J 291 18.71 13.03 -24.41
N HIS K 1 26.71 52.24 10.56
CA HIS K 1 27.13 51.14 9.70
C HIS K 1 27.25 51.61 8.25
N GLY K 2 28.04 50.88 7.46
CA GLY K 2 28.21 51.19 6.06
C GLY K 2 26.91 51.18 5.28
N THR K 3 26.69 52.19 4.46
CA THR K 3 25.48 52.24 3.65
C THR K 3 25.47 51.11 2.64
N GLU K 4 24.25 50.66 2.30
CA GLU K 4 24.11 49.54 1.37
C GLU K 4 24.77 49.86 0.02
N LEU K 5 24.78 51.14 -0.35
CA LEU K 5 25.40 51.52 -1.62
C LEU K 5 26.90 51.24 -1.61
N ILE K 6 27.58 51.61 -0.51
CA ILE K 6 29.02 51.41 -0.45
C ILE K 6 29.35 49.93 -0.37
N LYS K 7 28.58 49.13 0.35
CA LYS K 7 28.75 47.65 0.35
C LYS K 7 28.44 47.12 -1.07
N ARG K 8 27.52 47.76 -1.83
CA ARG K 8 27.14 47.40 -3.23
C ARG K 8 28.03 48.25 -4.15
N GLY K 9 29.16 48.76 -3.64
CA GLY K 9 30.18 49.51 -4.41
C GLY K 9 31.57 48.94 -4.14
N PHE K 10 31.64 47.96 -3.24
CA PHE K 10 32.91 47.23 -2.97
C PHE K 10 32.75 45.93 -3.74
N ALA K 11 31.51 45.44 -3.87
CA ALA K 11 31.25 44.22 -4.66
C ALA K 11 31.40 44.50 -6.18
N ARG K 12 31.24 45.74 -6.70
CA ARG K 12 31.30 46.04 -8.13
C ARG K 12 32.73 46.20 -8.62
N MET K 13 33.66 46.54 -7.74
CA MET K 13 35.05 46.65 -8.15
C MET K 13 35.65 45.30 -8.56
N GLN K 14 35.03 44.20 -8.13
CA GLN K 14 35.55 42.87 -8.40
C GLN K 14 35.12 42.32 -9.74
N LYS K 15 34.42 43.10 -10.56
CA LYS K 15 33.91 42.61 -11.83
C LYS K 15 35.06 42.25 -12.77
N GLY K 16 34.88 41.15 -13.50
CA GLY K 16 35.84 40.74 -14.52
C GLY K 16 37.19 40.31 -13.98
N GLY K 17 37.23 39.62 -12.85
CA GLY K 17 38.48 39.17 -12.26
C GLY K 17 38.41 37.72 -11.80
N VAL K 18 39.44 37.33 -11.06
CA VAL K 18 39.57 36.00 -10.48
C VAL K 18 39.92 36.12 -9.01
N ILE K 19 39.27 35.32 -8.17
CA ILE K 19 39.55 35.25 -6.74
C ILE K 19 40.08 33.85 -6.46
N MET K 20 41.27 33.77 -5.88
CA MET K 20 41.97 32.51 -5.65
C MET K 20 42.06 32.22 -4.17
N ASP K 21 41.64 31.02 -3.77
CA ASP K 21 41.71 30.64 -2.37
C ASP K 21 43.11 30.17 -2.01
N VAL K 22 43.66 30.73 -0.94
CA VAL K 22 45.03 30.45 -0.52
C VAL K 22 45.03 30.10 0.96
N THR K 23 46.06 29.36 1.39
CA THR K 23 46.18 28.92 2.76
C THR K 23 47.42 29.42 3.46
N THR K 24 48.47 29.79 2.73
CA THR K 24 49.74 30.20 3.32
C THR K 24 50.16 31.51 2.67
N PRO K 25 51.05 32.27 3.33
CA PRO K 25 51.52 33.52 2.73
C PRO K 25 52.13 33.34 1.35
N GLU K 26 52.86 32.24 1.13
CA GLU K 26 53.49 32.03 -0.16
C GLU K 26 52.45 31.85 -1.26
N GLN K 27 51.41 31.07 -0.98
CA GLN K 27 50.32 30.94 -1.95
C GLN K 27 49.65 32.29 -2.20
N ALA K 28 49.50 33.11 -1.16
CA ALA K 28 48.94 34.43 -1.34
C ALA K 28 49.83 35.29 -2.23
N ARG K 29 51.15 35.18 -2.07
CA ARG K 29 52.06 35.91 -2.94
C ARG K 29 51.95 35.42 -4.38
N ILE K 30 51.79 34.12 -4.58
CA ILE K 30 51.68 33.58 -5.93
C ILE K 30 50.48 34.19 -6.65
N ALA K 31 49.33 34.22 -5.99
CA ALA K 31 48.11 34.68 -6.63
C ALA K 31 48.24 36.12 -7.07
N GLU K 32 48.84 36.96 -6.23
CA GLU K 32 48.95 38.38 -6.56
C GLU K 32 49.79 38.59 -7.81
N GLU K 33 50.88 37.83 -7.96
CA GLU K 33 51.73 37.98 -9.13
C GLU K 33 51.01 37.58 -10.41
N ALA K 34 50.11 36.60 -10.32
CA ALA K 34 49.35 36.16 -11.49
C ALA K 34 48.32 37.19 -11.94
N GLY K 35 48.07 38.22 -11.14
CA GLY K 35 47.13 39.25 -11.50
C GLY K 35 45.73 39.08 -10.94
N ALA K 36 45.57 38.36 -9.83
CA ALA K 36 44.25 38.18 -9.25
C ALA K 36 43.76 39.46 -8.61
N VAL K 37 42.46 39.50 -8.33
CA VAL K 37 41.86 40.70 -7.75
C VAL K 37 41.66 40.57 -6.25
N ALA K 38 41.67 39.36 -5.71
CA ALA K 38 41.52 39.16 -4.26
C ALA K 38 41.90 37.73 -3.92
N VAL K 39 42.09 37.48 -2.63
CA VAL K 39 42.42 36.17 -2.11
C VAL K 39 41.44 35.85 -0.99
N MET K 40 41.25 34.57 -0.73
CA MET K 40 40.31 34.10 0.29
C MET K 40 41.06 33.20 1.25
N ALA K 41 41.45 33.75 2.40
CA ALA K 41 42.22 32.98 3.37
C ALA K 41 41.34 31.95 4.06
N LEU K 42 41.80 30.70 4.07
CA LEU K 42 41.09 29.63 4.77
C LEU K 42 42.11 28.59 5.22
N GLN K 43 41.68 27.72 6.13
CA GLN K 43 42.60 26.76 6.72
C GLN K 43 42.99 25.68 5.73
N ALA K 44 42.09 25.32 4.81
CA ALA K 44 42.35 24.27 3.85
C ALA K 44 41.38 24.39 2.69
N VAL K 45 41.85 24.10 1.48
CA VAL K 45 41.04 24.24 0.28
C VAL K 45 39.86 23.29 0.35
N PRO K 46 38.75 23.57 -0.32
CA PRO K 46 37.57 22.69 -0.19
C PRO K 46 37.85 21.24 -0.53
N ALA K 47 38.84 20.97 -1.39
CA ALA K 47 39.18 19.59 -1.71
C ALA K 47 39.66 18.84 -0.47
N ASP K 48 40.48 19.49 0.37
CA ASP K 48 40.96 18.86 1.59
C ASP K 48 39.84 18.69 2.62
N ILE K 49 38.89 19.62 2.64
CA ILE K 49 37.83 19.58 3.65
C ILE K 49 37.00 18.30 3.50
N ARG K 50 36.69 17.92 2.26
CA ARG K 50 36.01 16.65 2.04
C ARG K 50 36.86 15.48 2.52
N LYS K 51 38.17 15.52 2.24
CA LYS K 51 39.04 14.41 2.60
C LYS K 51 39.21 14.31 4.11
N ALA K 52 39.45 15.44 4.77
CA ALA K 52 39.71 15.42 6.22
C ALA K 52 38.45 15.16 7.03
N GLY K 53 37.31 15.66 6.58
CA GLY K 53 36.10 15.46 7.34
C GLY K 53 36.14 16.25 8.65
N GLY K 54 35.39 15.75 9.62
CA GLY K 54 35.33 16.40 10.91
C GLY K 54 34.53 17.69 10.86
N VAL K 55 34.84 18.60 11.78
CA VAL K 55 34.17 19.89 11.89
C VAL K 55 35.16 20.95 11.40
N ALA K 56 34.72 21.77 10.45
CA ALA K 56 35.53 22.86 9.93
C ALA K 56 35.05 24.17 10.53
N ARG K 57 35.98 25.07 10.81
CA ARG K 57 35.68 26.32 11.49
C ARG K 57 36.40 27.48 10.80
N MET K 58 36.26 28.65 11.38
CA MET K 58 36.98 29.82 10.90
C MET K 58 38.49 29.61 11.03
N ALA K 59 39.24 30.14 10.08
CA ALA K 59 40.69 30.02 10.11
C ALA K 59 41.24 30.59 11.41
N ASP K 60 42.47 30.19 11.73
CA ASP K 60 43.15 30.74 12.88
C ASP K 60 43.38 32.24 12.66
N PRO K 61 43.10 33.09 13.65
CA PRO K 61 43.35 34.52 13.45
C PRO K 61 44.79 34.85 13.12
N GLU K 62 45.73 34.00 13.51
CA GLU K 62 47.13 34.25 13.18
C GLU K 62 47.37 34.19 11.68
N ILE K 63 46.75 33.23 11.00
CA ILE K 63 46.96 33.09 9.56
C ILE K 63 46.41 34.29 8.81
N VAL K 64 45.15 34.66 9.08
CA VAL K 64 44.53 35.74 8.32
C VAL K 64 45.29 37.04 8.53
N GLN K 65 45.98 37.18 9.66
CA GLN K 65 46.79 38.36 9.89
C GLN K 65 48.06 38.33 9.04
N GLN K 66 48.61 37.13 8.82
CA GLN K 66 49.84 37.03 8.04
C GLN K 66 49.59 37.24 6.56
N ILE K 67 48.50 36.69 6.03
CA ILE K 67 48.17 36.87 4.62
C ILE K 67 47.95 38.35 4.33
N ILE K 68 47.21 39.04 5.19
CA ILE K 68 46.90 40.45 4.97
C ILE K 68 48.18 41.27 4.84
N GLU K 69 49.17 40.95 5.67
CA GLU K 69 50.44 41.67 5.62
C GLU K 69 51.27 41.31 4.40
N THR K 70 50.87 40.28 3.65
CA THR K 70 51.67 39.78 2.53
C THR K 70 51.20 40.32 1.19
N VAL K 71 49.90 40.61 1.04
CA VAL K 71 49.33 41.00 -0.25
C VAL K 71 48.78 42.42 -0.13
N THR K 72 48.63 43.06 -1.30
CA THR K 72 48.03 44.39 -1.38
C THR K 72 46.57 44.36 -1.81
N ILE K 73 46.14 43.31 -2.51
CA ILE K 73 44.75 43.17 -2.94
C ILE K 73 43.89 42.86 -1.71
N PRO K 74 42.59 43.12 -1.76
CA PRO K 74 41.74 42.85 -0.58
C PRO K 74 41.79 41.38 -0.18
N VAL K 75 41.65 41.13 1.11
CA VAL K 75 41.66 39.79 1.67
C VAL K 75 40.27 39.49 2.20
N MET K 76 39.74 38.33 1.84
CA MET K 76 38.47 37.84 2.36
C MET K 76 38.70 36.69 3.33
N ALA K 77 37.60 36.23 3.92
CA ALA K 77 37.65 35.15 4.91
C ALA K 77 36.32 34.42 4.87
N LYS K 78 36.29 33.25 5.50
CA LYS K 78 35.06 32.47 5.58
C LYS K 78 34.58 32.37 7.02
N ALA K 79 33.26 32.26 7.19
CA ALA K 79 32.63 32.07 8.48
C ALA K 79 31.52 31.04 8.35
N ARG K 80 31.21 30.38 9.46
CA ARG K 80 30.16 29.36 9.44
C ARG K 80 28.79 30.03 9.33
N ILE K 81 27.82 29.28 8.82
CA ILE K 81 26.47 29.81 8.64
C ILE K 81 25.86 30.09 10.00
N GLY K 82 25.37 31.31 10.19
CA GLY K 82 24.66 31.67 11.40
C GLY K 82 25.53 31.99 12.59
N HIS K 83 26.86 32.02 12.42
CA HIS K 83 27.77 32.30 13.53
C HIS K 83 28.15 33.77 13.51
N PHE K 84 27.25 34.59 14.07
CA PHE K 84 27.41 36.03 13.98
C PHE K 84 28.57 36.54 14.83
N VAL K 85 29.15 35.68 15.68
CA VAL K 85 30.29 36.11 16.48
C VAL K 85 31.60 35.88 15.72
N GLU K 86 31.67 34.82 14.92
CA GLU K 86 32.85 34.62 14.08
C GLU K 86 33.00 35.76 13.08
N ALA K 87 31.90 36.17 12.46
CA ALA K 87 31.95 37.30 11.53
C ALA K 87 32.35 38.59 12.24
N GLU K 88 32.18 38.64 13.57
CA GLU K 88 32.61 39.81 14.32
C GLU K 88 34.12 39.82 14.51
N ILE K 89 34.72 38.64 14.72
CA ILE K 89 36.16 38.57 14.94
C ILE K 89 36.91 38.88 13.65
N LEU K 90 36.44 38.35 12.53
CA LEU K 90 37.09 38.63 11.25
C LEU K 90 37.06 40.12 10.93
N GLU K 91 35.90 40.76 11.11
CA GLU K 91 35.79 42.18 10.81
C GLU K 91 36.80 43.00 11.62
N ALA K 92 37.01 42.62 12.88
CA ALA K 92 37.97 43.35 13.70
C ALA K 92 39.40 43.16 13.21
N LEU K 93 39.68 42.06 12.52
CA LEU K 93 41.02 41.79 12.01
C LEU K 93 41.37 42.65 10.80
N GLY K 94 40.38 43.14 10.05
CA GLY K 94 40.64 43.98 8.92
C GLY K 94 40.31 43.39 7.56
N VAL K 95 39.60 42.26 7.53
CA VAL K 95 39.21 41.70 6.24
C VAL K 95 38.22 42.63 5.56
N ASP K 96 38.23 42.62 4.23
CA ASP K 96 37.39 43.52 3.46
C ASP K 96 36.05 42.92 3.07
N MET K 97 35.88 41.62 3.22
CA MET K 97 34.64 40.95 2.87
C MET K 97 34.60 39.59 3.54
N VAL K 98 33.45 39.26 4.15
CA VAL K 98 33.29 38.00 4.87
C VAL K 98 32.34 37.12 4.06
N ASP K 99 32.73 35.88 3.86
CA ASP K 99 32.01 34.95 2.99
C ASP K 99 31.30 33.90 3.84
N GLU K 100 29.97 33.98 3.91
CA GLU K 100 29.17 32.98 4.60
C GLU K 100 29.19 31.70 3.79
N SER K 101 30.15 30.84 4.08
CA SER K 101 30.44 29.66 3.26
C SER K 101 29.56 28.50 3.70
N GLU K 102 29.04 27.76 2.72
CA GLU K 102 28.36 26.51 3.01
C GLU K 102 29.35 25.34 3.10
N VAL K 103 30.61 25.57 2.71
CA VAL K 103 31.63 24.54 2.83
C VAL K 103 31.87 24.19 4.29
N LEU K 104 31.95 25.20 5.15
CA LEU K 104 32.18 25.01 6.58
C LEU K 104 30.91 24.46 7.23
N THR K 105 31.07 23.92 8.42
CA THR K 105 29.95 23.29 9.13
C THR K 105 28.96 24.35 9.59
N PRO K 106 27.67 24.24 9.25
CA PRO K 106 26.70 25.23 9.75
C PRO K 106 26.67 25.26 11.27
N ALA K 107 26.54 26.47 11.82
CA ALA K 107 26.42 26.63 13.27
C ALA K 107 24.99 26.86 13.71
N ASP K 108 24.13 27.35 12.83
CA ASP K 108 22.73 27.61 13.15
C ASP K 108 21.85 26.91 12.12
N PRO K 109 21.09 25.88 12.47
CA PRO K 109 20.37 25.11 11.46
C PRO K 109 19.08 25.74 10.97
N PHE K 110 18.74 26.95 11.39
CA PHE K 110 17.51 27.63 10.97
C PHE K 110 17.75 28.98 10.33
N TYR K 111 18.68 29.78 10.85
CA TYR K 111 18.81 31.17 10.45
C TYR K 111 20.22 31.45 9.93
N HIS K 112 20.33 32.48 9.10
CA HIS K 112 21.62 33.01 8.69
C HIS K 112 21.95 34.25 9.51
N ILE K 113 23.14 34.80 9.30
CA ILE K 113 23.51 36.02 10.02
C ILE K 113 22.55 37.14 9.62
N ASP K 114 22.41 38.13 10.49
CA ASP K 114 21.69 39.36 10.16
C ASP K 114 22.73 40.34 9.64
N LYS K 115 22.93 40.32 8.32
CA LYS K 115 24.08 40.98 7.71
C LYS K 115 23.92 42.49 7.60
N THR K 116 22.76 43.04 7.97
CA THR K 116 22.58 44.49 7.89
C THR K 116 23.17 45.23 9.08
N GLN K 117 23.52 44.52 10.14
CA GLN K 117 24.05 45.13 11.35
C GLN K 117 25.54 45.37 11.30
N PHE K 118 26.23 44.88 10.28
CA PHE K 118 27.67 44.91 10.18
C PHE K 118 28.10 45.96 9.16
N THR K 119 29.40 46.22 9.09
CA THR K 119 29.93 47.16 8.11
C THR K 119 30.62 46.47 6.94
N VAL K 120 31.30 45.36 7.17
CA VAL K 120 32.00 44.69 6.06
C VAL K 120 30.98 44.02 5.16
N PRO K 121 31.06 44.16 3.84
CA PRO K 121 30.12 43.48 2.96
C PRO K 121 30.30 41.97 2.98
N PHE K 122 29.22 41.27 2.67
CA PHE K 122 29.16 39.81 2.73
C PHE K 122 28.98 39.25 1.32
N VAL K 123 29.17 37.94 1.19
CA VAL K 123 28.86 37.20 -0.02
C VAL K 123 28.23 35.88 0.39
N CYS K 124 27.18 35.47 -0.31
CA CYS K 124 26.40 34.30 0.08
C CYS K 124 26.09 33.43 -1.13
N GLY K 125 25.83 32.16 -0.86
CA GLY K 125 25.54 31.22 -1.94
C GLY K 125 24.09 31.30 -2.40
N ALA K 126 23.82 30.63 -3.51
CA ALA K 126 22.49 30.62 -4.11
C ALA K 126 22.41 29.54 -5.17
N ARG K 127 21.33 28.75 -5.11
CA ARG K 127 21.08 27.72 -6.12
C ARG K 127 20.06 28.13 -7.17
N ASN K 128 19.14 29.04 -6.85
CA ASN K 128 18.11 29.46 -7.78
C ASN K 128 17.78 30.92 -7.51
N LEU K 129 16.72 31.41 -8.15
CA LEU K 129 16.35 32.81 -8.00
C LEU K 129 15.75 33.08 -6.63
N GLY K 130 15.02 32.10 -6.09
CA GLY K 130 14.44 32.29 -4.77
C GLY K 130 15.48 32.54 -3.70
N GLU K 131 16.56 31.76 -3.72
CA GLU K 131 17.60 31.89 -2.71
C GLU K 131 18.38 33.19 -2.89
N ALA K 132 18.60 33.60 -4.14
CA ALA K 132 19.34 34.83 -4.39
C ALA K 132 18.61 36.04 -3.83
N LEU K 133 17.27 36.05 -3.93
CA LEU K 133 16.50 37.21 -3.51
C LEU K 133 16.35 37.28 -2.00
N ARG K 134 16.23 36.12 -1.33
CA ARG K 134 16.16 36.13 0.12
C ARG K 134 17.46 36.64 0.72
N ARG K 135 18.60 36.19 0.18
CA ARG K 135 19.89 36.61 0.71
C ARG K 135 20.08 38.12 0.58
N ILE K 136 19.68 38.69 -0.56
CA ILE K 136 19.84 40.13 -0.75
C ILE K 136 18.94 40.88 0.22
N ASN K 137 17.82 40.28 0.61
CA ASN K 137 16.93 40.90 1.58
C ASN K 137 17.63 41.07 2.93
N GLU K 138 18.42 40.09 3.33
CA GLU K 138 19.15 40.13 4.60
C GLU K 138 20.35 41.05 4.57
N GLY K 139 20.78 41.52 3.40
CA GLY K 139 21.89 42.43 3.28
C GLY K 139 23.10 41.92 2.54
N ALA K 140 23.01 40.78 1.86
CA ALA K 140 24.14 40.27 1.10
C ALA K 140 24.55 41.26 0.01
N ALA K 141 25.85 41.52 -0.10
CA ALA K 141 26.37 42.45 -1.08
C ALA K 141 26.96 41.75 -2.31
N MET K 142 26.73 40.45 -2.47
CA MET K 142 27.21 39.71 -3.61
C MET K 142 26.64 38.31 -3.52
N ILE K 143 26.54 37.64 -4.67
CA ILE K 143 26.01 36.28 -4.73
C ILE K 143 26.95 35.44 -5.58
N ARG K 144 27.15 34.19 -5.16
CA ARG K 144 27.92 33.22 -5.92
C ARG K 144 27.19 31.88 -5.91
N THR K 145 27.15 31.24 -7.07
CA THR K 145 26.47 29.95 -7.18
C THR K 145 27.16 28.92 -6.29
N LYS K 146 26.35 28.05 -5.68
CA LYS K 146 26.92 27.05 -4.77
C LYS K 146 27.80 26.06 -5.51
N GLY K 147 27.30 25.48 -6.58
CA GLY K 147 28.04 24.44 -7.27
C GLY K 147 28.27 23.24 -6.39
N GLU K 148 29.39 22.54 -6.59
CA GLU K 148 29.79 21.41 -5.78
C GLU K 148 31.28 21.57 -5.47
N ALA K 149 31.58 22.22 -4.34
CA ALA K 149 32.96 22.61 -4.04
C ALA K 149 33.85 21.39 -3.88
N GLY K 150 35.06 21.48 -4.45
CA GLY K 150 36.07 20.46 -4.28
C GLY K 150 36.00 19.29 -5.22
N THR K 151 35.08 19.30 -6.19
CA THR K 151 34.93 18.17 -7.10
C THR K 151 35.62 18.37 -8.44
N GLY K 152 35.89 19.61 -8.85
CA GLY K 152 36.48 19.84 -10.15
C GLY K 152 35.55 19.56 -11.31
N ASP K 153 34.25 19.49 -11.06
CA ASP K 153 33.25 19.23 -12.10
C ASP K 153 32.40 20.49 -12.26
N VAL K 154 32.39 21.04 -13.48
CA VAL K 154 31.69 22.29 -13.74
C VAL K 154 30.25 22.00 -14.16
N SER K 155 29.80 20.76 -13.95
CA SER K 155 28.42 20.42 -14.29
C SER K 155 27.44 21.10 -13.35
N GLN K 156 27.76 21.16 -12.05
CA GLN K 156 26.83 21.71 -11.09
C GLN K 156 26.79 23.24 -11.15
N ALA K 157 27.93 23.89 -11.35
CA ALA K 157 27.94 25.34 -11.42
C ALA K 157 27.14 25.83 -12.62
N VAL K 158 27.25 25.16 -13.76
CA VAL K 158 26.48 25.55 -14.94
C VAL K 158 25.00 25.36 -14.68
N LYS K 159 24.63 24.26 -14.03
CA LYS K 159 23.23 24.01 -13.72
C LYS K 159 22.63 25.15 -12.90
N HIS K 160 23.31 25.55 -11.83
CA HIS K 160 22.78 26.60 -10.97
C HIS K 160 22.81 27.96 -11.67
N MET K 161 23.75 28.15 -12.59
CA MET K 161 23.84 29.44 -13.28
C MET K 161 22.74 29.60 -14.32
N LYS K 162 22.25 28.48 -14.85
CA LYS K 162 21.14 28.54 -15.80
C LYS K 162 19.80 28.57 -15.09
N GLN K 163 19.77 28.13 -13.83
CA GLN K 163 18.55 28.25 -13.03
C GLN K 163 18.30 29.70 -12.64
N ILE K 164 19.34 30.39 -12.17
CA ILE K 164 19.19 31.78 -11.77
C ILE K 164 18.93 32.65 -12.99
N GLN K 165 19.73 32.49 -14.03
CA GLN K 165 19.60 33.33 -15.23
C GLN K 165 18.41 32.91 -16.08
N GLY K 166 18.04 31.64 -16.04
CA GLY K 166 16.87 31.20 -16.79
C GLY K 166 15.58 31.80 -16.25
N GLU K 167 15.46 31.90 -14.93
CA GLU K 167 14.26 32.45 -14.33
C GLU K 167 14.15 33.95 -14.57
N ILE K 168 15.27 34.67 -14.50
CA ILE K 168 15.22 36.11 -14.65
C ILE K 168 14.78 36.50 -16.05
N ARG K 169 14.98 35.62 -17.03
CA ARG K 169 14.55 35.91 -18.39
C ARG K 169 13.06 35.70 -18.57
N ALA K 170 12.48 34.75 -17.84
CA ALA K 170 11.04 34.54 -17.93
C ALA K 170 10.26 35.72 -17.36
N LEU K 171 10.80 36.43 -16.38
CA LEU K 171 10.09 37.53 -15.74
C LEU K 171 9.85 38.70 -16.69
N ALA K 172 10.52 38.75 -17.83
CA ALA K 172 10.29 39.83 -18.77
C ALA K 172 8.94 39.66 -19.45
N GLY K 173 8.16 40.75 -19.51
CA GLY K 173 6.87 40.73 -20.14
C GLY K 173 5.70 40.44 -19.23
N LYS K 174 5.95 39.88 -18.05
CA LYS K 174 4.86 39.53 -17.13
C LYS K 174 4.21 40.80 -16.59
N THR K 175 2.94 40.67 -16.22
CA THR K 175 2.19 41.78 -15.64
C THR K 175 2.25 41.74 -14.12
N LYS K 176 1.93 42.89 -13.50
CA LYS K 176 2.05 42.99 -12.05
C LYS K 176 1.28 41.89 -11.34
N GLU K 177 0.07 41.60 -11.79
CA GLU K 177 -0.72 40.56 -11.12
C GLU K 177 -0.01 39.22 -11.18
N GLU K 178 0.93 39.04 -12.11
CA GLU K 178 1.62 37.76 -12.26
C GLU K 178 2.93 37.76 -11.49
N LEU K 179 3.65 38.88 -11.47
CA LEU K 179 4.88 38.96 -10.69
C LEU K 179 4.61 38.76 -9.20
N ILE K 180 3.40 39.05 -8.74
CA ILE K 180 3.03 38.75 -7.36
C ILE K 180 2.87 37.25 -7.16
N MET K 181 2.33 36.55 -8.17
CA MET K 181 2.21 35.09 -8.05
C MET K 181 3.56 34.41 -8.03
N VAL K 182 4.52 34.90 -8.83
CA VAL K 182 5.84 34.30 -8.84
C VAL K 182 6.50 34.45 -7.47
N ALA K 183 6.40 35.64 -6.89
CA ALA K 183 7.04 35.88 -5.59
C ALA K 183 6.54 34.90 -4.54
N ARG K 184 5.31 34.42 -4.69
CA ARG K 184 4.81 33.38 -3.79
C ARG K 184 5.48 32.03 -4.07
N GLU K 185 5.55 31.65 -5.34
CA GLU K 185 6.09 30.32 -5.66
C GLU K 185 7.55 30.20 -5.26
N ILE K 186 8.35 31.24 -5.53
CA ILE K 186 9.76 31.24 -5.16
C ILE K 186 9.98 31.78 -3.75
N GLU K 187 8.93 32.24 -3.08
CA GLU K 187 9.01 32.64 -1.68
C GLU K 187 9.99 33.80 -1.50
N ALA K 188 9.92 34.76 -2.40
CA ALA K 188 10.81 35.91 -2.36
C ALA K 188 10.03 37.19 -2.11
N PRO K 189 10.67 38.23 -1.59
CA PRO K 189 9.99 39.52 -1.43
C PRO K 189 9.48 40.05 -2.76
N ILE K 190 8.28 40.64 -2.73
CA ILE K 190 7.69 41.15 -3.97
C ILE K 190 8.40 42.41 -4.44
N GLU K 191 9.02 43.16 -3.53
CA GLU K 191 9.75 44.35 -3.94
C GLU K 191 10.95 44.00 -4.81
N LEU K 192 11.65 42.91 -4.48
CA LEU K 192 12.82 42.53 -5.26
C LEU K 192 12.42 41.90 -6.59
N VAL K 193 11.39 41.07 -6.61
CA VAL K 193 11.01 40.38 -7.84
C VAL K 193 10.61 41.39 -8.91
N VAL K 194 10.19 42.59 -8.51
CA VAL K 194 9.88 43.64 -9.47
C VAL K 194 11.15 44.40 -9.85
N GLU K 195 12.07 44.58 -8.91
CA GLU K 195 13.35 45.20 -9.24
C GLU K 195 14.18 44.33 -10.17
N THR K 196 14.17 43.01 -9.92
CA THR K 196 14.87 42.09 -10.81
C THR K 196 14.25 42.09 -12.21
N ALA K 197 12.92 42.05 -12.29
CA ALA K 197 12.25 41.95 -13.58
C ALA K 197 12.49 43.20 -14.42
N LYS K 198 12.68 44.34 -13.77
CA LYS K 198 12.95 45.57 -14.50
C LYS K 198 14.38 45.62 -15.00
N MET K 199 15.32 45.03 -14.25
CA MET K 199 16.73 45.08 -14.60
C MET K 199 17.18 43.87 -15.42
N GLN K 200 16.47 42.75 -15.32
CA GLN K 200 16.83 41.52 -16.03
C GLN K 200 18.18 40.98 -15.56
N ARG K 201 18.54 41.28 -14.31
CA ARG K 201 19.73 40.71 -13.70
C ARG K 201 19.61 40.87 -12.20
N LEU K 202 20.37 40.07 -11.46
CA LEU K 202 20.40 40.22 -10.02
C LEU K 202 20.88 41.63 -9.65
N PRO K 203 20.19 42.33 -8.76
CA PRO K 203 20.59 43.71 -8.44
C PRO K 203 21.96 43.83 -7.79
N VAL K 204 22.67 42.73 -7.54
CA VAL K 204 24.01 42.74 -6.97
C VAL K 204 24.92 41.88 -7.85
N VAL K 205 26.22 42.13 -7.72
CA VAL K 205 27.19 41.40 -8.52
C VAL K 205 27.07 39.90 -8.26
N ASN K 206 27.25 39.10 -9.30
CA ASN K 206 27.08 37.66 -9.23
C ASN K 206 28.33 36.98 -9.77
N PHE K 207 28.90 36.06 -9.00
CA PHE K 207 30.10 35.33 -9.39
C PHE K 207 29.77 33.84 -9.59
N ALA K 208 30.78 33.09 -10.04
CA ALA K 208 30.65 31.66 -10.23
C ALA K 208 31.68 30.94 -9.35
N ALA K 209 31.25 29.87 -8.68
CA ALA K 209 32.11 29.16 -7.77
C ALA K 209 31.76 27.68 -7.78
N GLY K 210 32.79 26.84 -7.65
CA GLY K 210 32.60 25.41 -7.56
C GLY K 210 32.75 24.71 -8.90
N GLY K 211 33.80 23.91 -9.04
CA GLY K 211 33.99 23.12 -10.24
C GLY K 211 34.86 23.77 -11.31
N VAL K 212 35.29 25.01 -11.12
CA VAL K 212 36.19 25.63 -12.09
C VAL K 212 37.58 25.04 -11.90
N ALA K 213 38.07 24.33 -12.94
CA ALA K 213 39.30 23.58 -12.83
C ALA K 213 40.26 23.77 -13.99
N THR K 214 39.86 24.40 -15.09
CA THR K 214 40.70 24.58 -16.25
C THR K 214 40.43 25.95 -16.86
N PRO K 215 41.34 26.46 -17.69
CA PRO K 215 41.06 27.74 -18.36
C PRO K 215 39.83 27.69 -19.24
N ALA K 216 39.40 26.52 -19.70
CA ALA K 216 38.18 26.42 -20.48
C ALA K 216 36.95 26.62 -19.61
N ASP K 217 36.92 25.99 -18.43
CA ASP K 217 35.77 26.13 -17.54
C ASP K 217 35.65 27.55 -17.02
N ALA K 218 36.77 28.23 -16.81
CA ALA K 218 36.72 29.62 -16.36
C ALA K 218 36.03 30.50 -17.39
N ALA K 219 36.37 30.33 -18.66
CA ALA K 219 35.79 31.17 -19.70
C ALA K 219 34.37 30.73 -20.06
N LEU K 220 34.00 29.49 -19.69
CA LEU K 220 32.63 29.06 -19.92
C LEU K 220 31.66 29.82 -19.02
N MET K 221 32.02 29.98 -17.74
CA MET K 221 31.14 30.68 -16.81
C MET K 221 30.99 32.14 -17.20
N MET K 222 32.06 32.76 -17.69
CA MET K 222 31.97 34.16 -18.12
C MET K 222 31.13 34.29 -19.38
N ARG K 223 31.02 33.22 -20.18
CA ARG K 223 30.16 33.25 -21.35
C ARG K 223 28.70 32.95 -21.02
N LEU K 224 28.42 32.44 -19.82
CA LEU K 224 27.04 32.27 -19.39
C LEU K 224 26.48 33.50 -18.69
N GLY K 225 27.28 34.54 -18.49
CA GLY K 225 26.82 35.76 -17.89
C GLY K 225 27.42 36.11 -16.54
N ALA K 226 28.41 35.35 -16.06
CA ALA K 226 29.02 35.66 -14.78
C ALA K 226 29.84 36.94 -14.86
N ASP K 227 30.06 37.57 -13.70
CA ASP K 227 30.92 38.74 -13.62
C ASP K 227 32.34 38.41 -13.17
N GLY K 228 32.62 37.14 -12.91
CA GLY K 228 33.91 36.72 -12.39
C GLY K 228 33.87 35.24 -12.09
N VAL K 229 34.88 34.79 -11.37
CA VAL K 229 34.98 33.37 -11.03
C VAL K 229 35.74 33.20 -9.72
N PHE K 230 35.25 32.29 -8.89
CA PHE K 230 35.94 31.86 -7.66
C PHE K 230 36.63 30.54 -7.94
N VAL K 231 37.96 30.52 -7.87
CA VAL K 231 38.74 29.33 -8.17
C VAL K 231 39.45 28.90 -6.89
N GLY K 232 39.19 27.68 -6.43
CA GLY K 232 39.74 27.18 -5.19
C GLY K 232 40.74 26.05 -5.39
N SER K 233 40.27 24.82 -5.23
CA SER K 233 41.14 23.65 -5.33
C SER K 233 41.72 23.50 -6.72
N GLY K 234 41.12 24.13 -7.73
CA GLY K 234 41.51 23.88 -9.10
C GLY K 234 42.96 24.21 -9.40
N ILE K 235 43.48 25.28 -8.81
CA ILE K 235 44.78 25.81 -9.20
C ILE K 235 45.89 25.12 -8.42
N PHE K 236 45.78 25.10 -7.09
CA PHE K 236 46.86 24.64 -6.24
C PHE K 236 46.84 23.13 -6.01
N LYS K 237 45.80 22.43 -6.48
CA LYS K 237 45.82 20.97 -6.54
C LYS K 237 46.18 20.45 -7.93
N ALA K 238 46.54 21.34 -8.86
CA ALA K 238 46.91 20.93 -10.20
C ALA K 238 48.39 20.56 -10.25
N GLU K 239 48.84 20.16 -11.44
CA GLU K 239 50.23 19.76 -11.61
C GLU K 239 51.19 20.92 -11.34
N ASN K 240 50.87 22.09 -11.87
CA ASN K 240 51.73 23.27 -11.74
C ASN K 240 50.87 24.46 -11.35
N PRO K 241 50.77 24.77 -10.05
CA PRO K 241 49.93 25.91 -9.64
C PRO K 241 50.34 27.22 -10.29
N GLU K 242 51.63 27.47 -10.49
CA GLU K 242 52.06 28.75 -11.02
C GLU K 242 51.57 28.95 -12.45
N LYS K 243 51.66 27.92 -13.28
CA LYS K 243 51.24 28.07 -14.68
C LYS K 243 49.73 28.10 -14.81
N MET K 244 49.03 27.26 -14.04
CA MET K 244 47.58 27.26 -14.09
C MET K 244 47.01 28.61 -13.65
N ALA K 245 47.66 29.26 -12.69
CA ALA K 245 47.15 30.53 -12.17
C ALA K 245 47.10 31.59 -13.26
N LYS K 246 48.21 31.79 -13.96
CA LYS K 246 48.25 32.81 -15.00
C LYS K 246 47.30 32.47 -16.15
N ALA K 247 47.13 31.18 -16.43
CA ALA K 247 46.22 30.78 -17.51
C ALA K 247 44.78 31.14 -17.18
N VAL K 248 44.33 30.80 -15.97
CA VAL K 248 42.94 31.07 -15.61
C VAL K 248 42.68 32.58 -15.60
N VAL K 249 43.60 33.36 -15.06
CA VAL K 249 43.42 34.81 -15.04
C VAL K 249 43.34 35.36 -16.45
N GLU K 250 44.13 34.81 -17.36
CA GLU K 250 44.11 35.28 -18.74
C GLU K 250 42.90 34.75 -19.49
N ALA K 251 42.38 33.59 -19.10
CA ALA K 251 41.20 33.05 -19.75
C ALA K 251 40.00 33.96 -19.56
N VAL K 252 39.81 34.49 -18.35
CA VAL K 252 38.66 35.35 -18.09
C VAL K 252 38.76 36.64 -18.87
N ASN K 253 39.97 37.09 -19.20
CA ASN K 253 40.13 38.33 -19.94
C ASN K 253 39.95 38.16 -21.45
N ASN K 254 39.96 36.94 -21.94
CA ASN K 254 39.75 36.66 -23.36
C ASN K 254 38.72 35.57 -23.56
N TYR K 255 37.65 35.58 -22.76
CA TYR K 255 36.67 34.52 -22.80
C TYR K 255 35.93 34.47 -24.13
N ASP K 256 35.99 35.54 -24.93
CA ASP K 256 35.23 35.62 -26.17
C ASP K 256 36.11 35.53 -27.42
N ASN K 257 37.38 35.17 -27.28
CA ASN K 257 38.28 35.08 -28.42
C ASN K 257 38.77 33.64 -28.58
N PRO K 258 38.16 32.83 -29.45
CA PRO K 258 38.56 31.42 -29.55
C PRO K 258 40.02 31.21 -29.91
N VAL K 259 40.60 32.07 -30.76
CA VAL K 259 41.98 31.87 -31.19
C VAL K 259 42.92 31.96 -29.99
N LYS K 260 42.73 32.97 -29.15
CA LYS K 260 43.61 33.17 -28.00
C LYS K 260 43.46 32.04 -26.99
N LEU K 261 42.23 31.60 -26.73
CA LEU K 261 42.02 30.56 -25.73
C LEU K 261 42.82 29.31 -26.02
N ALA K 262 43.01 28.97 -27.31
CA ALA K 262 43.85 27.83 -27.64
C ALA K 262 45.29 28.06 -27.20
N GLU K 263 45.79 29.29 -27.38
CA GLU K 263 47.16 29.59 -26.97
C GLU K 263 47.33 29.47 -25.47
N ILE K 264 46.34 29.92 -24.70
CA ILE K 264 46.45 29.88 -23.24
C ILE K 264 46.51 28.44 -22.75
N SER K 265 45.68 27.57 -23.29
CA SER K 265 45.57 26.20 -22.80
C SER K 265 46.78 25.35 -23.12
N LYS K 266 47.72 25.84 -23.93
CA LYS K 266 48.88 25.06 -24.31
C LYS K 266 49.97 25.20 -23.27
N GLY K 267 50.44 24.06 -22.75
CA GLY K 267 51.51 24.07 -21.77
C GLY K 267 51.08 24.34 -20.34
N VAL K 268 49.77 24.42 -20.08
CA VAL K 268 49.31 24.72 -18.73
C VAL K 268 49.59 23.55 -17.79
N GLY K 269 49.28 22.34 -18.20
CA GLY K 269 49.47 21.17 -17.37
C GLY K 269 48.16 20.47 -17.02
N ALA K 270 48.30 19.29 -16.42
CA ALA K 270 47.14 18.50 -16.06
C ALA K 270 46.36 19.16 -14.93
N GLY K 271 45.04 19.11 -15.02
CA GLY K 271 44.18 19.65 -13.99
C GLY K 271 43.99 18.68 -12.84
N MET K 272 43.29 19.15 -11.82
CA MET K 272 43.03 18.34 -10.64
C MET K 272 42.16 17.14 -11.01
N LYS K 273 42.48 15.99 -10.43
CA LYS K 273 41.66 14.79 -10.57
C LYS K 273 40.38 14.97 -9.75
N GLY K 274 39.27 15.25 -10.43
CA GLY K 274 38.04 15.56 -9.75
C GLY K 274 37.26 14.32 -9.34
N ILE K 275 36.02 14.57 -8.95
CA ILE K 275 35.05 13.52 -8.63
C ILE K 275 33.76 13.83 -9.35
N SER K 276 33.19 12.82 -10.01
CA SER K 276 31.95 13.03 -10.75
C SER K 276 30.86 13.52 -9.80
N ALA K 277 30.28 14.69 -10.13
CA ALA K 277 29.31 15.30 -9.23
C ALA K 277 28.08 14.43 -9.04
N ASP K 278 27.69 13.67 -10.06
CA ASP K 278 26.52 12.80 -9.93
C ASP K 278 26.79 11.60 -9.03
N MET K 279 28.04 11.37 -8.63
CA MET K 279 28.38 10.26 -7.75
C MET K 279 28.18 10.59 -6.27
N ILE K 280 28.02 11.86 -5.92
CA ILE K 280 27.98 12.29 -4.53
C ILE K 280 26.56 12.10 -3.99
N PRO K 281 26.38 11.38 -2.88
CA PRO K 281 25.03 11.28 -2.29
C PRO K 281 24.52 12.65 -1.84
N ALA K 282 23.20 12.79 -1.82
CA ALA K 282 22.59 14.06 -1.47
C ALA K 282 22.96 14.51 -0.07
N GLN K 283 22.95 13.59 0.90
CA GLN K 283 23.31 13.95 2.27
C GLN K 283 24.74 14.45 2.38
N GLU K 284 25.62 14.04 1.46
CA GLU K 284 27.00 14.50 1.45
C GLU K 284 27.22 15.75 0.60
N ALA K 285 26.20 16.20 -0.13
CA ALA K 285 26.36 17.36 -1.01
C ALA K 285 26.39 18.64 -0.21
N LEU K 286 27.48 19.39 -0.34
CA LEU K 286 27.59 20.68 0.35
C LEU K 286 26.57 21.67 -0.17
N GLN K 287 26.15 21.54 -1.43
CA GLN K 287 25.20 22.47 -2.01
C GLN K 287 23.85 22.46 -1.30
N GLU K 288 23.49 21.34 -0.68
CA GLU K 288 22.22 21.25 0.03
C GLU K 288 22.18 22.16 1.26
N ARG K 289 23.33 22.54 1.80
CA ARG K 289 23.36 23.54 2.87
C ARG K 289 23.08 24.92 2.28
N GLY K 290 22.68 25.84 3.16
CA GLY K 290 22.26 27.15 2.70
C GLY K 290 20.82 27.15 2.26
N TRP K 291 19.94 26.66 3.14
CA TRP K 291 18.50 26.66 2.91
C TRP K 291 17.95 28.02 2.51
N HIS L 1 14.85 18.52 54.70
CA HIS L 1 15.56 18.72 53.45
C HIS L 1 15.72 20.20 53.12
N GLY L 2 16.71 20.51 52.28
CA GLY L 2 16.94 21.88 51.86
C GLY L 2 15.75 22.50 51.17
N THR L 3 15.41 23.73 51.55
CA THR L 3 14.28 24.42 50.92
C THR L 3 14.59 24.70 49.46
N GLU L 4 13.53 24.72 48.64
CA GLU L 4 13.70 24.94 47.22
C GLU L 4 14.39 26.28 46.94
N LEU L 5 14.19 27.26 47.81
CA LEU L 5 14.84 28.55 47.62
C LEU L 5 16.35 28.44 47.73
N ILE L 6 16.85 27.71 48.73
CA ILE L 6 18.29 27.58 48.91
C ILE L 6 18.90 26.75 47.78
N LYS L 7 18.22 25.70 47.32
CA LYS L 7 18.68 24.95 46.12
C LYS L 7 18.62 25.88 44.89
N ARG L 8 17.68 26.84 44.83
CA ARG L 8 17.50 27.85 43.75
C ARG L 8 18.27 29.09 44.18
N GLY L 9 19.24 28.95 45.10
CA GLY L 9 20.15 30.02 45.55
C GLY L 9 21.59 29.52 45.52
N PHE L 10 21.78 28.25 45.18
CA PHE L 10 23.14 27.68 44.98
C PHE L 10 23.31 27.66 43.47
N ALA L 11 22.20 27.49 42.73
CA ALA L 11 22.26 27.53 41.26
C ALA L 11 22.50 28.96 40.76
N ARG L 12 22.14 30.06 41.47
CA ARG L 12 22.27 31.44 41.01
C ARG L 12 23.68 31.97 41.20
N MET L 13 24.45 31.42 42.15
CA MET L 13 25.82 31.86 42.32
C MET L 13 26.70 31.53 41.12
N GLN L 14 26.27 30.58 40.29
CA GLN L 14 27.08 30.13 39.16
C GLN L 14 26.88 30.99 37.91
N LYS L 15 26.11 32.07 38.01
CA LYS L 15 25.84 32.89 36.83
C LYS L 15 27.11 33.54 36.31
N GLY L 16 27.23 33.60 34.98
CA GLY L 16 28.33 34.27 34.34
C GLY L 16 29.69 33.63 34.54
N GLY L 17 29.77 32.30 34.56
CA GLY L 17 31.01 31.59 34.74
C GLY L 17 31.19 30.46 33.75
N VAL L 18 32.20 29.64 34.04
CA VAL L 18 32.53 28.46 33.23
C VAL L 18 32.72 27.27 34.17
N ILE L 19 32.16 26.13 33.79
CA ILE L 19 32.32 24.88 34.51
C ILE L 19 33.08 23.91 33.61
N MET L 20 34.22 23.41 34.09
CA MET L 20 35.12 22.59 33.30
C MET L 20 35.13 21.16 33.84
N ASP L 21 34.93 20.20 32.95
CA ASP L 21 34.93 18.80 33.35
C ASP L 21 36.36 18.28 33.45
N VAL L 22 36.69 17.66 34.58
CA VAL L 22 38.05 17.20 34.86
C VAL L 22 37.98 15.76 35.32
N THR L 23 39.09 15.03 35.15
CA THR L 23 39.17 13.62 35.49
C THR L 23 40.22 13.30 36.54
N THR L 24 41.23 14.15 36.70
CA THR L 24 42.33 13.90 37.62
C THR L 24 42.55 15.13 38.48
N PRO L 25 43.20 14.97 39.63
CA PRO L 25 43.47 16.15 40.47
C PRO L 25 44.24 17.25 39.75
N GLU L 26 45.19 16.89 38.88
CA GLU L 26 45.97 17.91 38.18
C GLU L 26 45.09 18.73 37.25
N GLN L 27 44.18 18.07 36.52
CA GLN L 27 43.25 18.80 35.68
C GLN L 27 42.35 19.70 36.53
N ALA L 28 41.95 19.22 37.72
CA ALA L 28 41.15 20.04 38.61
C ALA L 28 41.93 21.27 39.06
N ARG L 29 43.23 21.11 39.33
CA ARG L 29 44.06 22.26 39.69
C ARG L 29 44.18 23.24 38.54
N ILE L 30 44.29 22.73 37.32
CA ILE L 30 44.42 23.59 36.15
C ILE L 30 43.20 24.50 36.03
N ALA L 31 42.00 23.92 36.15
CA ALA L 31 40.77 24.69 35.93
C ALA L 31 40.65 25.82 36.95
N GLU L 32 41.00 25.53 38.21
CA GLU L 32 40.86 26.55 39.24
C GLU L 32 41.76 27.76 38.96
N GLU L 33 42.99 27.50 38.49
CA GLU L 33 43.89 28.62 38.20
C GLU L 33 43.39 29.48 37.05
N ALA L 34 42.70 28.89 36.08
CA ALA L 34 42.14 29.64 34.97
C ALA L 34 40.98 30.54 35.38
N GLY L 35 40.46 30.38 36.59
CA GLY L 35 39.37 31.19 37.06
C GLY L 35 37.99 30.59 36.90
N ALA L 36 37.88 29.26 36.83
CA ALA L 36 36.57 28.63 36.69
C ALA L 36 35.77 28.76 37.98
N VAL L 37 34.47 28.50 37.87
CA VAL L 37 33.60 28.61 39.04
C VAL L 37 33.28 27.25 39.65
N ALA L 38 33.49 26.15 38.93
CA ALA L 38 33.25 24.83 39.46
C ALA L 38 33.87 23.80 38.52
N VAL L 39 33.98 22.57 39.01
CA VAL L 39 34.51 21.45 38.25
C VAL L 39 33.52 20.30 38.34
N MET L 40 33.56 19.41 37.36
CA MET L 40 32.64 18.28 37.29
C MET L 40 33.47 17.01 37.19
N ALA L 41 33.64 16.32 38.32
CA ALA L 41 34.45 15.11 38.34
C ALA L 41 33.73 13.96 37.63
N LEU L 42 34.42 13.32 36.69
CA LEU L 42 33.87 12.16 36.00
C LEU L 42 35.03 11.26 35.59
N GLN L 43 34.70 10.01 35.25
CA GLN L 43 35.73 9.02 34.94
C GLN L 43 36.42 9.34 33.62
N ALA L 44 35.70 9.91 32.66
CA ALA L 44 36.25 10.20 31.34
C ALA L 44 35.37 11.24 30.65
N VAL L 45 36.00 12.13 29.90
CA VAL L 45 35.30 13.22 29.24
C VAL L 45 34.32 12.62 28.21
N PRO L 46 33.24 13.33 27.86
CA PRO L 46 32.26 12.74 26.95
C PRO L 46 32.85 12.28 25.63
N ALA L 47 33.95 12.89 25.18
CA ALA L 47 34.58 12.46 23.94
C ALA L 47 35.08 11.03 24.04
N ASP L 48 35.67 10.68 25.19
CA ASP L 48 36.16 9.30 25.40
C ASP L 48 35.00 8.32 25.54
N ILE L 49 33.88 8.76 26.11
CA ILE L 49 32.77 7.84 26.36
C ILE L 49 32.23 7.30 25.05
N ARG L 50 32.12 8.15 24.03
CA ARG L 50 31.72 7.67 22.70
C ARG L 50 32.74 6.68 22.17
N LYS L 51 34.03 6.97 22.33
CA LYS L 51 35.07 6.10 21.78
C LYS L 51 35.12 4.76 22.51
N ALA L 52 35.07 4.78 23.84
CA ALA L 52 35.20 3.54 24.61
C ALA L 52 33.94 2.69 24.53
N GLY L 53 32.76 3.30 24.47
CA GLY L 53 31.56 2.51 24.44
C GLY L 53 31.32 1.80 25.76
N GLY L 54 30.59 0.69 25.68
CA GLY L 54 30.29 -0.07 26.87
C GLY L 54 29.26 0.62 27.74
N VAL L 55 29.30 0.31 29.03
CA VAL L 55 28.39 0.87 30.03
C VAL L 55 29.18 1.86 30.87
N ALA L 56 28.68 3.08 30.97
CA ALA L 56 29.31 4.11 31.79
C ALA L 56 28.52 4.26 33.08
N ARG L 57 29.24 4.50 34.18
CA ARG L 57 28.62 4.55 35.51
C ARG L 57 29.17 5.76 36.27
N MET L 58 28.75 5.88 37.52
CA MET L 58 29.26 6.91 38.41
C MET L 58 30.76 6.72 38.62
N ALA L 59 31.48 7.82 38.74
CA ALA L 59 32.91 7.77 38.97
C ALA L 59 33.23 6.97 40.23
N ASP L 60 34.47 6.51 40.31
CA ASP L 60 34.92 5.83 41.51
C ASP L 60 34.87 6.79 42.69
N PRO L 61 34.34 6.38 43.84
CA PRO L 61 34.31 7.30 44.99
C PRO L 61 35.69 7.78 45.41
N GLU L 62 36.75 7.03 45.11
CA GLU L 62 38.09 7.48 45.45
C GLU L 62 38.47 8.74 44.69
N ILE L 63 38.11 8.80 43.40
CA ILE L 63 38.48 9.97 42.59
C ILE L 63 37.78 11.23 43.10
N VAL L 64 36.46 11.15 43.28
CA VAL L 64 35.69 12.34 43.66
C VAL L 64 36.18 12.87 45.01
N GLN L 65 36.71 11.97 45.85
CA GLN L 65 37.25 12.42 47.13
C GLN L 65 38.57 13.15 46.94
N GLN L 66 39.37 12.74 45.95
CA GLN L 66 40.67 13.37 45.73
C GLN L 66 40.51 14.75 45.11
N ILE L 67 39.60 14.88 44.13
CA ILE L 67 39.38 16.18 43.50
C ILE L 67 38.90 17.19 44.53
N ILE L 68 37.95 16.79 45.40
CA ILE L 68 37.40 17.71 46.39
C ILE L 68 38.49 18.26 47.27
N GLU L 69 39.46 17.42 47.66
CA GLU L 69 40.55 17.86 48.51
C GLU L 69 41.55 18.74 47.75
N THR L 70 41.43 18.84 46.44
CA THR L 70 42.41 19.56 45.62
C THR L 70 41.97 20.97 45.28
N VAL L 71 40.66 21.23 45.16
CA VAL L 71 40.14 22.51 44.73
C VAL L 71 39.31 23.13 45.84
N THR L 72 39.14 24.45 45.75
CA THR L 72 38.31 25.20 46.68
C THR L 72 36.93 25.52 46.13
N ILE L 73 36.79 25.57 44.80
CA ILE L 73 35.49 25.82 44.17
C ILE L 73 34.60 24.61 44.35
N PRO L 74 33.28 24.74 44.26
CA PRO L 74 32.40 23.58 44.45
C PRO L 74 32.70 22.48 43.44
N VAL L 75 32.49 21.24 43.86
CA VAL L 75 32.72 20.05 43.03
C VAL L 75 31.37 19.41 42.75
N MET L 76 31.11 19.11 41.49
CA MET L 76 29.92 18.40 41.07
C MET L 76 30.29 16.97 40.65
N ALA L 77 29.26 16.20 40.32
CA ALA L 77 29.41 14.81 39.94
C ALA L 77 28.27 14.42 39.02
N LYS L 78 28.40 13.27 38.38
CA LYS L 78 27.36 12.78 37.50
C LYS L 78 26.77 11.48 38.05
N ALA L 79 25.49 11.26 37.75
CA ALA L 79 24.79 10.04 38.11
C ALA L 79 23.93 9.59 36.94
N ARG L 80 23.65 8.30 36.89
CA ARG L 80 22.83 7.76 35.81
C ARG L 80 21.37 8.17 36.01
N ILE L 81 20.61 8.19 34.91
CA ILE L 81 19.21 8.59 34.98
C ILE L 81 18.43 7.56 35.77
N GLY L 82 17.70 8.01 36.78
CA GLY L 82 16.83 7.14 37.54
C GLY L 82 17.51 6.31 38.60
N HIS L 83 18.80 6.50 38.83
CA HIS L 83 19.55 5.72 39.82
C HIS L 83 19.63 6.51 41.12
N PHE L 84 18.54 6.42 41.89
CA PHE L 84 18.42 7.26 43.08
C PHE L 84 19.38 6.81 44.18
N VAL L 85 20.03 5.65 44.03
CA VAL L 85 20.98 5.22 45.04
C VAL L 85 22.36 5.78 44.74
N GLU L 86 22.72 5.93 43.46
CA GLU L 86 23.99 6.56 43.13
C GLU L 86 24.01 8.01 43.60
N ALA L 87 22.91 8.73 43.39
CA ALA L 87 22.83 10.11 43.88
C ALA L 87 22.90 10.17 45.39
N GLU L 88 22.60 9.07 46.07
CA GLU L 88 22.71 9.03 47.52
C GLU L 88 24.17 8.91 47.96
N ILE L 89 24.97 8.14 47.21
CA ILE L 89 26.36 7.95 47.58
C ILE L 89 27.16 9.22 47.34
N LEU L 90 26.90 9.91 46.23
CA LEU L 90 27.60 11.15 45.95
C LEU L 90 27.31 12.20 47.02
N GLU L 91 26.04 12.35 47.40
CA GLU L 91 25.68 13.34 48.41
C GLU L 91 26.42 13.09 49.71
N ALA L 92 26.59 11.82 50.09
CA ALA L 92 27.31 11.51 51.32
C ALA L 92 28.79 11.87 51.22
N LEU L 93 29.34 11.91 50.01
CA LEU L 93 30.74 12.24 49.81
C LEU L 93 31.03 13.72 49.99
N GLY L 94 30.03 14.59 49.80
CA GLY L 94 30.23 16.00 49.99
C GLY L 94 30.15 16.84 48.73
N VAL L 95 29.68 16.27 47.62
CA VAL L 95 29.53 17.08 46.41
C VAL L 95 28.44 18.12 46.64
N ASP L 96 28.58 19.25 45.94
CA ASP L 96 27.65 20.36 46.13
C ASP L 96 26.49 20.35 45.14
N MET L 97 26.57 19.54 44.09
CA MET L 97 25.51 19.48 43.08
C MET L 97 25.69 18.20 42.29
N VAL L 98 24.59 17.48 42.07
CA VAL L 98 24.60 16.21 41.36
C VAL L 98 23.93 16.41 40.01
N ASP L 99 24.56 15.96 38.95
CA ASP L 99 24.12 16.21 37.58
C ASP L 99 23.56 14.92 36.99
N GLU L 100 22.25 14.87 36.79
CA GLU L 100 21.59 13.74 36.15
C GLU L 100 21.94 13.78 34.67
N SER L 101 23.02 13.11 34.31
CA SER L 101 23.60 13.20 32.97
C SER L 101 22.94 12.21 32.04
N GLU L 102 22.67 12.66 30.81
CA GLU L 102 22.22 11.74 29.76
C GLU L 102 23.42 11.10 29.05
N VAL L 103 24.63 11.57 29.32
CA VAL L 103 25.82 10.95 28.74
C VAL L 103 26.00 9.53 29.25
N LEU L 104 25.79 9.32 30.54
CA LEU L 104 25.91 8.00 31.15
C LEU L 104 24.72 7.14 30.75
N THR L 105 24.88 5.84 30.95
CA THR L 105 23.85 4.89 30.54
C THR L 105 22.63 5.01 31.45
N PRO L 106 21.43 5.22 30.91
CA PRO L 106 20.24 5.27 31.77
C PRO L 106 20.06 3.99 32.56
N ALA L 107 19.64 4.13 33.82
CA ALA L 107 19.36 2.99 34.67
C ALA L 107 17.88 2.68 34.77
N ASP L 108 17.03 3.68 34.56
CA ASP L 108 15.58 3.50 34.63
C ASP L 108 14.95 4.01 33.34
N PRO L 109 14.38 3.15 32.49
CA PRO L 109 13.92 3.61 31.18
C PRO L 109 12.58 4.32 31.17
N PHE L 110 11.97 4.58 32.33
CA PHE L 110 10.68 5.25 32.41
C PHE L 110 10.71 6.51 33.25
N TYR L 111 11.41 6.50 34.39
CA TYR L 111 11.31 7.56 35.39
C TYR L 111 12.67 8.18 35.65
N HIS L 112 12.65 9.43 36.12
CA HIS L 112 13.84 10.08 36.62
C HIS L 112 13.84 10.03 38.15
N ILE L 113 14.92 10.52 38.76
CA ILE L 113 14.97 10.55 40.21
C ILE L 113 13.86 11.44 40.73
N ASP L 114 13.44 11.20 41.97
CA ASP L 114 12.53 12.10 42.68
C ASP L 114 13.39 13.08 43.45
N LYS L 115 13.72 14.20 42.81
CA LYS L 115 14.77 15.09 43.29
C LYS L 115 14.32 15.96 44.47
N THR L 116 13.05 15.91 44.87
CA THR L 116 12.59 16.72 45.99
C THR L 116 12.91 16.10 47.33
N GLN L 117 13.30 14.83 47.37
CA GLN L 117 13.58 14.12 48.61
C GLN L 117 15.00 14.32 49.11
N PHE L 118 15.85 14.95 48.31
CA PHE L 118 17.28 15.09 48.61
C PHE L 118 17.57 16.52 49.04
N THR L 119 18.80 16.75 49.51
CA THR L 119 19.23 18.07 49.92
C THR L 119 20.14 18.74 48.90
N VAL L 120 21.00 17.98 48.23
CA VAL L 120 21.91 18.60 47.26
C VAL L 120 21.13 19.01 46.02
N PRO L 121 21.31 20.21 45.49
CA PRO L 121 20.59 20.59 44.27
C PRO L 121 21.08 19.79 43.06
N PHE L 122 20.19 19.68 42.09
CA PHE L 122 20.41 18.88 40.88
C PHE L 122 20.49 19.78 39.67
N VAL L 123 20.93 19.23 38.55
CA VAL L 123 20.89 19.87 37.24
C VAL L 123 20.49 18.83 36.21
N CYS L 124 19.61 19.19 35.30
CA CYS L 124 19.05 18.23 34.35
C CYS L 124 19.03 18.81 32.94
N GLY L 125 18.99 17.92 31.96
CA GLY L 125 19.00 18.34 30.56
C GLY L 125 17.61 18.75 30.08
N ALA L 126 17.58 19.36 28.90
CA ALA L 126 16.34 19.82 28.31
C ALA L 126 16.57 20.17 26.85
N ARG L 127 15.67 19.69 25.98
CA ARG L 127 15.72 20.02 24.57
C ARG L 127 14.74 21.11 24.15
N ASN L 128 13.63 21.28 24.88
CA ASN L 128 12.63 22.26 24.53
C ASN L 128 11.99 22.78 25.81
N LEU L 129 10.93 23.56 25.66
CA LEU L 129 10.28 24.15 26.83
C LEU L 129 9.50 23.09 27.62
N GLY L 130 8.94 22.10 26.92
CA GLY L 130 8.21 21.06 27.63
C GLY L 130 9.08 20.30 28.60
N GLU L 131 10.29 19.94 28.17
CA GLU L 131 11.19 19.17 29.03
C GLU L 131 11.70 20.02 30.18
N ALA L 132 11.96 21.30 29.94
CA ALA L 132 12.46 22.17 31.00
C ALA L 132 11.45 22.29 32.13
N LEU L 133 10.16 22.36 31.79
CA LEU L 133 9.14 22.58 32.81
C LEU L 133 8.84 21.31 33.60
N ARG L 134 8.89 20.14 32.96
CA ARG L 134 8.69 18.89 33.68
C ARG L 134 9.81 18.68 34.69
N ARG L 135 11.06 18.94 34.30
CA ARG L 135 12.18 18.73 35.20
C ARG L 135 12.07 19.62 36.43
N ILE L 136 11.69 20.89 36.25
CA ILE L 136 11.57 21.80 37.38
C ILE L 136 10.45 21.33 38.30
N ASN L 137 9.44 20.66 37.75
CA ASN L 137 8.37 20.14 38.58
C ASN L 137 8.89 19.08 39.55
N GLU L 138 9.83 18.24 39.11
CA GLU L 138 10.40 17.20 39.94
C GLU L 138 11.40 17.74 40.96
N GLY L 139 11.84 18.98 40.84
CA GLY L 139 12.75 19.59 41.79
C GLY L 139 14.10 19.99 41.24
N ALA L 140 14.30 19.98 39.92
CA ALA L 140 15.58 20.39 39.35
C ALA L 140 15.87 21.84 39.71
N ALA L 141 17.11 22.09 40.15
CA ALA L 141 17.52 23.43 40.54
C ALA L 141 18.34 24.14 39.48
N MET L 142 18.38 23.59 38.26
CA MET L 142 19.11 24.21 37.16
C MET L 142 18.82 23.40 35.91
N ILE L 143 18.96 24.03 34.74
CA ILE L 143 18.72 23.36 33.47
C ILE L 143 19.88 23.68 32.53
N ARG L 144 20.28 22.68 31.75
CA ARG L 144 21.29 22.85 30.72
C ARG L 144 20.84 22.13 29.46
N THR L 145 21.04 22.79 28.32
CA THR L 145 20.63 22.20 27.05
C THR L 145 21.43 20.93 26.79
N LYS L 146 20.76 19.93 26.20
CA LYS L 146 21.43 18.65 25.95
C LYS L 146 22.55 18.79 24.94
N GLY L 147 22.28 19.41 23.80
CA GLY L 147 23.26 19.48 22.75
C GLY L 147 23.65 18.10 22.25
N GLU L 148 24.89 17.95 21.81
CA GLU L 148 25.43 16.67 21.37
C GLU L 148 26.82 16.53 21.98
N ALA L 149 26.88 15.90 23.15
CA ALA L 149 28.12 15.88 23.93
C ALA L 149 29.23 15.13 23.18
N GLY L 150 30.43 15.69 23.22
CA GLY L 150 31.60 15.05 22.68
C GLY L 150 31.85 15.24 21.21
N THR L 151 31.05 16.06 20.53
CA THR L 151 31.20 16.25 19.09
C THR L 151 31.96 17.52 18.72
N GLY L 152 32.01 18.51 19.61
CA GLY L 152 32.66 19.76 19.27
C GLY L 152 31.92 20.58 18.24
N ASP L 153 30.64 20.31 18.03
CA ASP L 153 29.81 21.03 17.07
C ASP L 153 28.76 21.80 17.86
N VAL L 154 28.74 23.12 17.69
CA VAL L 154 27.84 23.99 18.45
C VAL L 154 26.53 24.16 17.69
N SER L 155 26.31 23.34 16.66
CA SER L 155 25.07 23.41 15.91
C SER L 155 23.89 22.94 16.74
N GLN L 156 24.08 21.87 17.52
CA GLN L 156 22.97 21.30 18.27
C GLN L 156 22.63 22.14 19.51
N ALA L 157 23.65 22.68 20.19
CA ALA L 157 23.38 23.49 21.37
C ALA L 157 22.60 24.75 20.99
N VAL L 158 22.95 25.38 19.87
CA VAL L 158 22.22 26.58 19.44
C VAL L 158 20.79 26.22 19.09
N LYS L 159 20.59 25.08 18.43
CA LYS L 159 19.24 24.65 18.07
C LYS L 159 18.36 24.54 19.30
N HIS L 160 18.84 23.83 20.33
CA HIS L 160 18.03 23.63 21.53
C HIS L 160 17.87 24.92 22.32
N MET L 161 18.83 25.85 22.22
CA MET L 161 18.73 27.10 22.96
C MET L 161 17.72 28.04 22.31
N LYS L 162 17.51 27.91 21.00
CA LYS L 162 16.51 28.73 20.34
C LYS L 162 15.12 28.11 20.44
N GLN L 163 15.06 26.79 20.70
CA GLN L 163 13.78 26.15 20.94
C GLN L 163 13.21 26.55 22.29
N ILE L 164 14.04 26.52 23.34
CA ILE L 164 13.59 26.90 24.67
C ILE L 164 13.28 28.40 24.72
N GLN L 165 14.19 29.23 24.22
CA GLN L 165 14.00 30.67 24.29
C GLN L 165 13.01 31.16 23.25
N GLY L 166 12.89 30.46 22.12
CA GLY L 166 11.90 30.85 21.13
C GLY L 166 10.48 30.67 21.63
N GLU L 167 10.22 29.58 22.35
CA GLU L 167 8.88 29.33 22.85
C GLU L 167 8.50 30.31 23.96
N ILE L 168 9.45 30.64 24.84
CA ILE L 168 9.13 31.51 25.97
C ILE L 168 8.76 32.91 25.47
N ARG L 169 9.21 33.29 24.28
CA ARG L 169 8.87 34.60 23.74
C ARG L 169 7.46 34.62 23.15
N ALA L 170 7.01 33.48 22.61
CA ALA L 170 5.65 33.41 22.07
C ALA L 170 4.60 33.51 23.18
N LEU L 171 4.91 33.05 24.39
CA LEU L 171 3.95 33.07 25.48
C LEU L 171 3.57 34.47 25.92
N ALA L 172 4.31 35.49 25.52
CA ALA L 172 3.96 36.85 25.89
C ALA L 172 2.74 37.31 25.11
N GLY L 173 1.77 37.91 25.82
CA GLY L 173 0.57 38.40 25.22
C GLY L 173 -0.60 37.44 25.18
N LYS L 174 -0.35 36.15 25.36
CA LYS L 174 -1.43 35.16 25.31
C LYS L 174 -2.37 35.34 26.50
N THR L 175 -3.62 34.92 26.31
CA THR L 175 -4.62 34.99 27.37
C THR L 175 -4.70 33.66 28.12
N LYS L 176 -5.28 33.71 29.31
CA LYS L 176 -5.33 32.53 30.17
C LYS L 176 -5.91 31.33 29.45
N GLU L 177 -7.01 31.53 28.72
CA GLU L 177 -7.64 30.42 28.01
C GLU L 177 -6.67 29.78 27.02
N GLU L 178 -5.63 30.52 26.61
CA GLU L 178 -4.70 30.00 25.62
C GLU L 178 -3.47 29.37 26.29
N LEU L 179 -3.01 29.95 27.39
CA LEU L 179 -1.89 29.36 28.11
C LEU L 179 -2.24 27.96 28.64
N ILE L 180 -3.53 27.70 28.85
CA ILE L 180 -3.96 26.35 29.23
C ILE L 180 -3.84 25.40 28.04
N MET L 181 -4.13 25.88 26.83
CA MET L 181 -3.98 25.03 25.65
C MET L 181 -2.52 24.70 25.39
N VAL L 182 -1.62 25.65 25.60
CA VAL L 182 -0.20 25.38 25.37
C VAL L 182 0.28 24.30 26.34
N ALA L 183 -0.10 24.42 27.61
CA ALA L 183 0.36 23.45 28.61
C ALA L 183 -0.03 22.03 28.21
N ARG L 184 -1.12 21.88 27.46
CA ARG L 184 -1.50 20.57 26.96
C ARG L 184 -0.56 20.12 25.85
N GLU L 185 -0.28 21.01 24.88
CA GLU L 185 0.52 20.62 23.73
C GLU L 185 1.94 20.24 24.15
N ILE L 186 2.55 21.02 25.05
CA ILE L 186 3.89 20.74 25.54
C ILE L 186 3.86 19.84 26.76
N GLU L 187 2.69 19.46 27.25
CA GLU L 187 2.55 18.48 28.31
C GLU L 187 3.26 18.93 29.58
N ALA L 188 3.09 20.20 29.93
CA ALA L 188 3.73 20.78 31.09
C ALA L 188 2.70 21.22 32.11
N PRO L 189 3.07 21.33 33.38
CA PRO L 189 2.13 21.82 34.40
C PRO L 189 1.66 23.23 34.04
N ILE L 190 0.37 23.49 34.29
CA ILE L 190 -0.19 24.79 33.96
C ILE L 190 0.29 25.87 34.92
N GLU L 191 0.67 25.48 36.14
CA GLU L 191 1.18 26.47 37.10
C GLU L 191 2.51 27.06 36.62
N LEU L 192 3.37 26.23 36.02
CA LEU L 192 4.66 26.72 35.56
C LEU L 192 4.52 27.54 34.28
N VAL L 193 3.67 27.10 33.35
CA VAL L 193 3.55 27.79 32.07
C VAL L 193 3.06 29.22 32.28
N VAL L 194 2.38 29.48 33.40
CA VAL L 194 1.96 30.83 33.71
C VAL L 194 3.08 31.59 34.43
N GLU L 195 3.86 30.89 35.25
CA GLU L 195 5.02 31.54 35.88
C GLU L 195 6.08 31.90 34.85
N THR L 196 6.32 31.00 33.88
CA THR L 196 7.26 31.30 32.82
C THR L 196 6.77 32.49 31.97
N ALA L 197 5.49 32.49 31.60
CA ALA L 197 4.98 33.54 30.72
C ALA L 197 5.05 34.91 31.39
N LYS L 198 4.95 34.95 32.72
CA LYS L 198 5.04 36.23 33.42
C LYS L 198 6.47 36.71 33.53
N MET L 199 7.43 35.78 33.62
CA MET L 199 8.84 36.13 33.77
C MET L 199 9.59 36.22 32.46
N GLN L 200 9.10 35.55 31.42
CA GLN L 200 9.77 35.52 30.12
C GLN L 200 11.15 34.87 30.20
N ARG L 201 11.33 33.96 31.15
CA ARG L 201 12.55 33.18 31.25
C ARG L 201 12.26 31.97 32.11
N LEU L 202 13.09 30.94 31.98
CA LEU L 202 12.94 29.79 32.86
C LEU L 202 13.11 30.22 34.31
N PRO L 203 12.22 29.80 35.21
CA PRO L 203 12.30 30.25 36.60
C PRO L 203 13.56 29.79 37.34
N VAL L 204 14.44 29.01 36.69
CA VAL L 204 15.70 28.57 37.29
C VAL L 204 16.83 28.90 36.32
N VAL L 205 18.05 28.95 36.86
CA VAL L 205 19.22 29.29 36.06
C VAL L 205 19.36 28.28 34.92
N ASN L 206 19.79 28.76 33.77
CA ASN L 206 19.90 27.94 32.56
C ASN L 206 21.31 28.09 31.99
N PHE L 207 21.98 26.97 31.73
CA PHE L 207 23.32 26.95 31.19
C PHE L 207 23.32 26.36 29.78
N ALA L 208 24.49 26.38 29.15
CA ALA L 208 24.67 25.79 27.82
C ALA L 208 25.73 24.71 27.89
N ALA L 209 25.45 23.57 27.25
CA ALA L 209 26.36 22.43 27.31
C ALA L 209 26.31 21.67 25.99
N GLY L 210 27.46 21.15 25.58
CA GLY L 210 27.54 20.33 24.39
C GLY L 210 27.96 21.11 23.16
N GLY L 211 29.14 20.85 22.64
CA GLY L 211 29.61 21.48 21.43
C GLY L 211 30.42 22.74 21.61
N VAL L 212 30.58 23.24 22.83
CA VAL L 212 31.42 24.40 23.05
C VAL L 212 32.88 23.97 22.94
N ALA L 213 33.59 24.51 21.94
CA ALA L 213 34.93 24.05 21.63
C ALA L 213 35.95 25.17 21.41
N THR L 214 35.52 26.42 21.29
CA THR L 214 36.42 27.53 21.04
C THR L 214 35.93 28.75 21.80
N PRO L 215 36.81 29.75 22.00
CA PRO L 215 36.34 30.98 22.67
C PRO L 215 35.22 31.67 21.92
N ALA L 216 35.09 31.45 20.62
CA ALA L 216 33.98 32.05 19.87
C ALA L 216 32.66 31.36 20.22
N ASP L 217 32.65 30.03 20.28
CA ASP L 217 31.43 29.32 20.61
C ASP L 217 30.97 29.61 22.02
N ALA L 218 31.92 29.80 22.94
CA ALA L 218 31.55 30.13 24.31
C ALA L 218 30.80 31.45 24.39
N ALA L 219 31.28 32.46 23.65
CA ALA L 219 30.64 33.77 23.70
C ALA L 219 29.38 33.81 22.85
N LEU L 220 29.23 32.86 21.93
CA LEU L 220 27.99 32.79 21.15
C LEU L 220 26.81 32.39 22.03
N MET L 221 27.02 31.39 22.89
CA MET L 221 25.93 30.93 23.76
C MET L 221 25.53 32.02 24.75
N MET L 222 26.50 32.78 25.26
CA MET L 222 26.19 33.87 26.17
C MET L 222 25.44 35.00 25.46
N ARG L 223 25.63 35.12 24.14
CA ARG L 223 24.89 36.13 23.39
C ARG L 223 23.49 35.65 22.99
N LEU L 224 23.21 34.36 23.12
CA LEU L 224 21.86 33.87 22.89
C LEU L 224 21.00 33.89 24.15
N GLY L 225 21.57 34.26 25.29
CA GLY L 225 20.82 34.37 26.52
C GLY L 225 21.21 33.42 27.62
N ALA L 226 22.27 32.64 27.46
CA ALA L 226 22.70 31.71 28.50
C ALA L 226 23.26 32.46 29.69
N ASP L 227 23.25 31.80 30.85
CA ASP L 227 23.84 32.35 32.06
C ASP L 227 25.25 31.84 32.31
N GLY L 228 25.76 30.96 31.45
CA GLY L 228 27.04 30.33 31.65
C GLY L 228 27.26 29.31 30.56
N VAL L 229 28.28 28.47 30.76
CA VAL L 229 28.62 27.46 29.78
C VAL L 229 29.28 26.27 30.46
N PHE L 230 28.91 25.07 30.03
CA PHE L 230 29.54 23.83 30.44
C PHE L 230 30.51 23.40 29.34
N VAL L 231 31.80 23.35 29.65
CA VAL L 231 32.83 23.01 28.68
C VAL L 231 33.49 21.72 29.12
N GLY L 232 33.43 20.70 28.28
CA GLY L 232 33.96 19.38 28.61
C GLY L 232 35.17 18.99 27.79
N SER L 233 34.94 18.21 26.74
CA SER L 233 36.03 17.72 25.91
C SER L 233 36.76 18.84 25.19
N GLY L 234 36.13 20.01 25.08
CA GLY L 234 36.69 21.07 24.25
C GLY L 234 38.06 21.54 24.69
N ILE L 235 38.31 21.59 26.00
CA ILE L 235 39.51 22.22 26.53
C ILE L 235 40.66 21.22 26.58
N PHE L 236 40.42 20.08 27.22
CA PHE L 236 41.49 19.14 27.50
C PHE L 236 41.75 18.17 26.35
N LYS L 237 40.93 18.18 25.30
CA LYS L 237 41.23 17.48 24.07
C LYS L 237 41.81 18.41 23.01
N ALA L 238 42.08 19.67 23.35
CA ALA L 238 42.64 20.62 22.40
C ALA L 238 44.17 20.49 22.38
N GLU L 239 44.78 21.32 21.55
CA GLU L 239 46.24 21.29 21.42
C GLU L 239 46.92 21.68 22.73
N ASN L 240 46.44 22.74 23.38
CA ASN L 240 47.03 23.26 24.61
C ASN L 240 45.92 23.52 25.61
N PRO L 241 45.64 22.57 26.52
CA PRO L 241 44.56 22.78 27.49
C PRO L 241 44.75 24.02 28.34
N GLU L 242 45.99 24.34 28.72
CA GLU L 242 46.21 25.48 29.62
C GLU L 242 45.81 26.79 28.95
N LYS L 243 46.18 26.98 27.69
CA LYS L 243 45.87 28.23 27.01
C LYS L 243 44.40 28.32 26.64
N MET L 244 43.82 27.22 26.18
CA MET L 244 42.40 27.22 25.84
C MET L 244 41.54 27.53 27.07
N ALA L 245 41.97 27.06 28.24
CA ALA L 245 41.16 27.25 29.45
C ALA L 245 41.01 28.74 29.78
N LYS L 246 42.12 29.48 29.82
CA LYS L 246 42.05 30.89 30.16
C LYS L 246 41.30 31.67 29.09
N ALA L 247 41.41 31.24 27.83
CA ALA L 247 40.70 31.93 26.75
C ALA L 247 39.19 31.81 26.90
N VAL L 248 38.70 30.59 27.14
CA VAL L 248 37.27 30.39 27.25
C VAL L 248 36.71 31.15 28.45
N VAL L 249 37.41 31.11 29.58
CA VAL L 249 36.95 31.83 30.76
C VAL L 249 36.89 33.33 30.47
N GLU L 250 37.86 33.84 29.73
CA GLU L 250 37.87 35.26 29.41
C GLU L 250 36.86 35.61 28.32
N ALA L 251 36.55 34.65 27.45
CA ALA L 251 35.55 34.90 26.41
C ALA L 251 34.19 35.20 27.02
N VAL L 252 33.79 34.42 28.03
CA VAL L 252 32.47 34.61 28.63
C VAL L 252 32.38 35.96 29.34
N ASN L 253 33.51 36.50 29.80
CA ASN L 253 33.49 37.77 30.50
C ASN L 253 33.49 38.97 29.55
N ASN L 254 33.79 38.77 28.27
CA ASN L 254 33.77 39.84 27.28
C ASN L 254 32.99 39.41 26.04
N TYR L 255 31.88 38.70 26.24
CA TYR L 255 31.13 38.18 25.10
C TYR L 255 30.53 39.27 24.23
N ASP L 256 30.46 40.51 24.73
CA ASP L 256 29.82 41.60 24.01
C ASP L 256 30.81 42.65 23.48
N ASN L 257 32.11 42.36 23.53
CA ASN L 257 33.11 43.32 23.06
C ASN L 257 33.88 42.72 21.89
N PRO L 258 33.53 43.04 20.64
CA PRO L 258 34.21 42.40 19.50
C PRO L 258 35.71 42.63 19.47
N VAL L 259 36.18 43.82 19.87
CA VAL L 259 37.60 44.12 19.79
C VAL L 259 38.40 43.16 20.67
N LYS L 260 37.92 42.95 21.90
CA LYS L 260 38.65 42.10 22.84
C LYS L 260 38.62 40.64 22.39
N LEU L 261 37.49 40.16 21.88
CA LEU L 261 37.40 38.77 21.48
C LEU L 261 38.45 38.39 20.46
N ALA L 262 38.82 39.31 19.57
CA ALA L 262 39.89 39.04 18.63
C ALA L 262 41.22 38.81 19.35
N GLU L 263 41.48 39.61 20.39
CA GLU L 263 42.72 39.46 21.15
C GLU L 263 42.77 38.09 21.85
N ILE L 264 41.64 37.65 22.40
CA ILE L 264 41.62 36.38 23.13
C ILE L 264 41.93 35.22 22.20
N SER L 265 41.34 35.22 21.01
CA SER L 265 41.45 34.08 20.10
C SER L 265 42.84 33.95 19.49
N LYS L 266 43.72 34.92 19.68
CA LYS L 266 45.05 34.88 19.09
C LYS L 266 46.00 34.07 19.98
N GLY L 267 46.62 33.05 19.40
CA GLY L 267 47.58 32.24 20.13
C GLY L 267 46.97 31.15 20.99
N VAL L 268 45.65 30.94 20.91
CA VAL L 268 45.02 29.93 21.74
C VAL L 268 45.44 28.53 21.31
N GLY L 269 45.41 28.24 20.02
CA GLY L 269 45.76 26.93 19.50
C GLY L 269 44.58 26.25 18.82
N ALA L 270 44.89 25.13 18.17
CA ALA L 270 43.87 24.38 17.45
C ALA L 270 42.88 23.73 18.40
N GLY L 271 41.62 23.76 18.04
CA GLY L 271 40.58 23.13 18.82
C GLY L 271 40.48 21.64 18.55
N MET L 272 39.60 20.99 19.32
CA MET L 272 39.40 19.57 19.17
C MET L 272 38.82 19.23 17.81
N LYS L 273 39.31 18.14 17.22
CA LYS L 273 38.76 17.64 15.97
C LYS L 273 37.40 17.00 16.26
N GLY L 274 36.33 17.69 15.90
CA GLY L 274 35.00 17.24 16.24
C GLY L 274 34.44 16.24 15.26
N ILE L 275 33.14 16.00 15.38
CA ILE L 275 32.39 15.16 14.46
C ILE L 275 31.12 15.91 14.07
N SER L 276 30.82 15.94 12.78
CA SER L 276 29.64 16.65 12.31
C SER L 276 28.39 16.07 12.97
N ALA L 277 27.63 16.94 13.65
CA ALA L 277 26.49 16.46 14.41
C ALA L 277 25.43 15.82 13.52
N ASP L 278 25.31 16.29 12.27
CA ASP L 278 24.32 15.71 11.36
C ASP L 278 24.73 14.32 10.87
N MET L 279 25.95 13.89 11.16
CA MET L 279 26.42 12.57 10.76
C MET L 279 26.03 11.47 11.75
N ILE L 280 25.58 11.82 12.94
CA ILE L 280 25.35 10.84 14.01
C ILE L 280 23.94 10.26 13.81
N PRO L 281 23.80 8.93 13.75
CA PRO L 281 22.45 8.34 13.67
C PRO L 281 21.65 8.65 14.92
N ALA L 282 20.32 8.68 14.76
CA ALA L 282 19.45 9.03 15.87
C ALA L 282 19.60 8.05 17.04
N GLN L 283 19.69 6.76 16.76
CA GLN L 283 19.83 5.79 17.84
C GLN L 283 21.13 5.98 18.61
N GLU L 284 22.15 6.58 18.00
CA GLU L 284 23.40 6.86 18.67
C GLU L 284 23.44 8.23 19.33
N ALA L 285 22.43 9.06 19.12
CA ALA L 285 22.44 10.41 19.66
C ALA L 285 22.14 10.39 21.16
N LEU L 286 23.07 10.92 21.94
CA LEU L 286 22.86 10.99 23.39
C LEU L 286 21.71 11.93 23.73
N GLN L 287 21.45 12.93 22.89
CA GLN L 287 20.40 13.89 23.17
C GLN L 287 19.02 13.24 23.22
N GLU L 288 18.82 12.12 22.53
CA GLU L 288 17.54 11.45 22.55
C GLU L 288 17.20 10.86 23.91
N ARG L 289 18.20 10.62 24.77
CA ARG L 289 17.94 10.22 26.13
C ARG L 289 17.45 11.42 26.94
N GLY L 290 16.79 11.14 28.05
CA GLY L 290 16.17 12.20 28.83
C GLY L 290 14.79 12.54 28.29
N TRP L 291 13.96 11.52 28.14
CA TRP L 291 12.58 11.67 27.72
C TRP L 291 11.81 12.71 28.54
#